data_6OAX
#
_entry.id   6OAX
#
_cell.length_a   1.00
_cell.length_b   1.00
_cell.length_c   1.00
_cell.angle_alpha   90.00
_cell.angle_beta   90.00
_cell.angle_gamma   90.00
#
_symmetry.space_group_name_H-M   'P 1'
#
loop_
_entity.id
_entity.type
_entity.pdbx_description
1 polymer 'Hyperactive disaggregase ClpB'
2 polymer Alpha-S1-casein
3 non-polymer 'PHOSPHOTHIOPHOSPHORIC ACID-ADENYLATE ESTER'
4 non-polymer "ADENOSINE-5'-DIPHOSPHATE"
#
loop_
_entity_poly.entity_id
_entity_poly.type
_entity_poly.pdbx_seq_one_letter_code
_entity_poly.pdbx_strand_id
1 'polypeptide(L)'
;MRLDRLTNKFQLALADAQSLALGHDNQFIEPLHLMSALLNQEGGSVSPLLTSAGINAGQLRTDINQALNRLPQVEGTGGD
VQPSQDLVRVLNLCDNVAQKRGDNFISSELFVLAALESRGTVADILKAAGATTANITQAIEQMRGGESVNDQGAEDQRQA
LKKYTIDLTERAEQGKLDPVIGRDEEIRRTIQVLQRRTKNNPVLIGEPGVGKTAIVEGLAQRIINGEVPEGLKGRRVLAL
DMGALVAGAKYRGEFEERLKGVLNDLAKQEGNVILFIDELHTMVGAGKADGAMDAGNMLKPALARGELHCVGATTLDEYR
QYIEKDAALERRFQKVFVAEPSVEDTIAILRGLKERYELHHHVQITDPAIVAAATLSHRYIADRQLPDKAIDLIDEAASS
IRMQIDSKPEELDRLDRRIIQLKLEQQALMKESDEASKKRLDMLNEELSDKERQYSELEEEWKAEKASLSGTQTIKCELE
QAKIAIEQARRVGDLARMSELQYGKIPELEKQLEAATQLEGKTMRLLRNKVTDAEIAEVLARWTGIPVSRMMESEREKLL
RMEQELHHRVIGQNEAVDAVSNAIRRSRAGLADPNRPIGSFLFLGPTGVGKTELCKALANFMFDSDEAMVRIDMSEFMEK
HSVSRLVGAPPGYVGYEEGGYLTEAVRRRPYSVILLDEVEKAHPDVFNILLQVLDDGRLTDGQGRTVDFRNTVVIMTSNL
GSDLIQERFGELDYAHMKELVLGVVSHNFRPEFINRIDEVVVFHPLGEQHIASIAQIQLKRLYKRLEERGYEIHISDEAL
KLLSENGYDPVYGARPLKRAIQQQIENPLAQQILSGELVPGKVIRLEVNEDRIVAVQRSRSHHHHHH
;
C,F,E,D,B,A
2 'polypeptide(L)'
;(UNK)(UNK)(UNK)(UNK)(UNK)(UNK)(UNK)(UNK)(UNK)(UNK)(UNK)(UNK)(UNK)(UNK)(UNK)(UNK)
(UNK)(UNK)(UNK)(UNK)(UNK)(UNK)(UNK)(UNK)(UNK)(UNK)
;
P
#
# COMPACT_ATOMS: atom_id res chain seq x y z
N LEU A 161 -42.98 11.38 -17.81
CA LEU A 161 -42.74 10.06 -18.41
C LEU A 161 -42.16 10.16 -19.79
N LYS A 162 -42.90 10.80 -20.70
CA LYS A 162 -42.39 10.95 -22.05
C LYS A 162 -41.32 12.03 -22.17
N LYS A 163 -41.07 12.80 -21.12
CA LYS A 163 -39.92 13.70 -21.12
C LYS A 163 -38.64 12.95 -20.81
N TYR A 164 -38.74 11.81 -20.14
CA TYR A 164 -37.58 11.11 -19.62
C TYR A 164 -37.42 9.70 -20.16
N THR A 165 -38.35 9.24 -21.00
CA THR A 165 -38.26 7.90 -21.58
C THR A 165 -38.36 7.98 -23.09
N ILE A 166 -37.49 7.25 -23.76
CA ILE A 166 -37.61 6.96 -25.19
C ILE A 166 -38.46 5.70 -25.29
N ASP A 167 -39.30 5.64 -26.31
CA ASP A 167 -40.20 4.50 -26.48
C ASP A 167 -39.53 3.52 -27.42
N LEU A 168 -39.01 2.43 -26.87
CA LEU A 168 -38.43 1.36 -27.67
C LEU A 168 -39.48 0.57 -28.44
N THR A 169 -40.74 0.69 -28.07
CA THR A 169 -41.76 -0.09 -28.75
C THR A 169 -42.31 0.67 -29.94
N GLU A 170 -42.14 1.99 -29.95
CA GLU A 170 -42.46 2.73 -31.16
C GLU A 170 -41.22 2.96 -32.00
N ARG A 171 -40.04 2.81 -31.41
CA ARG A 171 -38.84 2.65 -32.23
C ARG A 171 -38.88 1.36 -33.02
N ALA A 172 -39.46 0.32 -32.45
CA ALA A 172 -39.63 -0.96 -33.12
C ALA A 172 -40.79 -0.97 -34.10
N GLU A 173 -41.78 -0.10 -33.92
CA GLU A 173 -42.85 0.01 -34.90
C GLU A 173 -42.36 0.66 -36.18
N GLN A 174 -41.53 1.69 -36.04
CA GLN A 174 -40.98 2.40 -37.18
C GLN A 174 -39.82 1.67 -37.82
N GLY A 175 -39.43 0.51 -37.31
CA GLY A 175 -38.33 -0.23 -37.87
C GLY A 175 -36.97 0.28 -37.50
N LYS A 176 -36.88 1.17 -36.52
CA LYS A 176 -35.61 1.78 -36.16
C LYS A 176 -34.78 0.91 -35.23
N LEU A 177 -35.31 -0.21 -34.77
CA LEU A 177 -34.52 -1.15 -34.00
C LEU A 177 -34.00 -2.26 -34.91
N ASP A 178 -32.81 -2.70 -34.65
CA ASP A 178 -32.11 -3.71 -35.41
C ASP A 178 -32.77 -5.07 -35.23
N PRO A 179 -32.69 -5.97 -36.21
CA PRO A 179 -33.27 -7.29 -36.04
C PRO A 179 -32.44 -8.10 -35.06
N VAL A 180 -33.11 -8.87 -34.22
CA VAL A 180 -32.47 -9.57 -33.12
C VAL A 180 -32.67 -11.05 -33.32
N ILE A 181 -31.57 -11.76 -33.48
CA ILE A 181 -31.54 -13.14 -33.95
C ILE A 181 -31.00 -13.97 -32.80
N GLY A 182 -31.61 -15.12 -32.58
CA GLY A 182 -31.22 -15.95 -31.47
C GLY A 182 -31.76 -15.34 -30.20
N ARG A 183 -31.09 -15.61 -29.08
CA ARG A 183 -31.49 -15.18 -27.74
C ARG A 183 -32.93 -15.56 -27.43
N ASP A 184 -33.34 -16.75 -27.85
CA ASP A 184 -34.70 -17.18 -27.59
C ASP A 184 -34.87 -17.55 -26.13
N GLU A 185 -33.80 -18.00 -25.48
CA GLU A 185 -33.87 -18.37 -24.08
C GLU A 185 -33.55 -17.22 -23.15
N GLU A 186 -32.87 -16.20 -23.64
CA GLU A 186 -32.58 -15.02 -22.84
C GLU A 186 -33.71 -14.01 -22.92
N ILE A 187 -34.53 -14.11 -23.96
CA ILE A 187 -35.75 -13.32 -24.03
C ILE A 187 -36.90 -14.04 -23.33
N ARG A 188 -36.97 -15.36 -23.40
CA ARG A 188 -37.95 -16.09 -22.60
C ARG A 188 -37.70 -15.94 -21.11
N ARG A 189 -36.44 -15.97 -20.68
CA ARG A 189 -36.15 -15.78 -19.27
C ARG A 189 -36.36 -14.32 -18.86
N THR A 190 -36.17 -13.37 -19.77
CA THR A 190 -36.47 -12.00 -19.40
C THR A 190 -37.95 -11.69 -19.52
N ILE A 191 -38.72 -12.50 -20.24
CA ILE A 191 -40.18 -12.36 -20.24
C ILE A 191 -40.74 -13.00 -18.99
N GLN A 192 -40.22 -14.18 -18.62
CA GLN A 192 -40.64 -14.90 -17.43
C GLN A 192 -40.41 -14.12 -16.17
N VAL A 193 -39.34 -13.35 -16.10
CA VAL A 193 -39.15 -12.50 -14.94
C VAL A 193 -40.09 -11.31 -15.00
N LEU A 194 -40.32 -10.73 -16.16
CA LEU A 194 -41.24 -9.60 -16.31
C LEU A 194 -42.67 -9.95 -16.03
N GLN A 195 -43.04 -11.22 -16.11
CA GLN A 195 -44.39 -11.67 -15.82
C GLN A 195 -44.55 -12.17 -14.40
N ARG A 196 -43.56 -11.97 -13.55
CA ARG A 196 -43.66 -12.37 -12.16
C ARG A 196 -44.62 -11.47 -11.42
N ARG A 197 -45.06 -11.92 -10.26
CA ARG A 197 -45.97 -11.11 -9.48
C ARG A 197 -45.25 -9.98 -8.80
N THR A 198 -44.34 -10.32 -7.91
CA THR A 198 -43.51 -9.34 -7.24
C THR A 198 -42.11 -9.43 -7.80
N LYS A 199 -41.43 -8.28 -7.82
CA LYS A 199 -40.02 -8.15 -8.13
C LYS A 199 -39.75 -8.61 -9.56
N ASN A 200 -40.61 -8.17 -10.46
CA ASN A 200 -40.54 -8.54 -11.87
C ASN A 200 -39.56 -7.69 -12.64
N ASN A 201 -38.32 -7.64 -12.20
CA ASN A 201 -37.34 -6.77 -12.80
C ASN A 201 -36.15 -7.58 -13.26
N PRO A 202 -36.11 -7.94 -14.55
CA PRO A 202 -35.03 -8.74 -15.12
C PRO A 202 -33.80 -7.91 -15.44
N VAL A 203 -32.63 -8.39 -15.01
CA VAL A 203 -31.38 -7.70 -15.26
C VAL A 203 -30.51 -8.51 -16.22
N LEU A 204 -30.25 -7.94 -17.39
CA LEU A 204 -29.44 -8.61 -18.40
C LEU A 204 -27.95 -8.36 -18.23
N ILE A 205 -27.32 -9.13 -17.33
CA ILE A 205 -25.90 -8.99 -17.09
C ILE A 205 -25.16 -9.75 -18.17
N GLY A 206 -23.91 -9.40 -18.41
CA GLY A 206 -23.13 -10.04 -19.44
C GLY A 206 -21.90 -9.21 -19.69
N GLU A 207 -21.03 -9.73 -20.54
CA GLU A 207 -19.86 -8.98 -20.91
C GLU A 207 -20.25 -7.85 -21.84
N PRO A 208 -19.44 -6.80 -21.96
CA PRO A 208 -19.81 -5.70 -22.84
C PRO A 208 -19.68 -6.08 -24.31
N GLY A 209 -20.82 -6.28 -24.95
CA GLY A 209 -20.87 -6.54 -26.36
C GLY A 209 -21.75 -7.68 -26.73
N VAL A 210 -22.25 -8.43 -25.76
CA VAL A 210 -22.82 -9.74 -26.01
C VAL A 210 -24.24 -9.68 -26.52
N GLY A 211 -24.91 -8.56 -26.43
CA GLY A 211 -26.28 -8.53 -26.85
C GLY A 211 -27.26 -8.31 -25.73
N LYS A 212 -26.93 -7.48 -24.75
CA LYS A 212 -27.86 -7.22 -23.66
C LYS A 212 -28.88 -6.15 -24.01
N THR A 213 -28.44 -5.02 -24.57
CA THR A 213 -29.36 -4.01 -25.08
C THR A 213 -30.15 -4.55 -26.25
N ALA A 214 -29.58 -5.48 -27.02
CA ALA A 214 -30.32 -6.04 -28.14
C ALA A 214 -31.32 -7.09 -27.69
N ILE A 215 -31.31 -7.50 -26.42
CA ILE A 215 -32.39 -8.36 -25.98
C ILE A 215 -33.64 -7.55 -25.70
N VAL A 216 -33.49 -6.38 -25.10
CA VAL A 216 -34.63 -5.52 -24.86
C VAL A 216 -35.13 -4.92 -26.15
N GLU A 217 -34.22 -4.64 -27.08
CA GLU A 217 -34.63 -4.21 -28.40
C GLU A 217 -35.16 -5.34 -29.23
N GLY A 218 -34.94 -6.58 -28.81
CA GLY A 218 -35.56 -7.71 -29.48
C GLY A 218 -36.75 -8.23 -28.71
N LEU A 219 -36.86 -7.83 -27.45
CA LEU A 219 -38.12 -7.96 -26.74
C LEU A 219 -39.13 -6.93 -27.22
N ALA A 220 -38.68 -5.69 -27.45
CA ALA A 220 -39.56 -4.64 -27.93
C ALA A 220 -40.09 -4.94 -29.32
N GLN A 221 -39.33 -5.65 -30.14
CA GLN A 221 -39.83 -6.09 -31.43
C GLN A 221 -40.63 -7.37 -31.31
N ARG A 222 -40.52 -8.05 -30.19
CA ARG A 222 -41.29 -9.27 -30.01
C ARG A 222 -42.69 -8.95 -29.50
N ILE A 223 -42.83 -7.87 -28.74
CA ILE A 223 -44.15 -7.47 -28.29
C ILE A 223 -44.87 -6.65 -29.34
N ILE A 224 -44.18 -6.26 -30.41
CA ILE A 224 -44.82 -5.63 -31.57
C ILE A 224 -45.28 -6.67 -32.57
N ASN A 225 -44.42 -7.61 -32.93
CA ASN A 225 -44.77 -8.66 -33.86
C ASN A 225 -45.70 -9.69 -33.26
N GLY A 226 -45.90 -9.67 -31.95
CA GLY A 226 -46.80 -10.61 -31.33
C GLY A 226 -46.24 -12.00 -31.18
N GLU A 227 -44.92 -12.15 -31.07
CA GLU A 227 -44.32 -13.42 -30.72
C GLU A 227 -44.10 -13.54 -29.22
N VAL A 228 -44.95 -12.89 -28.44
CA VAL A 228 -44.73 -12.72 -27.01
C VAL A 228 -45.95 -13.33 -26.34
N PRO A 229 -45.93 -13.71 -25.06
CA PRO A 229 -47.14 -14.18 -24.40
C PRO A 229 -48.20 -13.11 -24.30
N GLU A 230 -49.44 -13.56 -24.11
CA GLU A 230 -50.48 -12.64 -23.70
C GLU A 230 -50.17 -12.12 -22.30
N GLY A 231 -50.44 -10.86 -22.10
CA GLY A 231 -49.98 -10.19 -20.90
C GLY A 231 -48.83 -9.31 -21.24
N LEU A 232 -47.97 -9.76 -22.15
CA LEU A 232 -47.00 -8.88 -22.76
C LEU A 232 -47.41 -8.38 -24.14
N LYS A 233 -48.55 -8.84 -24.65
CA LYS A 233 -49.08 -8.25 -25.87
C LYS A 233 -49.51 -6.81 -25.61
N GLY A 234 -49.00 -5.90 -26.41
CA GLY A 234 -49.35 -4.52 -26.25
C GLY A 234 -48.66 -3.81 -25.12
N ARG A 235 -47.54 -4.32 -24.64
CA ARG A 235 -46.74 -3.57 -23.69
C ARG A 235 -46.01 -2.43 -24.39
N ARG A 236 -45.47 -1.53 -23.60
CA ARG A 236 -44.62 -0.45 -24.10
C ARG A 236 -43.29 -0.61 -23.39
N VAL A 237 -42.23 -0.85 -24.13
CA VAL A 237 -40.91 -0.78 -23.54
C VAL A 237 -40.43 0.65 -23.63
N LEU A 238 -40.27 1.29 -22.47
CA LEU A 238 -39.89 2.69 -22.40
C LEU A 238 -38.48 2.77 -21.85
N ALA A 239 -37.56 3.22 -22.68
CA ALA A 239 -36.16 3.31 -22.26
C ALA A 239 -35.99 4.53 -21.36
N LEU A 240 -35.92 4.30 -20.05
CA LEU A 240 -35.72 5.40 -19.11
C LEU A 240 -34.32 5.96 -19.28
N ASP A 241 -34.22 7.23 -19.66
CA ASP A 241 -32.95 7.94 -19.75
C ASP A 241 -32.69 8.58 -18.40
N MET A 242 -31.63 8.12 -17.72
CA MET A 242 -31.33 8.72 -16.42
C MET A 242 -30.27 9.80 -16.49
N GLY A 243 -29.82 10.18 -17.68
CA GLY A 243 -29.17 11.46 -17.81
C GLY A 243 -30.17 12.58 -17.94
N ALA A 244 -31.31 12.31 -18.56
CA ALA A 244 -32.40 13.26 -18.68
C ALA A 244 -33.16 13.44 -17.38
N LEU A 245 -33.13 12.44 -16.50
CA LEU A 245 -33.80 12.58 -15.22
C LEU A 245 -33.04 13.49 -14.29
N VAL A 246 -31.73 13.60 -14.48
CA VAL A 246 -30.91 14.39 -13.58
C VAL A 246 -30.41 15.57 -14.41
N ALA A 247 -31.20 16.06 -15.34
CA ALA A 247 -30.66 17.11 -16.20
C ALA A 247 -30.76 18.49 -15.55
N GLY A 248 -31.96 19.01 -15.37
CA GLY A 248 -32.03 20.36 -14.85
C GLY A 248 -32.24 20.40 -13.36
N ALA A 249 -31.92 19.30 -12.68
CA ALA A 249 -32.35 19.08 -11.31
C ALA A 249 -31.47 19.81 -10.31
N LYS A 250 -31.35 21.13 -10.44
CA LYS A 250 -30.52 21.92 -9.54
C LYS A 250 -31.04 21.90 -8.13
N TYR A 251 -32.29 22.28 -7.94
CA TYR A 251 -32.84 22.50 -6.61
C TYR A 251 -33.14 21.18 -5.94
N ARG A 252 -33.33 21.26 -4.63
CA ARG A 252 -33.63 20.07 -3.86
C ARG A 252 -35.00 19.54 -4.26
N GLY A 253 -35.14 18.23 -4.29
CA GLY A 253 -36.37 17.61 -4.70
C GLY A 253 -36.82 17.86 -6.11
N GLU A 254 -35.92 18.26 -6.99
CA GLU A 254 -36.24 18.40 -8.40
C GLU A 254 -36.00 17.14 -9.17
N PHE A 255 -34.98 16.36 -8.81
CA PHE A 255 -34.85 15.02 -9.32
C PHE A 255 -35.89 14.10 -8.71
N GLU A 256 -36.15 14.26 -7.41
CA GLU A 256 -37.03 13.34 -6.70
C GLU A 256 -38.48 13.52 -7.09
N GLU A 257 -38.85 14.66 -7.65
CA GLU A 257 -40.19 14.77 -8.20
C GLU A 257 -40.22 14.48 -9.69
N ARG A 258 -39.07 14.55 -10.35
CA ARG A 258 -38.94 14.00 -11.68
C ARG A 258 -39.07 12.50 -11.65
N LEU A 259 -38.38 11.86 -10.70
CA LEU A 259 -38.44 10.42 -10.55
C LEU A 259 -39.82 9.98 -10.10
N LYS A 260 -40.47 10.74 -9.23
CA LYS A 260 -41.82 10.38 -8.82
C LYS A 260 -42.85 10.70 -9.87
N GLY A 261 -42.63 11.70 -10.70
CA GLY A 261 -43.48 11.89 -11.84
C GLY A 261 -43.39 10.77 -12.85
N VAL A 262 -42.24 10.11 -12.92
CA VAL A 262 -42.12 8.91 -13.74
C VAL A 262 -42.85 7.74 -13.08
N LEU A 263 -42.65 7.55 -11.77
CA LEU A 263 -43.26 6.43 -11.06
C LEU A 263 -44.77 6.58 -10.98
N ASN A 264 -45.28 7.80 -10.86
CA ASN A 264 -46.73 7.98 -10.85
C ASN A 264 -47.31 7.88 -12.25
N ASP A 265 -46.53 8.19 -13.29
CA ASP A 265 -46.99 7.98 -14.65
C ASP A 265 -46.78 6.56 -15.12
N LEU A 266 -45.97 5.76 -14.43
CA LEU A 266 -45.88 4.33 -14.65
C LEU A 266 -47.00 3.58 -13.99
N ALA A 267 -47.55 4.12 -12.90
CA ALA A 267 -48.67 3.51 -12.21
C ALA A 267 -49.98 3.79 -12.90
N LYS A 268 -50.06 4.89 -13.65
CA LYS A 268 -51.25 5.18 -14.43
C LYS A 268 -51.34 4.33 -15.69
N GLN A 269 -50.27 3.63 -16.06
CA GLN A 269 -50.31 2.75 -17.21
C GLN A 269 -50.87 1.38 -16.88
N GLU A 270 -51.18 1.14 -15.61
CA GLU A 270 -51.79 -0.09 -15.10
C GLU A 270 -50.91 -1.31 -15.41
N GLY A 271 -49.62 -1.11 -15.24
CA GLY A 271 -48.66 -2.16 -15.49
C GLY A 271 -48.45 -2.53 -16.93
N ASN A 272 -48.96 -1.73 -17.86
CA ASN A 272 -48.78 -1.99 -19.28
C ASN A 272 -47.56 -1.29 -19.84
N VAL A 273 -46.54 -1.05 -19.03
CA VAL A 273 -45.29 -0.47 -19.51
C VAL A 273 -44.16 -1.28 -18.93
N ILE A 274 -43.31 -1.80 -19.81
CA ILE A 274 -42.03 -2.39 -19.41
C ILE A 274 -41.04 -1.24 -19.38
N LEU A 275 -40.33 -1.08 -18.29
CA LEU A 275 -39.35 -0.02 -18.21
C LEU A 275 -37.97 -0.57 -18.50
N PHE A 276 -37.20 0.14 -19.31
CA PHE A 276 -35.85 -0.26 -19.62
C PHE A 276 -34.91 0.79 -19.05
N ILE A 277 -34.06 0.38 -18.13
CA ILE A 277 -32.97 1.22 -17.66
C ILE A 277 -31.70 0.59 -18.20
N ASP A 278 -31.28 1.04 -19.38
CA ASP A 278 -29.98 0.68 -19.91
C ASP A 278 -28.92 1.38 -19.09
N GLU A 279 -27.80 0.68 -18.88
CA GLU A 279 -26.78 1.06 -17.90
C GLU A 279 -27.43 1.29 -16.54
N LEU A 280 -27.91 0.17 -15.99
CA LEU A 280 -28.68 0.19 -14.75
C LEU A 280 -27.87 0.67 -13.56
N HIS A 281 -26.55 0.51 -13.61
CA HIS A 281 -25.67 0.97 -12.54
C HIS A 281 -25.64 2.48 -12.43
N THR A 282 -26.14 3.19 -13.43
CA THR A 282 -26.25 4.64 -13.34
C THR A 282 -27.44 5.07 -12.49
N MET A 283 -28.34 4.14 -12.15
CA MET A 283 -29.40 4.45 -11.20
C MET A 283 -28.91 4.43 -9.78
N VAL A 284 -27.76 3.81 -9.53
CA VAL A 284 -27.29 3.62 -8.17
C VAL A 284 -26.60 4.90 -7.74
N GLY A 285 -27.38 5.82 -7.20
CA GLY A 285 -26.84 7.09 -6.74
C GLY A 285 -27.08 8.22 -7.70
N ALA A 286 -28.24 8.26 -8.36
CA ALA A 286 -28.45 9.25 -9.40
C ALA A 286 -28.81 10.62 -8.86
N GLY A 287 -29.69 10.72 -7.87
CA GLY A 287 -29.91 12.03 -7.30
C GLY A 287 -28.77 12.48 -6.42
N LYS A 288 -28.69 11.93 -5.21
CA LYS A 288 -27.54 11.97 -4.31
C LYS A 288 -27.00 13.39 -4.09
N ALA A 289 -27.76 14.23 -3.40
CA ALA A 289 -27.30 15.59 -3.18
C ALA A 289 -27.40 16.04 -1.72
N ASP A 290 -27.79 15.16 -0.82
CA ASP A 290 -28.00 15.58 0.56
C ASP A 290 -27.28 14.65 1.52
N GLY A 291 -27.02 13.42 1.10
CA GLY A 291 -26.79 12.35 2.04
C GLY A 291 -27.11 11.00 1.43
N ALA A 292 -28.05 10.29 2.03
CA ALA A 292 -28.42 8.96 1.52
C ALA A 292 -29.04 9.04 0.14
N MET A 293 -29.01 7.89 -0.54
CA MET A 293 -29.17 7.77 -1.98
C MET A 293 -30.58 8.15 -2.43
N ASP A 294 -30.71 8.64 -3.67
CA ASP A 294 -32.03 8.99 -4.15
C ASP A 294 -32.60 7.97 -5.14
N ALA A 295 -32.08 7.87 -6.36
CA ALA A 295 -32.61 6.84 -7.25
C ALA A 295 -31.99 5.53 -6.87
N GLY A 296 -32.69 4.44 -7.12
CA GLY A 296 -32.34 3.28 -6.35
C GLY A 296 -33.28 3.29 -5.19
N ASN A 297 -32.90 3.96 -4.10
CA ASN A 297 -33.72 4.10 -2.90
C ASN A 297 -35.14 4.60 -3.17
N MET A 298 -35.33 5.47 -4.15
CA MET A 298 -36.68 5.90 -4.50
C MET A 298 -37.40 4.87 -5.34
N LEU A 299 -36.67 4.09 -6.12
CA LEU A 299 -37.29 3.03 -6.90
C LEU A 299 -37.37 1.72 -6.15
N LYS A 300 -36.71 1.61 -5.01
CA LYS A 300 -36.67 0.39 -4.22
C LYS A 300 -38.03 -0.11 -3.72
N PRO A 301 -38.99 0.72 -3.29
CA PRO A 301 -40.31 0.15 -3.04
C PRO A 301 -41.03 -0.27 -4.30
N ALA A 302 -40.92 0.49 -5.38
CA ALA A 302 -41.62 0.15 -6.61
C ALA A 302 -41.03 -1.07 -7.28
N LEU A 303 -39.73 -1.28 -7.14
CA LEU A 303 -39.10 -2.43 -7.77
C LEU A 303 -39.43 -3.72 -7.05
N ALA A 304 -39.55 -3.67 -5.73
CA ALA A 304 -39.81 -4.87 -4.94
C ALA A 304 -41.28 -5.24 -4.96
N ARG A 305 -42.17 -4.25 -4.97
CA ARG A 305 -43.60 -4.48 -5.09
C ARG A 305 -43.99 -5.06 -6.43
N GLY A 306 -43.14 -4.92 -7.45
CA GLY A 306 -43.46 -5.37 -8.78
C GLY A 306 -44.24 -4.39 -9.58
N GLU A 307 -43.87 -3.12 -9.55
CA GLU A 307 -44.66 -2.06 -10.16
C GLU A 307 -43.93 -1.32 -11.27
N LEU A 308 -42.74 -1.75 -11.65
CA LEU A 308 -42.01 -1.05 -12.68
C LEU A 308 -41.85 -1.88 -13.93
N HIS A 309 -41.71 -3.19 -13.75
CA HIS A 309 -41.36 -4.15 -14.80
C HIS A 309 -40.07 -3.71 -15.46
N CYS A 310 -39.07 -3.46 -14.62
CA CYS A 310 -37.88 -2.73 -15.02
C CYS A 310 -36.82 -3.71 -15.53
N VAL A 311 -36.64 -3.76 -16.84
CA VAL A 311 -35.52 -4.48 -17.41
C VAL A 311 -34.27 -3.66 -17.25
N GLY A 312 -33.27 -4.22 -16.59
CA GLY A 312 -31.95 -3.60 -16.52
C GLY A 312 -31.08 -4.15 -17.62
N ALA A 313 -29.92 -3.53 -17.78
CA ALA A 313 -28.88 -4.06 -18.64
C ALA A 313 -27.57 -3.47 -18.14
N THR A 314 -26.83 -4.23 -17.36
CA THR A 314 -25.50 -3.85 -16.94
C THR A 314 -24.48 -4.85 -17.44
N THR A 315 -23.22 -4.45 -17.34
CA THR A 315 -22.16 -5.41 -17.52
C THR A 315 -21.98 -6.20 -16.24
N LEU A 316 -21.16 -7.22 -16.30
CA LEU A 316 -20.93 -8.06 -15.14
C LEU A 316 -20.10 -7.33 -14.10
N ASP A 317 -19.21 -6.45 -14.55
CA ASP A 317 -18.31 -5.78 -13.66
C ASP A 317 -18.72 -4.36 -13.33
N GLU A 318 -19.83 -3.88 -13.86
CA GLU A 318 -20.52 -2.72 -13.31
C GLU A 318 -21.70 -3.11 -12.46
N TYR A 319 -22.14 -4.36 -12.52
CA TYR A 319 -23.09 -4.88 -11.57
C TYR A 319 -22.44 -5.08 -10.22
N ARG A 320 -21.25 -5.66 -10.16
CA ARG A 320 -20.63 -5.87 -8.85
C ARG A 320 -20.01 -4.59 -8.33
N GLN A 321 -19.69 -3.66 -9.23
CA GLN A 321 -19.04 -2.44 -8.80
C GLN A 321 -20.04 -1.47 -8.20
N TYR A 322 -21.23 -1.40 -8.77
CA TYR A 322 -22.21 -0.40 -8.38
C TYR A 322 -23.46 -0.99 -7.78
N ILE A 323 -23.98 -2.07 -8.32
CA ILE A 323 -25.28 -2.57 -7.88
C ILE A 323 -25.13 -3.57 -6.75
N GLU A 324 -24.08 -4.38 -6.74
CA GLU A 324 -23.92 -5.31 -5.64
C GLU A 324 -23.45 -4.63 -4.36
N LYS A 325 -23.03 -3.38 -4.43
CA LYS A 325 -22.78 -2.62 -3.21
C LYS A 325 -24.07 -2.34 -2.46
N ASP A 326 -25.11 -1.91 -3.17
CA ASP A 326 -26.45 -1.78 -2.59
C ASP A 326 -27.11 -3.15 -2.69
N ALA A 327 -26.97 -3.92 -1.61
CA ALA A 327 -27.48 -5.28 -1.61
C ALA A 327 -28.99 -5.34 -1.51
N ALA A 328 -29.64 -4.24 -1.11
CA ALA A 328 -31.09 -4.21 -1.11
C ALA A 328 -31.65 -3.98 -2.48
N LEU A 329 -30.90 -3.27 -3.33
CA LEU A 329 -31.29 -3.01 -4.69
C LEU A 329 -30.88 -4.13 -5.63
N GLU A 330 -29.76 -4.78 -5.35
CA GLU A 330 -29.36 -5.98 -6.06
C GLU A 330 -30.39 -7.08 -5.90
N ARG A 331 -31.05 -7.11 -4.74
CA ARG A 331 -32.12 -8.05 -4.44
C ARG A 331 -33.28 -7.93 -5.41
N ARG A 332 -33.61 -6.70 -5.80
CA ARG A 332 -34.83 -6.40 -6.52
C ARG A 332 -34.76 -6.70 -7.99
N PHE A 333 -33.65 -7.26 -8.43
CA PHE A 333 -33.34 -7.42 -9.83
C PHE A 333 -32.90 -8.85 -10.06
N GLN A 334 -33.52 -9.49 -11.04
CA GLN A 334 -33.22 -10.88 -11.36
C GLN A 334 -32.19 -10.92 -12.47
N LYS A 335 -30.99 -11.40 -12.15
CA LYS A 335 -29.89 -11.47 -13.09
C LYS A 335 -30.22 -12.50 -14.16
N VAL A 336 -30.51 -12.00 -15.35
CA VAL A 336 -30.54 -12.83 -16.54
C VAL A 336 -29.15 -12.77 -17.14
N PHE A 337 -28.42 -13.88 -17.09
CA PHE A 337 -27.08 -13.88 -17.63
C PHE A 337 -27.14 -14.00 -19.14
N VAL A 338 -26.51 -13.05 -19.82
CA VAL A 338 -26.42 -13.04 -21.27
C VAL A 338 -25.02 -13.46 -21.66
N ALA A 339 -24.87 -14.72 -22.03
CA ALA A 339 -23.57 -15.24 -22.39
C ALA A 339 -23.17 -14.75 -23.76
N GLU A 340 -21.88 -14.64 -23.97
CA GLU A 340 -21.36 -14.35 -25.29
C GLU A 340 -21.68 -15.53 -26.21
N PRO A 341 -22.25 -15.29 -27.38
CA PRO A 341 -22.66 -16.39 -28.23
C PRO A 341 -21.47 -17.11 -28.85
N SER A 342 -21.79 -18.20 -29.54
CA SER A 342 -20.79 -19.00 -30.20
C SER A 342 -20.24 -18.26 -31.40
N VAL A 343 -19.26 -18.86 -32.07
CA VAL A 343 -18.95 -18.42 -33.42
C VAL A 343 -20.04 -18.87 -34.37
N GLU A 344 -20.78 -19.94 -34.05
CA GLU A 344 -21.84 -20.45 -34.90
C GLU A 344 -23.14 -19.68 -34.66
N ASP A 345 -23.39 -19.27 -33.42
CA ASP A 345 -24.55 -18.45 -33.07
C ASP A 345 -24.38 -16.99 -33.44
N THR A 346 -23.18 -16.53 -33.72
CA THR A 346 -23.01 -15.18 -34.22
C THR A 346 -22.87 -15.12 -35.72
N ILE A 347 -22.74 -16.26 -36.40
CA ILE A 347 -22.89 -16.26 -37.84
C ILE A 347 -24.35 -16.01 -38.18
N ALA A 348 -25.26 -16.62 -37.43
CA ALA A 348 -26.69 -16.39 -37.61
C ALA A 348 -27.12 -15.01 -37.20
N ILE A 349 -26.45 -14.40 -36.21
CA ILE A 349 -26.62 -12.99 -35.90
C ILE A 349 -26.21 -12.09 -37.04
N LEU A 350 -25.03 -12.31 -37.60
CA LEU A 350 -24.52 -11.49 -38.68
C LEU A 350 -25.24 -11.71 -40.00
N ARG A 351 -25.96 -12.83 -40.14
CA ARG A 351 -26.72 -13.05 -41.35
C ARG A 351 -28.04 -12.33 -41.33
N GLY A 352 -28.64 -12.22 -40.15
CA GLY A 352 -29.93 -11.56 -40.01
C GLY A 352 -29.76 -10.09 -39.68
N LEU A 353 -28.53 -9.60 -39.84
CA LEU A 353 -28.22 -8.22 -39.57
C LEU A 353 -27.39 -7.61 -40.69
N LYS A 354 -27.03 -8.42 -41.68
CA LYS A 354 -26.22 -7.90 -42.78
C LYS A 354 -27.03 -7.02 -43.70
N GLU A 355 -28.35 -7.17 -43.74
CA GLU A 355 -29.18 -6.30 -44.55
C GLU A 355 -29.21 -4.89 -44.00
N ARG A 356 -29.00 -4.73 -42.70
CA ARG A 356 -28.92 -3.39 -42.12
C ARG A 356 -27.61 -2.72 -42.47
N TYR A 357 -26.55 -3.50 -42.65
CA TYR A 357 -25.24 -2.98 -43.00
C TYR A 357 -24.99 -3.01 -44.49
N GLU A 358 -25.70 -3.85 -45.24
CA GLU A 358 -25.69 -3.70 -46.68
C GLU A 358 -26.42 -2.43 -47.09
N LEU A 359 -27.40 -1.99 -46.30
CA LEU A 359 -28.22 -0.86 -46.67
C LEU A 359 -27.58 0.46 -46.27
N HIS A 360 -26.91 0.52 -45.13
CA HIS A 360 -26.28 1.77 -44.71
C HIS A 360 -25.07 2.07 -45.57
N HIS A 361 -24.37 1.03 -46.00
CA HIS A 361 -23.13 1.19 -46.72
C HIS A 361 -23.30 1.06 -48.23
N HIS A 362 -24.48 0.63 -48.69
CA HIS A 362 -24.80 0.43 -50.11
C HIS A 362 -23.82 -0.54 -50.76
N VAL A 363 -23.48 -1.59 -50.02
CA VAL A 363 -22.57 -2.62 -50.46
C VAL A 363 -23.30 -3.95 -50.42
N GLN A 364 -22.58 -5.01 -50.75
CA GLN A 364 -23.07 -6.36 -50.59
C GLN A 364 -22.11 -7.12 -49.70
N ILE A 365 -22.59 -7.60 -48.57
CA ILE A 365 -21.78 -8.41 -47.68
C ILE A 365 -22.04 -9.87 -48.00
N THR A 366 -21.06 -10.53 -48.59
CA THR A 366 -21.23 -11.92 -48.96
C THR A 366 -21.20 -12.80 -47.73
N ASP A 367 -21.78 -13.98 -47.85
CA ASP A 367 -21.83 -14.91 -46.72
C ASP A 367 -20.46 -15.49 -46.37
N PRO A 368 -19.51 -15.69 -47.30
CA PRO A 368 -18.12 -15.87 -46.87
C PRO A 368 -17.56 -14.74 -46.01
N ALA A 369 -17.97 -13.49 -46.20
CA ALA A 369 -17.53 -12.43 -45.30
C ALA A 369 -18.20 -12.52 -43.96
N ILE A 370 -19.38 -13.14 -43.90
CA ILE A 370 -20.08 -13.30 -42.64
C ILE A 370 -19.43 -14.40 -41.81
N VAL A 371 -19.12 -15.53 -42.44
CA VAL A 371 -18.45 -16.62 -41.75
C VAL A 371 -17.02 -16.25 -41.40
N ALA A 372 -16.35 -15.45 -42.22
CA ALA A 372 -14.99 -15.01 -41.91
C ALA A 372 -14.96 -14.11 -40.69
N ALA A 373 -15.82 -13.10 -40.65
CA ALA A 373 -15.80 -12.13 -39.56
C ALA A 373 -16.17 -12.72 -38.23
N ALA A 374 -17.00 -13.75 -38.21
CA ALA A 374 -17.29 -14.42 -36.96
C ALA A 374 -16.15 -15.31 -36.54
N THR A 375 -15.48 -15.93 -37.52
CA THR A 375 -14.41 -16.86 -37.21
C THR A 375 -13.11 -16.14 -36.93
N LEU A 376 -12.81 -15.09 -37.70
CA LEU A 376 -11.52 -14.42 -37.54
C LEU A 376 -11.49 -13.56 -36.29
N SER A 377 -12.56 -12.84 -36.01
CA SER A 377 -12.59 -11.99 -34.83
C SER A 377 -12.63 -12.80 -33.55
N HIS A 378 -13.25 -13.97 -33.59
CA HIS A 378 -13.21 -14.87 -32.44
C HIS A 378 -11.80 -15.33 -32.16
N ARG A 379 -11.00 -15.51 -33.19
CA ARG A 379 -9.64 -16.00 -33.02
C ARG A 379 -8.68 -14.86 -32.71
N TYR A 380 -8.82 -13.72 -33.38
CA TYR A 380 -7.77 -12.73 -33.43
C TYR A 380 -8.02 -11.51 -32.57
N ILE A 381 -9.27 -11.19 -32.27
CA ILE A 381 -9.58 -10.09 -31.35
C ILE A 381 -9.83 -10.68 -29.98
N ALA A 382 -9.16 -10.15 -28.97
CA ALA A 382 -9.20 -10.75 -27.65
C ALA A 382 -9.89 -9.90 -26.62
N ASP A 383 -9.82 -8.58 -26.78
CA ASP A 383 -10.44 -7.65 -25.84
C ASP A 383 -11.83 -7.22 -26.31
N ARG A 384 -12.46 -8.07 -27.13
CA ARG A 384 -13.78 -7.76 -27.65
C ARG A 384 -14.75 -8.92 -27.40
N GLN A 385 -16.04 -8.64 -27.52
CA GLN A 385 -17.06 -9.66 -27.30
C GLN A 385 -17.23 -10.55 -28.53
N LEU A 386 -18.45 -11.00 -28.77
CA LEU A 386 -18.75 -11.85 -29.91
C LEU A 386 -19.40 -11.05 -31.04
N PRO A 387 -20.74 -10.90 -30.97
CA PRO A 387 -21.50 -10.15 -31.98
C PRO A 387 -20.96 -8.74 -32.17
N ASP A 388 -20.35 -8.18 -31.13
CA ASP A 388 -19.81 -6.84 -31.19
C ASP A 388 -18.53 -6.80 -32.00
N LYS A 389 -17.65 -7.77 -31.84
CA LYS A 389 -16.39 -7.74 -32.55
C LYS A 389 -16.49 -8.36 -33.94
N ALA A 390 -17.55 -9.07 -34.25
CA ALA A 390 -17.73 -9.60 -35.59
C ALA A 390 -18.53 -8.64 -36.46
N ILE A 391 -19.37 -7.81 -35.84
CA ILE A 391 -20.13 -6.83 -36.57
C ILE A 391 -19.22 -5.72 -37.06
N ASP A 392 -18.31 -5.25 -36.22
CA ASP A 392 -17.47 -4.17 -36.65
C ASP A 392 -16.34 -4.62 -37.56
N LEU A 393 -16.22 -5.91 -37.83
CA LEU A 393 -15.48 -6.35 -38.99
C LEU A 393 -16.29 -6.17 -40.26
N ILE A 394 -17.57 -6.56 -40.26
CA ILE A 394 -18.39 -6.36 -41.46
C ILE A 394 -18.89 -4.93 -41.56
N ASP A 395 -18.77 -4.16 -40.48
CA ASP A 395 -19.17 -2.75 -40.53
C ASP A 395 -18.06 -1.88 -41.04
N GLU A 396 -16.82 -2.21 -40.71
CA GLU A 396 -15.67 -1.45 -41.14
C GLU A 396 -15.10 -1.95 -42.45
N ALA A 397 -15.36 -3.19 -42.83
CA ALA A 397 -15.04 -3.59 -44.19
C ALA A 397 -15.99 -2.97 -45.17
N ALA A 398 -17.25 -2.85 -44.81
CA ALA A 398 -18.22 -2.22 -45.69
C ALA A 398 -18.01 -0.72 -45.76
N SER A 399 -17.61 -0.13 -44.65
CA SER A 399 -17.25 1.28 -44.62
C SER A 399 -16.02 1.57 -45.44
N SER A 400 -15.12 0.60 -45.57
CA SER A 400 -13.92 0.78 -46.37
C SER A 400 -14.19 0.49 -47.84
N ILE A 401 -15.12 -0.43 -48.11
CA ILE A 401 -15.50 -0.72 -49.49
C ILE A 401 -16.24 0.47 -50.09
N ARG A 402 -17.13 1.07 -49.30
CA ARG A 402 -17.87 2.26 -49.72
C ARG A 402 -16.97 3.48 -49.87
N MET A 403 -15.88 3.58 -49.10
CA MET A 403 -14.92 4.66 -49.30
C MET A 403 -14.22 4.55 -50.63
N GLN A 404 -13.80 3.34 -51.01
CA GLN A 404 -13.12 3.15 -52.28
C GLN A 404 -14.09 2.92 -53.43
N ILE A 405 -15.38 3.16 -53.20
CA ILE A 405 -16.35 3.35 -54.28
C ILE A 405 -16.65 4.83 -54.46
N ASP A 406 -16.91 5.54 -53.36
CA ASP A 406 -17.22 6.96 -53.41
C ASP A 406 -15.97 7.80 -53.72
N SER A 407 -14.90 7.60 -52.96
CA SER A 407 -13.64 8.27 -53.23
C SER A 407 -12.80 7.39 -54.15
N LYS A 408 -11.51 7.70 -54.25
CA LYS A 408 -10.61 6.93 -55.08
C LYS A 408 -10.29 5.58 -54.43
N ARG A 525 -13.54 -1.72 -63.27
CA ARG A 525 -12.14 -1.43 -63.60
C ARG A 525 -11.37 -0.96 -62.36
N LEU A 526 -12.04 -0.21 -61.48
CA LEU A 526 -11.40 0.29 -60.27
C LEU A 526 -12.42 0.58 -59.17
N LEU A 527 -13.42 -0.29 -59.04
CA LEU A 527 -14.46 -0.10 -58.02
C LEU A 527 -15.19 -1.40 -57.69
N ARG A 528 -14.74 -2.08 -56.65
CA ARG A 528 -15.38 -3.31 -56.20
C ARG A 528 -16.61 -2.94 -55.39
N ASN A 529 -17.56 -3.85 -55.26
CA ASN A 529 -18.78 -3.54 -54.51
C ASN A 529 -18.95 -4.49 -53.34
N LYS A 530 -18.61 -5.76 -53.53
CA LYS A 530 -18.86 -6.77 -52.52
C LYS A 530 -17.93 -6.62 -51.34
N VAL A 531 -18.40 -7.00 -50.16
CA VAL A 531 -17.53 -7.25 -49.03
C VAL A 531 -17.30 -8.75 -48.99
N THR A 532 -16.08 -9.18 -49.25
CA THR A 532 -15.78 -10.61 -49.24
C THR A 532 -14.99 -10.94 -47.99
N ASP A 533 -14.56 -12.20 -47.88
CA ASP A 533 -13.75 -12.62 -46.74
C ASP A 533 -12.35 -12.05 -46.78
N ALA A 534 -11.90 -11.56 -47.93
CA ALA A 534 -10.63 -10.87 -48.06
C ALA A 534 -10.67 -9.48 -47.48
N GLU A 535 -11.77 -8.74 -47.62
CA GLU A 535 -11.91 -7.42 -47.02
C GLU A 535 -12.12 -7.47 -45.53
N ILE A 536 -12.60 -8.60 -45.01
CA ILE A 536 -12.71 -8.79 -43.58
C ILE A 536 -11.34 -9.01 -42.97
N ALA A 537 -10.50 -9.80 -43.63
CA ALA A 537 -9.15 -10.02 -43.15
C ALA A 537 -8.28 -8.80 -43.34
N GLU A 538 -8.58 -7.97 -44.34
CA GLU A 538 -7.86 -6.72 -44.53
C GLU A 538 -8.14 -5.71 -43.43
N VAL A 539 -9.30 -5.76 -42.79
CA VAL A 539 -9.60 -4.81 -41.73
C VAL A 539 -9.26 -5.40 -40.38
N LEU A 540 -9.21 -6.73 -40.27
CA LEU A 540 -8.73 -7.35 -39.05
C LEU A 540 -7.23 -7.22 -38.92
N ALA A 541 -6.51 -7.22 -40.05
CA ALA A 541 -5.08 -7.00 -40.03
C ALA A 541 -4.71 -5.55 -39.79
N ARG A 542 -5.59 -4.60 -40.02
CA ARG A 542 -5.36 -3.22 -39.64
C ARG A 542 -5.76 -2.94 -38.21
N TRP A 543 -6.79 -3.63 -37.72
CA TRP A 543 -7.13 -3.59 -36.32
C TRP A 543 -6.01 -4.19 -35.48
N THR A 544 -5.76 -5.48 -35.65
CA THR A 544 -4.88 -6.21 -34.75
C THR A 544 -3.41 -6.06 -35.12
N GLY A 545 -3.10 -5.96 -36.40
CA GLY A 545 -1.73 -6.00 -36.83
C GLY A 545 -1.27 -7.36 -37.26
N ILE A 546 -2.00 -8.41 -36.89
CA ILE A 546 -1.71 -9.78 -37.27
C ILE A 546 -1.97 -9.91 -38.75
N PRO A 547 -0.98 -10.24 -39.57
CA PRO A 547 -1.12 -10.22 -41.03
C PRO A 547 -1.91 -11.41 -41.55
N VAL A 548 -3.22 -11.29 -41.53
CA VAL A 548 -4.10 -12.38 -41.92
C VAL A 548 -4.73 -12.13 -43.28
N SER A 549 -4.19 -11.19 -44.05
CA SER A 549 -4.95 -10.63 -45.17
C SER A 549 -5.02 -11.56 -46.38
N ARG A 550 -3.90 -11.75 -47.07
CA ARG A 550 -3.87 -12.42 -48.36
C ARG A 550 -2.43 -12.62 -48.77
N MET A 551 -2.16 -13.72 -49.46
CA MET A 551 -0.82 -14.10 -49.88
C MET A 551 -0.78 -14.36 -51.37
N MET A 552 -1.26 -13.41 -52.16
CA MET A 552 -1.20 -13.47 -53.62
C MET A 552 -0.23 -12.45 -54.20
N GLU A 553 0.17 -11.47 -53.41
CA GLU A 553 0.83 -10.26 -53.90
C GLU A 553 2.33 -10.42 -54.01
N SER A 554 3.04 -9.30 -54.14
CA SER A 554 4.50 -9.26 -54.16
C SER A 554 5.12 -9.64 -52.82
N GLU A 555 4.35 -9.65 -51.74
CA GLU A 555 4.80 -10.05 -50.43
C GLU A 555 4.69 -11.56 -50.21
N ARG A 556 3.98 -12.27 -51.10
CA ARG A 556 4.08 -13.71 -51.18
C ARG A 556 5.45 -14.13 -51.67
N GLU A 557 6.08 -13.30 -52.51
CA GLU A 557 7.43 -13.59 -52.98
C GLU A 557 8.46 -13.30 -51.90
N LYS A 558 8.18 -12.32 -51.03
CA LYS A 558 9.08 -11.96 -49.93
C LYS A 558 9.23 -13.10 -48.93
N LEU A 559 8.20 -13.93 -48.78
CA LEU A 559 8.27 -15.09 -47.91
C LEU A 559 8.93 -16.29 -48.56
N LEU A 560 8.92 -16.38 -49.89
CA LEU A 560 9.61 -17.49 -50.52
C LEU A 560 11.11 -17.29 -50.46
N ARG A 561 11.56 -16.04 -50.47
CA ARG A 561 12.95 -15.69 -50.20
C ARG A 561 13.16 -15.21 -48.79
N MET A 562 12.48 -15.79 -47.81
CA MET A 562 12.73 -15.35 -46.44
C MET A 562 14.11 -15.75 -45.98
N GLU A 563 14.58 -16.93 -46.39
CA GLU A 563 15.92 -17.35 -46.04
C GLU A 563 16.96 -16.51 -46.76
N GLN A 564 16.69 -16.09 -47.98
CA GLN A 564 17.62 -15.18 -48.64
C GLN A 564 17.56 -13.78 -48.04
N GLU A 565 16.44 -13.38 -47.49
CA GLU A 565 16.36 -12.08 -46.83
C GLU A 565 16.90 -12.11 -45.43
N LEU A 566 16.97 -13.29 -44.81
CA LEU A 566 17.60 -13.42 -43.52
C LEU A 566 19.08 -13.72 -43.62
N HIS A 567 19.54 -14.23 -44.76
CA HIS A 567 20.96 -14.49 -44.95
C HIS A 567 21.72 -13.26 -45.42
N HIS A 568 21.04 -12.14 -45.65
CA HIS A 568 21.73 -10.87 -45.82
C HIS A 568 22.21 -10.31 -44.50
N ARG A 569 21.78 -10.91 -43.40
CA ARG A 569 22.08 -10.44 -42.07
C ARG A 569 22.56 -11.54 -41.16
N VAL A 570 22.33 -12.81 -41.50
CA VAL A 570 22.78 -13.96 -40.73
C VAL A 570 23.53 -14.87 -41.68
N ILE A 571 24.85 -14.83 -41.64
CA ILE A 571 25.68 -15.71 -42.43
C ILE A 571 25.72 -17.08 -41.77
N GLY A 572 25.51 -18.12 -42.55
CA GLY A 572 25.45 -19.44 -42.00
C GLY A 572 24.14 -19.62 -41.24
N GLN A 573 24.17 -20.52 -40.27
CA GLN A 573 23.00 -20.94 -39.49
C GLN A 573 21.84 -21.30 -40.39
N ASN A 574 22.12 -22.16 -41.37
CA ASN A 574 21.09 -22.60 -42.30
C ASN A 574 19.99 -23.36 -41.62
N GLU A 575 20.31 -24.23 -40.66
CA GLU A 575 19.29 -24.96 -39.92
C GLU A 575 18.54 -24.09 -38.91
N ALA A 576 18.86 -22.80 -38.86
CA ALA A 576 18.19 -21.84 -38.01
C ALA A 576 17.43 -20.79 -38.77
N VAL A 577 17.91 -20.39 -39.94
CA VAL A 577 17.26 -19.41 -40.77
C VAL A 577 16.14 -20.14 -41.49
N ASP A 578 16.38 -21.40 -41.87
CA ASP A 578 15.30 -22.23 -42.39
C ASP A 578 14.22 -22.48 -41.34
N ALA A 579 14.63 -22.67 -40.10
CA ALA A 579 13.69 -23.11 -39.07
C ALA A 579 12.84 -21.96 -38.56
N VAL A 580 13.36 -20.74 -38.61
CA VAL A 580 12.58 -19.60 -38.14
C VAL A 580 11.80 -18.99 -39.28
N SER A 581 12.15 -19.33 -40.52
CA SER A 581 11.39 -18.90 -41.68
C SER A 581 10.32 -19.91 -42.05
N ASN A 582 10.49 -21.17 -41.67
CA ASN A 582 9.43 -22.13 -41.88
C ASN A 582 8.23 -21.83 -41.00
N ALA A 583 8.45 -21.29 -39.81
CA ALA A 583 7.36 -21.01 -38.92
C ALA A 583 6.59 -19.76 -39.30
N ILE A 584 7.26 -18.79 -39.91
CA ILE A 584 6.53 -17.66 -40.46
C ILE A 584 5.73 -18.08 -41.68
N ARG A 585 6.30 -18.94 -42.51
CA ARG A 585 5.57 -19.44 -43.67
C ARG A 585 4.46 -20.37 -43.26
N ARG A 586 4.61 -21.05 -42.13
CA ARG A 586 3.55 -21.93 -41.66
C ARG A 586 2.39 -21.13 -41.11
N SER A 587 2.63 -19.91 -40.64
CA SER A 587 1.53 -19.11 -40.15
C SER A 587 0.84 -18.38 -41.29
N ARG A 588 1.60 -17.94 -42.29
CA ARG A 588 1.00 -17.20 -43.40
C ARG A 588 0.32 -18.10 -44.40
N ALA A 589 0.60 -19.39 -44.39
CA ALA A 589 -0.21 -20.35 -45.12
C ALA A 589 -1.47 -20.71 -44.37
N GLY A 590 -1.62 -20.23 -43.14
CA GLY A 590 -2.74 -20.62 -42.32
C GLY A 590 -2.62 -22.00 -41.74
N LEU A 591 -1.41 -22.56 -41.73
CA LEU A 591 -1.17 -23.90 -41.27
C LEU A 591 -0.74 -23.96 -39.83
N ALA A 592 -0.54 -22.83 -39.17
CA ALA A 592 -0.07 -22.84 -37.80
C ALA A 592 -1.17 -23.29 -36.87
N ASP A 593 -0.80 -24.07 -35.87
CA ASP A 593 -1.67 -24.46 -34.79
C ASP A 593 -2.21 -23.21 -34.12
N PRO A 594 -3.52 -22.95 -34.16
CA PRO A 594 -4.05 -21.70 -33.64
C PRO A 594 -4.08 -21.60 -32.13
N ASN A 595 -3.70 -22.66 -31.43
CA ASN A 595 -3.70 -22.71 -29.99
C ASN A 595 -2.34 -22.51 -29.37
N ARG A 596 -1.30 -22.31 -30.16
CA ARG A 596 0.08 -22.13 -29.73
C ARG A 596 0.59 -20.88 -30.41
N PRO A 597 1.74 -20.34 -29.97
CA PRO A 597 2.40 -19.28 -30.74
C PRO A 597 2.84 -19.75 -32.12
N ILE A 598 3.24 -18.77 -32.92
CA ILE A 598 3.57 -19.01 -34.33
C ILE A 598 4.80 -19.90 -34.44
N GLY A 599 5.83 -19.55 -33.69
CA GLY A 599 6.94 -20.45 -33.48
C GLY A 599 7.42 -20.31 -32.05
N SER A 600 8.10 -21.34 -31.58
CA SER A 600 8.63 -21.33 -30.22
C SER A 600 10.01 -21.96 -30.27
N PHE A 601 11.02 -21.14 -30.38
CA PHE A 601 12.36 -21.59 -30.69
C PHE A 601 13.30 -21.47 -29.51
N LEU A 602 14.19 -22.45 -29.40
CA LEU A 602 15.32 -22.39 -28.48
C LEU A 602 16.53 -22.35 -29.39
N PHE A 603 17.22 -21.21 -29.38
CA PHE A 603 18.40 -21.00 -30.20
C PHE A 603 19.61 -21.32 -29.33
N LEU A 604 20.07 -22.56 -29.42
CA LEU A 604 21.26 -22.94 -28.70
C LEU A 604 22.47 -22.79 -29.58
N GLY A 605 23.57 -22.39 -28.99
CA GLY A 605 24.79 -22.28 -29.73
C GLY A 605 25.86 -21.51 -28.99
N PRO A 606 27.04 -21.41 -29.60
CA PRO A 606 28.14 -20.70 -28.95
C PRO A 606 27.98 -19.20 -28.92
N THR A 607 29.01 -18.50 -28.50
CA THR A 607 28.97 -17.06 -28.44
C THR A 607 29.25 -16.48 -29.81
N GLY A 608 28.54 -15.41 -30.16
CA GLY A 608 28.83 -14.65 -31.35
C GLY A 608 28.51 -15.34 -32.64
N VAL A 609 27.63 -16.34 -32.65
CA VAL A 609 27.34 -17.11 -33.85
C VAL A 609 26.10 -16.64 -34.58
N GLY A 610 25.32 -15.75 -34.01
CA GLY A 610 24.20 -15.21 -34.74
C GLY A 610 22.86 -15.60 -34.16
N LYS A 611 22.80 -15.92 -32.87
CA LYS A 611 21.55 -16.27 -32.22
C LYS A 611 20.69 -15.05 -32.01
N THR A 612 21.24 -13.99 -31.42
CA THR A 612 20.49 -12.76 -31.25
C THR A 612 20.51 -11.93 -32.53
N GLU A 613 21.43 -12.22 -33.44
CA GLU A 613 21.36 -11.55 -34.74
C GLU A 613 20.23 -12.10 -35.58
N LEU A 614 19.84 -13.35 -35.37
CA LEU A 614 18.73 -13.91 -36.14
C LEU A 614 17.40 -13.42 -35.61
N CYS A 615 17.28 -13.25 -34.31
CA CYS A 615 16.07 -12.67 -33.76
C CYS A 615 15.95 -11.20 -34.11
N LYS A 616 17.07 -10.53 -34.34
CA LYS A 616 17.06 -9.17 -34.84
C LYS A 616 16.87 -9.10 -36.34
N ALA A 617 17.36 -10.09 -37.09
CA ALA A 617 17.08 -10.14 -38.51
C ALA A 617 15.66 -10.56 -38.80
N LEU A 618 15.05 -11.33 -37.89
CA LEU A 618 13.68 -11.76 -38.09
C LEU A 618 12.69 -10.62 -37.86
N ALA A 619 12.88 -9.86 -36.78
CA ALA A 619 12.04 -8.70 -36.55
C ALA A 619 12.27 -7.63 -37.59
N ASN A 620 13.47 -7.57 -38.17
CA ASN A 620 13.72 -6.69 -39.29
C ASN A 620 13.06 -7.21 -40.56
N PHE A 621 12.82 -8.51 -40.64
CA PHE A 621 12.07 -9.01 -41.78
C PHE A 621 10.60 -8.75 -41.58
N MET A 622 10.08 -9.07 -40.41
CA MET A 622 8.65 -9.07 -40.18
C MET A 622 8.11 -7.65 -39.99
N PHE A 623 8.90 -6.78 -39.37
CA PHE A 623 8.41 -5.48 -38.97
C PHE A 623 9.22 -4.33 -39.56
N ASP A 624 10.26 -4.64 -40.32
CA ASP A 624 11.15 -3.70 -41.00
C ASP A 624 11.78 -2.69 -40.06
N SER A 625 11.87 -3.03 -38.78
CA SER A 625 12.57 -2.24 -37.79
C SER A 625 13.24 -3.21 -36.84
N ASP A 626 14.50 -2.94 -36.54
CA ASP A 626 15.30 -3.87 -35.77
C ASP A 626 14.87 -3.92 -34.32
N GLU A 627 14.43 -2.78 -33.78
CA GLU A 627 14.01 -2.66 -32.41
C GLU A 627 12.53 -2.96 -32.24
N ALA A 628 11.86 -3.36 -33.31
CA ALA A 628 10.46 -3.78 -33.28
C ALA A 628 10.33 -5.20 -32.81
N MET A 629 10.50 -5.42 -31.52
CA MET A 629 10.69 -6.72 -30.92
C MET A 629 10.39 -6.57 -29.45
N VAL A 630 9.78 -7.59 -28.84
CA VAL A 630 9.65 -7.63 -27.40
C VAL A 630 10.84 -8.44 -26.92
N ARG A 631 12.00 -7.81 -26.84
CA ARG A 631 13.17 -8.53 -26.36
C ARG A 631 13.23 -8.40 -24.86
N ILE A 632 13.07 -9.53 -24.20
CA ILE A 632 13.29 -9.63 -22.78
C ILE A 632 14.71 -10.12 -22.61
N ASP A 633 15.53 -9.35 -21.91
CA ASP A 633 16.88 -9.77 -21.58
C ASP A 633 16.77 -10.61 -20.32
N MET A 634 16.83 -11.93 -20.48
CA MET A 634 16.51 -12.83 -19.38
C MET A 634 17.63 -12.97 -18.38
N SER A 635 18.70 -12.20 -18.51
CA SER A 635 19.70 -12.17 -17.48
C SER A 635 19.38 -11.13 -16.42
N GLU A 636 18.18 -10.56 -16.44
CA GLU A 636 17.67 -9.79 -15.32
C GLU A 636 16.74 -10.60 -14.45
N PHE A 637 16.51 -11.87 -14.78
CA PHE A 637 15.55 -12.70 -14.08
C PHE A 637 16.28 -13.80 -13.35
N MET A 638 17.39 -13.46 -12.75
CA MET A 638 18.16 -14.46 -12.03
C MET A 638 17.60 -14.74 -10.66
N GLU A 639 16.69 -13.90 -10.19
CA GLU A 639 15.90 -14.15 -9.00
C GLU A 639 14.50 -14.55 -9.39
N LYS A 640 13.90 -15.44 -8.59
CA LYS A 640 12.59 -15.98 -8.93
C LYS A 640 11.51 -14.92 -8.86
N HIS A 641 11.68 -13.91 -8.03
CA HIS A 641 10.69 -12.87 -7.91
C HIS A 641 10.75 -11.85 -9.03
N SER A 642 11.71 -11.95 -9.92
CA SER A 642 11.80 -11.08 -11.08
C SER A 642 10.85 -11.49 -12.18
N VAL A 643 10.14 -12.60 -11.98
CA VAL A 643 9.14 -13.06 -12.94
C VAL A 643 7.91 -12.18 -12.94
N SER A 644 7.75 -11.32 -11.94
CA SER A 644 6.60 -10.45 -11.85
C SER A 644 6.81 -9.15 -12.56
N ARG A 645 7.79 -9.05 -13.44
CA ARG A 645 7.84 -7.92 -14.35
C ARG A 645 7.49 -8.33 -15.75
N LEU A 646 7.41 -9.63 -16.00
CA LEU A 646 6.74 -10.15 -17.16
C LEU A 646 5.23 -9.96 -17.04
N VAL A 647 4.69 -10.16 -15.84
CA VAL A 647 3.25 -10.19 -15.67
C VAL A 647 2.70 -9.09 -14.76
N GLY A 648 3.52 -8.48 -13.94
CA GLY A 648 3.07 -7.39 -13.10
C GLY A 648 2.83 -7.85 -11.67
N ALA A 649 2.59 -6.93 -10.86
CA ALA A 649 2.30 -7.20 -9.48
C ALA A 649 0.90 -7.75 -9.31
N PRO A 650 0.62 -8.51 -8.25
CA PRO A 650 -0.74 -8.93 -7.97
C PRO A 650 -1.59 -7.76 -7.49
N PRO A 651 -2.90 -7.95 -7.34
CA PRO A 651 -3.72 -6.88 -6.76
C PRO A 651 -3.31 -6.54 -5.34
N GLY A 652 -3.20 -5.25 -5.08
CA GLY A 652 -2.84 -4.78 -3.77
C GLY A 652 -1.39 -4.47 -3.58
N TYR A 653 -0.57 -4.72 -4.58
CA TYR A 653 0.87 -4.54 -4.47
C TYR A 653 1.31 -3.40 -5.38
N VAL A 654 2.55 -2.97 -5.19
CA VAL A 654 3.00 -1.73 -5.82
C VAL A 654 3.37 -2.02 -7.27
N GLY A 655 3.00 -1.13 -8.18
CA GLY A 655 3.20 -1.36 -9.58
C GLY A 655 2.20 -2.30 -10.19
N TYR A 656 1.07 -2.52 -9.53
CA TYR A 656 0.04 -3.39 -10.06
C TYR A 656 -0.66 -2.75 -11.25
N GLU A 657 -0.79 -1.43 -11.24
CA GLU A 657 -1.53 -0.74 -12.29
C GLU A 657 -0.76 -0.76 -13.59
N GLU A 658 0.56 -0.85 -13.52
CA GLU A 658 1.42 -0.77 -14.68
C GLU A 658 1.40 -2.02 -15.52
N GLY A 659 0.93 -3.14 -14.98
CA GLY A 659 0.92 -4.38 -15.69
C GLY A 659 2.32 -4.95 -15.80
N GLY A 660 2.47 -5.89 -16.73
CA GLY A 660 3.75 -6.50 -16.96
C GLY A 660 4.41 -5.93 -18.19
N TYR A 661 5.69 -6.23 -18.35
CA TYR A 661 6.36 -5.85 -19.58
C TYR A 661 5.97 -6.74 -20.74
N LEU A 662 6.03 -8.06 -20.55
CA LEU A 662 5.71 -8.99 -21.61
C LEU A 662 4.23 -8.99 -21.93
N THR A 663 3.38 -8.85 -20.92
CA THR A 663 1.96 -8.91 -21.19
C THR A 663 1.45 -7.63 -21.84
N GLU A 664 1.94 -6.46 -21.45
CA GLU A 664 1.41 -5.24 -22.04
C GLU A 664 2.01 -4.96 -23.40
N ALA A 665 3.15 -5.58 -23.72
CA ALA A 665 3.72 -5.39 -25.04
C ALA A 665 3.04 -6.25 -26.07
N VAL A 666 2.55 -7.42 -25.66
CA VAL A 666 1.87 -8.34 -26.55
C VAL A 666 0.36 -8.09 -26.53
N ARG A 667 -0.16 -7.47 -25.49
CA ARG A 667 -1.55 -7.03 -25.55
C ARG A 667 -1.71 -5.91 -26.56
N ARG A 668 -0.74 -5.00 -26.63
CA ARG A 668 -0.81 -3.92 -27.60
C ARG A 668 -0.54 -4.41 -29.00
N ARG A 669 0.63 -5.01 -29.22
CA ARG A 669 0.98 -5.56 -30.53
C ARG A 669 0.95 -7.08 -30.43
N PRO A 670 -0.12 -7.73 -30.88
CA PRO A 670 -0.24 -9.18 -30.68
C PRO A 670 0.62 -9.99 -31.60
N TYR A 671 0.96 -9.46 -32.76
CA TYR A 671 1.84 -10.10 -33.70
C TYR A 671 3.23 -9.55 -33.44
N SER A 672 4.01 -10.30 -32.68
CA SER A 672 5.28 -9.82 -32.16
C SER A 672 6.31 -10.89 -32.41
N VAL A 673 7.57 -10.50 -32.28
CA VAL A 673 8.67 -11.42 -32.02
C VAL A 673 9.01 -11.20 -30.57
N ILE A 674 9.05 -12.26 -29.79
CA ILE A 674 9.49 -12.13 -28.41
C ILE A 674 10.84 -12.81 -28.29
N LEU A 675 11.87 -12.01 -28.06
CA LEU A 675 13.19 -12.54 -27.87
C LEU A 675 13.46 -12.64 -26.39
N LEU A 676 13.82 -13.82 -25.94
CA LEU A 676 14.17 -14.05 -24.54
C LEU A 676 15.67 -14.33 -24.57
N ASP A 677 16.45 -13.26 -24.50
CA ASP A 677 17.89 -13.37 -24.62
C ASP A 677 18.50 -14.02 -23.40
N GLU A 678 19.36 -15.01 -23.63
CA GLU A 678 20.14 -15.69 -22.60
C GLU A 678 19.23 -16.28 -21.53
N VAL A 679 18.44 -17.28 -21.95
CA VAL A 679 17.49 -17.85 -21.02
C VAL A 679 18.17 -18.65 -19.93
N GLU A 680 19.30 -19.30 -20.22
CA GLU A 680 19.99 -20.07 -19.20
C GLU A 680 20.59 -19.22 -18.10
N LYS A 681 20.66 -17.91 -18.30
CA LYS A 681 21.02 -16.94 -17.27
C LYS A 681 19.80 -16.36 -16.58
N ALA A 682 18.71 -17.10 -16.52
CA ALA A 682 17.56 -16.76 -15.72
C ALA A 682 17.44 -17.77 -14.58
N HIS A 683 16.57 -17.46 -13.63
CA HIS A 683 16.25 -18.43 -12.61
C HIS A 683 15.56 -19.62 -13.27
N PRO A 684 15.89 -20.85 -12.86
CA PRO A 684 15.40 -22.03 -13.57
C PRO A 684 13.89 -22.21 -13.57
N ASP A 685 13.15 -21.46 -12.77
CA ASP A 685 11.70 -21.46 -12.84
C ASP A 685 11.17 -20.05 -13.06
N VAL A 686 11.77 -19.33 -14.01
CA VAL A 686 11.08 -18.24 -14.67
C VAL A 686 10.40 -18.80 -15.91
N PHE A 687 10.85 -19.95 -16.37
CA PHE A 687 10.31 -20.66 -17.51
C PHE A 687 9.04 -21.38 -17.20
N ASN A 688 8.70 -21.46 -15.92
CA ASN A 688 7.39 -21.91 -15.55
C ASN A 688 6.33 -20.97 -16.07
N ILE A 689 6.61 -19.67 -16.07
CA ILE A 689 5.59 -18.72 -16.48
C ILE A 689 5.44 -18.71 -17.99
N LEU A 690 6.39 -19.30 -18.70
CA LEU A 690 6.28 -19.52 -20.13
C LEU A 690 5.71 -20.87 -20.46
N LEU A 691 5.27 -21.67 -19.49
CA LEU A 691 4.69 -22.95 -19.85
C LEU A 691 3.33 -22.76 -20.50
N GLN A 692 2.61 -21.73 -20.08
CA GLN A 692 1.37 -21.37 -20.71
C GLN A 692 1.58 -20.52 -21.96
N VAL A 693 2.68 -19.78 -22.04
CA VAL A 693 2.95 -18.93 -23.19
C VAL A 693 3.28 -19.74 -24.43
N LEU A 694 3.99 -20.84 -24.28
CA LEU A 694 4.40 -21.62 -25.45
C LEU A 694 3.44 -22.75 -25.79
N ASP A 695 2.80 -23.36 -24.79
CA ASP A 695 1.91 -24.47 -25.09
C ASP A 695 0.53 -23.97 -25.49
N ASP A 696 0.09 -22.90 -24.84
CA ASP A 696 -1.28 -22.45 -24.97
C ASP A 696 -1.38 -21.05 -25.53
N GLY A 697 -0.29 -20.30 -25.57
CA GLY A 697 -0.36 -18.95 -26.09
C GLY A 697 -1.13 -18.03 -25.20
N ARG A 698 -1.04 -18.20 -23.89
CA ARG A 698 -1.75 -17.31 -23.00
C ARG A 698 -0.83 -16.95 -21.85
N LEU A 699 -1.09 -15.81 -21.23
CA LEU A 699 -0.38 -15.36 -20.06
C LEU A 699 -1.23 -14.29 -19.42
N THR A 700 -1.44 -14.41 -18.12
CA THR A 700 -2.33 -13.52 -17.39
C THR A 700 -1.51 -12.52 -16.59
N ASP A 701 -1.94 -11.27 -16.61
CA ASP A 701 -1.35 -10.23 -15.78
C ASP A 701 -1.65 -10.46 -14.32
N GLY A 702 -1.09 -9.60 -13.45
CA GLY A 702 -1.67 -9.49 -12.13
C GLY A 702 -3.07 -8.95 -12.15
N GLN A 703 -3.40 -8.12 -13.16
CA GLN A 703 -4.72 -7.53 -13.27
C GLN A 703 -5.74 -8.48 -13.86
N GLY A 704 -5.36 -9.73 -14.13
CA GLY A 704 -6.31 -10.72 -14.55
C GLY A 704 -6.58 -10.74 -16.04
N ARG A 705 -5.82 -9.96 -16.81
CA ARG A 705 -6.00 -9.87 -18.25
C ARG A 705 -5.21 -10.99 -18.89
N THR A 706 -5.89 -11.92 -19.53
CA THR A 706 -5.19 -12.95 -20.27
C THR A 706 -4.80 -12.41 -21.64
N VAL A 707 -3.51 -12.35 -21.89
CA VAL A 707 -2.95 -11.86 -23.14
C VAL A 707 -2.73 -13.07 -24.03
N ASP A 708 -3.11 -12.96 -25.29
CA ASP A 708 -2.91 -14.09 -26.21
C ASP A 708 -1.57 -13.97 -26.89
N PHE A 709 -0.80 -15.04 -26.82
CA PHE A 709 0.52 -15.13 -27.39
C PHE A 709 0.55 -15.99 -28.62
N ARG A 710 -0.61 -16.33 -29.16
CA ARG A 710 -0.72 -17.29 -30.25
C ARG A 710 -0.32 -16.73 -31.59
N ASN A 711 0.05 -15.47 -31.66
CA ASN A 711 0.50 -14.87 -32.91
C ASN A 711 1.90 -14.30 -32.76
N THR A 712 2.59 -14.68 -31.71
CA THR A 712 3.96 -14.28 -31.46
C THR A 712 4.90 -15.39 -31.89
N VAL A 713 6.12 -15.00 -32.19
CA VAL A 713 7.24 -15.91 -32.33
C VAL A 713 8.05 -15.74 -31.07
N VAL A 714 8.08 -16.75 -30.21
CA VAL A 714 8.83 -16.67 -28.97
C VAL A 714 10.19 -17.33 -29.22
N ILE A 715 11.23 -16.55 -29.32
CA ILE A 715 12.56 -17.08 -29.52
C ILE A 715 13.33 -16.97 -28.21
N MET A 716 14.08 -18.00 -27.90
CA MET A 716 14.81 -18.11 -26.64
C MET A 716 16.24 -18.48 -26.99
N THR A 717 17.11 -17.49 -27.08
CA THR A 717 18.49 -17.78 -27.37
C THR A 717 19.23 -18.17 -26.11
N SER A 718 20.14 -19.12 -26.23
CA SER A 718 20.87 -19.60 -25.06
C SER A 718 22.24 -20.09 -25.50
N ASN A 719 23.12 -20.27 -24.53
CA ASN A 719 24.50 -20.70 -24.78
C ASN A 719 24.73 -22.08 -24.20
N LEU A 720 23.67 -22.88 -24.12
CA LEU A 720 23.78 -24.19 -23.52
C LEU A 720 24.41 -25.12 -24.54
N GLY A 721 25.33 -25.95 -24.08
CA GLY A 721 26.04 -26.82 -25.00
C GLY A 721 27.02 -26.10 -25.89
N SER A 722 27.42 -24.87 -25.54
CA SER A 722 28.36 -24.12 -26.36
C SER A 722 29.74 -24.75 -26.34
N ASP A 723 30.12 -25.33 -25.21
CA ASP A 723 31.37 -26.07 -25.14
C ASP A 723 31.26 -27.41 -25.83
N LEU A 724 30.04 -27.87 -26.03
CA LEU A 724 29.75 -29.14 -26.68
C LEU A 724 29.58 -28.99 -28.18
N ILE A 725 29.02 -27.86 -28.64
CA ILE A 725 28.92 -27.56 -30.06
C ILE A 725 30.26 -27.18 -30.66
N GLN A 726 31.04 -26.35 -29.97
CA GLN A 726 32.38 -26.01 -30.43
C GLN A 726 33.33 -27.18 -30.48
N GLU A 727 33.11 -28.20 -29.66
CA GLU A 727 33.94 -29.39 -29.63
C GLU A 727 33.52 -30.43 -30.67
N ARG A 728 32.23 -30.59 -30.93
CA ARG A 728 31.74 -31.73 -31.68
C ARG A 728 30.96 -31.41 -32.95
N PHE A 729 30.90 -30.15 -33.39
CA PHE A 729 30.13 -29.88 -34.61
C PHE A 729 30.86 -30.38 -35.85
N GLY A 730 32.18 -30.40 -35.82
CA GLY A 730 32.89 -30.99 -36.93
C GLY A 730 32.80 -32.49 -37.00
N GLU A 731 32.58 -33.14 -35.86
CA GLU A 731 32.53 -34.59 -35.83
C GLU A 731 31.16 -35.13 -36.16
N LEU A 732 30.11 -34.43 -35.76
CA LEU A 732 28.74 -34.93 -35.92
C LEU A 732 27.97 -34.11 -36.94
N ASP A 733 26.94 -34.72 -37.52
CA ASP A 733 26.00 -33.98 -38.36
C ASP A 733 25.03 -33.24 -37.45
N TYR A 734 24.15 -32.42 -38.05
CA TYR A 734 23.21 -31.64 -37.28
C TYR A 734 22.18 -32.48 -36.56
N ALA A 735 21.86 -33.67 -37.08
CA ALA A 735 20.90 -34.54 -36.42
C ALA A 735 21.48 -35.10 -35.13
N HIS A 736 22.78 -35.33 -35.09
CA HIS A 736 23.44 -35.87 -33.91
C HIS A 736 23.96 -34.80 -32.98
N MET A 737 24.24 -33.60 -33.46
CA MET A 737 24.61 -32.48 -32.60
C MET A 737 23.39 -31.92 -31.86
N LYS A 738 22.20 -32.32 -32.26
CA LYS A 738 20.96 -31.90 -31.61
C LYS A 738 20.53 -32.87 -30.51
N GLU A 739 21.04 -34.10 -30.59
CA GLU A 739 20.74 -35.13 -29.61
C GLU A 739 22.05 -35.66 -29.05
N LEU A 740 22.58 -36.70 -29.68
CA LEU A 740 23.86 -37.34 -29.29
C LEU A 740 24.05 -37.57 -27.78
N VAL A 741 23.02 -38.10 -27.13
CA VAL A 741 23.05 -38.40 -25.71
C VAL A 741 22.19 -39.62 -25.45
N LEU A 742 22.79 -40.73 -25.03
CA LEU A 742 22.01 -41.93 -24.79
C LEU A 742 21.64 -42.03 -23.31
N GLY A 743 22.64 -41.93 -22.44
CA GLY A 743 22.46 -42.05 -21.01
C GLY A 743 23.07 -40.95 -20.16
N VAL A 744 23.61 -39.89 -20.78
CA VAL A 744 24.29 -38.82 -20.05
C VAL A 744 23.21 -37.99 -19.38
N VAL A 745 23.53 -37.42 -18.21
CA VAL A 745 22.55 -36.93 -17.24
C VAL A 745 21.76 -35.73 -17.75
N SER A 746 22.35 -34.89 -18.59
CA SER A 746 21.68 -33.64 -18.94
C SER A 746 22.20 -33.11 -20.27
N HIS A 747 21.45 -33.34 -21.35
CA HIS A 747 21.56 -32.53 -22.56
C HIS A 747 21.00 -31.15 -22.28
N ASN A 748 19.70 -31.09 -21.98
CA ASN A 748 19.07 -29.96 -21.30
C ASN A 748 18.35 -30.51 -20.09
N PHE A 749 18.59 -29.88 -18.94
CA PHE A 749 18.07 -30.20 -17.64
C PHE A 749 16.59 -29.84 -17.45
N ARG A 750 16.05 -28.93 -18.27
CA ARG A 750 14.68 -28.46 -18.13
C ARG A 750 13.73 -29.59 -18.49
N PRO A 751 12.66 -29.81 -17.73
CA PRO A 751 12.01 -31.13 -17.78
C PRO A 751 10.92 -31.35 -18.83
N GLU A 752 10.08 -30.33 -18.98
CA GLU A 752 8.83 -30.38 -19.74
C GLU A 752 8.53 -29.02 -20.36
N PHE A 753 9.42 -28.06 -20.15
CA PHE A 753 9.61 -26.87 -20.94
C PHE A 753 10.18 -27.19 -22.30
N ILE A 754 10.96 -28.26 -22.40
CA ILE A 754 11.65 -28.60 -23.63
C ILE A 754 10.73 -29.25 -24.64
N ASN A 755 9.65 -29.90 -24.22
CA ASN A 755 8.80 -30.44 -25.28
C ASN A 755 7.69 -29.50 -25.67
N ARG A 756 7.60 -28.33 -25.06
CA ARG A 756 6.66 -27.36 -25.61
C ARG A 756 7.33 -26.23 -26.37
N ILE A 757 8.65 -26.25 -26.53
CA ILE A 757 9.28 -25.44 -27.56
C ILE A 757 9.29 -26.23 -28.84
N ASP A 758 8.71 -25.66 -29.89
CA ASP A 758 8.35 -26.46 -31.04
C ASP A 758 9.50 -26.74 -31.97
N GLU A 759 10.65 -26.09 -31.79
CA GLU A 759 11.79 -26.37 -32.65
C GLU A 759 13.04 -25.83 -31.99
N VAL A 760 13.94 -26.73 -31.61
CA VAL A 760 15.20 -26.40 -30.96
C VAL A 760 16.29 -26.37 -32.01
N VAL A 761 17.03 -25.26 -32.08
CA VAL A 761 18.08 -25.11 -33.08
C VAL A 761 19.43 -25.08 -32.39
N VAL A 762 20.34 -25.90 -32.88
CA VAL A 762 21.75 -25.79 -32.53
C VAL A 762 22.41 -24.86 -33.54
N PHE A 763 23.01 -23.80 -33.06
CA PHE A 763 23.74 -22.88 -33.91
C PHE A 763 25.18 -23.35 -34.06
N HIS A 764 25.73 -23.14 -35.21
CA HIS A 764 27.05 -23.75 -35.33
C HIS A 764 28.14 -22.71 -35.14
N PRO A 765 29.38 -23.10 -34.79
CA PRO A 765 30.44 -22.11 -34.70
C PRO A 765 30.85 -21.61 -36.07
N LEU A 766 31.17 -20.33 -36.13
CA LEU A 766 31.43 -19.71 -37.42
C LEU A 766 32.85 -20.02 -37.87
N GLY A 767 32.97 -20.53 -39.09
CA GLY A 767 34.26 -20.77 -39.69
C GLY A 767 34.83 -19.50 -40.29
N GLU A 768 35.93 -19.67 -41.03
CA GLU A 768 36.54 -18.50 -41.64
C GLU A 768 35.79 -18.05 -42.88
N GLN A 769 35.08 -18.97 -43.54
CA GLN A 769 34.32 -18.60 -44.73
C GLN A 769 33.03 -17.89 -44.36
N HIS A 770 32.55 -18.08 -43.14
CA HIS A 770 31.43 -17.30 -42.65
C HIS A 770 31.91 -15.95 -42.18
N ILE A 771 33.04 -15.91 -41.48
CA ILE A 771 33.53 -14.67 -40.93
C ILE A 771 34.12 -13.78 -42.01
N ALA A 772 34.43 -14.33 -43.19
CA ALA A 772 34.73 -13.52 -44.35
C ALA A 772 33.50 -12.79 -44.87
N SER A 773 32.32 -13.35 -44.68
CA SER A 773 31.08 -12.72 -45.09
C SER A 773 30.51 -11.78 -44.04
N ILE A 774 30.79 -12.04 -42.75
CA ILE A 774 30.44 -11.09 -41.71
C ILE A 774 31.40 -9.91 -41.73
N ALA A 775 32.59 -10.10 -42.30
CA ALA A 775 33.48 -8.97 -42.51
C ALA A 775 32.90 -7.97 -43.48
N GLN A 776 32.13 -8.43 -44.45
CA GLN A 776 31.55 -7.51 -45.43
C GLN A 776 30.25 -6.91 -44.93
N ILE A 777 29.51 -7.65 -44.11
CA ILE A 777 28.31 -7.12 -43.46
C ILE A 777 28.68 -6.01 -42.50
N GLN A 778 29.71 -6.23 -41.69
CA GLN A 778 30.07 -5.25 -40.68
C GLN A 778 30.84 -4.08 -41.27
N LEU A 779 31.35 -4.22 -42.48
CA LEU A 779 31.99 -3.10 -43.16
C LEU A 779 30.99 -2.26 -43.93
N LYS A 780 29.92 -2.87 -44.44
CA LYS A 780 28.86 -2.08 -45.05
C LYS A 780 28.12 -1.27 -44.00
N ARG A 781 28.09 -1.75 -42.76
CA ARG A 781 27.61 -0.92 -41.66
C ARG A 781 28.55 0.24 -41.41
N LEU A 782 29.84 0.04 -41.66
CA LEU A 782 30.81 1.11 -41.47
C LEU A 782 30.78 2.09 -42.63
N TYR A 783 30.50 1.61 -43.84
CA TYR A 783 30.43 2.51 -44.99
C TYR A 783 29.26 3.46 -44.87
N LYS A 784 28.14 2.98 -44.33
CA LYS A 784 26.99 3.85 -44.12
C LYS A 784 27.25 4.82 -42.98
N ARG A 785 28.08 4.47 -42.00
CA ARG A 785 28.45 5.40 -40.95
C ARG A 785 29.31 6.54 -41.46
N LEU A 786 29.97 6.35 -42.59
CA LEU A 786 30.90 7.33 -43.14
C LEU A 786 30.30 8.11 -44.29
N GLU A 787 29.42 7.49 -45.06
CA GLU A 787 28.67 8.27 -46.04
C GLU A 787 27.64 9.20 -45.41
N GLU A 788 27.26 8.95 -44.16
CA GLU A 788 26.55 9.95 -43.37
C GLU A 788 27.46 11.10 -42.95
N ARG A 789 28.78 10.94 -43.02
CA ARG A 789 29.71 12.02 -42.74
C ARG A 789 30.39 12.54 -43.99
N GLY A 790 30.05 12.03 -45.17
CA GLY A 790 30.62 12.51 -46.41
C GLY A 790 31.85 11.77 -46.90
N TYR A 791 32.33 10.77 -46.18
CA TYR A 791 33.51 10.03 -46.56
C TYR A 791 33.12 8.81 -47.36
N GLU A 792 33.96 8.46 -48.35
CA GLU A 792 33.68 7.33 -49.20
C GLU A 792 34.83 6.35 -49.06
N ILE A 793 34.53 5.15 -48.57
CA ILE A 793 35.54 4.21 -48.13
C ILE A 793 35.67 3.10 -49.15
N HIS A 794 36.92 2.73 -49.42
CA HIS A 794 37.24 1.59 -50.26
C HIS A 794 38.09 0.62 -49.44
N ILE A 795 37.64 -0.63 -49.36
CA ILE A 795 38.48 -1.69 -48.82
C ILE A 795 39.17 -2.35 -49.99
N SER A 796 40.36 -2.87 -49.75
CA SER A 796 41.01 -3.73 -50.72
C SER A 796 40.62 -5.17 -50.42
N ASP A 797 40.92 -6.06 -51.37
CA ASP A 797 40.64 -7.46 -51.10
C ASP A 797 41.72 -8.09 -50.23
N GLU A 798 42.81 -7.37 -49.97
CA GLU A 798 43.82 -7.81 -49.04
C GLU A 798 43.60 -7.29 -47.63
N ALA A 799 43.00 -6.11 -47.47
CA ALA A 799 42.64 -5.63 -46.14
C ALA A 799 41.35 -6.28 -45.67
N LEU A 800 40.49 -6.67 -46.60
CA LEU A 800 39.38 -7.53 -46.26
C LEU A 800 39.87 -8.91 -45.83
N LYS A 801 40.89 -9.43 -46.51
CA LYS A 801 41.45 -10.72 -46.13
C LYS A 801 42.24 -10.60 -44.83
N LEU A 802 42.80 -9.42 -44.54
CA LEU A 802 43.56 -9.26 -43.30
C LEU A 802 42.63 -9.13 -42.10
N LEU A 803 41.43 -8.57 -42.29
CA LEU A 803 40.44 -8.60 -41.22
C LEU A 803 39.96 -10.01 -40.96
N SER A 804 39.68 -10.77 -42.02
CA SER A 804 39.22 -12.13 -41.88
C SER A 804 40.33 -13.09 -41.46
N GLU A 805 41.57 -12.62 -41.39
CA GLU A 805 42.67 -13.37 -40.83
C GLU A 805 42.81 -13.17 -39.32
N ASN A 806 42.77 -11.92 -38.84
CA ASN A 806 42.87 -11.67 -37.43
C ASN A 806 41.58 -11.20 -36.78
N GLY A 807 40.44 -11.39 -37.42
CA GLY A 807 39.17 -11.24 -36.75
C GLY A 807 38.50 -12.58 -36.58
N TYR A 808 39.24 -13.65 -36.82
CA TYR A 808 38.72 -15.01 -36.73
C TYR A 808 39.29 -15.68 -35.49
N ASP A 809 38.49 -15.70 -34.43
CA ASP A 809 38.70 -16.56 -33.29
C ASP A 809 37.54 -17.55 -33.27
N PRO A 810 37.79 -18.85 -33.12
CA PRO A 810 36.69 -19.81 -33.26
C PRO A 810 35.77 -19.85 -32.06
N VAL A 811 36.29 -19.67 -30.86
CA VAL A 811 35.48 -19.82 -29.65
C VAL A 811 34.70 -18.56 -29.30
N TYR A 812 34.95 -17.45 -29.99
CA TYR A 812 34.26 -16.21 -29.67
C TYR A 812 33.36 -15.73 -30.80
N GLY A 813 33.18 -16.53 -31.85
CA GLY A 813 32.22 -16.19 -32.86
C GLY A 813 32.70 -15.08 -33.76
N ALA A 814 31.82 -14.09 -33.97
CA ALA A 814 32.08 -13.00 -34.89
C ALA A 814 32.21 -11.66 -34.21
N ARG A 815 32.26 -11.62 -32.89
CA ARG A 815 32.62 -10.39 -32.22
C ARG A 815 34.11 -10.04 -32.24
N PRO A 816 35.07 -10.99 -32.23
CA PRO A 816 36.45 -10.59 -32.48
C PRO A 816 36.70 -10.01 -33.86
N LEU A 817 35.82 -10.24 -34.81
CA LEU A 817 35.93 -9.52 -36.07
C LEU A 817 35.43 -8.09 -35.93
N LYS A 818 34.34 -7.89 -35.19
CA LYS A 818 33.86 -6.54 -34.94
C LYS A 818 34.82 -5.76 -34.06
N ARG A 819 35.62 -6.46 -33.25
CA ARG A 819 36.72 -5.81 -32.58
C ARG A 819 37.89 -5.57 -33.52
N ALA A 820 38.13 -6.50 -34.44
CA ALA A 820 39.19 -6.28 -35.42
C ALA A 820 38.83 -5.21 -36.42
N ILE A 821 37.55 -4.91 -36.60
CA ILE A 821 37.19 -3.80 -37.46
C ILE A 821 37.33 -2.48 -36.71
N GLN A 822 36.91 -2.42 -35.45
CA GLN A 822 37.02 -1.17 -34.73
C GLN A 822 38.44 -0.89 -34.29
N GLN A 823 39.30 -1.91 -34.24
CA GLN A 823 40.68 -1.68 -33.86
C GLN A 823 41.61 -1.44 -35.04
N GLN A 824 41.40 -2.13 -36.14
CA GLN A 824 42.33 -2.03 -37.25
C GLN A 824 41.81 -1.13 -38.36
N ILE A 825 40.53 -0.81 -38.36
CA ILE A 825 40.02 0.13 -39.34
C ILE A 825 39.56 1.42 -38.65
N GLU A 826 38.60 1.31 -37.73
CA GLU A 826 37.98 2.51 -37.18
C GLU A 826 38.89 3.24 -36.21
N ASN A 827 39.92 2.59 -35.67
CA ASN A 827 40.80 3.31 -34.77
C ASN A 827 41.79 4.22 -35.48
N PRO A 828 42.46 3.86 -36.62
CA PRO A 828 43.20 4.89 -37.34
C PRO A 828 42.31 5.83 -38.11
N LEU A 829 41.13 5.37 -38.51
CA LEU A 829 40.22 6.20 -39.31
C LEU A 829 39.63 7.33 -38.49
N ALA A 830 39.35 7.08 -37.21
CA ALA A 830 38.86 8.15 -36.36
C ALA A 830 39.96 9.11 -35.98
N GLN A 831 41.20 8.65 -35.94
CA GLN A 831 42.30 9.54 -35.64
C GLN A 831 42.66 10.39 -36.85
N GLN A 832 42.37 9.88 -38.05
CA GLN A 832 42.70 10.62 -39.26
C GLN A 832 41.54 11.46 -39.77
N ILE A 833 40.32 11.18 -39.29
CA ILE A 833 39.21 12.08 -39.55
C ILE A 833 39.34 13.33 -38.69
N LEU A 834 39.69 13.15 -37.42
CA LEU A 834 39.85 14.28 -36.52
C LEU A 834 41.10 15.11 -36.82
N SER A 835 42.17 14.49 -37.30
CA SER A 835 43.37 15.25 -37.60
C SER A 835 43.30 15.94 -38.96
N GLY A 836 42.28 15.65 -39.76
CA GLY A 836 42.20 16.26 -41.07
C GLY A 836 43.10 15.64 -42.11
N GLU A 837 43.70 14.49 -41.83
CA GLU A 837 44.48 13.81 -42.86
C GLU A 837 43.59 13.16 -43.89
N LEU A 838 42.33 12.91 -43.56
CA LEU A 838 41.36 12.31 -44.47
C LEU A 838 40.18 13.27 -44.58
N VAL A 839 40.16 14.07 -45.63
CA VAL A 839 39.05 15.00 -45.85
C VAL A 839 37.97 14.30 -46.68
N PRO A 840 36.70 14.69 -46.59
CA PRO A 840 35.68 14.10 -47.45
C PRO A 840 35.82 14.56 -48.89
N GLY A 841 35.08 13.91 -49.76
CA GLY A 841 35.20 14.13 -51.19
C GLY A 841 36.15 13.16 -51.85
N LYS A 842 37.36 13.03 -51.31
CA LYS A 842 38.29 12.04 -51.82
C LYS A 842 37.97 10.67 -51.26
N VAL A 843 38.20 9.65 -52.07
CA VAL A 843 37.97 8.27 -51.65
C VAL A 843 39.09 7.84 -50.69
N ILE A 844 38.70 7.35 -49.53
CA ILE A 844 39.62 6.76 -48.58
C ILE A 844 39.77 5.28 -48.91
N ARG A 845 41.00 4.84 -49.10
CA ARG A 845 41.24 3.48 -49.54
C ARG A 845 41.99 2.74 -48.45
N LEU A 846 41.43 1.63 -47.98
CA LEU A 846 42.06 0.84 -46.94
C LEU A 846 42.81 -0.32 -47.57
N GLU A 847 44.12 -0.20 -47.68
CA GLU A 847 44.93 -1.26 -48.24
C GLU A 847 46.06 -1.58 -47.25
N VAL A 848 46.71 -2.71 -47.46
CA VAL A 848 47.79 -3.21 -46.61
C VAL A 848 49.11 -2.76 -47.20
N ASN A 849 49.88 -1.98 -46.43
CA ASN A 849 51.20 -1.55 -46.89
C ASN A 849 52.34 -2.29 -46.22
N GLU A 850 52.37 -2.31 -44.89
CA GLU A 850 53.02 -3.37 -44.13
C GLU A 850 51.82 -4.03 -43.47
N ASP A 851 52.05 -5.08 -42.68
CA ASP A 851 50.95 -5.96 -42.24
C ASP A 851 50.06 -5.26 -41.21
N ARG A 852 49.30 -4.29 -41.73
CA ARG A 852 48.47 -3.38 -40.97
C ARG A 852 47.56 -2.70 -42.00
N ILE A 853 46.39 -2.27 -41.57
CA ILE A 853 45.42 -1.67 -42.47
C ILE A 853 45.50 -0.16 -42.27
N VAL A 854 46.07 0.54 -43.26
CA VAL A 854 46.18 1.98 -43.22
C VAL A 854 45.10 2.57 -44.11
N ALA A 855 44.82 3.85 -43.90
CA ALA A 855 43.84 4.57 -44.69
C ALA A 855 44.56 5.66 -45.48
N VAL A 856 44.60 5.49 -46.81
CA VAL A 856 45.28 6.45 -47.66
C VAL A 856 44.26 7.12 -48.57
N GLN A 857 44.55 8.35 -48.96
CA GLN A 857 43.73 9.08 -49.93
C GLN A 857 44.49 9.29 -51.23
N LEU B 161 -14.37 52.81 12.92
CA LEU B 161 -13.32 53.02 13.92
C LEU B 161 -13.40 51.95 15.00
N LYS B 162 -13.90 50.77 14.64
CA LYS B 162 -14.15 49.72 15.61
C LYS B 162 -13.22 48.52 15.43
N LYS B 163 -13.10 48.01 14.20
CA LYS B 163 -12.50 46.69 13.99
C LYS B 163 -10.98 46.74 13.99
N TYR B 164 -10.39 47.47 13.03
CA TYR B 164 -8.97 47.37 12.76
C TYR B 164 -8.16 48.42 13.51
N THR B 165 -8.61 48.81 14.70
CA THR B 165 -7.82 49.70 15.55
C THR B 165 -7.73 49.14 16.96
N ILE B 166 -6.53 48.72 17.34
CA ILE B 166 -6.22 48.29 18.70
C ILE B 166 -5.09 49.17 19.22
N ASP B 167 -5.35 49.85 20.34
CA ASP B 167 -4.40 50.80 20.91
C ASP B 167 -3.75 50.14 22.11
N LEU B 168 -2.41 50.03 22.09
CA LEU B 168 -1.68 49.33 23.14
C LEU B 168 -1.23 50.26 24.27
N THR B 169 -1.72 51.49 24.31
CA THR B 169 -1.52 52.35 25.48
C THR B 169 -2.49 51.99 26.60
N GLU B 170 -3.61 51.34 26.25
CA GLU B 170 -4.67 50.96 27.17
C GLU B 170 -4.26 49.84 28.13
N ARG B 171 -3.19 49.09 27.80
CA ARG B 171 -2.89 47.85 28.52
C ARG B 171 -2.40 48.12 29.94
N ALA B 172 -1.92 49.33 30.21
CA ALA B 172 -1.59 49.75 31.57
C ALA B 172 -2.70 50.57 32.20
N GLU B 173 -3.67 51.02 31.42
CA GLU B 173 -4.80 51.76 31.97
C GLU B 173 -5.82 50.86 32.64
N GLN B 174 -5.99 49.65 32.15
CA GLN B 174 -6.99 48.72 32.64
C GLN B 174 -6.38 47.53 33.37
N GLY B 175 -5.09 47.29 33.18
CA GLY B 175 -4.45 46.15 33.80
C GLY B 175 -4.75 44.86 33.06
N LYS B 176 -5.04 44.96 31.75
CA LYS B 176 -5.30 43.79 30.92
C LYS B 176 -3.95 43.23 30.49
N LEU B 177 -3.33 42.48 31.40
CA LEU B 177 -2.09 41.80 31.10
C LEU B 177 -1.99 40.56 31.99
N ASP B 178 -1.72 39.42 31.37
CA ASP B 178 -1.38 38.24 32.14
C ASP B 178 0.09 37.96 31.93
N PRO B 179 0.96 38.22 32.91
CA PRO B 179 2.40 38.22 32.65
C PRO B 179 2.94 36.81 32.46
N VAL B 180 3.84 36.68 31.49
CA VAL B 180 4.51 35.43 31.24
C VAL B 180 5.74 35.34 32.14
N ILE B 181 5.91 34.21 32.80
CA ILE B 181 7.04 33.96 33.68
C ILE B 181 7.60 32.59 33.36
N GLY B 182 8.89 32.52 33.06
CA GLY B 182 9.55 31.26 32.82
C GLY B 182 10.15 31.14 31.43
N ARG B 183 9.43 31.63 30.43
CA ARG B 183 9.84 31.54 29.04
C ARG B 183 10.57 32.82 28.64
N ASP B 184 11.90 32.75 28.58
CA ASP B 184 12.65 33.82 27.95
C ASP B 184 13.65 33.34 26.91
N GLU B 185 14.28 32.19 27.09
CA GLU B 185 15.10 31.59 26.05
C GLU B 185 14.29 30.84 25.01
N GLU B 186 12.97 30.75 25.19
CA GLU B 186 12.08 30.23 24.17
C GLU B 186 11.13 31.28 23.61
N ILE B 187 11.22 32.53 24.07
CA ILE B 187 10.47 33.62 23.43
C ILE B 187 11.39 34.58 22.69
N ARG B 188 12.62 34.79 23.15
CA ARG B 188 13.61 35.56 22.41
C ARG B 188 14.04 34.83 21.15
N ARG B 189 13.88 33.51 21.12
CA ARG B 189 13.93 32.71 19.90
C ARG B 189 12.88 33.13 18.88
N THR B 190 11.65 33.42 19.31
CA THR B 190 10.62 33.90 18.41
C THR B 190 10.73 35.39 18.14
N ILE B 191 11.73 36.06 18.70
CA ILE B 191 12.14 37.36 18.21
C ILE B 191 13.37 37.25 17.32
N GLN B 192 14.18 36.20 17.46
CA GLN B 192 15.21 35.92 16.47
C GLN B 192 14.61 35.53 15.14
N VAL B 193 13.65 34.60 15.15
CA VAL B 193 12.96 34.17 13.94
C VAL B 193 12.20 35.31 13.29
N LEU B 194 11.53 36.13 14.08
CA LEU B 194 10.71 37.21 13.56
C LEU B 194 11.51 38.37 12.98
N GLN B 195 12.74 38.59 13.43
CA GLN B 195 13.51 39.75 12.98
C GLN B 195 14.19 39.56 11.63
N ARG B 196 14.07 38.38 11.02
CA ARG B 196 14.71 38.10 9.74
C ARG B 196 13.86 38.67 8.60
N ARG B 197 14.24 38.36 7.36
CA ARG B 197 13.37 38.59 6.22
C ARG B 197 13.16 37.34 5.37
N THR B 198 14.08 36.38 5.43
CA THR B 198 13.82 35.03 4.96
C THR B 198 13.32 34.23 6.16
N LYS B 199 12.12 33.65 6.02
CA LYS B 199 11.52 32.74 6.99
C LYS B 199 11.27 33.46 8.32
N ASN B 200 10.68 34.64 8.23
CA ASN B 200 10.44 35.50 9.39
C ASN B 200 9.02 35.38 9.92
N ASN B 201 8.58 34.15 10.14
CA ASN B 201 7.25 33.90 10.69
C ASN B 201 7.37 32.78 11.72
N PRO B 202 7.44 33.12 13.01
CA PRO B 202 7.48 32.06 14.03
C PRO B 202 6.09 31.48 14.25
N VAL B 203 5.98 30.17 14.05
CA VAL B 203 4.77 29.45 14.44
C VAL B 203 5.09 28.74 15.75
N LEU B 204 4.34 29.07 16.79
CA LEU B 204 4.60 28.54 18.13
C LEU B 204 3.96 27.17 18.28
N ILE B 205 4.76 26.16 18.60
CA ILE B 205 4.34 24.77 18.50
C ILE B 205 4.54 24.07 19.84
N GLY B 206 3.44 23.54 20.41
CA GLY B 206 3.54 22.69 21.58
C GLY B 206 2.44 22.84 22.61
N GLU B 207 2.83 22.86 23.87
CA GLU B 207 1.98 22.98 25.05
C GLU B 207 1.80 24.48 25.29
N PRO B 208 0.81 24.97 26.05
CA PRO B 208 0.47 26.40 25.97
C PRO B 208 1.44 27.29 26.76
N GLY B 209 1.05 28.56 26.85
CA GLY B 209 1.75 29.51 27.70
C GLY B 209 2.17 30.80 27.05
N VAL B 210 2.65 30.72 25.81
CA VAL B 210 3.06 31.91 25.07
C VAL B 210 1.85 32.49 24.35
N GLY B 211 1.56 31.94 23.17
CA GLY B 211 0.42 32.37 22.37
C GLY B 211 0.27 33.87 22.21
N LYS B 212 1.22 34.48 21.51
CA LYS B 212 1.24 35.92 21.24
C LYS B 212 0.84 36.82 22.42
N THR B 213 1.44 36.57 23.57
CA THR B 213 1.18 37.33 24.78
C THR B 213 2.49 37.67 25.46
N ALA B 214 3.52 36.91 25.10
CA ALA B 214 4.86 37.10 25.65
C ALA B 214 5.66 38.15 24.90
N ILE B 215 5.45 38.29 23.58
CA ILE B 215 6.22 39.29 22.83
C ILE B 215 5.53 40.64 22.86
N VAL B 216 4.25 40.69 23.23
CA VAL B 216 3.54 41.97 23.20
C VAL B 216 3.56 42.64 24.56
N GLU B 217 3.58 41.88 25.66
CA GLU B 217 3.68 42.50 26.98
C GLU B 217 5.14 42.68 27.35
N GLY B 218 6.03 41.87 26.79
CA GLY B 218 7.46 42.00 26.97
C GLY B 218 8.08 42.95 25.98
N LEU B 219 7.30 43.94 25.56
CA LEU B 219 7.69 44.96 24.60
C LEU B 219 7.52 46.39 25.11
N ALA B 220 6.49 46.67 25.92
CA ALA B 220 6.30 48.01 26.44
C ALA B 220 7.10 48.24 27.71
N GLN B 221 7.64 47.17 28.30
CA GLN B 221 8.37 47.28 29.55
C GLN B 221 9.73 47.94 29.40
N ARG B 222 10.29 47.97 28.20
CA ARG B 222 11.64 48.49 27.98
C ARG B 222 11.67 49.87 27.32
N ILE B 223 10.52 50.51 27.14
CA ILE B 223 10.43 51.79 26.43
C ILE B 223 9.87 52.89 27.31
N ILE B 224 8.84 52.57 28.10
CA ILE B 224 8.12 53.61 28.85
C ILE B 224 8.79 53.91 30.19
N ASN B 225 9.52 52.96 30.77
CA ASN B 225 10.22 53.19 32.04
C ASN B 225 11.44 54.08 31.86
N GLY B 226 12.27 53.83 30.85
CA GLY B 226 13.27 54.80 30.47
C GLY B 226 14.69 54.55 30.97
N GLU B 227 15.24 53.37 30.68
CA GLU B 227 16.68 53.18 30.87
C GLU B 227 17.44 53.46 29.58
N VAL B 228 16.84 53.13 28.43
CA VAL B 228 17.44 53.38 27.12
C VAL B 228 16.88 54.70 26.60
N PRO B 229 17.67 55.53 25.89
CA PRO B 229 17.13 56.77 25.32
C PRO B 229 16.14 56.55 24.18
N GLU B 230 15.63 57.65 23.62
CA GLU B 230 14.61 57.57 22.58
C GLU B 230 15.21 57.36 21.18
N GLY B 231 16.51 57.57 21.02
CA GLY B 231 17.18 57.30 19.74
C GLY B 231 17.29 55.85 19.36
N LEU B 232 16.95 54.93 20.26
CA LEU B 232 16.99 53.50 19.97
C LEU B 232 15.59 52.87 20.05
N LYS B 233 14.72 53.37 20.93
CA LYS B 233 13.40 52.77 21.07
C LYS B 233 12.51 53.28 19.94
N GLY B 234 11.44 52.54 19.65
CA GLY B 234 10.65 52.81 18.47
C GLY B 234 10.15 51.56 17.79
N ARG B 235 10.43 50.38 18.38
CA ARG B 235 9.96 49.11 17.85
C ARG B 235 8.52 48.83 18.28
N ARG B 236 7.64 49.79 17.99
CA ARG B 236 6.27 49.75 18.46
C ARG B 236 5.39 49.08 17.41
N VAL B 237 5.02 47.84 17.69
CA VAL B 237 4.32 46.97 16.76
C VAL B 237 2.94 46.76 17.40
N LEU B 238 2.05 46.00 16.76
CA LEU B 238 0.68 45.85 17.20
C LEU B 238 0.38 44.35 17.22
N ALA B 239 -0.91 44.00 17.30
CA ALA B 239 -1.30 42.63 17.62
C ALA B 239 -2.48 42.22 16.75
N LEU B 240 -3.13 41.12 17.13
CA LEU B 240 -4.13 40.44 16.30
C LEU B 240 -5.46 41.19 16.34
N ASP B 241 -6.09 41.34 15.17
CA ASP B 241 -7.53 41.54 15.05
C ASP B 241 -8.13 40.32 14.35
N MET B 242 -9.04 39.63 15.02
CA MET B 242 -9.61 38.40 14.49
C MET B 242 -11.12 38.31 14.69
N GLY B 243 -11.66 39.07 15.65
CA GLY B 243 -13.03 38.91 16.11
C GLY B 243 -14.16 39.15 15.12
N ALA B 244 -14.15 40.30 14.45
CA ALA B 244 -15.27 40.68 13.59
C ALA B 244 -15.09 40.23 12.14
N LEU B 245 -14.29 39.19 11.87
CA LEU B 245 -14.13 38.73 10.51
C LEU B 245 -15.39 38.03 9.99
N VAL B 246 -15.76 36.91 10.61
CA VAL B 246 -16.86 36.11 10.08
C VAL B 246 -18.21 36.64 10.56
N ALA B 247 -18.24 37.30 11.72
CA ALA B 247 -19.51 37.76 12.26
C ALA B 247 -19.91 39.10 11.66
N GLY B 248 -21.21 39.23 11.39
CA GLY B 248 -21.75 40.44 10.81
C GLY B 248 -21.68 40.53 9.30
N ALA B 249 -21.05 39.56 8.64
CA ALA B 249 -20.99 39.53 7.19
C ALA B 249 -21.94 38.45 6.69
N LYS B 250 -22.73 38.78 5.67
CA LYS B 250 -23.85 37.96 5.26
C LYS B 250 -23.55 37.13 4.01
N TYR B 251 -23.17 37.80 2.91
CA TYR B 251 -23.21 37.20 1.58
C TYR B 251 -21.98 36.35 1.31
N ARG B 252 -21.99 35.72 0.13
CA ARG B 252 -20.81 35.09 -0.44
C ARG B 252 -20.05 36.14 -1.24
N GLY B 253 -18.77 36.30 -0.93
CA GLY B 253 -17.97 37.33 -1.57
C GLY B 253 -18.02 38.68 -0.90
N GLU B 254 -19.10 39.01 -0.19
CA GLU B 254 -19.11 40.22 0.61
C GLU B 254 -18.57 39.96 2.02
N PHE B 255 -18.33 38.70 2.36
CA PHE B 255 -17.46 38.41 3.49
C PHE B 255 -15.99 38.60 3.09
N GLU B 256 -15.68 38.34 1.82
CA GLU B 256 -14.30 38.40 1.36
C GLU B 256 -13.82 39.84 1.19
N GLU B 257 -14.74 40.78 1.02
CA GLU B 257 -14.32 42.17 0.83
C GLU B 257 -13.90 42.81 2.14
N ARG B 258 -14.18 42.18 3.27
CA ARG B 258 -13.70 42.67 4.55
C ARG B 258 -12.28 42.19 4.85
N LEU B 259 -11.93 41.00 4.37
CA LEU B 259 -10.59 40.48 4.60
C LEU B 259 -9.57 41.10 3.67
N LYS B 260 -9.98 41.45 2.45
CA LYS B 260 -9.08 42.18 1.55
C LYS B 260 -8.97 43.65 1.95
N GLY B 261 -9.95 44.16 2.70
CA GLY B 261 -9.90 45.54 3.15
C GLY B 261 -9.16 45.75 4.45
N VAL B 262 -8.85 44.66 5.17
CA VAL B 262 -8.11 44.76 6.42
C VAL B 262 -6.60 44.70 6.19
N LEU B 263 -6.15 44.17 5.05
CA LEU B 263 -4.71 44.07 4.79
C LEU B 263 -4.20 45.18 3.88
N ASN B 264 -5.03 45.70 2.96
CA ASN B 264 -4.50 46.61 1.96
C ASN B 264 -4.47 48.05 2.45
N ASP B 265 -5.37 48.45 3.35
CA ASP B 265 -5.40 49.85 3.77
C ASP B 265 -4.65 50.08 5.07
N LEU B 266 -3.83 49.13 5.51
CA LEU B 266 -2.83 49.42 6.54
C LEU B 266 -1.54 49.96 5.96
N ALA B 267 -1.53 50.30 4.67
CA ALA B 267 -0.35 50.76 3.94
C ALA B 267 -0.51 52.22 3.58
N LYS B 268 -1.02 53.02 4.52
CA LYS B 268 -1.29 54.43 4.33
C LYS B 268 -0.10 55.31 4.70
N GLN B 269 0.91 54.74 5.35
CA GLN B 269 2.04 55.53 5.84
C GLN B 269 3.38 54.92 5.44
N GLU B 270 3.38 54.09 4.39
CA GLU B 270 4.58 53.58 3.72
C GLU B 270 5.42 52.69 4.63
N GLY B 271 4.76 51.93 5.51
CA GLY B 271 5.44 51.05 6.43
C GLY B 271 5.89 51.69 7.72
N ASN B 272 5.24 52.76 8.17
CA ASN B 272 5.59 53.45 9.41
C ASN B 272 5.32 52.56 10.62
N VAL B 273 4.24 51.80 10.57
CA VAL B 273 3.91 50.85 11.61
C VAL B 273 3.77 49.47 11.00
N ILE B 274 4.24 48.46 11.73
CA ILE B 274 4.15 47.08 11.29
C ILE B 274 3.23 46.32 12.22
N LEU B 275 2.87 45.10 11.83
CA LEU B 275 1.76 44.39 12.44
C LEU B 275 2.05 42.90 12.43
N PHE B 276 1.67 42.24 13.51
CA PHE B 276 1.67 40.79 13.57
C PHE B 276 0.23 40.29 13.49
N ILE B 277 0.09 39.06 13.01
CA ILE B 277 -1.19 38.35 13.04
C ILE B 277 -0.95 37.07 13.85
N ASP B 278 -1.95 36.66 14.62
CA ASP B 278 -1.78 35.53 15.52
C ASP B 278 -2.78 34.43 15.19
N GLU B 279 -2.39 33.18 15.53
CA GLU B 279 -3.19 31.97 15.44
C GLU B 279 -3.63 31.65 14.02
N LEU B 280 -2.68 31.34 13.15
CA LEU B 280 -2.98 31.10 11.73
C LEU B 280 -2.80 29.61 11.47
N HIS B 281 -3.88 28.85 11.58
CA HIS B 281 -3.88 27.43 11.24
C HIS B 281 -5.17 26.94 10.58
N THR B 282 -6.23 27.75 10.59
CA THR B 282 -7.58 27.24 10.41
C THR B 282 -7.94 26.90 8.95
N MET B 283 -7.79 27.88 8.05
CA MET B 283 -8.40 27.93 6.71
C MET B 283 -9.75 27.23 6.56
N ASP B 294 -8.01 30.93 8.35
CA ASP B 294 -7.22 31.77 7.47
C ASP B 294 -5.77 31.37 7.49
N ALA B 295 -5.44 30.30 6.76
CA ALA B 295 -4.08 29.77 6.79
C ALA B 295 -3.55 29.41 5.41
N GLY B 296 -3.79 30.26 4.41
CA GLY B 296 -3.19 30.03 3.12
C GLY B 296 -4.15 29.87 1.97
N ASN B 297 -5.39 30.32 2.16
CA ASN B 297 -6.34 30.42 1.06
C ASN B 297 -6.67 31.84 0.67
N MET B 298 -6.83 32.75 1.63
CA MET B 298 -7.03 34.16 1.36
C MET B 298 -5.87 35.02 1.81
N LEU B 299 -5.00 34.51 2.68
CA LEU B 299 -3.81 35.22 3.12
C LEU B 299 -2.56 34.75 2.40
N LYS B 300 -2.70 33.82 1.45
CA LYS B 300 -1.50 33.28 0.79
C LYS B 300 -0.86 34.25 -0.19
N PRO B 301 -1.59 35.02 -1.03
CA PRO B 301 -0.93 36.14 -1.71
C PRO B 301 -0.51 37.25 -0.78
N ALA B 302 -1.22 37.45 0.34
CA ALA B 302 -0.80 38.43 1.33
C ALA B 302 0.45 38.00 2.09
N LEU B 303 0.81 36.72 2.04
CA LEU B 303 2.06 36.28 2.64
C LEU B 303 3.18 36.17 1.62
N ALA B 304 2.83 35.90 0.35
CA ALA B 304 3.84 35.72 -0.69
C ALA B 304 4.27 37.06 -1.29
N ARG B 305 3.43 38.09 -1.20
CA ARG B 305 3.79 39.41 -1.70
C ARG B 305 4.75 40.16 -0.80
N GLY B 306 5.13 39.60 0.35
CA GLY B 306 6.00 40.28 1.28
C GLY B 306 5.29 41.43 1.95
N GLU B 307 4.03 41.22 2.35
CA GLU B 307 3.26 42.31 2.94
C GLU B 307 3.70 42.58 4.36
N LEU B 308 3.40 41.65 5.27
CA LEU B 308 3.81 41.75 6.67
C LEU B 308 3.93 40.35 7.24
N HIS B 309 4.51 40.28 8.44
CA HIS B 309 4.92 39.03 9.05
C HIS B 309 4.12 38.77 10.31
N CYS B 310 3.78 37.49 10.51
CA CYS B 310 2.78 37.07 11.47
C CYS B 310 3.39 36.09 12.47
N VAL B 311 2.68 35.86 13.57
CA VAL B 311 3.15 34.94 14.61
C VAL B 311 2.14 33.80 14.67
N GLY B 312 2.51 32.65 14.12
CA GLY B 312 1.61 31.52 14.11
C GLY B 312 1.58 30.79 15.43
N ALA B 313 0.59 29.91 15.57
CA ALA B 313 0.46 29.06 16.75
C ALA B 313 -0.32 27.82 16.38
N THR B 314 0.36 26.68 16.29
CA THR B 314 -0.25 25.39 16.02
C THR B 314 0.14 24.43 17.14
N THR B 315 -0.29 23.18 16.99
CA THR B 315 0.24 22.05 17.75
C THR B 315 1.35 21.43 16.90
N LEU B 316 1.86 20.27 17.33
CA LEU B 316 2.87 19.62 16.50
C LEU B 316 2.22 18.77 15.41
N ASP B 317 1.13 18.07 15.72
CA ASP B 317 0.45 17.20 14.77
C ASP B 317 -0.47 17.95 13.82
N GLU B 318 -1.01 19.09 14.25
CA GLU B 318 -1.80 19.96 13.38
C GLU B 318 -0.90 20.88 12.55
N TYR B 319 0.39 20.92 12.86
CA TYR B 319 1.38 21.55 11.99
C TYR B 319 1.70 20.65 10.81
N ARG B 320 1.83 19.34 11.05
CA ARG B 320 2.07 18.39 9.97
C ARG B 320 0.78 17.88 9.35
N GLN B 321 -0.35 18.51 9.67
CA GLN B 321 -1.60 18.36 8.95
C GLN B 321 -1.73 19.40 7.84
N TYR B 322 -1.26 20.61 8.09
CA TYR B 322 -1.51 21.75 7.23
C TYR B 322 -0.27 22.48 6.76
N ILE B 323 0.72 22.67 7.63
CA ILE B 323 1.69 23.76 7.45
C ILE B 323 3.07 23.24 7.02
N GLU B 324 3.26 21.91 6.93
CA GLU B 324 4.57 21.46 6.47
C GLU B 324 4.56 20.54 5.25
N LYS B 325 3.48 19.82 4.97
CA LYS B 325 3.40 19.09 3.71
C LYS B 325 2.95 19.98 2.56
N ASP B 326 2.73 21.27 2.82
CA ASP B 326 2.78 22.31 1.82
C ASP B 326 4.26 22.53 1.43
N ALA B 327 4.49 23.38 0.42
CA ALA B 327 5.85 23.75 0.04
C ALA B 327 6.08 25.25 0.00
N ALA B 328 5.06 26.06 -0.26
CA ALA B 328 5.21 27.50 -0.38
C ALA B 328 5.09 28.22 0.95
N LEU B 329 4.83 27.50 2.04
CA LEU B 329 4.54 28.12 3.32
C LEU B 329 5.70 28.05 4.30
N GLU B 330 6.55 27.04 4.18
CA GLU B 330 7.72 26.90 5.05
C GLU B 330 8.88 27.75 4.56
N ARG B 331 8.71 28.44 3.43
CA ARG B 331 9.65 29.50 3.06
C ARG B 331 9.53 30.68 4.01
N ARG B 332 8.39 30.80 4.68
CA ARG B 332 8.17 31.83 5.70
C ARG B 332 8.02 31.28 7.11
N PHE B 333 7.35 30.16 7.29
CA PHE B 333 7.19 29.62 8.64
C PHE B 333 8.34 28.68 8.99
N GLN B 334 8.56 28.53 10.30
CA GLN B 334 9.46 27.49 10.80
C GLN B 334 8.98 27.04 12.17
N LYS B 335 9.14 25.74 12.42
CA LYS B 335 8.78 25.15 13.70
C LYS B 335 9.55 25.76 14.86
N VAL B 336 8.82 26.41 15.76
CA VAL B 336 9.37 26.87 17.04
C VAL B 336 8.73 26.02 18.13
N PHE B 337 9.51 25.11 18.69
CA PHE B 337 9.01 24.23 19.73
C PHE B 337 9.40 24.76 21.10
N VAL B 338 8.43 24.77 22.02
CA VAL B 338 8.68 25.12 23.41
C VAL B 338 8.64 23.83 24.24
N ALA B 339 9.56 23.71 25.20
CA ALA B 339 9.71 22.48 25.98
C ALA B 339 8.87 22.60 27.25
N GLU B 340 8.57 21.45 27.85
CA GLU B 340 7.45 21.31 28.79
C GLU B 340 7.73 22.04 30.10
N PRO B 341 6.81 22.90 30.57
CA PRO B 341 7.18 23.91 31.56
C PRO B 341 7.20 23.42 33.01
N SER B 342 7.56 24.33 33.90
CA SER B 342 7.83 24.02 35.30
C SER B 342 6.53 24.03 36.11
N VAL B 343 6.67 24.02 37.43
CA VAL B 343 5.55 24.05 38.36
C VAL B 343 5.38 25.51 38.75
N GLU B 344 6.38 26.33 38.44
CA GLU B 344 6.39 27.75 38.76
C GLU B 344 5.67 28.60 37.72
N ASP B 345 4.94 27.97 36.80
CA ASP B 345 4.15 28.70 35.82
C ASP B 345 2.97 29.40 36.48
N THR B 346 2.18 28.66 37.27
CA THR B 346 1.07 29.27 38.01
C THR B 346 1.49 29.83 39.35
N ILE B 347 2.76 29.67 39.75
CA ILE B 347 3.23 30.28 41.00
C ILE B 347 3.22 31.80 40.87
N ALA B 348 3.81 32.31 39.80
CA ALA B 348 3.86 33.74 39.55
C ALA B 348 2.60 34.26 38.87
N ILE B 349 1.69 33.38 38.46
CA ILE B 349 0.36 33.82 38.06
C ILE B 349 -0.38 34.37 39.26
N LEU B 350 -0.21 33.76 40.44
CA LEU B 350 -0.82 34.23 41.66
C LEU B 350 0.11 35.10 42.49
N ARG B 351 1.27 35.50 41.95
CA ARG B 351 2.11 36.46 42.65
C ARG B 351 1.68 37.89 42.30
N GLY B 352 1.50 38.16 41.02
CA GLY B 352 1.07 39.47 40.59
C GLY B 352 -0.41 39.72 40.78
N LEU B 353 -1.25 38.69 40.63
CA LEU B 353 -2.70 38.85 40.51
C LEU B 353 -3.39 39.20 41.83
N LYS B 354 -2.65 39.36 42.93
CA LYS B 354 -3.25 39.90 44.15
C LYS B 354 -3.50 41.41 44.04
N GLU B 355 -3.09 42.04 42.94
CA GLU B 355 -3.54 43.37 42.56
C GLU B 355 -5.05 43.43 42.34
N ARG B 356 -5.68 42.29 42.02
CA ARG B 356 -7.10 42.22 41.71
C ARG B 356 -7.86 41.45 42.78
N TYR B 357 -7.16 40.77 43.69
CA TYR B 357 -7.78 39.83 44.60
C TYR B 357 -7.91 40.36 46.01
N GLU B 358 -6.84 40.91 46.60
CA GLU B 358 -6.92 41.25 48.02
C GLU B 358 -7.38 42.68 48.27
N LEU B 359 -7.14 43.60 47.34
CA LEU B 359 -7.55 44.99 47.51
C LEU B 359 -9.08 45.16 47.44
N HIS B 360 -9.81 44.20 46.88
CA HIS B 360 -11.26 44.31 46.78
C HIS B 360 -12.01 43.08 47.27
N HIS B 361 -11.33 41.96 47.49
CA HIS B 361 -12.02 40.74 47.93
C HIS B 361 -11.32 39.97 49.04
N HIS B 362 -10.04 40.28 49.33
CA HIS B 362 -9.25 39.70 50.42
C HIS B 362 -9.14 38.18 50.30
N VAL B 363 -8.74 37.73 49.11
CA VAL B 363 -8.53 36.32 48.81
C VAL B 363 -7.06 35.99 48.99
N GLN B 364 -6.77 35.06 49.89
CA GLN B 364 -5.43 34.52 50.01
C GLN B 364 -5.44 33.10 49.46
N ILE B 365 -4.36 32.73 48.79
CA ILE B 365 -4.08 31.35 48.41
C ILE B 365 -2.65 31.04 48.83
N THR B 366 -2.50 30.06 49.73
CA THR B 366 -1.22 29.80 50.37
C THR B 366 -0.31 28.98 49.46
N ASP B 367 0.97 28.91 49.87
CA ASP B 367 2.04 28.14 49.24
C ASP B 367 1.69 26.67 48.98
N PRO B 368 1.12 25.88 49.91
CA PRO B 368 0.74 24.52 49.53
C PRO B 368 -0.54 24.41 48.72
N ALA B 369 -1.14 25.52 48.30
CA ALA B 369 -2.34 25.50 47.49
C ALA B 369 -2.12 25.90 46.04
N ILE B 370 -0.99 26.52 45.72
CA ILE B 370 -0.64 26.74 44.32
C ILE B 370 0.04 25.50 43.75
N VAL B 371 0.91 24.87 44.55
CA VAL B 371 1.65 23.70 44.11
C VAL B 371 0.74 22.47 44.04
N ALA B 372 -0.37 22.48 44.79
CA ALA B 372 -1.28 21.35 44.88
C ALA B 372 -2.01 21.04 43.59
N ALA B 373 -2.35 22.05 42.81
CA ALA B 373 -3.06 21.87 41.54
C ALA B 373 -2.11 21.78 40.37
N ALA B 374 -0.82 21.71 40.62
CA ALA B 374 0.21 21.73 39.59
C ALA B 374 1.14 20.53 39.64
N THR B 375 1.14 19.79 40.75
CA THR B 375 2.00 18.61 40.86
C THR B 375 1.39 17.39 40.16
N LEU B 376 0.28 17.56 39.46
CA LEU B 376 -0.49 16.46 38.90
C LEU B 376 0.11 15.86 37.62
N SER B 377 1.35 16.18 37.23
CA SER B 377 1.87 15.71 35.96
C SER B 377 2.81 14.51 36.02
N HIS B 378 3.91 14.59 36.77
CA HIS B 378 4.92 13.53 36.71
C HIS B 378 4.54 12.34 37.58
N ARG B 379 3.56 12.49 38.46
CA ARG B 379 3.15 11.44 39.38
C ARG B 379 1.70 11.04 39.20
N TYR B 380 0.80 12.00 39.05
CA TYR B 380 -0.64 11.71 39.08
C TYR B 380 -1.16 11.23 37.73
N ILE B 381 -1.19 12.10 36.73
CA ILE B 381 -1.63 11.77 35.37
C ILE B 381 -0.70 12.44 34.37
N ALA B 382 -0.17 11.65 33.42
CA ALA B 382 0.84 12.15 32.50
C ALA B 382 0.38 12.13 31.03
N ASP B 383 -0.92 12.04 30.76
CA ASP B 383 -1.38 12.16 29.37
C ASP B 383 -1.66 13.60 28.97
N ARG B 384 -1.81 14.51 29.93
CA ARG B 384 -2.26 15.86 29.69
C ARG B 384 -1.15 16.83 30.08
N GLN B 385 -1.20 18.04 29.50
CA GLN B 385 -0.25 19.09 29.80
C GLN B 385 -0.45 19.65 31.21
N LEU B 386 0.59 20.29 31.73
CA LEU B 386 0.49 20.87 33.08
C LEU B 386 -0.32 22.16 33.13
N PRO B 387 0.05 23.26 32.42
CA PRO B 387 -0.52 24.57 32.81
C PRO B 387 -1.96 24.78 32.40
N ASP B 388 -2.50 23.99 31.47
CA ASP B 388 -3.95 24.02 31.26
C ASP B 388 -4.69 23.44 32.46
N LYS B 389 -4.07 22.47 33.13
CA LYS B 389 -4.60 21.85 34.33
C LYS B 389 -4.22 22.61 35.59
N ALA B 390 -3.55 23.75 35.47
CA ALA B 390 -3.11 24.51 36.63
C ALA B 390 -3.90 25.79 36.82
N ILE B 391 -4.17 26.53 35.74
CA ILE B 391 -4.89 27.80 35.87
C ILE B 391 -6.38 27.57 36.06
N ASP B 392 -6.91 26.41 35.64
CA ASP B 392 -8.34 26.15 35.76
C ASP B 392 -8.68 25.56 37.12
N LEU B 393 -7.77 24.79 37.70
CA LEU B 393 -8.02 24.14 38.98
C LEU B 393 -7.62 25.02 40.16
N ILE B 394 -7.17 26.24 39.89
CA ILE B 394 -7.04 27.25 40.95
C ILE B 394 -8.25 28.15 40.97
N ASP B 395 -8.76 28.53 39.78
CA ASP B 395 -9.88 29.46 39.70
C ASP B 395 -11.18 28.82 40.19
N GLU B 396 -11.31 27.51 40.05
CA GLU B 396 -12.46 26.81 40.63
C GLU B 396 -12.32 26.61 42.14
N ALA B 397 -11.09 26.41 42.64
CA ALA B 397 -10.87 26.34 44.07
C ALA B 397 -10.94 27.70 44.74
N ALA B 398 -10.67 28.78 44.00
CA ALA B 398 -10.77 30.12 44.56
C ALA B 398 -12.19 30.67 44.50
N SER B 399 -13.10 30.01 43.78
CA SER B 399 -14.50 30.40 43.70
C SER B 399 -15.32 29.87 44.88
N SER B 400 -14.68 29.55 46.00
CA SER B 400 -15.35 28.87 47.09
C SER B 400 -16.26 29.80 47.90
N ILE B 401 -15.80 31.03 48.15
CA ILE B 401 -16.41 31.84 49.20
C ILE B 401 -17.75 32.46 48.80
N ARG B 402 -17.84 33.14 47.65
CA ARG B 402 -19.04 33.90 47.31
C ARG B 402 -20.23 33.05 46.87
N MET B 403 -20.03 31.76 46.58
CA MET B 403 -21.21 31.01 46.18
C MET B 403 -21.61 29.94 47.20
N GLN B 404 -20.66 29.39 47.95
CA GLN B 404 -21.04 28.53 49.07
C GLN B 404 -21.59 29.31 50.26
N ILE B 405 -21.49 30.65 50.25
CA ILE B 405 -22.22 31.44 51.23
C ILE B 405 -23.66 31.64 50.79
N ASP B 406 -23.95 31.42 49.50
CA ASP B 406 -25.30 31.57 48.96
C ASP B 406 -25.94 30.20 48.65
N SER B 407 -25.59 29.18 49.43
CA SER B 407 -26.24 27.86 49.37
C SER B 407 -27.09 27.78 50.62
N LYS B 408 -28.38 28.00 50.44
CA LYS B 408 -29.36 28.25 51.52
C LYS B 408 -29.52 27.09 52.50
N ARG B 525 -14.43 29.15 62.55
CA ARG B 525 -15.51 28.20 62.77
C ARG B 525 -16.49 28.18 61.59
N LEU B 526 -16.57 29.31 60.88
CA LEU B 526 -17.54 29.43 59.78
C LEU B 526 -16.92 28.96 58.46
N LEU B 527 -15.61 29.13 58.32
CA LEU B 527 -14.88 28.85 57.08
C LEU B 527 -13.40 28.80 57.43
N ARG B 528 -12.69 27.83 56.87
CA ARG B 528 -11.24 27.81 57.03
C ARG B 528 -10.60 28.89 56.16
N ASN B 529 -10.23 30.00 56.80
CA ASN B 529 -9.51 31.06 56.11
C ASN B 529 -8.05 30.72 55.90
N LYS B 530 -7.55 29.71 56.60
CA LYS B 530 -6.19 29.19 56.44
C LYS B 530 -6.24 28.21 55.27
N VAL B 531 -5.58 28.57 54.18
CA VAL B 531 -5.74 27.85 52.93
C VAL B 531 -4.83 26.63 52.91
N THR B 532 -5.43 25.46 52.74
CA THR B 532 -4.80 24.15 52.88
C THR B 532 -5.00 23.40 51.54
N ASP B 533 -4.78 22.09 51.54
CA ASP B 533 -4.98 21.22 50.39
C ASP B 533 -6.46 20.94 50.12
N ALA B 534 -7.37 21.52 50.90
CA ALA B 534 -8.77 21.11 50.87
C ALA B 534 -9.53 21.72 49.70
N GLU B 535 -9.13 22.91 49.25
CA GLU B 535 -9.91 23.60 48.23
C GLU B 535 -9.74 22.96 46.86
N ILE B 536 -8.52 22.47 46.56
CA ILE B 536 -8.28 21.80 45.29
C ILE B 536 -8.85 20.39 45.30
N ALA B 537 -8.87 19.74 46.47
CA ALA B 537 -9.30 18.34 46.57
C ALA B 537 -10.79 18.18 46.29
N GLU B 538 -11.61 19.16 46.67
CA GLU B 538 -13.01 19.16 46.27
C GLU B 538 -13.15 19.32 44.76
N VAL B 539 -12.21 20.05 44.14
CA VAL B 539 -12.27 20.29 42.70
C VAL B 539 -11.63 19.12 41.94
N LEU B 540 -10.49 18.61 42.43
CA LEU B 540 -9.74 17.62 41.68
C LEU B 540 -10.36 16.23 41.79
N ALA B 541 -10.73 15.83 43.01
CA ALA B 541 -11.14 14.46 43.26
C ALA B 541 -12.63 14.23 43.05
N ARG B 542 -13.29 15.04 42.22
CA ARG B 542 -14.69 14.80 41.90
C ARG B 542 -14.86 13.92 40.67
N TRP B 543 -13.79 13.31 40.18
CA TRP B 543 -13.90 12.22 39.21
C TRP B 543 -13.05 11.01 39.54
N THR B 544 -12.36 10.98 40.68
CA THR B 544 -11.53 9.84 41.08
C THR B 544 -12.10 9.10 42.28
N GLY B 545 -12.24 9.78 43.42
CA GLY B 545 -12.65 9.15 44.66
C GLY B 545 -11.53 8.95 45.65
N ILE B 546 -10.30 9.35 45.32
CA ILE B 546 -9.20 9.21 46.28
C ILE B 546 -8.95 10.56 46.95
N PRO B 547 -8.91 10.62 48.29
CA PRO B 547 -8.72 11.91 48.97
C PRO B 547 -7.29 12.43 48.96
N VAL B 548 -7.05 13.46 49.78
CA VAL B 548 -5.76 14.11 49.97
C VAL B 548 -4.67 13.14 50.38
N SER B 549 -5.01 12.13 51.20
CA SER B 549 -4.14 11.35 52.08
C SER B 549 -2.93 10.73 51.40
N ARG B 550 -2.94 10.52 50.09
CA ARG B 550 -1.79 9.95 49.40
C ARG B 550 -1.43 10.72 48.14
N MET B 551 -1.82 12.00 48.03
CA MET B 551 -1.50 12.83 46.87
C MET B 551 -0.30 13.74 47.11
N MET B 552 0.16 13.86 48.35
CA MET B 552 1.32 14.68 48.72
C MET B 552 2.26 13.87 49.58
N GLU B 553 2.66 12.69 49.08
CA GLU B 553 3.59 11.80 49.76
C GLU B 553 4.90 12.50 50.10
N SER B 554 5.15 12.67 51.40
CA SER B 554 6.10 13.63 51.89
C SER B 554 7.06 12.97 52.88
N GLU B 555 7.75 13.81 53.64
CA GLU B 555 8.76 13.36 54.60
C GLU B 555 8.17 12.52 55.72
N ARG B 556 7.03 12.94 56.30
CA ARG B 556 6.46 12.20 57.41
C ARG B 556 5.36 11.25 56.93
N GLU B 557 4.97 11.36 55.66
CA GLU B 557 3.89 10.55 55.13
C GLU B 557 4.30 9.09 54.89
N LYS B 558 5.59 8.78 55.02
CA LYS B 558 6.05 7.42 54.76
C LYS B 558 5.81 6.46 55.92
N LEU B 559 5.14 6.90 57.00
CA LEU B 559 4.53 5.92 57.88
C LEU B 559 3.11 5.59 57.44
N LEU B 560 2.48 6.50 56.70
CA LEU B 560 1.11 6.34 56.23
C LEU B 560 1.04 5.55 54.93
N ARG B 561 2.12 5.49 54.16
CA ARG B 561 2.12 4.83 52.86
C ARG B 561 2.73 3.43 52.98
N MET B 562 2.55 2.81 54.14
CA MET B 562 3.01 1.46 54.39
C MET B 562 1.82 0.51 54.48
N GLU B 563 0.67 1.03 54.87
CA GLU B 563 -0.48 0.24 55.29
C GLU B 563 -1.76 0.72 54.57
N GLN B 564 -1.68 0.86 53.25
CA GLN B 564 -2.88 1.30 52.54
C GLN B 564 -3.55 0.25 51.65
N GLU B 565 -2.89 -0.28 50.63
CA GLU B 565 -3.54 -1.20 49.69
C GLU B 565 -2.73 -2.47 49.47
N LEU B 566 -1.42 -2.44 49.76
CA LEU B 566 -0.60 -3.64 49.60
C LEU B 566 -0.94 -4.70 50.65
N HIS B 567 -1.33 -4.28 51.85
CA HIS B 567 -1.50 -5.19 52.97
C HIS B 567 -2.95 -5.36 53.40
N HIS B 568 -3.91 -5.10 52.50
CA HIS B 568 -5.30 -5.42 52.77
C HIS B 568 -5.85 -6.47 51.81
N ARG B 569 -5.39 -6.50 50.57
CA ARG B 569 -5.68 -7.63 49.68
C ARG B 569 -4.96 -8.88 50.16
N VAL B 570 -3.69 -8.75 50.53
CA VAL B 570 -2.92 -9.85 51.08
C VAL B 570 -2.07 -9.34 52.24
N ILE B 571 -2.21 -9.98 53.39
CA ILE B 571 -1.32 -9.76 54.53
C ILE B 571 -0.06 -10.59 54.31
N GLY B 572 0.98 -9.95 53.81
CA GLY B 572 2.17 -10.62 53.34
C GLY B 572 2.79 -9.80 52.23
N GLN B 573 3.57 -10.49 51.39
CA GLN B 573 4.34 -9.92 50.28
C GLN B 573 5.23 -8.78 50.76
N ASN B 574 5.97 -9.09 51.82
CA ASN B 574 6.84 -8.13 52.51
C ASN B 574 8.32 -8.43 52.28
N GLU B 575 8.64 -9.15 51.21
CA GLU B 575 10.05 -9.24 50.80
C GLU B 575 10.42 -8.06 49.91
N ALA B 576 9.46 -7.56 49.14
CA ALA B 576 9.68 -6.46 48.22
C ALA B 576 9.40 -5.10 48.83
N VAL B 577 9.08 -5.02 50.12
CA VAL B 577 8.86 -3.74 50.77
C VAL B 577 10.20 -3.04 51.08
N ASP B 578 11.33 -3.73 50.94
CA ASP B 578 12.63 -3.11 51.16
C ASP B 578 12.98 -2.07 50.12
N ALA B 579 12.44 -2.15 48.91
CA ALA B 579 12.77 -1.19 47.86
C ALA B 579 12.15 0.17 48.08
N VAL B 580 11.15 0.26 48.97
CA VAL B 580 10.50 1.52 49.30
C VAL B 580 10.86 1.97 50.72
N SER B 581 11.79 1.27 51.39
CA SER B 581 12.17 1.60 52.75
C SER B 581 13.61 2.07 52.91
N ASN B 582 14.61 1.32 52.44
CA ASN B 582 16.01 1.69 52.64
C ASN B 582 16.67 2.14 51.34
N ALA B 583 16.18 1.66 50.19
CA ALA B 583 16.66 2.08 48.89
C ALA B 583 15.78 3.15 48.26
N ILE B 584 15.08 3.93 49.08
CA ILE B 584 14.23 5.00 48.59
C ILE B 584 14.71 6.39 49.01
N ARG B 585 15.66 6.48 49.95
CA ARG B 585 16.12 7.75 50.47
C ARG B 585 16.91 8.57 49.47
N ARG B 586 17.65 7.92 48.58
CA ARG B 586 18.47 8.62 47.59
C ARG B 586 17.82 8.66 46.22
N SER B 587 16.49 8.61 46.13
CA SER B 587 15.83 8.61 44.83
C SER B 587 14.74 9.67 44.70
N ARG B 588 13.99 9.93 45.77
CA ARG B 588 12.79 10.75 45.70
C ARG B 588 12.97 12.10 46.39
N ALA B 589 14.20 12.45 46.74
CA ALA B 589 14.47 13.74 47.37
C ALA B 589 15.32 14.62 46.46
N GLY B 590 15.14 14.51 45.15
CA GLY B 590 16.03 15.17 44.23
C GLY B 590 17.41 14.54 44.16
N LEU B 591 17.50 13.23 44.40
CA LEU B 591 18.78 12.55 44.49
C LEU B 591 18.91 11.41 43.49
N ALA B 592 17.98 11.28 42.54
CA ALA B 592 17.99 10.18 41.57
C ALA B 592 19.03 10.45 40.50
N ASP B 593 20.17 9.75 40.59
CA ASP B 593 21.16 9.77 39.53
C ASP B 593 20.93 8.57 38.62
N PRO B 594 20.54 8.78 37.36
CA PRO B 594 20.09 7.64 36.54
C PRO B 594 21.20 6.75 36.02
N ASN B 595 22.45 7.20 36.04
CA ASN B 595 23.51 6.54 35.28
C ASN B 595 24.36 5.64 36.17
N ARG B 596 23.76 5.19 37.27
CA ARG B 596 24.27 4.11 38.09
C ARG B 596 23.12 3.58 38.94
N PRO B 597 22.93 2.25 39.00
CA PRO B 597 21.78 1.70 39.72
C PRO B 597 21.80 1.92 41.23
N ILE B 598 20.81 2.67 41.72
CA ILE B 598 20.64 2.95 43.14
C ILE B 598 19.31 2.40 43.66
N GLY B 599 18.24 2.53 42.87
CA GLY B 599 16.97 1.93 43.23
C GLY B 599 16.78 0.53 42.71
N SER B 600 17.74 0.04 41.92
CA SER B 600 17.69 -1.31 41.38
C SER B 600 18.02 -2.32 42.48
N PHE B 601 16.98 -2.70 43.21
CA PHE B 601 17.07 -3.77 44.18
C PHE B 601 16.76 -5.08 43.47
N LEU B 602 17.69 -6.03 43.57
CA LEU B 602 17.58 -7.30 42.87
C LEU B 602 16.68 -8.25 43.66
N PHE B 603 15.78 -8.93 42.95
CA PHE B 603 14.77 -9.78 43.57
C PHE B 603 14.64 -11.02 42.72
N LEU B 604 14.83 -12.19 43.33
CA LEU B 604 14.84 -13.45 42.62
C LEU B 604 13.66 -14.31 43.02
N GLY B 605 13.64 -15.53 42.47
CA GLY B 605 12.59 -16.49 42.75
C GLY B 605 12.32 -17.38 41.56
N PRO B 606 11.24 -18.16 41.63
CA PRO B 606 10.76 -18.87 40.43
C PRO B 606 9.80 -18.02 39.61
N THR B 607 9.25 -18.59 38.53
CA THR B 607 8.34 -17.87 37.66
C THR B 607 6.93 -18.45 37.74
N GLY B 608 5.95 -17.59 37.43
CA GLY B 608 4.54 -17.94 37.58
C GLY B 608 4.13 -18.17 39.01
N VAL B 609 4.85 -17.61 39.97
CA VAL B 609 4.73 -17.98 41.37
C VAL B 609 4.44 -16.77 42.25
N GLY B 610 4.32 -15.57 41.68
CA GLY B 610 4.11 -14.38 42.47
C GLY B 610 4.82 -13.17 41.91
N LYS B 611 5.53 -13.35 40.79
CA LYS B 611 6.20 -12.23 40.15
C LYS B 611 5.20 -11.28 39.51
N THR B 612 4.31 -11.81 38.67
CA THR B 612 3.47 -10.98 37.83
C THR B 612 2.38 -10.28 38.65
N GLU B 613 2.04 -10.82 39.82
CA GLU B 613 1.05 -10.16 40.65
C GLU B 613 1.67 -8.96 41.36
N LEU B 614 2.91 -9.10 41.84
CA LEU B 614 3.55 -8.02 42.58
C LEU B 614 3.99 -6.91 41.65
N CYS B 615 4.33 -7.23 40.40
CA CYS B 615 4.59 -6.20 39.41
C CYS B 615 3.31 -5.47 39.03
N LYS B 616 2.17 -6.10 39.24
CA LYS B 616 0.89 -5.41 39.17
C LYS B 616 0.47 -4.79 40.50
N ALA B 617 0.74 -5.45 41.63
CA ALA B 617 0.33 -4.93 42.92
C ALA B 617 1.22 -3.79 43.40
N LEU B 618 2.48 -3.73 42.95
CA LEU B 618 3.25 -2.52 43.22
C LEU B 618 2.83 -1.41 42.29
N ALA B 619 2.40 -1.75 41.08
CA ALA B 619 1.76 -0.77 40.21
C ALA B 619 0.37 -0.41 40.73
N ASN B 620 -0.29 -1.35 41.39
CA ASN B 620 -1.55 -1.03 42.05
C ASN B 620 -1.33 -0.17 43.30
N PHE B 621 -0.18 -0.35 43.96
CA PHE B 621 0.18 0.50 45.08
C PHE B 621 0.60 1.90 44.65
N MET B 622 1.03 2.06 43.40
CA MET B 622 1.43 3.36 42.88
C MET B 622 0.38 4.00 41.99
N PHE B 623 -0.07 3.32 40.94
CA PHE B 623 -0.82 3.94 39.86
C PHE B 623 -2.32 3.93 40.08
N ASP B 624 -2.78 3.40 41.22
CA ASP B 624 -4.19 3.26 41.60
C ASP B 624 -5.03 2.41 40.63
N SER B 625 -4.37 1.63 39.76
CA SER B 625 -5.06 0.83 38.75
C SER B 625 -4.10 -0.26 38.27
N ASP B 626 -4.46 -0.89 37.16
CA ASP B 626 -3.78 -2.07 36.62
C ASP B 626 -3.37 -1.78 35.18
N GLU B 627 -2.07 -1.57 34.95
CA GLU B 627 -1.57 -1.36 33.60
C GLU B 627 -0.23 -2.02 33.34
N ALA B 628 0.43 -2.59 34.35
CA ALA B 628 1.76 -3.16 34.20
C ALA B 628 1.69 -4.58 33.66
N MET B 629 1.97 -4.75 32.38
CA MET B 629 1.90 -6.04 31.70
C MET B 629 3.27 -6.29 31.07
N VAL B 630 4.18 -6.90 31.84
CA VAL B 630 5.55 -7.18 31.38
C VAL B 630 5.89 -8.61 31.74
N ARG B 631 6.35 -9.40 30.77
CA ARG B 631 6.98 -10.68 31.04
C ARG B 631 8.00 -10.97 29.95
N ILE B 632 9.23 -11.30 30.36
CA ILE B 632 10.31 -11.61 29.44
C ILE B 632 10.89 -12.96 29.84
N ASP B 633 10.91 -13.90 28.89
CA ASP B 633 11.54 -15.20 29.09
C ASP B 633 12.28 -15.59 27.83
N MET B 634 13.36 -16.34 27.99
CA MET B 634 14.24 -16.75 26.90
C MET B 634 14.22 -18.27 26.76
N SER B 635 13.01 -18.85 26.79
CA SER B 635 12.89 -20.28 27.02
C SER B 635 12.85 -21.11 25.73
N GLU B 636 11.82 -20.91 24.91
CA GLU B 636 11.51 -21.86 23.84
C GLU B 636 11.35 -21.17 22.48
N PHE B 637 12.37 -20.40 22.09
CA PHE B 637 12.42 -19.84 20.75
C PHE B 637 13.87 -19.82 20.27
N MET B 638 14.10 -20.38 19.08
CA MET B 638 15.43 -20.67 18.58
C MET B 638 15.86 -19.83 17.38
N GLU B 639 15.04 -18.86 16.97
CA GLU B 639 15.30 -18.16 15.72
C GLU B 639 16.39 -17.10 15.90
N LYS B 640 16.62 -16.34 14.82
CA LYS B 640 17.62 -15.27 14.81
C LYS B 640 16.99 -13.95 15.22
N HIS B 641 15.84 -14.02 15.88
CA HIS B 641 15.11 -12.86 16.36
C HIS B 641 15.46 -12.49 17.80
N SER B 642 16.46 -13.14 18.39
CA SER B 642 16.90 -12.78 19.73
C SER B 642 17.87 -11.60 19.74
N VAL B 643 18.19 -11.05 18.57
CA VAL B 643 18.99 -9.85 18.48
C VAL B 643 18.18 -8.59 18.78
N SER B 644 16.86 -8.62 18.56
CA SER B 644 16.04 -7.43 18.72
C SER B 644 15.40 -7.35 20.10
N ARG B 645 15.47 -8.44 20.86
CA ARG B 645 14.89 -8.49 22.19
C ARG B 645 15.84 -8.00 23.27
N LEU B 646 17.08 -7.72 22.89
CA LEU B 646 18.09 -7.24 23.83
C LEU B 646 17.75 -5.84 24.32
N VAL B 647 18.00 -4.86 23.46
CA VAL B 647 17.72 -3.46 23.79
C VAL B 647 17.44 -2.68 22.51
N GLY B 648 17.04 -3.40 21.47
CA GLY B 648 16.74 -2.78 20.18
C GLY B 648 17.48 -3.40 19.02
N ALA B 649 17.04 -3.11 17.81
CA ALA B 649 17.63 -3.71 16.63
C ALA B 649 18.52 -2.73 15.89
N PRO B 650 19.81 -3.02 15.73
CA PRO B 650 20.61 -2.35 14.68
C PRO B 650 20.22 -2.89 13.32
N PRO B 651 20.46 -2.14 12.22
CA PRO B 651 19.87 -2.48 10.91
C PRO B 651 20.29 -3.83 10.34
N GLY B 652 19.45 -4.34 9.43
CA GLY B 652 19.61 -5.67 8.87
C GLY B 652 18.67 -6.73 9.41
N TYR B 653 17.36 -6.41 9.51
CA TYR B 653 16.42 -7.22 10.26
C TYR B 653 15.05 -7.16 9.58
N VAL B 654 14.02 -7.62 10.31
CA VAL B 654 12.62 -7.45 9.95
C VAL B 654 11.83 -7.04 11.20
N GLY B 655 10.93 -6.07 11.06
CA GLY B 655 9.96 -5.78 12.11
C GLY B 655 10.34 -4.84 13.23
N TYR B 656 10.65 -3.57 12.94
CA TYR B 656 11.06 -2.65 14.00
C TYR B 656 9.90 -2.13 14.82
N GLU B 657 8.66 -2.25 14.32
CA GLU B 657 7.51 -1.64 14.99
C GLU B 657 7.22 -2.30 16.32
N GLU B 658 7.27 -3.64 16.37
CA GLU B 658 7.25 -4.34 17.67
C GLU B 658 8.68 -4.67 18.08
N GLY B 659 9.37 -5.48 17.29
CA GLY B 659 10.73 -5.90 17.60
C GLY B 659 10.82 -6.80 18.82
N GLY B 660 11.43 -6.29 19.89
CA GLY B 660 11.37 -6.93 21.19
C GLY B 660 10.27 -6.31 22.02
N TYR B 661 10.09 -6.81 23.24
CA TYR B 661 9.05 -6.22 24.07
C TYR B 661 9.47 -4.88 24.65
N LEU B 662 10.74 -4.73 25.03
CA LEU B 662 11.24 -3.53 25.67
C LEU B 662 11.51 -2.42 24.66
N THR B 663 11.51 -2.73 23.37
CA THR B 663 11.60 -1.71 22.32
C THR B 663 10.35 -0.83 22.32
N GLU B 664 9.21 -1.40 22.69
CA GLU B 664 7.90 -0.76 22.61
C GLU B 664 7.41 -0.29 23.97
N ALA B 665 8.04 -0.75 25.05
CA ALA B 665 7.53 -0.51 26.39
C ALA B 665 7.94 0.85 26.96
N VAL B 666 8.61 1.69 26.17
CA VAL B 666 8.92 3.06 26.61
C VAL B 666 8.18 4.02 25.69
N ARG B 667 7.93 3.61 24.44
CA ARG B 667 7.19 4.43 23.48
C ARG B 667 5.68 4.33 23.67
N ARG B 668 5.21 3.23 24.25
CA ARG B 668 3.82 3.16 24.71
C ARG B 668 3.55 4.21 25.77
N ARG B 669 4.22 4.08 26.91
CA ARG B 669 4.16 4.91 28.10
C ARG B 669 5.37 4.51 28.94
N PRO B 670 5.96 5.45 29.70
CA PRO B 670 7.25 5.13 30.37
C PRO B 670 7.14 4.32 31.64
N TYR B 671 6.02 3.63 31.85
CA TYR B 671 5.77 2.88 33.07
C TYR B 671 5.71 1.39 32.74
N SER B 672 6.76 0.66 33.14
CA SER B 672 6.83 -0.78 32.99
C SER B 672 7.87 -1.34 33.97
N VAL B 673 7.65 -2.58 34.39
CA VAL B 673 8.46 -3.22 35.44
C VAL B 673 9.09 -4.45 34.81
N ILE B 674 10.38 -4.38 34.51
CA ILE B 674 11.03 -5.31 33.58
C ILE B 674 11.42 -6.60 34.29
N LEU B 675 11.04 -7.72 33.68
CA LEU B 675 11.36 -9.07 34.14
C LEU B 675 12.49 -9.65 33.30
N LEU B 676 13.17 -10.66 33.85
CA LEU B 676 14.21 -11.40 33.12
C LEU B 676 14.17 -12.86 33.59
N ASP B 677 13.79 -13.74 32.67
CA ASP B 677 13.64 -15.16 33.00
C ASP B 677 14.32 -16.05 31.95
N GLU B 678 14.94 -17.13 32.47
CA GLU B 678 15.31 -18.34 31.71
C GLU B 678 16.35 -18.02 30.62
N VAL B 679 17.32 -17.19 31.03
CA VAL B 679 18.37 -16.76 30.11
C VAL B 679 19.55 -17.72 30.09
N GLU B 680 19.46 -18.83 30.82
CA GLU B 680 20.61 -19.66 31.16
C GLU B 680 20.77 -20.88 30.25
N LYS B 681 20.03 -20.97 29.15
CA LYS B 681 19.89 -22.26 28.48
C LYS B 681 20.55 -22.35 27.11
N ALA B 682 20.66 -21.22 26.40
CA ALA B 682 21.11 -21.26 25.00
C ALA B 682 22.63 -21.45 24.93
N HIS B 683 23.16 -21.60 23.72
CA HIS B 683 24.57 -21.91 23.54
C HIS B 683 25.42 -20.68 23.84
N PRO B 684 26.65 -20.86 24.39
CA PRO B 684 27.33 -19.77 25.09
C PRO B 684 27.85 -18.60 24.26
N ASP B 685 27.52 -18.52 22.98
CA ASP B 685 27.83 -17.32 22.19
C ASP B 685 26.92 -16.16 22.57
N VAL B 686 25.79 -16.46 23.24
CA VAL B 686 24.78 -15.44 23.50
C VAL B 686 24.87 -14.94 24.93
N PHE B 687 25.86 -15.42 25.70
CA PHE B 687 25.84 -15.22 27.16
C PHE B 687 26.10 -13.78 27.60
N ASN B 688 27.17 -13.14 27.14
CA ASN B 688 27.70 -11.98 27.87
C ASN B 688 27.10 -10.65 27.44
N ILE B 689 25.93 -10.67 26.78
CA ILE B 689 25.35 -9.40 26.35
C ILE B 689 24.50 -8.76 27.45
N LEU B 690 24.44 -9.38 28.64
CA LEU B 690 23.73 -8.78 29.76
C LEU B 690 24.60 -7.80 30.54
N LEU B 691 25.86 -7.61 30.12
CA LEU B 691 26.78 -6.78 30.87
C LEU B 691 26.72 -5.32 30.44
N GLN B 692 26.18 -5.06 29.25
CA GLN B 692 26.33 -3.76 28.60
C GLN B 692 25.37 -2.69 29.13
N VAL B 693 24.21 -3.07 29.64
CA VAL B 693 23.20 -2.06 29.98
C VAL B 693 23.34 -1.59 31.43
N LEU B 694 23.83 -2.44 32.32
CA LEU B 694 23.79 -2.17 33.75
C LEU B 694 24.89 -1.20 34.21
N ASP B 695 25.77 -0.78 33.32
CA ASP B 695 26.91 0.05 33.66
C ASP B 695 26.74 1.43 33.02
N ASP B 696 27.72 2.30 33.26
CA ASP B 696 27.69 3.69 32.85
C ASP B 696 28.38 3.95 31.51
N GLY B 697 28.31 3.02 30.56
CA GLY B 697 29.04 3.18 29.32
C GLY B 697 28.31 4.00 28.29
N ARG B 698 27.10 3.58 27.92
CA ARG B 698 26.26 4.34 27.00
C ARG B 698 24.81 4.04 27.37
N LEU B 699 23.94 5.04 27.24
CA LEU B 699 22.59 4.99 27.81
C LEU B 699 21.64 4.13 27.00
N THR B 700 21.97 3.85 25.73
CA THR B 700 21.35 2.83 24.87
C THR B 700 19.86 3.11 24.64
N ASP B 701 19.62 4.19 23.92
CA ASP B 701 18.32 4.42 23.31
C ASP B 701 18.37 4.02 21.84
N GLY B 702 17.23 4.21 21.14
CA GLY B 702 17.13 3.68 19.80
C GLY B 702 17.06 4.65 18.64
N GLN B 703 16.35 5.78 18.79
CA GLN B 703 16.29 6.79 17.73
C GLN B 703 16.48 8.21 18.22
N GLY B 704 16.84 8.43 19.47
CA GLY B 704 17.15 9.75 19.97
C GLY B 704 16.33 10.26 21.13
N ARG B 705 15.32 9.51 21.58
CA ARG B 705 14.57 9.92 22.76
C ARG B 705 14.77 8.89 23.88
N THR B 706 14.54 9.29 25.11
CA THR B 706 15.12 8.66 26.28
C THR B 706 14.40 7.36 26.66
N VAL B 707 15.10 6.55 27.46
CA VAL B 707 14.57 5.33 28.04
C VAL B 707 14.74 5.39 29.56
N ASP B 708 14.12 4.44 30.24
CA ASP B 708 13.88 4.52 31.68
C ASP B 708 15.05 3.96 32.47
N PHE B 709 15.61 4.79 33.35
CA PHE B 709 16.76 4.42 34.15
C PHE B 709 16.60 4.64 35.65
N ARG B 710 15.44 5.15 36.09
CA ARG B 710 15.29 5.64 37.46
C ARG B 710 14.24 4.93 38.31
N ASN B 711 13.11 4.52 37.75
CA ASN B 711 11.95 4.09 38.54
C ASN B 711 11.52 2.67 38.17
N THR B 712 12.48 1.75 38.12
CA THR B 712 12.21 0.38 37.73
C THR B 712 12.89 -0.57 38.69
N VAL B 713 12.11 -1.49 39.27
CA VAL B 713 12.66 -2.62 40.02
C VAL B 713 12.68 -3.84 39.09
N VAL B 714 13.86 -4.45 38.98
CA VAL B 714 14.04 -5.61 38.12
C VAL B 714 13.95 -6.86 38.98
N ILE B 715 12.89 -7.64 38.78
CA ILE B 715 12.76 -8.96 39.37
C ILE B 715 13.22 -9.95 38.31
N MET B 716 14.22 -10.76 38.63
CA MET B 716 14.62 -11.82 37.73
C MET B 716 14.33 -13.18 38.34
N THR B 717 14.60 -14.23 37.58
CA THR B 717 14.14 -15.58 37.94
C THR B 717 15.32 -16.53 37.90
N SER B 718 15.53 -17.29 38.97
CA SER B 718 16.58 -18.29 38.98
C SER B 718 15.93 -19.66 38.96
N ASN B 719 16.10 -20.38 37.86
CA ASN B 719 15.56 -21.72 37.74
C ASN B 719 16.74 -22.69 37.61
N LEU B 720 17.70 -22.54 38.52
CA LEU B 720 18.75 -23.53 38.72
C LEU B 720 18.22 -24.50 39.78
N GLY B 721 19.08 -25.25 40.47
CA GLY B 721 18.62 -26.29 41.37
C GLY B 721 17.91 -25.83 42.63
N SER B 722 16.83 -25.07 42.44
CA SER B 722 15.84 -24.73 43.47
C SER B 722 14.50 -25.33 43.09
N ASP B 723 14.54 -26.41 42.31
CA ASP B 723 13.36 -27.10 41.83
C ASP B 723 13.04 -28.36 42.63
N LEU B 724 14.05 -28.98 43.25
CA LEU B 724 13.81 -30.08 44.17
C LEU B 724 13.50 -29.57 45.57
N ILE B 725 13.79 -28.29 45.83
CA ILE B 725 13.67 -27.74 47.18
C ILE B 725 12.23 -27.30 47.46
N GLN B 726 11.35 -27.40 46.46
CA GLN B 726 9.98 -26.90 46.60
C GLN B 726 9.07 -27.88 47.32
N GLU B 727 9.60 -29.05 47.72
CA GLU B 727 8.76 -30.10 48.26
C GLU B 727 8.31 -29.78 49.68
N ARG B 728 9.26 -29.75 50.62
CA ARG B 728 8.96 -29.53 52.03
C ARG B 728 9.14 -28.07 52.43
N PHE B 729 8.40 -27.63 53.46
CA PHE B 729 8.62 -26.33 54.08
C PHE B 729 9.34 -26.44 55.42
N GLY B 730 9.82 -27.61 55.78
CA GLY B 730 10.60 -27.81 56.99
C GLY B 730 12.08 -27.53 56.80
N GLU B 731 12.61 -26.61 57.61
CA GLU B 731 14.03 -26.23 57.64
C GLU B 731 14.52 -25.73 56.28
N LEU B 732 13.85 -24.69 55.78
CA LEU B 732 14.30 -24.03 54.55
C LEU B 732 15.23 -22.88 54.90
N ASP B 733 16.26 -22.69 54.08
CA ASP B 733 17.34 -21.77 54.42
C ASP B 733 17.05 -20.37 53.92
N TYR B 734 17.36 -19.37 54.76
CA TYR B 734 17.42 -17.97 54.34
C TYR B 734 18.85 -17.47 54.21
N ALA B 735 19.73 -17.92 55.10
CA ALA B 735 21.13 -17.52 55.10
C ALA B 735 22.08 -18.70 55.01
N HIS B 736 21.56 -19.92 54.86
CA HIS B 736 22.38 -21.08 54.51
C HIS B 736 22.25 -21.45 53.04
N MET B 737 21.36 -20.79 52.30
CA MET B 737 21.01 -21.22 50.96
C MET B 737 21.99 -20.76 49.88
N LYS B 738 22.42 -19.50 49.91
CA LYS B 738 23.10 -18.96 48.73
C LYS B 738 24.62 -19.02 48.81
N GLU B 739 25.21 -19.43 49.92
CA GLU B 739 26.66 -19.44 49.98
C GLU B 739 27.28 -20.83 49.90
N LEU B 740 26.62 -21.87 50.45
CA LEU B 740 27.25 -23.19 50.43
C LEU B 740 26.66 -24.09 49.35
N VAL B 741 25.39 -23.88 48.98
CA VAL B 741 24.83 -24.60 47.85
C VAL B 741 25.36 -24.02 46.54
N LEU B 742 25.48 -22.69 46.47
CA LEU B 742 25.83 -22.03 45.20
C LEU B 742 27.34 -21.94 45.02
N GLY B 743 28.13 -22.29 46.03
CA GLY B 743 29.56 -22.06 45.96
C GLY B 743 30.30 -23.04 45.08
N VAL B 744 29.71 -24.23 44.87
CA VAL B 744 30.44 -25.33 44.25
C VAL B 744 29.80 -25.71 42.91
N VAL B 745 28.71 -25.04 42.55
CA VAL B 745 27.93 -25.43 41.38
C VAL B 745 27.99 -24.36 40.29
N SER B 746 28.48 -23.17 40.64
CA SER B 746 28.42 -22.04 39.71
C SER B 746 29.65 -21.96 38.81
N HIS B 747 30.85 -22.05 39.39
CA HIS B 747 32.08 -21.70 38.69
C HIS B 747 32.74 -22.89 38.00
N ASN B 748 31.97 -23.86 37.55
CA ASN B 748 32.51 -24.95 36.74
C ASN B 748 32.32 -24.62 35.25
N PHE B 749 31.13 -24.14 34.89
CA PHE B 749 30.83 -23.85 33.49
C PHE B 749 30.93 -22.34 33.25
N ARG B 750 30.29 -21.52 34.09
CA ARG B 750 30.28 -20.09 33.83
C ARG B 750 30.49 -19.29 35.12
N PRO B 751 31.66 -18.67 35.29
CA PRO B 751 31.86 -17.79 36.46
C PRO B 751 31.55 -16.31 36.24
N GLU B 752 30.91 -15.93 35.13
CA GLU B 752 30.63 -14.53 34.86
C GLU B 752 29.17 -14.16 35.02
N PHE B 753 28.44 -14.84 35.90
CA PHE B 753 26.99 -14.65 36.02
C PHE B 753 26.58 -14.31 37.45
N ILE B 754 27.20 -14.99 38.42
CA ILE B 754 26.89 -14.80 39.83
C ILE B 754 28.06 -14.08 40.51
N ASN B 755 29.11 -13.80 39.75
CA ASN B 755 30.18 -12.93 40.25
C ASN B 755 29.69 -11.50 40.47
N ARG B 756 28.63 -11.10 39.77
CA ARG B 756 27.99 -9.80 39.98
C ARG B 756 26.78 -9.93 40.90
N ILE B 757 25.94 -10.92 40.65
CA ILE B 757 24.63 -11.06 41.28
C ILE B 757 24.76 -12.04 42.43
N ASP B 758 24.40 -11.60 43.64
CA ASP B 758 24.67 -12.38 44.83
C ASP B 758 23.51 -12.53 45.79
N GLU B 759 22.57 -11.59 45.83
CA GLU B 759 21.46 -11.63 46.78
C GLU B 759 20.40 -12.61 46.31
N VAL B 760 20.30 -13.76 46.99
CA VAL B 760 19.34 -14.79 46.64
C VAL B 760 18.46 -15.08 47.86
N VAL B 761 17.17 -14.79 47.73
CA VAL B 761 16.17 -15.20 48.69
C VAL B 761 14.95 -15.72 47.92
N VAL B 762 14.38 -16.81 48.41
CA VAL B 762 13.42 -17.62 47.66
C VAL B 762 12.03 -17.03 47.84
N PHE B 763 11.14 -17.30 46.87
CA PHE B 763 9.72 -17.10 47.07
C PHE B 763 9.14 -18.16 48.00
N HIS B 764 7.81 -18.15 48.13
CA HIS B 764 7.14 -19.08 49.03
C HIS B 764 7.26 -20.51 48.52
N PRO B 765 7.58 -21.46 49.41
CA PRO B 765 7.53 -22.87 49.02
C PRO B 765 6.10 -23.33 48.84
N LEU B 766 5.84 -24.12 47.81
CA LEU B 766 4.47 -24.51 47.50
C LEU B 766 4.02 -25.65 48.39
N GLY B 767 3.43 -25.30 49.54
CA GLY B 767 2.93 -26.25 50.50
C GLY B 767 1.44 -26.49 50.37
N GLU B 768 0.76 -26.49 51.51
CA GLU B 768 -0.69 -26.65 51.50
C GLU B 768 -1.41 -25.33 51.75
N GLN B 769 -1.20 -24.70 52.91
CA GLN B 769 -2.10 -23.63 53.34
C GLN B 769 -1.80 -22.30 52.66
N HIS B 770 -0.55 -22.09 52.24
CA HIS B 770 -0.19 -20.87 51.52
C HIS B 770 -0.84 -20.78 50.15
N ILE B 771 -1.14 -21.92 49.52
CA ILE B 771 -1.97 -21.95 48.32
C ILE B 771 -3.46 -22.03 48.67
N ALA B 772 -3.80 -22.52 49.87
CA ALA B 772 -5.19 -22.49 50.32
C ALA B 772 -5.70 -21.06 50.49
N SER B 773 -4.80 -20.09 50.72
CA SER B 773 -5.18 -18.69 50.56
C SER B 773 -5.33 -18.35 49.08
N ILE B 774 -4.42 -18.84 48.24
CA ILE B 774 -4.41 -18.49 46.81
C ILE B 774 -5.55 -19.20 46.09
N ALA B 775 -5.90 -20.41 46.53
CA ALA B 775 -7.06 -21.07 45.96
C ALA B 775 -8.33 -20.54 46.53
N GLN B 776 -8.28 -19.67 47.53
CA GLN B 776 -9.46 -18.92 47.94
C GLN B 776 -9.62 -17.61 47.18
N ILE B 777 -8.51 -17.04 46.67
CA ILE B 777 -8.59 -15.83 45.86
C ILE B 777 -9.25 -16.13 44.51
N GLN B 778 -8.91 -17.26 43.91
CA GLN B 778 -9.53 -17.62 42.64
C GLN B 778 -10.92 -18.20 42.81
N LEU B 779 -11.27 -18.71 43.98
CA LEU B 779 -12.65 -19.07 44.27
C LEU B 779 -13.52 -17.91 44.72
N LYS B 780 -12.94 -16.85 45.30
CA LYS B 780 -13.80 -15.74 45.69
C LYS B 780 -14.16 -14.88 44.49
N ARG B 781 -13.38 -14.96 43.42
CA ARG B 781 -13.85 -14.40 42.16
C ARG B 781 -14.76 -15.37 41.41
N LEU B 782 -14.85 -16.61 41.86
CA LEU B 782 -15.93 -17.50 41.48
C LEU B 782 -17.16 -17.34 42.38
N TYR B 783 -16.99 -16.82 43.60
CA TYR B 783 -18.14 -16.50 44.44
C TYR B 783 -18.93 -15.35 43.86
N LYS B 784 -18.25 -14.23 43.57
CA LYS B 784 -18.87 -13.07 42.94
C LYS B 784 -19.39 -13.38 41.54
N ARG B 785 -18.80 -14.37 40.87
CA ARG B 785 -19.33 -14.89 39.62
C ARG B 785 -20.61 -15.70 39.83
N LEU B 786 -20.90 -16.10 41.07
CA LEU B 786 -21.99 -17.01 41.35
C LEU B 786 -23.09 -16.39 42.18
N GLU B 787 -22.81 -15.35 42.96
CA GLU B 787 -23.87 -14.69 43.73
C GLU B 787 -24.68 -13.73 42.87
N GLU B 788 -24.26 -13.48 41.64
CA GLU B 788 -25.06 -12.75 40.67
C GLU B 788 -26.29 -13.53 40.21
N ARG B 789 -26.31 -14.85 40.44
CA ARG B 789 -27.45 -15.69 40.08
C ARG B 789 -28.07 -16.34 41.31
N GLY B 790 -27.59 -15.99 42.50
CA GLY B 790 -28.24 -16.42 43.73
C GLY B 790 -27.73 -17.72 44.31
N TYR B 791 -26.42 -17.95 44.27
CA TYR B 791 -25.83 -19.10 44.93
C TYR B 791 -24.65 -18.62 45.76
N GLU B 792 -24.72 -18.80 47.08
CA GLU B 792 -23.56 -18.55 47.93
C GLU B 792 -23.01 -19.89 48.38
N ILE B 793 -21.83 -20.23 47.86
CA ILE B 793 -21.21 -21.52 48.13
C ILE B 793 -20.12 -21.34 49.17
N HIS B 794 -20.09 -22.25 50.13
CA HIS B 794 -19.02 -22.32 51.11
C HIS B 794 -18.09 -23.45 50.71
N ILE B 795 -16.90 -23.44 51.31
CA ILE B 795 -15.95 -24.53 51.12
C ILE B 795 -15.15 -24.64 52.41
N SER B 796 -14.79 -25.88 52.77
CA SER B 796 -14.14 -26.13 54.04
C SER B 796 -12.62 -26.09 53.90
N ASP B 797 -11.93 -26.11 55.03
CA ASP B 797 -10.49 -26.35 55.00
C ASP B 797 -10.19 -27.76 54.52
N GLU B 798 -11.10 -28.70 54.79
CA GLU B 798 -11.01 -30.05 54.27
C GLU B 798 -11.40 -30.13 52.79
N ALA B 799 -12.33 -29.28 52.35
CA ALA B 799 -12.90 -29.45 51.02
C ALA B 799 -12.05 -28.82 49.92
N LEU B 800 -11.19 -27.86 50.24
CA LEU B 800 -10.36 -27.27 49.18
C LEU B 800 -8.95 -27.85 49.16
N LYS B 801 -8.56 -28.62 50.18
CA LYS B 801 -7.35 -29.43 50.06
C LYS B 801 -7.65 -30.79 49.45
N LEU B 802 -8.93 -31.08 49.17
CA LEU B 802 -9.26 -32.13 48.21
C LEU B 802 -8.69 -31.81 46.83
N LEU B 803 -8.52 -30.53 46.51
CA LEU B 803 -7.96 -30.06 45.26
C LEU B 803 -6.45 -30.19 45.19
N SER B 804 -5.75 -30.22 46.34
CA SER B 804 -4.30 -30.09 46.37
C SER B 804 -3.54 -31.29 45.82
N GLU B 805 -4.21 -32.44 45.63
CA GLU B 805 -3.58 -33.57 44.98
C GLU B 805 -3.51 -33.41 43.46
N ASN B 806 -4.36 -32.53 42.91
CA ASN B 806 -4.43 -32.28 41.47
C ASN B 806 -4.16 -30.82 41.12
N GLY B 807 -3.39 -30.13 41.94
CA GLY B 807 -3.28 -28.68 41.91
C GLY B 807 -1.98 -28.25 41.26
N TYR B 808 -1.00 -27.89 42.08
CA TYR B 808 0.18 -27.16 41.62
C TYR B 808 1.19 -28.06 40.92
N ASP B 809 2.10 -27.42 40.15
CA ASP B 809 3.18 -28.00 39.37
C ASP B 809 4.50 -27.31 39.70
N PRO B 810 5.56 -28.08 40.00
CA PRO B 810 6.88 -27.43 40.18
C PRO B 810 7.49 -26.92 38.89
N VAL B 811 6.95 -27.30 37.74
CA VAL B 811 7.47 -26.89 36.45
C VAL B 811 6.86 -25.57 35.98
N TYR B 812 5.55 -25.38 36.21
CA TYR B 812 4.85 -24.21 35.70
C TYR B 812 4.48 -23.20 36.79
N GLY B 813 4.55 -23.57 38.06
CA GLY B 813 4.25 -22.64 39.14
C GLY B 813 2.82 -22.83 39.67
N ALA B 814 1.97 -21.82 39.45
CA ALA B 814 0.56 -21.91 39.80
C ALA B 814 -0.33 -21.77 38.57
N ARG B 815 0.21 -22.10 37.39
CA ARG B 815 -0.63 -22.20 36.19
C ARG B 815 -1.68 -23.32 36.24
N PRO B 816 -1.40 -24.58 36.70
CA PRO B 816 -2.48 -25.57 36.73
C PRO B 816 -3.41 -25.49 37.93
N LEU B 817 -3.39 -24.37 38.65
CA LEU B 817 -4.37 -24.18 39.73
C LEU B 817 -5.74 -23.86 39.17
N LYS B 818 -5.79 -23.01 38.15
CA LYS B 818 -7.06 -22.52 37.63
C LYS B 818 -7.85 -23.59 36.89
N ARG B 819 -7.20 -24.43 36.08
CA ARG B 819 -7.89 -25.53 35.43
C ARG B 819 -8.31 -26.59 36.43
N ALA B 820 -7.57 -26.72 37.54
CA ALA B 820 -7.99 -27.63 38.61
C ALA B 820 -9.26 -27.15 39.30
N ILE B 821 -9.54 -25.85 39.28
CA ILE B 821 -10.83 -25.38 39.75
C ILE B 821 -11.92 -25.72 38.74
N GLN B 822 -11.59 -25.71 37.45
CA GLN B 822 -12.59 -26.02 36.43
C GLN B 822 -12.94 -27.51 36.43
N GLN B 823 -11.93 -28.37 36.39
CA GLN B 823 -12.21 -29.80 36.25
C GLN B 823 -12.77 -30.43 37.53
N GLN B 824 -12.40 -29.93 38.71
CA GLN B 824 -12.83 -30.58 39.94
C GLN B 824 -14.19 -30.09 40.44
N ILE B 825 -14.40 -28.78 40.49
CA ILE B 825 -15.64 -28.22 40.98
C ILE B 825 -16.44 -27.51 39.89
N GLU B 826 -15.80 -26.63 39.10
CA GLU B 826 -16.56 -25.66 38.31
C GLU B 826 -17.26 -26.30 37.10
N ASN B 827 -16.61 -27.25 36.42
CA ASN B 827 -17.34 -27.97 35.38
C ASN B 827 -18.38 -28.93 35.95
N PRO B 828 -18.17 -29.60 37.10
CA PRO B 828 -19.31 -30.25 37.75
C PRO B 828 -20.32 -29.29 38.37
N LEU B 829 -19.95 -28.05 38.68
CA LEU B 829 -20.91 -27.12 39.27
C LEU B 829 -21.93 -26.67 38.23
N ALA B 830 -21.47 -26.27 37.04
CA ALA B 830 -22.34 -25.88 35.95
C ALA B 830 -23.19 -27.03 35.45
N GLN B 831 -22.74 -28.27 35.66
CA GLN B 831 -23.57 -29.44 35.39
C GLN B 831 -24.77 -29.47 36.32
N GLN B 832 -24.63 -28.96 37.54
CA GLN B 832 -25.70 -29.00 38.54
C GLN B 832 -26.53 -27.73 38.60
N ILE B 833 -25.98 -26.58 38.22
CA ILE B 833 -26.78 -25.36 38.10
C ILE B 833 -27.78 -25.50 36.97
N LEU B 834 -27.35 -26.06 35.84
CA LEU B 834 -28.23 -26.23 34.69
C LEU B 834 -29.24 -27.34 34.89
N SER B 835 -28.88 -28.40 35.63
CA SER B 835 -29.79 -29.51 35.84
C SER B 835 -30.98 -29.15 36.72
N GLY B 836 -30.89 -28.03 37.44
CA GLY B 836 -31.95 -27.58 38.31
C GLY B 836 -31.93 -28.22 39.68
N GLU B 837 -30.99 -29.13 39.94
CA GLU B 837 -30.99 -29.79 41.24
C GLU B 837 -30.24 -28.94 42.27
N LEU B 838 -29.58 -27.87 41.84
CA LEU B 838 -29.14 -26.84 42.76
C LEU B 838 -29.97 -25.58 42.57
N VAL B 839 -31.05 -25.47 43.33
CA VAL B 839 -31.96 -24.32 43.24
C VAL B 839 -31.33 -23.13 43.97
N PRO B 840 -31.45 -21.91 43.44
CA PRO B 840 -30.94 -20.74 44.17
C PRO B 840 -31.70 -20.50 45.48
N GLY B 841 -30.94 -20.23 46.53
CA GLY B 841 -31.52 -19.97 47.83
C GLY B 841 -31.06 -20.93 48.92
N LYS B 842 -30.93 -22.20 48.56
CA LYS B 842 -30.48 -23.20 49.53
C LYS B 842 -28.97 -23.44 49.39
N VAL B 843 -28.25 -23.30 50.51
CA VAL B 843 -26.82 -23.60 50.53
C VAL B 843 -26.65 -25.12 50.63
N ILE B 844 -25.73 -25.68 49.84
CA ILE B 844 -25.51 -27.12 49.75
C ILE B 844 -24.16 -27.43 50.39
N ARG B 845 -24.02 -28.66 50.88
CA ARG B 845 -22.79 -29.18 51.49
C ARG B 845 -22.36 -30.38 50.64
N LEU B 846 -21.20 -30.94 50.94
CA LEU B 846 -20.60 -31.99 50.13
C LEU B 846 -20.65 -33.33 50.87
N GLU B 847 -20.26 -34.38 50.14
CA GLU B 847 -20.06 -35.72 50.68
C GLU B 847 -18.78 -36.33 50.10
N VAL B 848 -18.17 -37.22 50.88
CA VAL B 848 -17.12 -38.09 50.36
C VAL B 848 -17.82 -39.32 49.78
N ASN B 849 -17.40 -39.73 48.60
CA ASN B 849 -18.18 -40.65 47.79
C ASN B 849 -17.26 -41.50 46.93
N GLU B 850 -17.81 -42.10 45.87
CA GLU B 850 -17.12 -43.06 45.01
C GLU B 850 -16.04 -42.32 44.20
N ASP B 851 -15.31 -43.10 43.39
CA ASP B 851 -13.96 -42.81 42.90
C ASP B 851 -13.82 -41.48 42.15
N ARG B 852 -14.89 -40.96 41.56
CA ARG B 852 -14.84 -39.59 41.07
C ARG B 852 -15.39 -38.62 42.11
N ILE B 853 -14.61 -37.60 42.45
CA ILE B 853 -14.88 -36.74 43.61
C ILE B 853 -15.61 -35.50 43.10
N VAL B 854 -16.94 -35.51 43.20
CA VAL B 854 -17.75 -34.32 42.95
C VAL B 854 -18.58 -34.03 44.20
N ALA B 855 -19.08 -32.80 44.33
CA ALA B 855 -19.85 -32.37 45.50
C ALA B 855 -21.33 -32.48 45.20
N VAL B 856 -21.92 -33.64 45.48
CA VAL B 856 -23.34 -33.87 45.27
C VAL B 856 -24.04 -34.02 46.61
N GLN B 857 -25.36 -34.18 46.55
CA GLN B 857 -26.18 -34.30 47.75
C GLN B 857 -26.35 -35.77 48.14
N LEU C 161 -40.49 33.91 20.87
CA LEU C 161 -40.26 32.92 21.91
C LEU C 161 -41.44 31.98 22.06
N LYS C 162 -42.64 32.49 21.85
CA LYS C 162 -43.83 31.67 22.03
C LYS C 162 -44.25 30.93 20.77
N LYS C 163 -43.50 31.05 19.68
CA LYS C 163 -43.79 30.39 18.42
C LYS C 163 -42.68 29.49 17.93
N TYR C 164 -41.43 29.82 18.24
CA TYR C 164 -40.27 29.12 17.69
C TYR C 164 -39.46 28.43 18.78
N THR C 165 -39.99 28.36 19.99
CA THR C 165 -39.35 27.64 21.09
C THR C 165 -40.40 26.75 21.75
N ILE C 166 -39.92 25.75 22.48
CA ILE C 166 -40.74 25.02 23.45
C ILE C 166 -40.28 25.48 24.82
N ASP C 167 -41.22 25.91 25.65
CA ASP C 167 -40.88 26.53 26.93
C ASP C 167 -40.39 25.43 27.87
N LEU C 168 -39.11 25.52 28.22
CA LEU C 168 -38.43 24.50 29.01
C LEU C 168 -38.98 24.37 30.42
N THR C 169 -39.65 25.41 30.92
CA THR C 169 -39.96 25.47 32.34
C THR C 169 -41.43 25.16 32.62
N GLU C 170 -42.33 25.50 31.69
CA GLU C 170 -43.75 25.23 31.95
C GLU C 170 -44.08 23.77 31.71
N ARG C 171 -43.20 23.06 31.00
CA ARG C 171 -43.31 21.60 30.97
C ARG C 171 -42.93 20.99 32.31
N ALA C 172 -42.04 21.63 33.06
CA ALA C 172 -41.64 21.12 34.37
C ALA C 172 -42.58 21.57 35.47
N GLU C 173 -43.36 22.62 35.25
CA GLU C 173 -44.34 23.08 36.22
C GLU C 173 -45.50 22.11 36.39
N GLN C 174 -45.98 21.52 35.31
CA GLN C 174 -47.06 20.54 35.40
C GLN C 174 -46.54 19.11 35.34
N GLY C 175 -45.24 18.91 35.56
CA GLY C 175 -44.69 17.58 35.71
C GLY C 175 -44.52 16.80 34.44
N LYS C 176 -44.57 17.45 33.29
CA LYS C 176 -44.47 16.76 32.01
C LYS C 176 -43.04 16.49 31.60
N LEU C 177 -42.06 16.76 32.45
CA LEU C 177 -40.69 16.35 32.25
C LEU C 177 -40.36 15.18 33.17
N ASP C 178 -39.33 14.44 32.81
CA ASP C 178 -38.88 13.30 33.59
C ASP C 178 -38.20 13.79 34.86
N PRO C 179 -38.28 13.02 35.95
CA PRO C 179 -37.45 13.33 37.12
C PRO C 179 -35.99 13.09 36.78
N VAL C 180 -35.14 13.93 37.32
CA VAL C 180 -33.70 13.82 37.08
C VAL C 180 -33.01 13.57 38.41
N ILE C 181 -32.43 12.38 38.52
CA ILE C 181 -31.84 11.88 39.75
C ILE C 181 -30.33 11.84 39.54
N GLY C 182 -29.58 12.25 40.56
CA GLY C 182 -28.18 12.45 40.31
C GLY C 182 -27.98 13.70 39.47
N ARG C 183 -26.83 13.77 38.82
CA ARG C 183 -26.39 14.86 37.93
C ARG C 183 -26.36 16.22 38.62
N ASP C 184 -26.39 16.26 39.96
CA ASP C 184 -26.26 17.52 40.68
C ASP C 184 -24.83 18.03 40.69
N GLU C 185 -23.87 17.18 40.34
CA GLU C 185 -22.52 17.66 40.07
C GLU C 185 -22.45 18.38 38.74
N GLU C 186 -23.27 17.97 37.77
CA GLU C 186 -23.30 18.60 36.45
C GLU C 186 -24.40 19.65 36.34
N ILE C 187 -25.35 19.67 37.27
CA ILE C 187 -26.32 20.76 37.34
C ILE C 187 -25.75 21.94 38.12
N ARG C 188 -25.05 21.68 39.23
CA ARG C 188 -24.38 22.79 39.91
C ARG C 188 -23.18 23.29 39.13
N ARG C 189 -22.64 22.49 38.20
CA ARG C 189 -21.60 22.98 37.30
C ARG C 189 -22.19 23.80 36.17
N THR C 190 -23.37 23.42 35.65
CA THR C 190 -23.92 24.14 34.51
C THR C 190 -24.51 25.49 34.94
N ILE C 191 -24.84 25.66 36.22
CA ILE C 191 -25.22 26.99 36.67
C ILE C 191 -24.00 27.77 37.10
N GLN C 192 -22.93 27.10 37.52
CA GLN C 192 -21.66 27.76 37.84
C GLN C 192 -21.01 28.36 36.61
N VAL C 193 -21.45 27.96 35.42
CA VAL C 193 -21.13 28.66 34.19
C VAL C 193 -22.10 29.79 33.92
N LEU C 194 -23.40 29.55 34.05
CA LEU C 194 -24.38 30.58 33.70
C LEU C 194 -24.41 31.72 34.71
N GLN C 195 -24.54 31.42 36.00
CA GLN C 195 -24.65 32.40 37.06
C GLN C 195 -23.39 33.26 37.20
N ARG C 196 -22.24 32.70 36.84
CA ARG C 196 -21.00 33.43 36.90
C ARG C 196 -20.97 34.50 35.80
N ARG C 197 -20.25 35.59 36.07
CA ARG C 197 -20.21 36.76 35.20
C ARG C 197 -18.87 36.90 34.47
N THR C 198 -17.77 36.75 35.19
CA THR C 198 -16.42 36.96 34.67
C THR C 198 -15.81 35.62 34.26
N LYS C 199 -15.26 35.58 33.03
CA LYS C 199 -14.67 34.42 32.32
C LYS C 199 -15.51 33.16 32.46
N ASN C 200 -16.84 33.32 32.36
CA ASN C 200 -17.82 32.28 32.65
C ASN C 200 -18.17 31.44 31.43
N ASN C 201 -17.18 30.89 30.73
CA ASN C 201 -17.44 30.11 29.51
C ASN C 201 -16.46 28.93 29.37
N PRO C 202 -16.67 27.82 30.13
CA PRO C 202 -16.14 26.51 29.70
C PRO C 202 -17.17 25.64 29.00
N VAL C 203 -16.74 24.49 28.50
CA VAL C 203 -17.59 23.50 27.86
C VAL C 203 -17.75 22.33 28.84
N LEU C 204 -18.79 21.53 28.60
CA LEU C 204 -18.97 20.27 29.30
C LEU C 204 -18.92 19.12 28.29
N ILE C 205 -18.86 17.89 28.79
CA ILE C 205 -18.59 16.72 27.97
C ILE C 205 -19.88 15.94 27.82
N GLY C 206 -20.08 15.30 26.66
CA GLY C 206 -21.25 14.49 26.43
C GLY C 206 -20.99 13.32 25.51
N GLU C 207 -21.99 12.43 25.43
CA GLU C 207 -21.96 11.17 24.71
C GLU C 207 -23.42 10.77 24.49
N PRO C 208 -23.78 10.16 23.35
CA PRO C 208 -25.20 9.98 23.05
C PRO C 208 -25.91 9.00 23.95
N GLY C 209 -26.69 9.52 24.89
CA GLY C 209 -27.47 8.67 25.77
C GLY C 209 -27.27 8.96 27.24
N VAL C 210 -26.33 9.84 27.58
CA VAL C 210 -25.90 9.97 28.96
C VAL C 210 -26.79 10.88 29.80
N GLY C 211 -27.55 11.76 29.19
CA GLY C 211 -28.38 12.63 29.98
C GLY C 211 -28.06 14.10 29.83
N LYS C 212 -27.60 14.53 28.66
CA LYS C 212 -27.41 15.95 28.44
C LYS C 212 -28.73 16.69 28.30
N THR C 213 -29.69 16.14 27.58
CA THR C 213 -31.01 16.74 27.53
C THR C 213 -31.73 16.59 28.86
N ALA C 214 -31.42 15.53 29.61
CA ALA C 214 -31.98 15.34 30.94
C ALA C 214 -31.13 15.95 32.02
N ILE C 215 -30.37 16.98 31.71
CA ILE C 215 -29.80 17.89 32.69
C ILE C 215 -30.40 19.28 32.55
N VAL C 216 -30.55 19.74 31.30
CA VAL C 216 -31.31 20.95 31.01
C VAL C 216 -32.77 20.76 31.36
N GLU C 217 -33.28 19.53 31.27
CA GLU C 217 -34.61 19.22 31.76
C GLU C 217 -34.61 18.95 33.27
N GLY C 218 -33.43 18.89 33.86
CA GLY C 218 -33.30 18.76 35.30
C GLY C 218 -32.98 20.09 35.92
N LEU C 219 -32.21 20.91 35.21
CA LEU C 219 -32.09 22.32 35.53
C LEU C 219 -33.43 23.03 35.49
N ALA C 220 -34.27 22.69 34.52
CA ALA C 220 -35.59 23.32 34.42
C ALA C 220 -36.53 22.84 35.50
N GLN C 221 -36.17 21.78 36.22
CA GLN C 221 -36.93 21.42 37.41
C GLN C 221 -36.33 22.03 38.67
N ARG C 222 -35.03 22.33 38.66
CA ARG C 222 -34.41 23.04 39.77
C ARG C 222 -34.95 24.44 39.93
N ILE C 223 -35.22 25.13 38.81
CA ILE C 223 -35.62 26.53 38.82
C ILE C 223 -37.02 26.68 39.42
N ILE C 224 -37.91 25.73 39.13
CA ILE C 224 -39.26 25.78 39.68
C ILE C 224 -39.29 25.32 41.12
N ASN C 225 -38.66 24.18 41.41
CA ASN C 225 -38.68 23.64 42.76
C ASN C 225 -37.83 24.44 43.73
N GLY C 226 -36.87 25.21 43.25
CA GLY C 226 -36.09 26.05 44.13
C GLY C 226 -34.89 25.39 44.76
N GLU C 227 -34.16 24.57 44.03
CA GLU C 227 -32.84 24.14 44.45
C GLU C 227 -31.74 24.96 43.80
N VAL C 228 -32.11 25.91 42.97
CA VAL C 228 -31.22 26.96 42.45
C VAL C 228 -31.03 27.98 43.55
N PRO C 229 -29.97 28.81 43.51
CA PRO C 229 -29.82 29.84 44.56
C PRO C 229 -30.84 30.97 44.45
N GLU C 230 -31.29 31.47 45.60
CA GLU C 230 -32.28 32.53 45.60
C GLU C 230 -31.60 33.90 45.61
N GLY C 231 -32.42 34.94 45.42
CA GLY C 231 -31.87 36.26 45.17
C GLY C 231 -31.14 36.35 43.86
N LEU C 232 -31.61 35.64 42.83
CA LEU C 232 -30.87 35.40 41.60
C LEU C 232 -31.77 35.66 40.40
N LYS C 233 -32.39 36.85 40.38
CA LYS C 233 -33.29 37.21 39.29
C LYS C 233 -32.52 37.31 37.98
N GLY C 234 -32.72 36.30 37.13
CA GLY C 234 -31.82 36.02 36.03
C GLY C 234 -31.27 34.61 36.04
N ARG C 235 -31.63 33.78 37.01
CA ARG C 235 -31.23 32.37 37.02
C ARG C 235 -32.03 31.55 36.02
N ARG C 236 -33.15 32.08 35.52
CA ARG C 236 -33.82 31.44 34.40
C ARG C 236 -32.93 31.52 33.17
N VAL C 237 -32.87 30.41 32.42
CA VAL C 237 -31.88 30.25 31.36
C VAL C 237 -32.55 30.35 29.99
N LEU C 238 -32.58 31.54 29.42
CA LEU C 238 -33.35 31.80 28.21
C LEU C 238 -32.53 31.34 27.01
N ALA C 239 -32.51 30.03 26.76
CA ALA C 239 -31.86 29.50 25.59
C ALA C 239 -32.64 29.84 24.32
N LEU C 240 -31.93 29.93 23.20
CA LEU C 240 -32.59 30.14 21.91
C LEU C 240 -33.00 28.78 21.35
N ASP C 241 -34.13 28.27 21.83
CA ASP C 241 -34.60 26.92 21.50
C ASP C 241 -35.10 26.88 20.07
N MET C 242 -35.37 25.67 19.59
CA MET C 242 -35.80 25.47 18.22
C MET C 242 -37.12 24.69 18.22
N GLY C 243 -37.60 24.38 17.02
CA GLY C 243 -38.78 23.58 16.83
C GLY C 243 -39.61 24.02 15.65
N ALA C 244 -39.46 25.28 15.20
CA ALA C 244 -40.14 25.70 13.98
C ALA C 244 -39.38 26.74 13.15
N LEU C 245 -38.08 26.97 13.38
CA LEU C 245 -37.41 28.14 12.80
C LEU C 245 -37.26 28.05 11.29
N VAL C 246 -36.68 26.99 10.76
CA VAL C 246 -36.48 26.83 9.33
C VAL C 246 -37.77 26.40 8.63
N ALA C 247 -38.79 26.03 9.40
CA ALA C 247 -40.05 25.49 8.88
C ALA C 247 -40.84 26.47 8.02
N GLY C 248 -40.47 27.73 7.94
CA GLY C 248 -40.92 28.50 6.81
C GLY C 248 -39.88 29.54 6.48
N ALA C 249 -39.32 29.42 5.28
CA ALA C 249 -38.30 30.35 4.85
C ALA C 249 -38.36 30.56 3.34
N LYS C 250 -39.53 30.34 2.72
CA LYS C 250 -39.60 30.29 1.27
C LYS C 250 -39.54 31.68 0.65
N TYR C 251 -39.51 32.73 1.47
CA TYR C 251 -39.13 34.06 1.01
C TYR C 251 -37.78 34.41 1.61
N ARG C 252 -37.14 35.44 1.06
CA ARG C 252 -35.69 35.61 1.16
C ARG C 252 -35.20 35.89 2.57
N GLY C 253 -35.77 36.89 3.23
CA GLY C 253 -35.35 37.20 4.58
C GLY C 253 -36.27 36.64 5.64
N GLU C 254 -36.81 35.45 5.42
CA GLU C 254 -37.81 34.89 6.32
C GLU C 254 -37.21 34.08 7.46
N PHE C 255 -36.02 33.51 7.28
CA PHE C 255 -35.34 32.93 8.42
C PHE C 255 -34.49 33.95 9.16
N GLU C 256 -33.99 34.97 8.47
CA GLU C 256 -33.21 35.96 9.17
C GLU C 256 -34.09 36.96 9.93
N GLU C 257 -35.40 36.97 9.68
CA GLU C 257 -36.28 37.79 10.50
C GLU C 257 -36.61 37.10 11.82
N ARG C 258 -36.15 35.86 12.00
CA ARG C 258 -36.15 35.16 13.28
C ARG C 258 -35.02 35.63 14.22
N LEU C 259 -34.42 36.79 13.94
CA LEU C 259 -33.73 37.54 14.98
C LEU C 259 -34.73 38.27 15.86
N LYS C 260 -36.01 38.24 15.49
CA LYS C 260 -37.06 38.54 16.44
C LYS C 260 -37.00 37.56 17.62
N GLY C 261 -36.62 36.31 17.36
CA GLY C 261 -36.37 35.35 18.41
C GLY C 261 -35.14 35.63 19.25
N VAL C 262 -34.20 36.44 18.78
CA VAL C 262 -33.06 36.86 19.60
C VAL C 262 -33.28 38.25 20.18
N LEU C 263 -34.39 38.92 19.83
CA LEU C 263 -34.77 40.14 20.52
C LEU C 263 -36.07 40.03 21.30
N ASN C 264 -36.73 38.86 21.32
CA ASN C 264 -37.84 38.69 22.27
C ASN C 264 -37.35 38.17 23.61
N ASP C 265 -36.13 37.63 23.66
CA ASP C 265 -35.61 37.17 24.94
C ASP C 265 -34.76 38.23 25.62
N LEU C 266 -34.44 39.32 24.93
CA LEU C 266 -33.65 40.40 25.52
C LEU C 266 -34.40 41.74 25.56
N ALA C 267 -35.65 41.75 25.18
CA ALA C 267 -36.44 42.97 25.34
C ALA C 267 -37.69 42.75 26.18
N LYS C 268 -38.32 41.59 26.08
CA LYS C 268 -39.39 41.23 26.99
C LYS C 268 -38.86 40.72 28.32
N GLN C 269 -37.56 40.48 28.43
CA GLN C 269 -36.94 39.81 29.56
C GLN C 269 -35.71 40.57 30.05
N GLU C 270 -35.89 41.88 30.25
CA GLU C 270 -35.06 42.79 31.05
C GLU C 270 -33.69 43.10 30.45
N GLY C 271 -33.29 42.46 29.35
CA GLY C 271 -32.01 42.77 28.72
C GLY C 271 -30.77 42.37 29.48
N ASN C 272 -30.93 41.65 30.60
CA ASN C 272 -29.81 41.31 31.48
C ASN C 272 -29.94 39.89 31.98
N VAL C 273 -30.50 39.01 31.15
CA VAL C 273 -30.66 37.60 31.49
C VAL C 273 -29.66 36.80 30.66
N ILE C 274 -28.98 35.86 31.32
CA ILE C 274 -27.89 35.10 30.71
C ILE C 274 -28.42 34.15 29.64
N LEU C 275 -27.64 33.95 28.59
CA LEU C 275 -28.06 33.15 27.45
C LEU C 275 -27.63 31.69 27.60
N PHE C 276 -27.85 30.94 26.52
CA PHE C 276 -27.62 29.52 26.31
C PHE C 276 -27.98 29.30 24.86
N ILE C 277 -27.52 28.19 24.28
CA ILE C 277 -28.04 27.70 23.01
C ILE C 277 -28.20 26.19 23.09
N ASP C 278 -29.37 25.71 22.68
CA ASP C 278 -29.71 24.30 22.79
C ASP C 278 -29.42 23.59 21.47
N GLU C 279 -28.71 22.45 21.55
CA GLU C 279 -28.42 21.54 20.44
C GLU C 279 -27.65 22.24 19.31
N LEU C 280 -26.38 22.51 19.61
CA LEU C 280 -25.54 23.46 18.89
C LEU C 280 -25.38 23.16 17.41
N HIS C 281 -25.43 21.89 17.02
CA HIS C 281 -24.84 21.53 15.74
C HIS C 281 -25.86 21.50 14.63
N THR C 282 -27.13 21.44 14.97
CA THR C 282 -28.17 21.73 14.00
C THR C 282 -28.25 23.22 13.70
N MET C 283 -27.76 24.06 14.63
CA MET C 283 -27.74 25.51 14.43
C MET C 283 -26.68 25.98 13.46
N VAL C 284 -25.55 25.28 13.35
CA VAL C 284 -24.46 25.74 12.49
C VAL C 284 -24.90 25.51 11.05
N GLY C 285 -25.37 26.59 10.42
CA GLY C 285 -26.03 26.51 9.14
C GLY C 285 -27.53 26.33 9.28
N ALA C 286 -28.31 27.28 8.75
CA ALA C 286 -29.74 27.07 8.49
C ALA C 286 -30.15 28.03 7.37
N GLY C 287 -30.24 27.48 6.14
CA GLY C 287 -30.69 28.26 5.00
C GLY C 287 -30.08 27.87 3.67
N LYS C 288 -30.07 28.81 2.72
CA LYS C 288 -29.34 28.68 1.46
C LYS C 288 -27.84 28.83 1.72
N ALA C 289 -27.03 28.71 0.67
CA ALA C 289 -25.59 28.80 0.82
C ALA C 289 -25.00 30.11 0.30
N ASP C 290 -25.84 31.05 -0.14
CA ASP C 290 -25.36 32.28 -0.74
C ASP C 290 -25.15 33.41 0.26
N GLY C 291 -26.16 33.72 1.07
CA GLY C 291 -25.98 34.66 2.16
C GLY C 291 -26.49 34.08 3.45
N ALA C 292 -27.29 33.02 3.34
CA ALA C 292 -27.86 32.35 4.50
C ALA C 292 -26.82 31.58 5.30
N MET C 293 -27.15 30.34 5.65
CA MET C 293 -26.29 29.44 6.42
C MET C 293 -25.52 30.11 7.57
N ASP C 294 -26.24 30.84 8.40
CA ASP C 294 -25.63 31.52 9.54
C ASP C 294 -26.59 31.61 10.72
N ALA C 295 -27.15 30.47 11.11
CA ALA C 295 -28.08 30.41 12.23
C ALA C 295 -27.30 30.62 13.52
N GLY C 296 -26.05 30.16 13.51
CA GLY C 296 -25.18 30.29 14.65
C GLY C 296 -24.35 31.55 14.53
N ASN C 297 -24.22 32.04 13.29
CA ASN C 297 -23.47 33.25 13.02
C ASN C 297 -24.24 34.46 13.54
N MET C 298 -25.57 34.38 13.46
CA MET C 298 -26.43 35.45 13.93
C MET C 298 -26.35 35.55 15.45
N LEU C 299 -26.23 34.40 16.11
CA LEU C 299 -26.13 34.36 17.56
C LEU C 299 -24.96 35.22 18.00
N LYS C 300 -23.81 35.03 17.36
CA LYS C 300 -22.62 35.81 17.68
C LYS C 300 -22.76 37.33 17.66
N PRO C 301 -23.75 37.95 17.00
CA PRO C 301 -24.07 39.34 17.33
C PRO C 301 -24.69 39.55 18.70
N ALA C 302 -24.89 38.51 19.49
CA ALA C 302 -25.03 38.69 20.93
C ALA C 302 -23.70 38.54 21.66
N LEU C 303 -22.68 37.99 21.00
CA LEU C 303 -21.34 37.99 21.59
C LEU C 303 -20.66 39.34 21.36
N ALA C 304 -21.02 40.02 20.27
CA ALA C 304 -20.69 41.43 20.12
C ALA C 304 -21.36 42.27 21.19
N ARG C 305 -22.60 41.92 21.56
CA ARG C 305 -23.20 42.47 22.77
C ARG C 305 -22.45 42.02 24.00
N GLY C 306 -22.05 40.74 24.02
CA GLY C 306 -21.45 40.14 25.19
C GLY C 306 -22.49 39.30 25.88
N GLU C 307 -23.73 39.51 25.44
CA GLU C 307 -24.90 38.87 26.02
C GLU C 307 -24.96 37.39 25.68
N LEU C 308 -24.28 36.96 24.61
CA LEU C 308 -24.22 35.55 24.25
C LEU C 308 -23.43 34.80 25.31
N HIS C 309 -24.00 33.69 25.76
CA HIS C 309 -23.41 32.82 26.76
C HIS C 309 -23.72 31.38 26.37
N CYS C 310 -22.92 30.45 26.85
CA CYS C 310 -23.03 29.09 26.35
C CYS C 310 -22.49 28.12 27.39
N VAL C 311 -23.22 27.03 27.60
CA VAL C 311 -22.72 25.87 28.34
C VAL C 311 -22.85 24.69 27.40
N GLY C 312 -21.78 24.37 26.68
CA GLY C 312 -21.84 23.30 25.71
C GLY C 312 -21.93 21.94 26.36
N ALA C 313 -23.12 21.34 26.32
CA ALA C 313 -23.34 19.95 26.71
C ALA C 313 -24.06 19.31 25.52
N THR C 314 -23.30 18.58 24.71
CA THR C 314 -23.75 18.05 23.43
C THR C 314 -22.90 16.84 23.09
N THR C 315 -23.10 16.26 21.91
CA THR C 315 -22.30 15.11 21.51
C THR C 315 -20.88 15.58 21.19
N LEU C 316 -19.89 14.84 21.70
CA LEU C 316 -18.51 15.31 21.69
C LEU C 316 -17.94 15.37 20.28
N ASP C 317 -18.08 14.29 19.51
CA ASP C 317 -17.52 14.31 18.17
C ASP C 317 -18.38 15.10 17.21
N GLU C 318 -19.65 15.31 17.56
CA GLU C 318 -20.44 16.27 16.82
C GLU C 318 -20.10 17.70 17.21
N TYR C 319 -19.48 17.89 18.38
CA TYR C 319 -18.91 19.18 18.75
C TYR C 319 -17.60 19.45 18.04
N ARG C 320 -16.91 18.40 17.57
CA ARG C 320 -15.68 18.59 16.84
C ARG C 320 -15.89 19.03 15.40
N GLN C 321 -16.73 18.32 14.64
CA GLN C 321 -16.72 18.51 13.20
C GLN C 321 -17.84 19.42 12.74
N TYR C 322 -18.80 19.70 13.62
CA TYR C 322 -19.79 20.74 13.31
C TYR C 322 -19.45 22.10 13.91
N ILE C 323 -18.67 22.15 14.99
CA ILE C 323 -17.95 23.36 15.34
C ILE C 323 -16.54 23.14 14.82
N GLU C 324 -16.37 23.32 13.50
CA GLU C 324 -15.05 23.11 12.89
C GLU C 324 -14.34 24.44 12.65
N LYS C 325 -14.97 25.31 11.84
CA LYS C 325 -14.35 26.56 11.43
C LYS C 325 -14.72 27.71 12.37
N ASP C 326 -15.65 27.48 13.29
CA ASP C 326 -16.10 28.53 14.20
C ASP C 326 -15.27 28.54 15.47
N ALA C 327 -14.15 29.27 15.45
CA ALA C 327 -13.38 29.48 16.67
C ALA C 327 -14.01 30.53 17.57
N ALA C 328 -14.96 31.31 17.04
CA ALA C 328 -15.66 32.30 17.85
C ALA C 328 -16.89 31.72 18.53
N LEU C 329 -17.03 30.40 18.53
CA LEU C 329 -18.04 29.71 19.31
C LEU C 329 -17.44 28.89 20.45
N GLU C 330 -16.15 28.60 20.39
CA GLU C 330 -15.41 27.80 21.36
C GLU C 330 -14.09 28.46 21.72
N ARG C 331 -14.19 29.74 22.12
CA ARG C 331 -13.04 30.65 22.28
C ARG C 331 -12.01 30.12 23.26
N ARG C 332 -12.39 29.93 24.52
CA ARG C 332 -11.56 29.28 25.51
C ARG C 332 -12.31 28.23 26.33
N PHE C 333 -13.32 27.60 25.73
CA PHE C 333 -14.12 26.55 26.36
C PHE C 333 -13.22 25.34 26.61
N GLN C 334 -12.79 25.17 27.85
CA GLN C 334 -11.63 24.35 28.17
C GLN C 334 -12.08 22.97 28.66
N LYS C 335 -11.24 21.97 28.47
CA LYS C 335 -11.60 20.58 28.72
C LYS C 335 -11.68 20.29 30.22
N VAL C 336 -12.90 20.24 30.75
CA VAL C 336 -13.15 19.80 32.12
C VAL C 336 -14.10 18.59 32.04
N PHE C 337 -13.69 17.47 32.63
CA PHE C 337 -14.44 16.19 32.55
C PHE C 337 -15.86 16.03 33.15
N VAL C 338 -16.71 15.33 32.39
CA VAL C 338 -18.11 14.99 32.73
C VAL C 338 -18.73 14.04 31.68
N ALA C 339 -19.11 12.83 32.09
CA ALA C 339 -19.71 11.82 31.19
C ALA C 339 -20.45 10.66 31.90
N GLU C 340 -21.15 9.82 31.14
CA GLU C 340 -21.85 8.67 31.69
C GLU C 340 -21.44 8.40 33.13
N PRO C 341 -22.33 7.75 33.90
CA PRO C 341 -22.10 7.43 35.30
C PRO C 341 -21.54 6.03 35.54
N SER C 342 -22.13 5.32 36.48
CA SER C 342 -21.73 3.98 36.86
C SER C 342 -22.96 3.08 36.87
N VAL C 343 -22.78 1.83 37.28
CA VAL C 343 -23.92 0.92 37.40
C VAL C 343 -24.73 1.23 38.64
N GLU C 344 -24.07 1.61 39.74
CA GLU C 344 -24.83 1.97 40.93
C GLU C 344 -25.30 3.41 40.87
N ASP C 345 -24.68 4.23 40.02
CA ASP C 345 -25.19 5.56 39.76
C ASP C 345 -26.44 5.54 38.92
N THR C 346 -26.56 4.60 37.98
CA THR C 346 -27.75 4.56 37.14
C THR C 346 -28.83 3.69 37.76
N ILE C 347 -28.54 3.02 38.88
CA ILE C 347 -29.61 2.39 39.64
C ILE C 347 -30.43 3.46 40.36
N ALA C 348 -29.75 4.50 40.87
CA ALA C 348 -30.46 5.64 41.44
C ALA C 348 -31.22 6.41 40.38
N ILE C 349 -30.71 6.42 39.14
CA ILE C 349 -31.46 6.96 38.01
C ILE C 349 -32.69 6.12 37.75
N LEU C 350 -32.55 4.79 37.79
CA LEU C 350 -33.66 3.92 37.47
C LEU C 350 -34.67 3.84 38.61
N ARG C 351 -34.21 3.97 39.86
CA ARG C 351 -35.10 3.86 41.00
C ARG C 351 -35.99 5.07 41.16
N GLY C 352 -35.62 6.21 40.60
CA GLY C 352 -36.47 7.38 40.70
C GLY C 352 -37.30 7.56 39.44
N LEU C 353 -36.86 6.95 38.35
CA LEU C 353 -37.59 6.98 37.10
C LEU C 353 -38.56 5.81 36.94
N LYS C 354 -38.57 4.85 37.84
CA LYS C 354 -39.44 3.69 37.68
C LYS C 354 -40.91 4.04 37.87
N GLU C 355 -41.22 5.11 38.60
CA GLU C 355 -42.60 5.50 38.81
C GLU C 355 -43.22 6.08 37.54
N ARG C 356 -42.41 6.60 36.63
CA ARG C 356 -42.91 7.02 35.33
C ARG C 356 -43.14 5.84 34.41
N TYR C 357 -42.42 4.73 34.62
CA TYR C 357 -42.57 3.53 33.83
C TYR C 357 -43.52 2.53 34.47
N GLU C 358 -43.75 2.62 35.78
CA GLU C 358 -44.78 1.84 36.41
C GLU C 358 -46.18 2.40 36.14
N LEU C 359 -46.29 3.67 35.79
CA LEU C 359 -47.60 4.26 35.55
C LEU C 359 -47.93 4.41 34.09
N HIS C 360 -46.92 4.39 33.23
CA HIS C 360 -47.17 4.33 31.80
C HIS C 360 -47.63 2.95 31.38
N HIS C 361 -47.12 1.91 32.04
CA HIS C 361 -47.39 0.54 31.66
C HIS C 361 -48.35 -0.17 32.61
N HIS C 362 -48.60 0.41 33.79
CA HIS C 362 -49.40 -0.18 34.86
C HIS C 362 -48.83 -1.53 35.28
N VAL C 363 -47.51 -1.55 35.44
CA VAL C 363 -46.78 -2.72 35.93
C VAL C 363 -46.14 -2.35 37.26
N GLN C 364 -45.56 -3.33 37.93
CA GLN C 364 -44.85 -3.10 39.19
C GLN C 364 -43.40 -3.50 38.94
N ILE C 365 -42.56 -2.51 38.66
CA ILE C 365 -41.14 -2.79 38.42
C ILE C 365 -40.50 -3.07 39.77
N THR C 366 -39.92 -4.25 39.92
CA THR C 366 -39.42 -4.69 41.21
C THR C 366 -37.93 -4.36 41.28
N ASP C 367 -37.44 -4.05 42.49
CA ASP C 367 -36.04 -3.67 42.68
C ASP C 367 -34.97 -4.69 42.29
N PRO C 368 -35.22 -6.01 42.26
CA PRO C 368 -34.33 -6.87 41.44
C PRO C 368 -34.29 -6.52 39.97
N ALA C 369 -35.42 -6.15 39.36
CA ALA C 369 -35.39 -5.79 37.94
C ALA C 369 -34.69 -4.48 37.67
N ILE C 370 -34.53 -3.62 38.69
CA ILE C 370 -33.81 -2.37 38.49
C ILE C 370 -32.32 -2.62 38.46
N VAL C 371 -31.82 -3.39 39.42
CA VAL C 371 -30.39 -3.70 39.51
C VAL C 371 -29.96 -4.57 38.33
N ALA C 372 -30.81 -5.52 37.94
CA ALA C 372 -30.49 -6.36 36.78
C ALA C 372 -30.59 -5.60 35.47
N ALA C 373 -31.31 -4.49 35.43
CA ALA C 373 -31.32 -3.71 34.21
C ALA C 373 -30.10 -2.85 34.05
N ALA C 374 -29.45 -2.49 35.15
CA ALA C 374 -28.24 -1.70 35.09
C ALA C 374 -26.98 -2.55 34.98
N THR C 375 -26.94 -3.70 35.65
CA THR C 375 -25.80 -4.60 35.56
C THR C 375 -25.73 -5.31 34.23
N LEU C 376 -26.85 -5.85 33.73
CA LEU C 376 -26.81 -6.62 32.51
C LEU C 376 -26.67 -5.76 31.27
N SER C 377 -27.27 -4.58 31.22
CA SER C 377 -27.09 -3.71 30.09
C SER C 377 -25.69 -3.14 30.00
N HIS C 378 -25.07 -2.84 31.14
CA HIS C 378 -23.67 -2.44 31.16
C HIS C 378 -22.75 -3.54 30.67
N ARG C 379 -23.06 -4.78 31.03
CA ARG C 379 -22.22 -5.91 30.65
C ARG C 379 -22.41 -6.29 29.19
N TYR C 380 -23.66 -6.42 28.75
CA TYR C 380 -23.97 -7.02 27.47
C TYR C 380 -24.12 -6.02 26.35
N ILE C 381 -24.98 -5.01 26.48
CA ILE C 381 -25.14 -4.03 25.41
C ILE C 381 -23.93 -3.10 25.39
N ALA C 382 -23.26 -3.01 24.24
CA ALA C 382 -22.01 -2.30 24.14
C ALA C 382 -22.08 -1.01 23.34
N ASP C 383 -22.94 -0.93 22.33
CA ASP C 383 -23.00 0.28 21.52
C ASP C 383 -23.72 1.42 22.25
N ARG C 384 -24.51 1.09 23.26
CA ARG C 384 -25.32 2.09 23.93
C ARG C 384 -24.65 2.57 25.22
N GLN C 385 -25.08 3.73 25.70
CA GLN C 385 -24.55 4.30 26.93
C GLN C 385 -25.46 3.99 28.11
N LEU C 386 -24.89 4.05 29.31
CA LEU C 386 -25.48 3.36 30.46
C LEU C 386 -26.83 3.85 30.97
N PRO C 387 -27.10 5.14 31.19
CA PRO C 387 -28.39 5.49 31.80
C PRO C 387 -29.57 5.34 30.86
N ASP C 388 -29.34 5.13 29.57
CA ASP C 388 -30.42 4.84 28.65
C ASP C 388 -30.60 3.37 28.35
N LYS C 389 -29.52 2.61 28.15
CA LYS C 389 -29.64 1.19 27.87
C LYS C 389 -30.13 0.40 29.08
N ALA C 390 -30.05 0.97 30.27
CA ALA C 390 -30.68 0.39 31.45
C ALA C 390 -32.14 0.75 31.55
N ILE C 391 -32.54 1.89 31.00
CA ILE C 391 -33.95 2.22 30.82
C ILE C 391 -34.61 1.37 29.75
N ASP C 392 -33.93 1.14 28.63
CA ASP C 392 -34.49 0.37 27.52
C ASP C 392 -34.80 -1.06 27.91
N LEU C 393 -34.09 -1.61 28.88
CA LEU C 393 -34.48 -2.89 29.45
C LEU C 393 -35.61 -2.76 30.44
N ILE C 394 -35.71 -1.64 31.14
CA ILE C 394 -36.83 -1.42 32.06
C ILE C 394 -38.09 -1.08 31.27
N ASP C 395 -37.93 -0.26 30.24
CA ASP C 395 -39.04 0.18 29.40
C ASP C 395 -39.63 -0.96 28.60
N GLU C 396 -38.80 -1.86 28.08
CA GLU C 396 -39.28 -2.89 27.17
C GLU C 396 -39.73 -4.14 27.92
N ALA C 397 -39.20 -4.37 29.11
CA ALA C 397 -39.74 -5.48 29.89
C ALA C 397 -41.05 -5.11 30.52
N ALA C 398 -41.25 -3.82 30.80
CA ALA C 398 -42.56 -3.37 31.26
C ALA C 398 -43.57 -3.44 30.14
N SER C 399 -43.16 -3.09 28.94
CA SER C 399 -44.01 -3.24 27.76
C SER C 399 -44.25 -4.68 27.40
N SER C 400 -43.35 -5.58 27.78
CA SER C 400 -43.57 -7.00 27.57
C SER C 400 -44.58 -7.57 28.55
N ILE C 401 -44.57 -7.07 29.79
CA ILE C 401 -45.53 -7.50 30.79
C ILE C 401 -46.92 -6.94 30.47
N ARG C 402 -46.98 -5.68 30.04
CA ARG C 402 -48.24 -5.07 29.62
C ARG C 402 -48.79 -5.73 28.36
N MET C 403 -47.92 -6.22 27.48
CA MET C 403 -48.37 -7.02 26.35
C MET C 403 -48.91 -8.36 26.81
N GLN C 404 -48.34 -8.93 27.87
CA GLN C 404 -48.79 -10.23 28.36
C GLN C 404 -50.08 -10.13 29.16
N ILE C 405 -50.52 -8.92 29.50
CA ILE C 405 -51.73 -8.79 30.29
C ILE C 405 -52.95 -8.61 29.38
N ASP C 406 -52.87 -7.69 28.42
CA ASP C 406 -53.99 -7.47 27.51
C ASP C 406 -54.14 -8.63 26.53
N SER C 407 -53.03 -9.17 26.05
CA SER C 407 -53.08 -10.44 25.35
C SER C 407 -52.94 -11.58 26.36
N LYS C 408 -52.94 -12.81 25.88
CA LYS C 408 -52.64 -13.91 26.77
C LYS C 408 -51.17 -14.28 26.62
N PRO C 409 -50.46 -14.54 27.72
CA PRO C 409 -49.00 -14.78 27.63
C PRO C 409 -48.67 -16.08 26.90
N GLU C 410 -47.89 -15.95 25.84
CA GLU C 410 -47.53 -17.07 24.98
C GLU C 410 -46.05 -16.98 24.63
N ASN C 529 -47.87 -9.54 34.91
CA ASN C 529 -48.11 -9.15 36.30
C ASN C 529 -47.17 -8.01 36.70
N LYS C 530 -45.92 -8.35 36.94
CA LYS C 530 -44.92 -7.40 37.41
C LYS C 530 -43.60 -7.73 36.73
N VAL C 531 -42.72 -6.73 36.67
CA VAL C 531 -41.44 -6.86 36.01
C VAL C 531 -40.47 -7.43 37.04
N THR C 532 -39.94 -8.61 36.77
CA THR C 532 -38.98 -9.21 37.68
C THR C 532 -37.64 -9.08 36.98
N ASP C 533 -36.55 -9.52 37.60
CA ASP C 533 -35.26 -9.51 36.93
C ASP C 533 -35.22 -10.52 35.79
N ALA C 534 -36.06 -11.55 35.87
CA ALA C 534 -36.16 -12.54 34.80
C ALA C 534 -36.72 -11.97 33.51
N GLU C 535 -37.54 -10.92 33.59
CA GLU C 535 -38.06 -10.26 32.40
C GLU C 535 -37.07 -9.29 31.79
N ILE C 536 -36.07 -8.86 32.56
CA ILE C 536 -35.04 -7.99 32.03
C ILE C 536 -34.05 -8.80 31.19
N ALA C 537 -33.66 -9.96 31.70
CA ALA C 537 -32.80 -10.86 30.95
C ALA C 537 -33.52 -11.45 29.75
N GLU C 538 -34.84 -11.58 29.83
CA GLU C 538 -35.61 -12.07 28.70
C GLU C 538 -35.63 -11.05 27.56
N VAL C 539 -35.57 -9.76 27.88
CA VAL C 539 -35.54 -8.73 26.85
C VAL C 539 -34.14 -8.57 26.30
N LEU C 540 -33.13 -8.67 27.17
CA LEU C 540 -31.75 -8.59 26.73
C LEU C 540 -31.35 -9.76 25.86
N ALA C 541 -31.90 -10.96 26.11
CA ALA C 541 -31.67 -12.07 25.22
C ALA C 541 -32.38 -11.90 23.88
N ARG C 542 -33.36 -11.01 23.80
CA ARG C 542 -33.95 -10.62 22.53
C ARG C 542 -33.28 -9.41 21.92
N TRP C 543 -32.73 -8.52 22.73
CA TRP C 543 -31.94 -7.41 22.19
C TRP C 543 -30.68 -7.92 21.53
N THR C 544 -29.89 -8.67 22.29
CA THR C 544 -28.55 -9.03 21.86
C THR C 544 -28.52 -10.38 21.16
N GLY C 545 -29.33 -11.32 21.63
CA GLY C 545 -29.26 -12.70 21.20
C GLY C 545 -28.51 -13.59 22.16
N ILE C 546 -27.76 -13.01 23.07
CA ILE C 546 -26.98 -13.75 24.06
C ILE C 546 -27.93 -14.41 25.05
N PRO C 547 -27.89 -15.73 25.22
CA PRO C 547 -28.92 -16.40 26.01
C PRO C 547 -28.74 -16.20 27.50
N VAL C 548 -29.57 -15.33 28.07
CA VAL C 548 -29.68 -15.18 29.51
C VAL C 548 -31.10 -15.39 30.02
N SER C 549 -32.03 -15.79 29.14
CA SER C 549 -33.40 -16.07 29.53
C SER C 549 -33.48 -17.34 30.36
N ARG C 550 -34.38 -17.32 31.36
CA ARG C 550 -34.55 -18.48 32.24
C ARG C 550 -36.02 -18.75 32.56
N MET C 551 -36.92 -18.78 31.57
CA MET C 551 -38.35 -18.88 31.88
C MET C 551 -38.76 -20.30 32.23
N MET C 552 -38.87 -21.14 31.21
CA MET C 552 -39.15 -22.58 31.29
C MET C 552 -38.32 -23.29 30.23
N GLU C 553 -37.03 -23.02 30.25
CA GLU C 553 -36.17 -23.32 29.12
C GLU C 553 -35.84 -24.81 29.04
N SER C 554 -35.26 -25.19 27.91
CA SER C 554 -34.67 -26.52 27.74
C SER C 554 -33.20 -26.47 28.13
N GLU C 555 -32.99 -26.48 29.45
CA GLU C 555 -31.65 -26.55 30.03
C GLU C 555 -31.27 -27.97 30.42
N ARG C 556 -32.25 -28.81 30.70
CA ARG C 556 -32.03 -30.15 31.21
C ARG C 556 -32.26 -31.24 30.16
N GLU C 557 -32.54 -30.86 28.91
CA GLU C 557 -32.67 -31.84 27.85
C GLU C 557 -31.68 -31.61 26.72
N LYS C 558 -31.06 -30.44 26.62
CA LYS C 558 -30.17 -30.13 25.52
C LYS C 558 -28.75 -29.81 25.97
N LEU C 559 -28.62 -28.98 26.99
CA LEU C 559 -27.27 -28.64 27.46
C LEU C 559 -26.71 -29.72 28.36
N LEU C 560 -27.57 -30.49 29.02
CA LEU C 560 -27.06 -31.63 29.78
C LEU C 560 -26.73 -32.80 28.87
N ARG C 561 -27.43 -32.89 27.73
CA ARG C 561 -27.13 -33.85 26.68
C ARG C 561 -26.29 -33.21 25.60
N MET C 562 -25.37 -32.31 25.96
CA MET C 562 -24.60 -31.60 24.95
C MET C 562 -23.59 -32.52 24.28
N GLU C 563 -22.99 -33.43 25.04
CA GLU C 563 -22.00 -34.33 24.47
C GLU C 563 -22.65 -35.36 23.57
N GLN C 564 -23.89 -35.76 23.86
CA GLN C 564 -24.57 -36.72 23.00
C GLN C 564 -25.00 -36.12 21.68
N GLU C 565 -25.38 -34.84 21.66
CA GLU C 565 -25.76 -34.21 20.40
C GLU C 565 -24.56 -33.86 19.55
N LEU C 566 -23.38 -33.74 20.17
CA LEU C 566 -22.17 -33.49 19.39
C LEU C 566 -21.57 -34.79 18.88
N HIS C 567 -21.85 -35.91 19.52
CA HIS C 567 -21.38 -37.20 19.04
C HIS C 567 -22.29 -37.81 17.99
N HIS C 568 -23.36 -37.13 17.58
CA HIS C 568 -24.03 -37.55 16.37
C HIS C 568 -23.30 -37.08 15.14
N ARG C 569 -22.38 -36.13 15.29
CA ARG C 569 -21.59 -35.63 14.19
C ARG C 569 -20.10 -35.69 14.42
N VAL C 570 -19.63 -35.85 15.66
CA VAL C 570 -18.22 -36.03 15.96
C VAL C 570 -18.09 -37.38 16.67
N ILE C 571 -17.85 -38.43 15.89
CA ILE C 571 -17.57 -39.75 16.46
C ILE C 571 -16.16 -39.73 17.05
N GLY C 572 -16.05 -40.14 18.29
CA GLY C 572 -14.79 -40.03 18.96
C GLY C 572 -14.53 -38.59 19.34
N GLN C 573 -13.24 -38.29 19.54
CA GLN C 573 -12.77 -37.02 20.08
C GLN C 573 -13.51 -36.65 21.35
N ASN C 574 -13.54 -37.61 22.28
CA ASN C 574 -14.27 -37.43 23.53
C ASN C 574 -13.68 -36.31 24.38
N GLU C 575 -12.37 -36.16 24.37
CA GLU C 575 -11.72 -35.07 25.10
C GLU C 575 -11.93 -33.71 24.44
N ALA C 576 -12.54 -33.68 23.27
CA ALA C 576 -12.78 -32.46 22.52
C ALA C 576 -14.20 -31.96 22.59
N VAL C 577 -15.18 -32.86 22.68
CA VAL C 577 -16.53 -32.40 22.93
C VAL C 577 -16.75 -32.16 24.41
N ASP C 578 -15.99 -32.80 25.30
CA ASP C 578 -16.08 -32.54 26.73
C ASP C 578 -15.39 -31.25 27.11
N ALA C 579 -14.60 -30.67 26.23
CA ALA C 579 -14.07 -29.34 26.45
C ALA C 579 -14.98 -28.28 25.87
N VAL C 580 -15.68 -28.60 24.79
CA VAL C 580 -16.63 -27.71 24.16
C VAL C 580 -17.94 -27.66 24.95
N SER C 581 -18.39 -28.81 25.45
CA SER C 581 -19.61 -28.84 26.24
C SER C 581 -19.44 -28.15 27.58
N ASN C 582 -18.30 -28.33 28.23
CA ASN C 582 -18.06 -27.79 29.55
C ASN C 582 -17.65 -26.33 29.53
N ALA C 583 -17.61 -25.71 28.36
CA ALA C 583 -17.40 -24.28 28.29
C ALA C 583 -18.66 -23.56 27.86
N ILE C 584 -19.63 -24.28 27.30
CA ILE C 584 -20.93 -23.72 27.02
C ILE C 584 -21.84 -23.82 28.23
N ARG C 585 -21.81 -24.95 28.93
CA ARG C 585 -22.52 -25.08 30.19
C ARG C 585 -21.96 -24.15 31.25
N ARG C 586 -20.67 -23.87 31.21
CA ARG C 586 -20.09 -22.92 32.14
C ARG C 586 -20.48 -21.50 31.84
N SER C 587 -20.89 -21.18 30.61
CA SER C 587 -21.35 -19.84 30.34
C SER C 587 -22.83 -19.68 30.64
N ARG C 588 -23.61 -20.73 30.37
CA ARG C 588 -25.04 -20.68 30.65
C ARG C 588 -25.33 -20.77 32.15
N ALA C 589 -24.40 -21.27 32.93
CA ALA C 589 -24.53 -21.24 34.38
C ALA C 589 -24.03 -19.95 34.98
N GLY C 590 -23.55 -19.02 34.17
CA GLY C 590 -22.96 -17.81 34.69
C GLY C 590 -21.62 -18.00 35.32
N LEU C 591 -20.95 -19.12 35.07
CA LEU C 591 -19.69 -19.46 35.70
C LEU C 591 -18.49 -19.03 34.88
N ALA C 592 -18.70 -18.47 33.69
CA ALA C 592 -17.61 -18.08 32.83
C ALA C 592 -17.09 -16.70 33.20
N ASP C 593 -15.83 -16.46 32.89
CA ASP C 593 -15.22 -15.15 33.08
C ASP C 593 -15.87 -14.15 32.13
N PRO C 594 -16.56 -13.12 32.62
CA PRO C 594 -17.25 -12.19 31.73
C PRO C 594 -16.32 -11.26 30.95
N ASN C 595 -15.05 -11.16 31.31
CA ASN C 595 -14.10 -10.32 30.60
C ASN C 595 -13.28 -11.10 29.60
N ARG C 596 -13.82 -12.21 29.12
CA ARG C 596 -13.16 -13.14 28.21
C ARG C 596 -14.26 -13.78 27.38
N PRO C 597 -13.93 -14.38 26.24
CA PRO C 597 -14.92 -15.14 25.47
C PRO C 597 -15.48 -16.33 26.24
N ILE C 598 -16.55 -16.89 25.69
CA ILE C 598 -17.18 -18.06 26.29
C ILE C 598 -16.22 -19.23 26.28
N GLY C 599 -15.60 -19.49 25.14
CA GLY C 599 -14.57 -20.49 25.01
C GLY C 599 -13.59 -20.04 23.97
N SER C 600 -12.31 -20.21 24.27
CA SER C 600 -11.25 -20.00 23.29
C SER C 600 -10.51 -21.33 23.20
N PHE C 601 -10.68 -22.03 22.09
CA PHE C 601 -10.14 -23.36 21.91
C PHE C 601 -9.11 -23.37 20.81
N LEU C 602 -8.14 -24.27 20.95
CA LEU C 602 -7.20 -24.55 19.87
C LEU C 602 -7.35 -26.03 19.58
N PHE C 603 -7.91 -26.34 18.41
CA PHE C 603 -8.20 -27.71 18.01
C PHE C 603 -7.02 -28.20 17.20
N LEU C 604 -6.10 -28.89 17.84
CA LEU C 604 -4.98 -29.49 17.14
C LEU C 604 -5.26 -30.96 16.91
N GLY C 605 -4.63 -31.52 15.89
CA GLY C 605 -4.86 -32.91 15.57
C GLY C 605 -4.27 -33.27 14.23
N PRO C 606 -4.46 -34.50 13.80
CA PRO C 606 -4.10 -34.89 12.45
C PRO C 606 -5.07 -34.38 11.41
N THR C 607 -4.89 -34.82 10.17
CA THR C 607 -5.80 -34.46 9.10
C THR C 607 -7.03 -35.31 9.18
N GLY C 608 -8.20 -34.69 9.09
CA GLY C 608 -9.45 -35.40 8.91
C GLY C 608 -9.97 -36.12 10.12
N VAL C 609 -9.79 -35.56 11.30
CA VAL C 609 -10.16 -36.23 12.54
C VAL C 609 -11.35 -35.58 13.22
N GLY C 610 -11.87 -34.50 12.68
CA GLY C 610 -13.04 -33.90 13.27
C GLY C 610 -12.79 -32.57 13.91
N LYS C 611 -11.73 -31.89 13.51
CA LYS C 611 -11.41 -30.60 14.10
C LYS C 611 -12.34 -29.51 13.59
N THR C 612 -12.50 -29.41 12.27
CA THR C 612 -13.48 -28.50 11.70
C THR C 612 -14.89 -29.06 11.86
N GLU C 613 -15.02 -30.37 11.97
CA GLU C 613 -16.34 -30.97 12.13
C GLU C 613 -16.94 -30.68 13.50
N LEU C 614 -16.10 -30.48 14.52
CA LEU C 614 -16.65 -30.13 15.82
C LEU C 614 -17.08 -28.67 15.86
N CYS C 615 -16.43 -27.82 15.09
CA CYS C 615 -16.87 -26.43 15.04
C CYS C 615 -18.11 -26.28 14.18
N LYS C 616 -18.42 -27.28 13.36
CA LYS C 616 -19.67 -27.29 12.62
C LYS C 616 -20.75 -28.01 13.37
N ALA C 617 -20.41 -29.04 14.15
CA ALA C 617 -21.38 -29.69 15.01
C ALA C 617 -21.78 -28.80 16.17
N LEU C 618 -20.92 -27.90 16.60
CA LEU C 618 -21.27 -26.97 17.67
C LEU C 618 -22.11 -25.82 17.14
N ALA C 619 -21.80 -25.33 15.95
CA ALA C 619 -22.61 -24.28 15.37
C ALA C 619 -23.98 -24.79 14.95
N ASN C 620 -24.11 -26.08 14.69
CA ASN C 620 -25.40 -26.72 14.53
C ASN C 620 -26.07 -27.00 15.86
N PHE C 621 -25.33 -26.96 16.95
CA PHE C 621 -25.94 -27.21 18.26
C PHE C 621 -26.63 -25.95 18.76
N MET C 622 -25.87 -24.87 18.88
CA MET C 622 -26.40 -23.66 19.50
C MET C 622 -27.08 -22.72 18.52
N PHE C 623 -27.01 -23.00 17.22
CA PHE C 623 -27.66 -22.15 16.24
C PHE C 623 -28.44 -22.92 15.19
N ASP C 624 -28.41 -24.25 15.24
CA ASP C 624 -29.26 -25.14 14.46
C ASP C 624 -29.04 -25.03 12.95
N SER C 625 -27.85 -24.56 12.57
CA SER C 625 -27.34 -24.73 11.23
C SER C 625 -25.82 -24.66 11.28
N ASP C 626 -25.15 -25.52 10.52
CA ASP C 626 -23.70 -25.64 10.57
C ASP C 626 -23.01 -24.41 10.01
N GLU C 627 -23.71 -23.64 9.20
CA GLU C 627 -23.16 -22.45 8.56
C GLU C 627 -23.47 -21.20 9.36
N ALA C 628 -24.02 -21.35 10.56
CA ALA C 628 -24.32 -20.21 11.41
C ALA C 628 -23.19 -19.94 12.39
N MET C 629 -21.99 -19.78 11.83
CA MET C 629 -20.82 -19.40 12.59
C MET C 629 -20.02 -18.44 11.74
N VAL C 630 -19.14 -17.69 12.38
CA VAL C 630 -18.26 -16.79 11.64
C VAL C 630 -17.08 -17.65 11.18
N ARG C 631 -17.28 -18.28 10.02
CA ARG C 631 -16.29 -19.20 9.48
C ARG C 631 -15.21 -18.38 8.82
N ILE C 632 -14.02 -18.42 9.39
CA ILE C 632 -12.90 -17.60 8.94
C ILE C 632 -11.80 -18.57 8.58
N ASP C 633 -11.53 -18.70 7.28
CA ASP C 633 -10.44 -19.54 6.81
C ASP C 633 -9.16 -18.72 6.87
N MET C 634 -8.34 -18.96 7.90
CA MET C 634 -7.20 -18.10 8.18
C MET C 634 -6.04 -18.31 7.22
N SER C 635 -6.20 -19.16 6.22
CA SER C 635 -5.27 -19.31 5.12
C SER C 635 -5.45 -18.24 4.05
N GLU C 636 -6.38 -17.32 4.23
CA GLU C 636 -6.45 -16.12 3.42
C GLU C 636 -5.72 -14.95 4.04
N PHE C 637 -5.21 -15.12 5.26
CA PHE C 637 -4.49 -14.09 5.97
C PHE C 637 -3.02 -14.42 6.11
N MET C 638 -2.45 -15.08 5.11
CA MET C 638 -1.03 -15.35 5.13
C MET C 638 -0.22 -14.09 4.88
N GLU C 639 -0.81 -13.12 4.20
CA GLU C 639 -0.18 -11.84 3.95
C GLU C 639 -0.38 -10.92 5.15
N LYS C 640 0.61 -10.05 5.38
CA LYS C 640 0.58 -9.14 6.52
C LYS C 640 -0.54 -8.12 6.39
N HIS C 641 -0.79 -7.63 5.19
CA HIS C 641 -1.80 -6.61 4.95
C HIS C 641 -3.21 -7.17 4.87
N SER C 642 -3.37 -8.49 4.98
CA SER C 642 -4.68 -9.12 5.00
C SER C 642 -5.32 -9.09 6.37
N VAL C 643 -4.69 -8.46 7.35
CA VAL C 643 -5.34 -8.29 8.64
C VAL C 643 -6.41 -7.22 8.57
N SER C 644 -6.45 -6.43 7.49
CA SER C 644 -7.51 -5.48 7.26
C SER C 644 -8.80 -6.14 6.76
N ARG C 645 -8.81 -7.45 6.60
CA ARG C 645 -10.05 -8.13 6.31
C ARG C 645 -10.77 -8.59 7.56
N LEU C 646 -10.05 -8.76 8.67
CA LEU C 646 -10.71 -9.12 9.92
C LEU C 646 -11.22 -7.89 10.63
N VAL C 647 -10.46 -6.81 10.62
CA VAL C 647 -10.81 -5.62 11.37
C VAL C 647 -11.14 -4.43 10.50
N GLY C 648 -11.01 -4.52 9.18
CA GLY C 648 -11.42 -3.42 8.35
C GLY C 648 -10.25 -2.52 7.96
N ALA C 649 -10.47 -1.76 6.89
CA ALA C 649 -9.47 -0.80 6.44
C ALA C 649 -9.46 0.42 7.34
N PRO C 650 -8.35 1.13 7.43
CA PRO C 650 -8.32 2.42 8.13
C PRO C 650 -9.18 3.43 7.41
N PRO C 651 -9.70 4.43 8.12
CA PRO C 651 -10.70 5.32 7.52
C PRO C 651 -10.13 6.20 6.42
N GLY C 652 -10.83 6.23 5.30
CA GLY C 652 -10.37 6.92 4.11
C GLY C 652 -9.90 6.00 3.00
N TYR C 653 -9.78 4.71 3.26
CA TYR C 653 -9.29 3.76 2.27
C TYR C 653 -10.47 3.18 1.50
N VAL C 654 -10.22 2.28 0.55
CA VAL C 654 -11.24 1.97 -0.44
C VAL C 654 -12.28 1.00 0.11
N GLY C 655 -12.00 0.35 1.23
CA GLY C 655 -12.98 -0.55 1.78
C GLY C 655 -13.22 -0.37 3.26
N TYR C 656 -13.17 0.88 3.74
CA TYR C 656 -13.27 1.11 5.17
C TYR C 656 -14.71 1.09 5.66
N GLU C 657 -15.66 1.47 4.80
CA GLU C 657 -17.06 1.56 5.20
C GLU C 657 -17.77 0.22 5.02
N GLU C 658 -17.04 -0.88 4.83
CA GLU C 658 -17.61 -2.21 4.90
C GLU C 658 -17.16 -2.98 6.13
N GLY C 659 -16.23 -2.41 6.90
CA GLY C 659 -15.82 -3.03 8.13
C GLY C 659 -14.94 -4.24 7.90
N GLY C 660 -14.75 -5.00 8.98
CA GLY C 660 -14.01 -6.24 8.88
C GLY C 660 -14.94 -7.43 8.80
N TYR C 661 -14.42 -8.57 8.32
CA TYR C 661 -15.24 -9.77 8.28
C TYR C 661 -15.51 -10.31 9.67
N LEU C 662 -14.54 -10.23 10.56
CA LEU C 662 -14.72 -10.71 11.93
C LEU C 662 -15.40 -9.69 12.82
N THR C 663 -15.05 -8.42 12.70
CA THR C 663 -15.55 -7.43 13.63
C THR C 663 -17.01 -7.10 13.41
N GLU C 664 -17.46 -6.95 12.16
CA GLU C 664 -18.85 -6.65 11.89
C GLU C 664 -19.79 -7.81 12.21
N ALA C 665 -19.33 -9.05 12.03
CA ALA C 665 -20.20 -10.19 12.26
C ALA C 665 -20.41 -10.49 13.73
N VAL C 666 -19.57 -9.94 14.61
CA VAL C 666 -19.70 -10.15 16.05
C VAL C 666 -20.34 -8.91 16.64
N ARG C 667 -20.16 -7.77 15.96
CA ARG C 667 -20.91 -6.59 16.34
C ARG C 667 -22.40 -6.76 16.03
N ARG C 668 -22.73 -7.40 14.92
CA ARG C 668 -24.11 -7.68 14.55
C ARG C 668 -24.70 -8.84 15.34
N ARG C 669 -23.89 -9.83 15.69
CA ARG C 669 -24.35 -10.96 16.49
C ARG C 669 -23.33 -11.22 17.57
N PRO C 670 -23.55 -10.73 18.79
CA PRO C 670 -22.55 -10.90 19.85
C PRO C 670 -22.42 -12.32 20.35
N TYR C 671 -23.40 -13.16 20.12
CA TYR C 671 -23.36 -14.56 20.50
C TYR C 671 -23.13 -15.36 19.23
N SER C 672 -21.89 -15.80 19.03
CA SER C 672 -21.52 -16.49 17.80
C SER C 672 -20.59 -17.62 18.12
N VAL C 673 -20.28 -18.41 17.09
CA VAL C 673 -19.10 -19.27 17.08
C VAL C 673 -18.18 -18.71 16.02
N ILE C 674 -16.91 -18.56 16.35
CA ILE C 674 -15.94 -18.05 15.42
C ILE C 674 -14.95 -19.17 15.15
N LEU C 675 -15.02 -19.72 13.95
CA LEU C 675 -14.06 -20.73 13.51
C LEU C 675 -12.94 -20.02 12.78
N LEU C 676 -11.78 -19.99 13.40
CA LEU C 676 -10.56 -19.50 12.77
C LEU C 676 -9.78 -20.73 12.35
N ASP C 677 -10.26 -21.43 11.33
CA ASP C 677 -9.62 -22.69 10.99
C ASP C 677 -8.44 -22.45 10.09
N GLU C 678 -7.50 -23.40 10.12
CA GLU C 678 -6.15 -23.29 9.58
C GLU C 678 -5.46 -22.04 10.13
N VAL C 679 -5.44 -21.95 11.47
CA VAL C 679 -5.04 -20.71 12.11
C VAL C 679 -3.54 -20.51 12.02
N GLU C 680 -2.76 -21.57 11.90
CA GLU C 680 -1.31 -21.45 11.86
C GLU C 680 -0.82 -20.91 10.52
N LYS C 681 -1.68 -20.92 9.50
CA LYS C 681 -1.36 -20.35 8.21
C LYS C 681 -1.54 -18.84 8.17
N ALA C 682 -2.16 -18.26 9.18
CA ALA C 682 -2.31 -16.82 9.23
C ALA C 682 -0.95 -16.17 9.46
N HIS C 683 -0.87 -14.95 9.05
CA HIS C 683 0.34 -14.20 9.28
C HIS C 683 0.41 -13.84 10.76
N PRO C 684 1.61 -13.81 11.34
CA PRO C 684 1.71 -13.54 12.79
C PRO C 684 1.25 -12.16 13.25
N ASP C 685 0.94 -11.24 12.33
CA ASP C 685 0.28 -9.99 12.71
C ASP C 685 -1.22 -10.14 12.85
N VAL C 686 -1.76 -11.31 12.52
CA VAL C 686 -3.17 -11.58 12.80
C VAL C 686 -3.34 -12.15 14.20
N PHE C 687 -2.30 -12.77 14.75
CA PHE C 687 -2.38 -13.27 16.11
C PHE C 687 -2.30 -12.14 17.14
N ASN C 688 -1.70 -11.00 16.79
CA ASN C 688 -1.79 -9.86 17.70
C ASN C 688 -3.19 -9.27 17.73
N ILE C 689 -3.89 -9.31 16.60
CA ILE C 689 -5.29 -8.92 16.55
C ILE C 689 -6.16 -9.95 17.27
N LEU C 690 -5.84 -11.23 17.10
CA LEU C 690 -6.59 -12.29 17.76
C LEU C 690 -6.33 -12.32 19.25
N LEU C 691 -5.16 -11.84 19.69
CA LEU C 691 -4.82 -11.85 21.10
C LEU C 691 -5.71 -10.92 21.91
N GLN C 692 -6.10 -9.78 21.34
CA GLN C 692 -6.99 -8.84 22.02
C GLN C 692 -8.35 -9.46 22.27
N VAL C 693 -8.78 -10.37 21.38
CA VAL C 693 -10.02 -11.09 21.55
C VAL C 693 -9.94 -12.02 22.75
N LEU C 694 -8.83 -12.73 22.92
CA LEU C 694 -8.73 -13.67 24.03
C LEU C 694 -8.30 -12.98 25.31
N ASP C 695 -7.59 -11.85 25.21
CA ASP C 695 -7.26 -11.06 26.40
C ASP C 695 -8.50 -10.50 27.06
N ASP C 696 -9.20 -9.60 26.36
CA ASP C 696 -10.21 -8.77 26.97
C ASP C 696 -11.61 -9.14 26.53
N GLY C 697 -11.74 -9.84 25.42
CA GLY C 697 -12.98 -9.92 24.71
C GLY C 697 -13.22 -8.77 23.75
N ARG C 698 -12.37 -7.76 23.76
CA ARG C 698 -12.59 -6.66 22.84
C ARG C 698 -11.70 -6.79 21.62
N LEU C 699 -12.09 -6.11 20.55
CA LEU C 699 -11.25 -6.05 19.35
C LEU C 699 -11.59 -4.77 18.62
N THR C 700 -10.56 -3.99 18.30
CA THR C 700 -10.77 -2.69 17.68
C THR C 700 -10.95 -2.84 16.18
N ASP C 701 -12.07 -2.32 15.69
CA ASP C 701 -12.41 -2.22 14.28
C ASP C 701 -11.39 -1.29 13.60
N GLY C 702 -11.27 -1.36 12.28
CA GLY C 702 -10.36 -0.46 11.59
C GLY C 702 -10.85 0.97 11.51
N GLN C 703 -12.09 1.21 11.91
CA GLN C 703 -12.64 2.54 12.12
C GLN C 703 -12.58 2.94 13.60
N GLY C 704 -11.96 2.12 14.43
CA GLY C 704 -11.82 2.45 15.84
C GLY C 704 -13.03 2.10 16.70
N ARG C 705 -13.87 1.18 16.25
CA ARG C 705 -14.98 0.69 17.05
C ARG C 705 -14.52 -0.49 17.88
N THR C 706 -15.01 -0.55 19.11
CA THR C 706 -14.69 -1.68 19.99
C THR C 706 -15.82 -2.70 19.92
N VAL C 707 -15.46 -3.94 19.60
CA VAL C 707 -16.40 -5.03 19.40
C VAL C 707 -16.17 -6.06 20.51
N ASP C 708 -17.21 -6.35 21.28
CA ASP C 708 -17.07 -7.32 22.36
C ASP C 708 -17.23 -8.75 21.87
N PHE C 709 -16.25 -9.59 22.22
CA PHE C 709 -16.24 -10.99 21.86
C PHE C 709 -16.46 -11.87 23.07
N ARG C 710 -16.99 -11.31 24.14
CA ARG C 710 -17.08 -12.01 25.41
C ARG C 710 -18.20 -13.00 25.46
N ASN C 711 -19.03 -13.05 24.42
CA ASN C 711 -20.10 -14.02 24.34
C ASN C 711 -19.97 -14.91 23.11
N THR C 712 -18.83 -14.89 22.44
CA THR C 712 -18.54 -15.79 21.34
C THR C 712 -17.70 -16.95 21.82
N VAL C 713 -17.75 -18.03 21.06
CA VAL C 713 -16.84 -19.15 21.21
C VAL C 713 -15.88 -19.05 20.05
N VAL C 714 -14.59 -18.88 20.35
CA VAL C 714 -13.57 -18.69 19.34
C VAL C 714 -12.82 -20.01 19.25
N ILE C 715 -12.99 -20.74 18.16
CA ILE C 715 -12.26 -21.98 17.97
C ILE C 715 -11.24 -21.80 16.86
N MET C 716 -10.02 -22.25 17.13
CA MET C 716 -8.92 -22.17 16.18
C MET C 716 -8.54 -23.59 15.82
N THR C 717 -8.79 -23.96 14.59
CA THR C 717 -8.44 -25.28 14.11
C THR C 717 -7.07 -25.25 13.48
N SER C 718 -6.16 -26.09 13.97
CA SER C 718 -4.80 -26.13 13.46
C SER C 718 -4.34 -27.57 13.42
N ASN C 719 -3.28 -27.83 12.68
CA ASN C 719 -2.67 -29.15 12.75
C ASN C 719 -1.15 -29.06 12.89
N LEU C 720 -0.70 -28.29 13.88
CA LEU C 720 0.73 -28.06 14.06
C LEU C 720 1.45 -29.31 14.50
N GLY C 721 0.92 -30.00 15.50
CA GLY C 721 1.50 -31.26 15.91
C GLY C 721 0.89 -32.41 15.16
N SER C 722 0.89 -32.35 13.82
CA SER C 722 0.18 -33.35 13.03
C SER C 722 0.87 -34.70 13.10
N ASP C 723 2.18 -34.74 12.84
CA ASP C 723 2.96 -35.96 12.84
C ASP C 723 3.51 -36.30 14.22
N LEU C 724 2.94 -35.73 15.25
CA LEU C 724 3.27 -36.07 16.63
C LEU C 724 2.15 -36.84 17.32
N ILE C 725 0.91 -36.64 16.93
CA ILE C 725 -0.23 -37.40 17.44
C ILE C 725 -0.43 -38.71 16.69
N GLN C 726 0.27 -38.93 15.58
CA GLN C 726 0.11 -40.18 14.85
C GLN C 726 0.84 -41.33 15.52
N GLU C 727 1.69 -41.02 16.51
CA GLU C 727 2.38 -42.03 17.32
C GLU C 727 1.84 -42.12 18.73
N ARG C 728 0.60 -41.72 18.97
CA ARG C 728 0.05 -41.58 20.32
C ARG C 728 -0.48 -42.87 20.90
N PHE C 729 -0.60 -43.93 20.09
CA PHE C 729 -1.30 -45.12 20.52
C PHE C 729 -0.46 -46.02 21.42
N GLY C 730 0.82 -45.68 21.61
CA GLY C 730 1.64 -46.51 22.46
C GLY C 730 1.61 -46.13 23.93
N GLU C 731 2.07 -44.93 24.28
CA GLU C 731 2.19 -44.60 25.69
C GLU C 731 1.83 -43.14 25.94
N LEU C 732 0.76 -42.66 25.31
CA LEU C 732 0.38 -41.25 25.42
C LEU C 732 -1.14 -41.16 25.52
N ASP C 733 -1.65 -41.15 26.75
CA ASP C 733 -3.09 -41.01 26.99
C ASP C 733 -3.45 -39.58 27.38
N TYR C 734 -3.11 -38.64 26.48
CA TYR C 734 -3.61 -37.26 26.44
C TYR C 734 -3.11 -36.36 27.58
N ALA C 735 -2.38 -36.91 28.55
CA ALA C 735 -1.80 -36.04 29.56
C ALA C 735 -0.43 -35.54 29.12
N HIS C 736 0.46 -36.48 28.78
CA HIS C 736 1.76 -36.09 28.25
C HIS C 736 1.65 -35.68 26.79
N MET C 737 0.67 -36.23 26.08
CA MET C 737 0.42 -35.88 24.68
C MET C 737 -0.01 -34.43 24.53
N LYS C 738 -0.77 -33.93 25.48
CA LYS C 738 -1.11 -32.50 25.54
C LYS C 738 0.14 -31.64 25.65
N GLU C 739 1.13 -32.08 26.45
CA GLU C 739 2.35 -31.30 26.61
C GLU C 739 3.32 -31.53 25.47
N LEU C 740 3.17 -32.63 24.72
CA LEU C 740 4.05 -32.85 23.57
C LEU C 740 3.69 -31.95 22.40
N VAL C 741 2.39 -31.85 22.07
CA VAL C 741 1.95 -30.95 21.00
C VAL C 741 2.08 -29.49 21.40
N LEU C 742 1.96 -29.17 22.69
CA LEU C 742 2.23 -27.82 23.14
C LEU C 742 3.71 -27.47 23.14
N GLY C 743 4.58 -28.41 22.80
CA GLY C 743 5.96 -28.11 22.46
C GLY C 743 6.09 -27.72 21.00
N VAL C 744 5.36 -28.41 20.12
CA VAL C 744 5.38 -28.08 18.70
C VAL C 744 4.63 -26.78 18.44
N VAL C 745 3.55 -26.55 19.18
CA VAL C 745 2.75 -25.35 19.01
C VAL C 745 3.46 -24.11 19.54
N SER C 746 4.18 -24.22 20.65
CA SER C 746 4.96 -23.13 21.21
C SER C 746 6.10 -22.66 20.30
N HIS C 747 6.47 -23.46 19.31
CA HIS C 747 7.39 -23.06 18.26
C HIS C 747 6.70 -22.29 17.15
N ASN C 748 5.38 -22.14 17.23
CA ASN C 748 4.61 -21.53 16.15
C ASN C 748 3.74 -20.39 16.63
N PHE C 749 3.24 -20.48 17.86
CA PHE C 749 2.44 -19.42 18.46
C PHE C 749 3.23 -18.82 19.60
N ARG C 750 2.98 -17.56 19.89
CA ARG C 750 3.65 -16.85 20.98
C ARG C 750 3.21 -17.42 22.31
N PRO C 751 4.05 -17.38 23.34
CA PRO C 751 3.62 -17.88 24.66
C PRO C 751 2.54 -17.02 25.30
N GLU C 752 2.44 -15.74 24.96
CA GLU C 752 1.33 -14.93 25.41
C GLU C 752 0.03 -15.30 24.71
N PHE C 753 0.11 -15.95 23.55
CA PHE C 753 -1.09 -16.35 22.83
C PHE C 753 -1.66 -17.64 23.38
N ILE C 754 -0.81 -18.64 23.64
CA ILE C 754 -1.27 -19.95 24.08
C ILE C 754 -1.85 -19.93 25.48
N ASN C 755 -1.35 -19.08 26.37
CA ASN C 755 -1.93 -19.02 27.70
C ASN C 755 -3.30 -18.34 27.71
N ARG C 756 -3.59 -17.48 26.73
CA ARG C 756 -4.89 -16.86 26.61
C ARG C 756 -5.92 -17.75 25.94
N ILE C 757 -5.50 -18.84 25.32
CA ILE C 757 -6.42 -19.88 24.90
C ILE C 757 -6.92 -20.62 26.13
N ASP C 758 -8.23 -20.78 26.24
CA ASP C 758 -8.81 -21.41 27.42
C ASP C 758 -8.46 -22.89 27.50
N GLU C 759 -8.59 -23.59 26.38
CA GLU C 759 -8.40 -25.04 26.35
C GLU C 759 -7.78 -25.41 25.01
N VAL C 760 -6.49 -25.76 25.04
CA VAL C 760 -5.87 -26.39 23.88
C VAL C 760 -6.31 -27.84 23.83
N VAL C 761 -6.95 -28.24 22.73
CA VAL C 761 -7.47 -29.58 22.60
C VAL C 761 -6.69 -30.31 21.52
N VAL C 762 -6.21 -31.50 21.85
CA VAL C 762 -5.50 -32.36 20.93
C VAL C 762 -6.46 -33.44 20.47
N PHE C 763 -6.65 -33.54 19.16
CA PHE C 763 -7.55 -34.53 18.59
C PHE C 763 -6.76 -35.78 18.28
N HIS C 764 -7.29 -36.92 18.66
CA HIS C 764 -6.59 -38.16 18.37
C HIS C 764 -6.88 -38.59 16.92
N PRO C 765 -6.00 -39.35 16.29
CA PRO C 765 -6.35 -39.94 15.00
C PRO C 765 -7.40 -41.01 15.16
N LEU C 766 -8.23 -41.15 14.12
CA LEU C 766 -9.39 -42.01 14.19
C LEU C 766 -8.98 -43.46 14.00
N GLY C 767 -9.41 -44.33 14.90
CA GLY C 767 -9.09 -45.74 14.82
C GLY C 767 -9.94 -46.45 13.78
N GLU C 768 -9.79 -47.77 13.75
CA GLU C 768 -10.58 -48.59 12.84
C GLU C 768 -12.04 -48.61 13.23
N GLN C 769 -12.34 -48.51 14.53
CA GLN C 769 -13.71 -48.56 15.02
C GLN C 769 -14.39 -47.21 14.93
N HIS C 770 -13.64 -46.11 14.83
CA HIS C 770 -14.24 -44.80 14.61
C HIS C 770 -14.68 -44.62 13.17
N ILE C 771 -13.87 -45.12 12.22
CA ILE C 771 -14.26 -45.07 10.81
C ILE C 771 -15.48 -45.94 10.57
N ALA C 772 -15.65 -46.99 11.37
CA ALA C 772 -16.85 -47.83 11.30
C ALA C 772 -18.11 -47.09 11.73
N SER C 773 -17.99 -46.02 12.51
CA SER C 773 -19.12 -45.20 12.91
C SER C 773 -19.23 -43.90 12.14
N ILE C 774 -18.14 -43.43 11.54
CA ILE C 774 -18.22 -42.32 10.60
C ILE C 774 -18.80 -42.80 9.29
N ALA C 775 -18.60 -44.08 8.96
CA ALA C 775 -19.22 -44.66 7.77
C ALA C 775 -20.72 -44.64 7.84
N GLN C 776 -21.28 -44.87 9.02
CA GLN C 776 -22.73 -44.86 9.15
C GLN C 776 -23.28 -43.44 9.20
N ILE C 777 -22.48 -42.48 9.66
CA ILE C 777 -22.85 -41.07 9.52
C ILE C 777 -22.89 -40.69 8.06
N GLN C 778 -21.81 -40.98 7.34
CA GLN C 778 -21.67 -40.53 5.96
C GLN C 778 -22.49 -41.36 4.99
N LEU C 779 -23.00 -42.51 5.40
CA LEU C 779 -23.99 -43.21 4.61
C LEU C 779 -25.40 -42.78 4.94
N LYS C 780 -25.66 -42.32 6.16
CA LYS C 780 -26.95 -41.70 6.45
C LYS C 780 -27.08 -40.37 5.74
N ARG C 781 -25.97 -39.69 5.47
CA ARG C 781 -25.99 -38.54 4.58
C ARG C 781 -26.26 -38.95 3.15
N LEU C 782 -25.95 -40.19 2.79
CA LEU C 782 -26.19 -40.69 1.45
C LEU C 782 -27.60 -41.24 1.30
N TYR C 783 -28.18 -41.76 2.39
CA TYR C 783 -29.58 -42.16 2.34
C TYR C 783 -30.48 -40.96 2.16
N LYS C 784 -30.14 -39.85 2.79
CA LYS C 784 -30.89 -38.61 2.66
C LYS C 784 -30.68 -37.94 1.31
N ARG C 785 -29.65 -38.29 0.56
CA ARG C 785 -29.48 -37.77 -0.79
C ARG C 785 -30.19 -38.62 -1.82
N LEU C 786 -30.67 -39.78 -1.43
CA LEU C 786 -31.37 -40.69 -2.31
C LEU C 786 -32.86 -40.79 -1.99
N GLU C 787 -33.23 -40.71 -0.72
CA GLU C 787 -34.63 -40.55 -0.35
C GLU C 787 -35.19 -39.21 -0.79
N GLU C 788 -34.34 -38.22 -1.00
CA GLU C 788 -34.73 -36.95 -1.61
C GLU C 788 -34.88 -37.06 -3.12
N ARG C 789 -34.73 -38.26 -3.69
CA ARG C 789 -34.99 -38.48 -5.11
C ARG C 789 -35.83 -39.74 -5.34
N GLY C 790 -36.31 -40.37 -4.27
CA GLY C 790 -37.18 -41.52 -4.36
C GLY C 790 -36.53 -42.86 -4.10
N TYR C 791 -35.22 -42.94 -4.29
CA TYR C 791 -34.52 -44.20 -4.14
C TYR C 791 -34.35 -44.54 -2.67
N GLU C 792 -34.14 -45.82 -2.39
CA GLU C 792 -33.99 -46.29 -1.01
C GLU C 792 -32.89 -47.35 -1.03
N ILE C 793 -31.71 -47.00 -0.59
CA ILE C 793 -30.64 -47.97 -0.58
C ILE C 793 -30.51 -48.59 0.81
N HIS C 794 -29.92 -49.78 0.85
CA HIS C 794 -29.73 -50.52 2.09
C HIS C 794 -28.36 -51.17 2.04
N ILE C 795 -27.39 -50.61 2.76
CA ILE C 795 -26.06 -51.20 2.83
C ILE C 795 -26.09 -52.39 3.78
N SER C 796 -25.71 -53.56 3.28
CA SER C 796 -25.64 -54.74 4.12
C SER C 796 -24.45 -54.67 5.05
N ASP C 797 -24.49 -55.49 6.10
CA ASP C 797 -23.45 -55.44 7.13
C ASP C 797 -22.13 -56.00 6.65
N GLU C 798 -22.12 -56.84 5.60
CA GLU C 798 -20.84 -57.19 5.01
C GLU C 798 -20.41 -56.19 3.95
N ALA C 799 -21.33 -55.33 3.50
CA ALA C 799 -20.93 -54.22 2.65
C ALA C 799 -20.47 -53.03 3.47
N LEU C 800 -20.99 -52.89 4.70
CA LEU C 800 -20.45 -51.92 5.64
C LEU C 800 -19.02 -52.24 6.04
N LYS C 801 -18.68 -53.50 6.23
CA LYS C 801 -17.41 -53.80 6.87
C LYS C 801 -16.25 -53.75 5.90
N LEU C 802 -16.44 -53.99 4.61
CA LEU C 802 -15.30 -53.75 3.72
C LEU C 802 -15.22 -52.31 3.30
N LEU C 803 -16.29 -51.54 3.46
CA LEU C 803 -16.21 -50.10 3.22
C LEU C 803 -15.37 -49.42 4.28
N SER C 804 -15.51 -49.85 5.54
CA SER C 804 -14.71 -49.32 6.63
C SER C 804 -13.33 -49.98 6.71
N GLU C 805 -13.03 -50.93 5.82
CA GLU C 805 -11.67 -51.42 5.64
C GLU C 805 -10.99 -50.87 4.41
N ASN C 806 -11.73 -50.53 3.36
CA ASN C 806 -11.15 -49.79 2.26
C ASN C 806 -11.22 -48.29 2.49
N GLY C 807 -11.91 -47.86 3.53
CA GLY C 807 -11.97 -46.45 3.87
C GLY C 807 -11.15 -46.10 5.08
N TYR C 808 -10.43 -47.06 5.63
CA TYR C 808 -9.59 -46.85 6.80
C TYR C 808 -8.18 -46.59 6.34
N ASP C 809 -7.66 -45.41 6.64
CA ASP C 809 -6.29 -45.00 6.41
C ASP C 809 -5.88 -44.14 7.60
N PRO C 810 -4.95 -44.61 8.43
CA PRO C 810 -4.67 -43.91 9.69
C PRO C 810 -4.00 -42.56 9.53
N VAL C 811 -3.25 -42.35 8.45
CA VAL C 811 -2.58 -41.07 8.26
C VAL C 811 -3.55 -39.99 7.80
N TYR C 812 -4.67 -40.37 7.18
CA TYR C 812 -5.50 -39.39 6.49
C TYR C 812 -6.88 -39.19 7.10
N GLY C 813 -7.17 -39.83 8.22
CA GLY C 813 -8.42 -39.54 8.92
C GLY C 813 -9.62 -40.23 8.30
N ALA C 814 -10.74 -39.52 8.30
CA ALA C 814 -12.00 -40.07 7.81
C ALA C 814 -12.35 -39.59 6.42
N ARG C 815 -11.50 -38.78 5.81
CA ARG C 815 -11.69 -38.43 4.41
C ARG C 815 -11.42 -39.54 3.40
N PRO C 816 -10.53 -40.53 3.63
CA PRO C 816 -10.51 -41.68 2.72
C PRO C 816 -11.79 -42.48 2.70
N LEU C 817 -12.53 -42.47 3.80
CA LEU C 817 -13.79 -43.18 3.84
C LEU C 817 -14.84 -42.46 3.01
N LYS C 818 -14.88 -41.13 3.10
CA LYS C 818 -15.79 -40.35 2.27
C LYS C 818 -15.40 -40.40 0.81
N ARG C 819 -14.14 -40.71 0.49
CA ARG C 819 -13.76 -41.06 -0.87
C ARG C 819 -14.08 -42.50 -1.19
N ALA C 820 -14.02 -43.39 -0.20
CA ALA C 820 -14.39 -44.77 -0.44
C ALA C 820 -15.90 -44.93 -0.52
N ILE C 821 -16.67 -43.99 0.02
CA ILE C 821 -18.10 -43.99 -0.26
C ILE C 821 -18.35 -43.41 -1.64
N GLN C 822 -17.66 -42.34 -1.99
CA GLN C 822 -17.75 -41.67 -3.28
C GLN C 822 -17.28 -42.51 -4.43
N GLN C 823 -16.56 -43.59 -4.20
CA GLN C 823 -16.00 -44.39 -5.28
C GLN C 823 -16.54 -45.79 -5.34
N GLN C 824 -17.11 -46.30 -4.26
CA GLN C 824 -17.52 -47.69 -4.19
C GLN C 824 -19.01 -47.88 -4.04
N ILE C 825 -19.71 -46.95 -3.41
CA ILE C 825 -21.17 -46.98 -3.38
C ILE C 825 -21.67 -45.90 -4.31
N GLU C 826 -21.32 -44.67 -4.00
CA GLU C 826 -21.92 -43.49 -4.61
C GLU C 826 -21.52 -43.35 -6.06
N ASN C 827 -20.43 -43.98 -6.46
CA ASN C 827 -20.01 -43.86 -7.85
C ASN C 827 -20.65 -44.86 -8.83
N PRO C 828 -20.76 -46.17 -8.55
CA PRO C 828 -21.53 -47.02 -9.48
C PRO C 828 -23.02 -46.85 -9.34
N LEU C 829 -23.49 -46.25 -8.25
CA LEU C 829 -24.91 -46.00 -8.08
C LEU C 829 -25.37 -44.87 -8.98
N ALA C 830 -24.51 -43.89 -9.20
CA ALA C 830 -24.80 -42.79 -10.09
C ALA C 830 -24.84 -43.21 -11.55
N GLN C 831 -23.96 -44.13 -11.94
CA GLN C 831 -24.04 -44.74 -13.26
C GLN C 831 -25.34 -45.50 -13.43
N GLN C 832 -25.77 -46.19 -12.38
CA GLN C 832 -26.89 -47.09 -12.40
C GLN C 832 -28.22 -46.37 -12.20
N ILE C 833 -28.19 -45.14 -11.70
CA ILE C 833 -29.40 -44.34 -11.60
C ILE C 833 -29.70 -43.66 -12.93
N LEU C 834 -28.67 -43.10 -13.56
CA LEU C 834 -28.85 -42.40 -14.83
C LEU C 834 -29.12 -43.35 -15.98
N SER C 835 -28.56 -44.56 -15.94
CA SER C 835 -28.80 -45.50 -17.04
C SER C 835 -30.17 -46.15 -16.95
N GLY C 836 -30.82 -46.08 -15.79
CA GLY C 836 -32.15 -46.62 -15.64
C GLY C 836 -32.23 -48.02 -15.09
N GLU C 837 -31.09 -48.62 -14.71
CA GLU C 837 -31.11 -49.94 -14.09
C GLU C 837 -31.68 -49.91 -12.68
N LEU C 838 -31.66 -48.76 -12.02
CA LEU C 838 -32.12 -48.60 -10.64
C LEU C 838 -33.26 -47.61 -10.63
N VAL C 839 -34.48 -48.12 -10.47
CA VAL C 839 -35.69 -47.31 -10.56
C VAL C 839 -36.05 -46.80 -9.17
N PRO C 840 -36.74 -45.67 -9.03
CA PRO C 840 -37.18 -45.24 -7.70
C PRO C 840 -38.30 -46.12 -7.17
N GLY C 841 -38.59 -45.97 -5.89
CA GLY C 841 -39.67 -46.70 -5.27
C GLY C 841 -39.27 -48.08 -4.77
N LYS C 842 -38.69 -48.89 -5.65
CA LYS C 842 -38.17 -50.17 -5.25
C LYS C 842 -36.84 -50.00 -4.51
N VAL C 843 -36.61 -50.87 -3.53
CA VAL C 843 -35.44 -50.74 -2.67
C VAL C 843 -34.19 -51.17 -3.43
N ILE C 844 -33.06 -50.56 -3.09
CA ILE C 844 -31.78 -50.83 -3.74
C ILE C 844 -30.90 -51.53 -2.71
N ARG C 845 -30.83 -52.84 -2.78
CA ARG C 845 -29.94 -53.58 -1.91
C ARG C 845 -28.50 -53.43 -2.41
N LEU C 846 -27.60 -53.03 -1.52
CA LEU C 846 -26.20 -52.81 -1.84
C LEU C 846 -25.34 -53.84 -1.13
N GLU C 847 -25.13 -55.00 -1.75
CA GLU C 847 -24.24 -56.02 -1.22
C GLU C 847 -23.05 -56.19 -2.18
N VAL C 848 -22.26 -57.22 -1.93
CA VAL C 848 -20.97 -57.42 -2.56
C VAL C 848 -21.05 -58.63 -3.47
N ASN C 849 -20.63 -58.48 -4.73
CA ASN C 849 -20.44 -59.67 -5.54
C ASN C 849 -19.09 -60.31 -5.27
N GLU C 850 -18.00 -59.60 -5.59
CA GLU C 850 -16.64 -60.02 -5.23
C GLU C 850 -15.80 -58.74 -5.19
N ASP C 851 -15.20 -58.48 -4.02
CA ASP C 851 -14.22 -57.41 -3.78
C ASP C 851 -14.80 -56.00 -3.99
N ARG C 852 -16.10 -55.88 -4.25
CA ARG C 852 -16.67 -54.67 -4.82
C ARG C 852 -18.14 -54.59 -4.43
N ILE C 853 -18.54 -53.45 -3.86
CA ILE C 853 -19.94 -53.23 -3.48
C ILE C 853 -20.74 -53.00 -4.75
N VAL C 854 -21.82 -53.76 -4.92
CA VAL C 854 -22.64 -53.65 -6.12
C VAL C 854 -24.06 -53.29 -5.69
N ALA C 855 -24.85 -52.74 -6.61
CA ALA C 855 -26.20 -52.28 -6.32
C ALA C 855 -27.20 -53.11 -7.10
N VAL C 856 -28.06 -53.83 -6.38
CA VAL C 856 -29.04 -54.70 -6.99
C VAL C 856 -30.43 -54.24 -6.58
N GLN C 857 -31.43 -54.80 -7.25
CA GLN C 857 -32.83 -54.51 -6.93
C GLN C 857 -33.67 -55.78 -6.97
N LEU D 161 -50.12 14.47 6.42
CA LEU D 161 -49.70 13.09 6.62
C LEU D 161 -50.46 12.18 5.68
N LYS D 162 -51.44 12.71 4.97
CA LYS D 162 -52.09 11.94 3.93
C LYS D 162 -51.42 12.16 2.58
N LYS D 163 -50.50 13.13 2.51
CA LYS D 163 -49.75 13.39 1.29
C LYS D 163 -48.45 12.62 1.24
N TYR D 164 -47.81 12.40 2.39
CA TYR D 164 -46.47 11.84 2.41
C TYR D 164 -46.42 10.48 3.07
N THR D 165 -47.55 9.92 3.50
CA THR D 165 -47.59 8.59 4.05
C THR D 165 -48.60 7.74 3.27
N ILE D 166 -48.39 6.43 3.31
CA ILE D 166 -49.31 5.46 2.77
C ILE D 166 -49.81 4.61 3.93
N ASP D 167 -51.12 4.49 4.06
CA ASP D 167 -51.70 3.76 5.18
C ASP D 167 -51.57 2.27 4.92
N LEU D 168 -50.65 1.62 5.63
CA LEU D 168 -50.55 0.17 5.56
C LEU D 168 -51.73 -0.53 6.19
N THR D 169 -52.40 0.10 7.14
CA THR D 169 -53.58 -0.52 7.71
C THR D 169 -54.76 -0.43 6.74
N GLU D 170 -54.86 0.64 5.98
CA GLU D 170 -55.88 0.67 4.94
C GLU D 170 -55.49 -0.17 3.74
N ARG D 171 -54.18 -0.40 3.53
CA ARG D 171 -53.78 -1.39 2.52
C ARG D 171 -54.14 -2.78 2.96
N ALA D 172 -54.08 -3.07 4.25
CA ALA D 172 -54.32 -4.42 4.76
C ALA D 172 -55.76 -4.68 5.12
N GLU D 173 -56.60 -3.64 5.24
CA GLU D 173 -58.04 -3.88 5.28
C GLU D 173 -58.55 -4.29 3.92
N GLN D 174 -57.95 -3.75 2.86
CA GLN D 174 -58.38 -4.01 1.49
C GLN D 174 -57.73 -5.25 0.92
N GLY D 175 -57.03 -6.02 1.76
CA GLY D 175 -56.40 -7.25 1.32
C GLY D 175 -55.26 -7.05 0.36
N LYS D 176 -54.64 -5.88 0.34
CA LYS D 176 -53.61 -5.55 -0.63
C LYS D 176 -52.22 -5.78 -0.09
N LEU D 177 -52.12 -6.37 1.10
CA LEU D 177 -50.85 -6.78 1.67
C LEU D 177 -50.80 -8.30 1.69
N ASP D 178 -49.61 -8.82 1.44
CA ASP D 178 -49.43 -10.26 1.32
C ASP D 178 -49.46 -10.91 2.70
N PRO D 179 -49.89 -12.18 2.79
CA PRO D 179 -49.97 -12.84 4.10
C PRO D 179 -48.63 -13.08 4.71
N VAL D 180 -48.46 -12.74 5.99
CA VAL D 180 -47.16 -12.85 6.64
C VAL D 180 -47.24 -14.03 7.59
N ILE D 181 -46.51 -15.09 7.24
CA ILE D 181 -46.57 -16.36 7.92
C ILE D 181 -45.39 -16.48 8.86
N GLY D 182 -45.68 -16.84 10.09
CA GLY D 182 -44.64 -16.96 11.09
C GLY D 182 -44.11 -15.60 11.46
N ARG D 183 -42.82 -15.61 11.81
CA ARG D 183 -42.06 -14.46 12.28
C ARG D 183 -42.72 -13.77 13.45
N ASP D 184 -43.25 -14.55 14.37
CA ASP D 184 -44.06 -14.06 15.47
C ASP D 184 -43.22 -13.45 16.57
N GLU D 185 -41.96 -13.81 16.70
CA GLU D 185 -41.15 -13.21 17.77
C GLU D 185 -40.51 -11.92 17.32
N GLU D 186 -40.47 -11.65 16.01
CA GLU D 186 -40.03 -10.35 15.54
C GLU D 186 -41.17 -9.35 15.44
N ILE D 187 -42.40 -9.82 15.23
CA ILE D 187 -43.55 -8.94 15.33
C ILE D 187 -43.83 -8.61 16.78
N ARG D 188 -43.76 -9.61 17.66
CA ARG D 188 -44.03 -9.37 19.08
C ARG D 188 -42.95 -8.52 19.70
N ARG D 189 -41.71 -8.60 19.22
CA ARG D 189 -40.72 -7.65 19.70
C ARG D 189 -40.92 -6.27 19.10
N THR D 190 -41.41 -6.19 17.86
CA THR D 190 -41.79 -4.91 17.28
C THR D 190 -42.92 -4.27 18.06
N ILE D 191 -43.93 -5.05 18.44
CA ILE D 191 -45.02 -4.54 19.27
C ILE D 191 -44.51 -4.12 20.63
N GLN D 192 -43.57 -4.86 21.20
CA GLN D 192 -43.06 -4.55 22.53
C GLN D 192 -42.19 -3.31 22.55
N VAL D 193 -41.44 -3.05 21.49
CA VAL D 193 -40.71 -1.78 21.43
C VAL D 193 -41.66 -0.64 21.18
N LEU D 194 -42.67 -0.83 20.33
CA LEU D 194 -43.62 0.23 20.00
C LEU D 194 -44.53 0.61 21.16
N GLN D 195 -44.60 -0.21 22.19
CA GLN D 195 -45.44 0.09 23.34
C GLN D 195 -44.60 0.57 24.51
N ARG D 196 -43.43 1.09 24.23
CA ARG D 196 -42.58 1.64 25.25
C ARG D 196 -42.96 3.09 25.51
N ARG D 197 -42.46 3.62 26.63
CA ARG D 197 -42.75 5.00 26.95
C ARG D 197 -41.84 5.94 26.19
N THR D 198 -40.54 5.71 26.24
CA THR D 198 -39.55 6.56 25.60
C THR D 198 -38.78 5.74 24.58
N LYS D 199 -38.51 6.35 23.42
CA LYS D 199 -37.89 5.72 22.26
C LYS D 199 -38.59 4.44 21.86
N ASN D 200 -39.90 4.55 21.66
CA ASN D 200 -40.67 3.41 21.17
C ASN D 200 -40.49 3.27 19.66
N ASN D 201 -39.28 2.89 19.27
CA ASN D 201 -38.88 2.93 17.86
C ASN D 201 -38.13 1.67 17.52
N PRO D 202 -38.86 0.68 16.97
CA PRO D 202 -38.31 -0.61 16.54
C PRO D 202 -38.02 -0.58 15.05
N VAL D 203 -36.96 -1.27 14.62
CA VAL D 203 -36.59 -1.32 13.21
C VAL D 203 -36.25 -2.74 12.80
N LEU D 204 -36.88 -3.22 11.73
CA LEU D 204 -36.64 -4.57 11.23
C LEU D 204 -35.33 -4.67 10.45
N ILE D 205 -34.23 -4.79 11.18
CA ILE D 205 -32.92 -4.91 10.56
C ILE D 205 -32.70 -6.34 10.08
N GLY D 206 -31.71 -6.55 9.21
CA GLY D 206 -31.45 -7.88 8.70
C GLY D 206 -30.84 -7.76 7.33
N GLU D 207 -30.61 -8.91 6.72
CA GLU D 207 -30.10 -8.92 5.38
C GLU D 207 -31.23 -8.56 4.42
N PRO D 208 -30.92 -8.16 3.20
CA PRO D 208 -31.99 -7.85 2.25
C PRO D 208 -32.74 -9.07 1.74
N GLY D 209 -33.96 -9.26 2.18
CA GLY D 209 -34.75 -10.34 1.65
C GLY D 209 -35.40 -11.15 2.74
N VAL D 210 -34.97 -10.90 3.97
CA VAL D 210 -35.35 -11.73 5.10
C VAL D 210 -36.75 -11.45 5.59
N GLY D 211 -37.38 -10.38 5.15
CA GLY D 211 -38.70 -10.07 5.62
C GLY D 211 -38.79 -8.99 6.66
N LYS D 212 -38.14 -7.86 6.42
CA LYS D 212 -38.22 -6.74 7.35
C LYS D 212 -39.42 -5.85 7.09
N THR D 213 -39.77 -5.59 5.84
CA THR D 213 -41.01 -4.88 5.60
C THR D 213 -42.19 -5.79 5.56
N ALA D 214 -41.94 -7.10 5.64
CA ALA D 214 -43.01 -8.08 5.67
C ALA D 214 -43.61 -8.09 7.07
N ILE D 215 -42.78 -7.77 8.05
CA ILE D 215 -43.21 -7.71 9.45
C ILE D 215 -44.12 -6.51 9.63
N VAL D 216 -43.69 -5.36 9.13
CA VAL D 216 -44.48 -4.14 9.21
C VAL D 216 -45.82 -4.43 8.55
N GLU D 217 -45.74 -5.10 7.40
CA GLU D 217 -46.93 -5.48 6.66
C GLU D 217 -47.63 -6.67 7.29
N GLY D 218 -47.04 -7.27 8.31
CA GLY D 218 -47.67 -8.34 9.05
C GLY D 218 -48.05 -7.87 10.43
N LEU D 219 -47.43 -6.79 10.87
CA LEU D 219 -47.93 -6.06 12.02
C LEU D 219 -49.17 -5.25 11.65
N ALA D 220 -49.23 -4.75 10.42
CA ALA D 220 -50.41 -4.04 9.98
C ALA D 220 -51.60 -4.94 9.74
N GLN D 221 -51.40 -6.23 9.52
CA GLN D 221 -52.54 -7.14 9.44
C GLN D 221 -52.92 -7.68 10.80
N ARG D 222 -51.99 -7.72 11.73
CA ARG D 222 -52.31 -8.10 13.09
C ARG D 222 -53.12 -7.03 13.80
N ILE D 223 -53.00 -5.78 13.39
CA ILE D 223 -53.76 -4.72 14.03
C ILE D 223 -55.23 -4.80 13.62
N ILE D 224 -55.48 -5.17 12.37
CA ILE D 224 -56.84 -5.24 11.86
C ILE D 224 -57.53 -6.52 12.32
N ASN D 225 -56.83 -7.64 12.23
CA ASN D 225 -57.40 -8.90 12.64
C ASN D 225 -57.56 -9.02 14.14
N GLY D 226 -56.93 -8.14 14.91
CA GLY D 226 -57.04 -8.17 16.34
C GLY D 226 -56.03 -9.05 17.04
N GLU D 227 -54.93 -9.38 16.37
CA GLU D 227 -53.88 -10.20 16.96
C GLU D 227 -52.81 -9.38 17.67
N VAL D 228 -53.16 -8.18 18.09
CA VAL D 228 -52.24 -7.30 18.81
C VAL D 228 -52.77 -7.19 20.24
N PRO D 229 -52.02 -6.63 21.19
CA PRO D 229 -52.62 -6.30 22.48
C PRO D 229 -53.62 -5.16 22.36
N GLU D 230 -54.37 -4.87 23.42
CA GLU D 230 -55.35 -3.79 23.30
C GLU D 230 -54.71 -2.41 23.38
N GLY D 231 -53.42 -2.36 23.66
CA GLY D 231 -52.71 -1.09 23.74
C GLY D 231 -52.42 -0.53 22.36
N LEU D 232 -52.93 -1.22 21.33
CA LEU D 232 -52.72 -0.80 19.95
C LEU D 232 -54.01 -0.95 19.14
N LYS D 233 -54.82 -1.94 19.49
CA LYS D 233 -56.07 -2.18 18.78
C LYS D 233 -56.44 -0.90 18.04
N GLY D 234 -56.64 -1.02 16.73
CA GLY D 234 -57.08 0.10 15.94
C GLY D 234 -56.07 1.20 15.77
N ARG D 235 -54.80 0.84 15.65
CA ARG D 235 -53.76 1.80 15.34
C ARG D 235 -53.56 1.85 13.84
N ARG D 236 -53.04 2.97 13.38
CA ARG D 236 -52.75 3.14 11.97
C ARG D 236 -51.25 2.97 11.78
N VAL D 237 -50.87 2.12 10.84
CA VAL D 237 -49.48 1.98 10.45
C VAL D 237 -49.32 2.75 9.15
N LEU D 238 -48.61 3.87 9.22
CA LEU D 238 -48.46 4.75 8.07
C LEU D 238 -47.05 4.61 7.53
N ALA D 239 -46.92 4.59 6.22
CA ALA D 239 -45.62 4.41 5.59
C ALA D 239 -45.12 5.75 5.09
N LEU D 240 -44.28 6.40 5.89
CA LEU D 240 -43.74 7.71 5.54
C LEU D 240 -42.82 7.56 4.34
N ASP D 241 -43.28 8.06 3.21
CA ASP D 241 -42.50 8.02 1.98
C ASP D 241 -41.51 9.17 2.00
N MET D 242 -40.24 8.86 2.27
CA MET D 242 -39.23 9.90 2.38
C MET D 242 -38.87 10.48 1.03
N GLY D 243 -39.16 9.76 -0.06
CA GLY D 243 -38.99 10.32 -1.37
C GLY D 243 -40.01 11.38 -1.70
N ALA D 244 -41.25 11.18 -1.28
CA ALA D 244 -42.32 12.15 -1.50
C ALA D 244 -42.27 13.30 -0.51
N LEU D 245 -41.49 13.17 0.56
CA LEU D 245 -41.27 14.31 1.43
C LEU D 245 -40.28 15.28 0.79
N VAL D 246 -39.23 14.76 0.18
CA VAL D 246 -38.27 15.65 -0.43
C VAL D 246 -38.70 16.08 -1.81
N ALA D 247 -39.56 15.32 -2.49
CA ALA D 247 -39.97 15.61 -3.86
C ALA D 247 -40.80 16.87 -3.95
N GLY D 248 -40.36 17.80 -4.79
CA GLY D 248 -41.06 19.04 -4.95
C GLY D 248 -40.74 20.08 -3.92
N ALA D 249 -39.97 19.73 -2.90
CA ALA D 249 -39.64 20.63 -1.80
C ALA D 249 -38.54 21.58 -2.19
N LYS D 250 -38.77 22.35 -3.26
CA LYS D 250 -37.72 23.12 -3.92
C LYS D 250 -37.29 24.31 -3.10
N TYR D 251 -38.22 25.01 -2.48
CA TYR D 251 -37.93 26.26 -1.80
C TYR D 251 -37.28 26.01 -0.46
N ARG D 252 -36.66 27.05 0.06
CA ARG D 252 -35.98 26.96 1.34
C ARG D 252 -37.01 26.83 2.45
N GLY D 253 -36.83 25.84 3.30
CA GLY D 253 -37.80 25.60 4.34
C GLY D 253 -39.01 24.82 3.92
N GLU D 254 -39.09 24.37 2.67
CA GLU D 254 -40.30 23.69 2.20
C GLU D 254 -40.34 22.26 2.69
N PHE D 255 -39.21 21.57 2.72
CA PHE D 255 -39.19 20.21 3.25
C PHE D 255 -39.36 20.23 4.76
N GLU D 256 -38.80 21.23 5.41
CA GLU D 256 -38.92 21.41 6.85
C GLU D 256 -40.34 21.73 7.28
N GLU D 257 -41.14 22.34 6.41
CA GLU D 257 -42.56 22.51 6.64
C GLU D 257 -43.35 21.26 6.33
N ARG D 258 -42.85 20.43 5.43
CA ARG D 258 -43.50 19.17 5.15
C ARG D 258 -43.31 18.18 6.29
N LEU D 259 -42.09 18.12 6.82
CA LEU D 259 -41.79 17.16 7.87
C LEU D 259 -42.36 17.58 9.19
N LYS D 260 -42.29 18.87 9.52
CA LYS D 260 -42.96 19.34 10.73
C LYS D 260 -44.46 19.37 10.53
N GLY D 261 -44.93 19.42 9.28
CA GLY D 261 -46.33 19.21 9.02
C GLY D 261 -46.77 17.77 9.17
N VAL D 262 -45.84 16.82 9.04
CA VAL D 262 -46.15 15.43 9.34
C VAL D 262 -46.14 15.21 10.84
N LEU D 263 -45.13 15.74 11.54
CA LEU D 263 -45.01 15.57 12.98
C LEU D 263 -46.11 16.30 13.74
N ASN D 264 -46.65 17.38 13.22
CA ASN D 264 -47.78 18.02 13.86
C ASN D 264 -49.09 17.35 13.52
N ASP D 265 -49.16 16.67 12.37
CA ASP D 265 -50.36 15.90 12.06
C ASP D 265 -50.28 14.47 12.56
N LEU D 266 -49.17 14.09 13.20
CA LEU D 266 -49.08 12.87 13.99
C LEU D 266 -49.23 13.09 15.47
N ALA D 267 -49.04 14.32 15.94
CA ALA D 267 -49.30 14.64 17.33
C ALA D 267 -50.77 14.88 17.57
N LYS D 268 -51.51 15.23 16.51
CA LYS D 268 -52.96 15.32 16.62
C LYS D 268 -53.61 13.95 16.56
N GLN D 269 -52.86 12.90 16.25
CA GLN D 269 -53.42 11.56 16.22
C GLN D 269 -53.41 10.91 17.59
N GLU D 270 -52.90 11.60 18.61
CA GLU D 270 -52.87 11.13 20.00
C GLU D 270 -52.07 9.83 20.15
N GLY D 271 -51.01 9.73 19.35
CA GLY D 271 -50.15 8.57 19.40
C GLY D 271 -50.75 7.30 18.85
N ASN D 272 -51.83 7.42 18.08
CA ASN D 272 -52.50 6.29 17.45
C ASN D 272 -51.95 6.00 16.06
N VAL D 273 -50.78 6.51 15.73
CA VAL D 273 -50.20 6.31 14.41
C VAL D 273 -48.82 5.72 14.59
N ILE D 274 -48.62 4.55 14.01
CA ILE D 274 -47.29 3.97 13.88
C ILE D 274 -46.73 4.43 12.54
N LEU D 275 -45.51 4.93 12.54
CA LEU D 275 -44.96 5.56 11.35
C LEU D 275 -43.88 4.66 10.79
N PHE D 276 -44.23 3.84 9.81
CA PHE D 276 -43.25 2.94 9.21
C PHE D 276 -42.40 3.74 8.24
N ILE D 277 -41.20 4.12 8.66
CA ILE D 277 -40.22 4.68 7.74
C ILE D 277 -39.44 3.50 7.16
N ASP D 278 -39.81 3.10 5.94
CA ASP D 278 -39.09 2.04 5.25
C ASP D 278 -37.85 2.60 4.61
N GLU D 279 -36.78 1.81 4.61
CA GLU D 279 -35.43 2.25 4.29
C GLU D 279 -35.09 3.48 5.14
N LEU D 280 -34.93 3.21 6.44
CA LEU D 280 -34.76 4.24 7.44
C LEU D 280 -33.49 5.06 7.22
N HIS D 281 -32.52 4.52 6.50
CA HIS D 281 -31.28 5.21 6.24
C HIS D 281 -31.48 6.39 5.32
N THR D 282 -32.55 6.38 4.51
CA THR D 282 -32.87 7.51 3.65
C THR D 282 -33.32 8.72 4.44
N MET D 283 -33.84 8.53 5.65
CA MET D 283 -34.14 9.63 6.54
C MET D 283 -32.90 10.39 6.96
N VAL D 284 -31.80 9.69 7.21
CA VAL D 284 -30.58 10.29 7.76
C VAL D 284 -29.94 11.10 6.65
N GLY D 285 -30.21 12.40 6.65
CA GLY D 285 -29.68 13.27 5.63
C GLY D 285 -30.63 13.43 4.47
N ALA D 286 -31.92 13.59 4.75
CA ALA D 286 -32.91 13.86 3.72
C ALA D 286 -33.25 15.34 3.78
N GLY D 287 -33.11 16.03 2.65
CA GLY D 287 -33.49 17.41 2.59
C GLY D 287 -32.49 18.40 3.16
N LYS D 288 -31.25 18.02 3.37
CA LYS D 288 -30.23 19.01 3.76
C LYS D 288 -29.54 19.52 2.50
N ALA D 289 -30.06 20.60 1.94
CA ALA D 289 -29.61 21.05 0.63
C ALA D 289 -28.40 21.97 0.71
N ASP D 290 -28.52 23.10 1.40
CA ASP D 290 -27.42 24.05 1.53
C ASP D 290 -26.99 24.22 2.97
N GLY D 291 -27.90 24.58 3.86
CA GLY D 291 -27.58 24.66 5.28
C GLY D 291 -28.77 24.24 6.11
N ALA D 292 -29.85 23.88 5.45
CA ALA D 292 -31.14 23.62 6.07
C ALA D 292 -31.12 22.30 6.86
N MET D 293 -32.25 22.01 7.49
CA MET D 293 -32.32 20.91 8.45
C MET D 293 -32.71 19.60 7.77
N ASP D 294 -31.97 18.54 8.06
CA ASP D 294 -32.29 17.26 7.46
C ASP D 294 -33.37 16.54 8.26
N ALA D 295 -33.82 15.42 7.71
CA ALA D 295 -34.89 14.66 8.36
C ALA D 295 -34.40 13.87 9.55
N GLY D 296 -33.10 13.61 9.64
CA GLY D 296 -32.58 12.94 10.82
C GLY D 296 -32.70 13.83 12.04
N ASN D 297 -32.18 15.05 11.94
CA ASN D 297 -32.09 15.97 13.06
C ASN D 297 -33.41 16.61 13.43
N MET D 298 -34.45 16.45 12.62
CA MET D 298 -35.74 17.01 12.96
C MET D 298 -36.63 16.03 13.69
N LEU D 299 -36.50 14.74 13.41
CA LEU D 299 -37.20 13.72 14.15
C LEU D 299 -36.47 13.34 15.43
N LYS D 300 -35.21 13.79 15.57
CA LYS D 300 -34.41 13.44 16.75
C LYS D 300 -35.02 13.90 18.08
N PRO D 301 -35.70 15.05 18.19
CA PRO D 301 -36.50 15.26 19.40
C PRO D 301 -37.70 14.35 19.52
N ALA D 302 -38.51 14.20 18.48
CA ALA D 302 -39.73 13.42 18.54
C ALA D 302 -39.51 11.94 18.64
N LEU D 303 -38.33 11.45 18.27
CA LEU D 303 -38.03 10.03 18.39
C LEU D 303 -37.68 9.67 19.82
N ALA D 304 -36.93 10.54 20.48
CA ALA D 304 -36.50 10.25 21.86
C ALA D 304 -37.64 10.46 22.83
N ARG D 305 -38.49 11.45 22.58
CA ARG D 305 -39.60 11.74 23.48
C ARG D 305 -40.68 10.67 23.38
N GLY D 306 -40.70 9.93 22.28
CA GLY D 306 -41.66 8.87 22.11
C GLY D 306 -42.98 9.29 21.52
N GLU D 307 -43.08 10.52 21.01
CA GLU D 307 -44.31 10.91 20.34
C GLU D 307 -44.41 10.28 18.96
N LEU D 308 -43.27 9.94 18.39
CA LEU D 308 -43.15 9.32 17.09
C LEU D 308 -42.90 7.84 17.28
N HIS D 309 -43.84 7.01 16.85
CA HIS D 309 -43.74 5.56 17.01
C HIS D 309 -43.14 4.93 15.75
N CYS D 310 -41.95 5.39 15.40
CA CYS D 310 -41.36 5.07 14.12
C CYS D 310 -40.91 3.62 14.07
N VAL D 311 -41.10 2.96 12.93
CA VAL D 311 -40.51 1.67 12.65
C VAL D 311 -39.58 1.85 11.47
N GLY D 312 -38.35 1.41 11.61
CA GLY D 312 -37.43 1.41 10.50
C GLY D 312 -37.30 0.02 9.93
N ALA D 313 -36.78 -0.06 8.71
CA ALA D 313 -36.51 -1.36 8.12
C ALA D 313 -35.24 -1.31 7.30
N THR D 314 -34.16 -0.77 7.85
CA THR D 314 -32.89 -0.79 7.15
C THR D 314 -32.30 -2.19 7.10
N THR D 315 -31.35 -2.37 6.20
CA THR D 315 -30.54 -3.57 6.18
C THR D 315 -29.45 -3.44 7.24
N LEU D 316 -28.65 -4.48 7.41
CA LEU D 316 -27.56 -4.41 8.39
C LEU D 316 -26.44 -3.52 7.89
N ASP D 317 -26.26 -3.44 6.58
CA ASP D 317 -25.21 -2.63 6.00
C ASP D 317 -25.60 -1.18 5.85
N GLU D 318 -26.87 -0.89 5.56
CA GLU D 318 -27.34 0.47 5.48
C GLU D 318 -27.63 1.08 6.83
N TYR D 319 -27.80 0.26 7.87
CA TYR D 319 -27.84 0.79 9.21
C TYR D 319 -26.48 1.25 9.66
N ARG D 320 -25.44 0.52 9.26
CA ARG D 320 -24.10 0.85 9.73
C ARG D 320 -23.56 2.10 9.04
N GLN D 321 -23.68 2.16 7.73
CA GLN D 321 -23.05 3.27 7.03
C GLN D 321 -23.90 4.52 6.98
N TYR D 322 -25.12 4.49 7.49
CA TYR D 322 -25.89 5.72 7.49
C TYR D 322 -26.43 6.10 8.85
N ILE D 323 -26.94 5.15 9.61
CA ILE D 323 -27.63 5.47 10.85
C ILE D 323 -26.70 5.30 12.04
N GLU D 324 -25.84 4.29 11.99
CA GLU D 324 -24.92 4.07 13.08
C GLU D 324 -23.78 5.07 13.08
N LYS D 325 -23.54 5.74 11.96
CA LYS D 325 -22.56 6.82 11.94
C LYS D 325 -23.10 8.09 12.58
N ASP D 326 -24.42 8.23 12.70
CA ASP D 326 -25.05 9.30 13.46
C ASP D 326 -25.44 8.68 14.80
N ALA D 327 -24.51 8.71 15.76
CA ALA D 327 -24.69 7.96 17.00
C ALA D 327 -25.74 8.56 17.92
N ALA D 328 -26.15 9.80 17.68
CA ALA D 328 -27.26 10.35 18.43
C ALA D 328 -28.59 9.86 17.90
N LEU D 329 -28.67 9.52 16.62
CA LEU D 329 -29.86 8.98 16.00
C LEU D 329 -29.98 7.48 16.13
N GLU D 330 -28.84 6.79 16.13
CA GLU D 330 -28.78 5.36 16.41
C GLU D 330 -29.25 5.06 17.82
N ARG D 331 -29.12 6.02 18.74
CA ARG D 331 -29.55 5.93 20.11
C ARG D 331 -31.05 5.81 20.25
N ARG D 332 -31.81 6.32 19.28
CA ARG D 332 -33.25 6.50 19.39
C ARG D 332 -34.02 5.33 18.81
N PHE D 333 -33.33 4.25 18.48
CA PHE D 333 -33.86 3.23 17.58
C PHE D 333 -33.47 1.86 18.10
N GLN D 334 -34.40 1.16 18.72
CA GLN D 334 -34.13 -0.18 19.22
C GLN D 334 -34.16 -1.17 18.09
N LYS D 335 -33.01 -1.74 17.75
CA LYS D 335 -32.90 -2.57 16.56
C LYS D 335 -33.47 -3.94 16.86
N VAL D 336 -34.47 -4.34 16.06
CA VAL D 336 -35.06 -5.65 16.11
C VAL D 336 -34.39 -6.46 15.00
N PHE D 337 -33.56 -7.42 15.37
CA PHE D 337 -32.81 -8.16 14.37
C PHE D 337 -33.72 -9.21 13.72
N VAL D 338 -33.82 -9.14 12.40
CA VAL D 338 -34.64 -10.06 11.63
C VAL D 338 -33.68 -11.05 10.98
N ALA D 339 -33.70 -12.29 11.46
CA ALA D 339 -32.81 -13.31 10.94
C ALA D 339 -33.37 -13.93 9.68
N GLU D 340 -32.46 -14.39 8.83
CA GLU D 340 -32.87 -15.18 7.69
C GLU D 340 -33.39 -16.51 8.19
N PRO D 341 -34.58 -16.93 7.76
CA PRO D 341 -35.23 -18.07 8.39
C PRO D 341 -34.63 -19.39 7.93
N SER D 342 -35.17 -20.47 8.49
CA SER D 342 -34.78 -21.81 8.13
C SER D 342 -35.29 -22.15 6.74
N VAL D 343 -34.92 -23.32 6.26
CA VAL D 343 -35.62 -23.86 5.11
C VAL D 343 -37.02 -24.29 5.52
N GLU D 344 -37.15 -24.91 6.68
CA GLU D 344 -38.46 -25.33 7.17
C GLU D 344 -39.32 -24.15 7.57
N ASP D 345 -38.72 -23.03 7.97
CA ASP D 345 -39.48 -21.81 8.20
C ASP D 345 -39.89 -21.16 6.91
N THR D 346 -39.16 -21.43 5.83
CA THR D 346 -39.47 -20.84 4.54
C THR D 346 -40.51 -21.67 3.80
N ILE D 347 -40.52 -22.98 4.00
CA ILE D 347 -41.58 -23.82 3.44
C ILE D 347 -42.91 -23.46 4.07
N ALA D 348 -42.90 -23.06 5.34
CA ALA D 348 -44.10 -22.52 5.96
C ALA D 348 -44.45 -21.14 5.42
N ILE D 349 -43.45 -20.33 5.09
CA ILE D 349 -43.70 -19.01 4.49
C ILE D 349 -44.25 -19.16 3.09
N LEU D 350 -43.66 -20.06 2.31
CA LEU D 350 -44.08 -20.25 0.92
C LEU D 350 -45.43 -20.91 0.82
N ARG D 351 -45.81 -21.69 1.82
CA ARG D 351 -47.12 -22.34 1.79
C ARG D 351 -48.22 -21.34 2.08
N GLY D 352 -47.90 -20.27 2.79
CA GLY D 352 -48.89 -19.30 3.16
C GLY D 352 -49.20 -18.34 2.05
N LEU D 353 -48.15 -17.79 1.43
CA LEU D 353 -48.34 -16.99 0.24
C LEU D 353 -48.23 -17.80 -1.03
N LYS D 354 -48.54 -19.09 -0.99
CA LYS D 354 -48.66 -19.86 -2.22
C LYS D 354 -49.86 -19.40 -3.02
N GLU D 355 -50.99 -19.19 -2.35
CA GLU D 355 -52.23 -18.83 -3.01
C GLU D 355 -52.23 -17.40 -3.50
N ARG D 356 -51.30 -16.58 -3.02
CA ARG D 356 -51.20 -15.22 -3.53
C ARG D 356 -50.45 -15.21 -4.86
N TYR D 357 -49.63 -16.24 -5.10
CA TYR D 357 -48.94 -16.39 -6.38
C TYR D 357 -49.66 -17.35 -7.31
N GLU D 358 -50.49 -18.23 -6.76
CA GLU D 358 -51.34 -19.07 -7.60
C GLU D 358 -52.45 -18.27 -8.23
N LEU D 359 -52.90 -17.21 -7.58
CA LEU D 359 -54.00 -16.41 -8.09
C LEU D 359 -53.53 -15.39 -9.12
N HIS D 360 -52.29 -14.94 -9.04
CA HIS D 360 -51.76 -14.01 -10.01
C HIS D 360 -51.39 -14.66 -11.32
N HIS D 361 -50.92 -15.90 -11.28
CA HIS D 361 -50.46 -16.59 -12.47
C HIS D 361 -51.44 -17.61 -12.99
N HIS D 362 -52.52 -17.90 -12.24
CA HIS D 362 -53.53 -18.89 -12.58
C HIS D 362 -52.92 -20.27 -12.80
N VAL D 363 -51.95 -20.62 -11.96
CA VAL D 363 -51.34 -21.94 -11.93
C VAL D 363 -51.61 -22.48 -10.54
N GLN D 364 -51.48 -23.79 -10.37
CA GLN D 364 -51.41 -24.33 -9.02
C GLN D 364 -50.01 -24.77 -8.70
N ILE D 365 -49.48 -24.28 -7.61
CA ILE D 365 -48.15 -24.61 -7.15
C ILE D 365 -48.28 -25.77 -6.19
N THR D 366 -47.69 -26.90 -6.56
CA THR D 366 -47.78 -28.08 -5.71
C THR D 366 -46.84 -27.93 -4.53
N ASP D 367 -47.13 -28.66 -3.47
CA ASP D 367 -46.26 -28.63 -2.30
C ASP D 367 -44.89 -29.30 -2.51
N PRO D 368 -44.72 -30.30 -3.39
CA PRO D 368 -43.37 -30.62 -3.86
C PRO D 368 -42.64 -29.46 -4.48
N ALA D 369 -43.33 -28.52 -5.12
CA ALA D 369 -42.64 -27.35 -5.66
C ALA D 369 -42.37 -26.32 -4.58
N ILE D 370 -43.11 -26.35 -3.49
CA ILE D 370 -42.86 -25.44 -2.37
C ILE D 370 -41.63 -25.90 -1.60
N VAL D 371 -41.53 -27.21 -1.37
CA VAL D 371 -40.42 -27.77 -0.61
C VAL D 371 -39.13 -27.69 -1.43
N ALA D 372 -39.23 -27.96 -2.74
CA ALA D 372 -38.06 -27.91 -3.60
C ALA D 372 -37.72 -26.51 -4.06
N ALA D 373 -38.41 -25.48 -3.59
CA ALA D 373 -37.96 -24.13 -3.89
C ALA D 373 -37.21 -23.57 -2.70
N ALA D 374 -37.56 -24.00 -1.50
CA ALA D 374 -36.82 -23.56 -0.33
C ALA D 374 -35.59 -24.41 -0.10
N THR D 375 -35.61 -25.66 -0.54
CA THR D 375 -34.44 -26.52 -0.42
C THR D 375 -33.42 -26.19 -1.50
N LEU D 376 -33.86 -26.07 -2.73
CA LEU D 376 -32.96 -25.82 -3.85
C LEU D 376 -32.38 -24.42 -3.87
N SER D 377 -33.15 -23.41 -3.50
CA SER D 377 -32.58 -22.08 -3.47
C SER D 377 -31.65 -21.86 -2.30
N HIS D 378 -31.87 -22.56 -1.18
CA HIS D 378 -30.93 -22.51 -0.08
C HIS D 378 -29.59 -23.10 -0.45
N ARG D 379 -29.59 -24.14 -1.27
CA ARG D 379 -28.39 -24.84 -1.68
C ARG D 379 -27.66 -24.13 -2.81
N TYR D 380 -28.40 -23.71 -3.84
CA TYR D 380 -27.79 -23.31 -5.09
C TYR D 380 -27.71 -21.81 -5.29
N ILE D 381 -28.43 -21.01 -4.51
CA ILE D 381 -28.34 -19.56 -4.60
C ILE D 381 -27.62 -19.08 -3.36
N ALA D 382 -26.59 -18.27 -3.56
CA ALA D 382 -25.70 -17.92 -2.47
C ALA D 382 -25.74 -16.44 -2.12
N ASP D 383 -25.97 -15.57 -3.09
CA ASP D 383 -25.98 -14.14 -2.85
C ASP D 383 -27.30 -13.68 -2.24
N ARG D 384 -28.37 -14.44 -2.44
CA ARG D 384 -29.69 -14.02 -2.00
C ARG D 384 -30.01 -14.61 -0.63
N GLN D 385 -31.14 -14.17 -0.06
CA GLN D 385 -31.60 -14.58 1.25
C GLN D 385 -32.89 -15.37 1.13
N LEU D 386 -33.18 -16.17 2.14
CA LEU D 386 -33.99 -17.37 1.95
C LEU D 386 -35.51 -17.24 1.76
N PRO D 387 -36.26 -16.30 2.36
CA PRO D 387 -37.67 -16.22 1.97
C PRO D 387 -37.80 -15.74 0.55
N ASP D 388 -36.97 -14.80 0.17
CA ASP D 388 -37.03 -14.19 -1.13
C ASP D 388 -36.60 -15.10 -2.25
N LYS D 389 -35.44 -15.73 -2.15
CA LYS D 389 -34.95 -16.55 -3.25
C LYS D 389 -35.75 -17.83 -3.44
N ALA D 390 -36.53 -18.22 -2.45
CA ALA D 390 -37.48 -19.30 -2.60
C ALA D 390 -38.76 -18.82 -3.25
N ILE D 391 -39.11 -17.55 -3.06
CA ILE D 391 -40.24 -16.94 -3.73
C ILE D 391 -39.93 -16.64 -5.18
N ASP D 392 -38.68 -16.26 -5.48
CA ASP D 392 -38.28 -16.02 -6.86
C ASP D 392 -38.34 -17.28 -7.71
N LEU D 393 -38.04 -18.42 -7.11
CA LEU D 393 -38.23 -19.67 -7.83
C LEU D 393 -39.69 -20.02 -7.98
N ILE D 394 -40.49 -19.76 -6.95
CA ILE D 394 -41.91 -20.07 -6.98
C ILE D 394 -42.64 -19.15 -7.95
N ASP D 395 -42.26 -17.87 -7.96
CA ASP D 395 -42.91 -16.91 -8.82
C ASP D 395 -42.52 -17.07 -10.28
N GLU D 396 -41.26 -17.33 -10.57
CA GLU D 396 -40.83 -17.44 -11.95
C GLU D 396 -41.11 -18.81 -12.55
N ALA D 397 -41.22 -19.85 -11.74
CA ALA D 397 -41.76 -21.09 -12.27
C ALA D 397 -43.24 -21.01 -12.52
N ALA D 398 -43.95 -20.22 -11.72
CA ALA D 398 -45.35 -19.97 -12.00
C ALA D 398 -45.53 -19.08 -13.22
N SER D 399 -44.63 -18.13 -13.40
CA SER D 399 -44.66 -17.26 -14.56
C SER D 399 -44.27 -17.96 -15.84
N SER D 400 -43.51 -19.05 -15.75
CA SER D 400 -43.09 -19.77 -16.94
C SER D 400 -44.12 -20.79 -17.36
N ILE D 401 -44.84 -21.37 -16.39
CA ILE D 401 -45.96 -22.23 -16.70
C ILE D 401 -47.06 -21.45 -17.37
N ARG D 402 -47.35 -20.25 -16.86
CA ARG D 402 -48.34 -19.37 -17.49
C ARG D 402 -47.90 -18.91 -18.87
N MET D 403 -46.59 -18.81 -19.12
CA MET D 403 -46.09 -18.65 -20.48
C MET D 403 -46.37 -19.87 -21.33
N GLN D 404 -46.25 -21.06 -20.76
CA GLN D 404 -46.38 -22.31 -21.50
C GLN D 404 -47.83 -22.72 -21.74
N ILE D 405 -48.80 -21.95 -21.27
CA ILE D 405 -50.20 -22.20 -21.59
C ILE D 405 -50.60 -21.18 -22.65
N ASP D 406 -50.10 -19.96 -22.50
CA ASP D 406 -50.40 -18.90 -23.46
C ASP D 406 -49.51 -19.00 -24.70
N SER D 407 -48.20 -18.85 -24.52
CA SER D 407 -47.25 -18.80 -25.63
C SER D 407 -46.76 -20.20 -25.95
N LYS D 408 -47.30 -20.78 -27.01
CA LYS D 408 -46.82 -22.08 -27.49
C LYS D 408 -46.62 -22.08 -29.00
N ARG D 525 -49.36 -33.34 -22.22
CA ARG D 525 -49.63 -33.07 -20.82
C ARG D 525 -48.74 -31.89 -20.42
N LEU D 526 -47.79 -31.56 -21.29
CA LEU D 526 -46.86 -30.46 -21.09
C LEU D 526 -47.46 -29.09 -21.40
N LEU D 527 -48.79 -28.98 -21.41
CA LEU D 527 -49.54 -27.73 -21.46
C LEU D 527 -50.57 -27.79 -20.33
N ARG D 528 -50.13 -27.45 -19.12
CA ARG D 528 -50.94 -27.62 -17.93
C ARG D 528 -50.44 -26.69 -16.84
N ASN D 529 -51.37 -26.17 -16.04
CA ASN D 529 -51.11 -25.08 -15.11
C ASN D 529 -50.64 -25.60 -13.75
N LYS D 530 -49.51 -26.30 -13.73
CA LYS D 530 -49.09 -26.87 -12.46
C LYS D 530 -47.58 -26.74 -12.31
N VAL D 531 -47.16 -26.04 -11.26
CA VAL D 531 -45.75 -25.89 -10.93
C VAL D 531 -45.34 -27.08 -10.07
N THR D 532 -44.43 -27.89 -10.60
CA THR D 532 -43.99 -29.10 -9.94
C THR D 532 -42.56 -28.83 -9.46
N ASP D 533 -41.99 -29.77 -8.70
CA ASP D 533 -40.58 -29.67 -8.34
C ASP D 533 -39.68 -29.88 -9.53
N ALA D 534 -40.19 -30.51 -10.59
CA ALA D 534 -39.45 -30.74 -11.82
C ALA D 534 -39.12 -29.47 -12.55
N GLU D 535 -39.82 -28.39 -12.28
CA GLU D 535 -39.61 -27.17 -13.02
C GLU D 535 -39.45 -25.94 -12.14
N ILE D 536 -39.41 -26.12 -10.82
CA ILE D 536 -38.67 -25.18 -9.98
C ILE D 536 -37.20 -25.26 -10.31
N ALA D 537 -36.70 -26.48 -10.49
CA ALA D 537 -35.31 -26.72 -10.83
C ALA D 537 -34.96 -26.24 -12.22
N GLU D 538 -35.92 -26.24 -13.15
CA GLU D 538 -35.69 -25.65 -14.46
C GLU D 538 -35.51 -24.14 -14.39
N VAL D 539 -36.08 -23.50 -13.37
CA VAL D 539 -35.88 -22.08 -13.17
C VAL D 539 -34.56 -21.82 -12.48
N LEU D 540 -34.20 -22.71 -11.57
CA LEU D 540 -32.96 -22.56 -10.82
C LEU D 540 -31.75 -22.93 -11.67
N ALA D 541 -31.90 -23.90 -12.57
CA ALA D 541 -30.82 -24.20 -13.50
C ALA D 541 -30.66 -23.12 -14.55
N ARG D 542 -31.64 -22.26 -14.72
CA ARG D 542 -31.57 -21.12 -15.60
C ARG D 542 -31.13 -19.86 -14.87
N TRP D 543 -31.51 -19.74 -13.59
CA TRP D 543 -30.99 -18.73 -12.67
C TRP D 543 -29.47 -18.85 -12.59
N THR D 544 -29.00 -20.01 -12.15
CA THR D 544 -27.63 -20.20 -11.69
C THR D 544 -26.74 -20.77 -12.77
N GLY D 545 -27.31 -21.55 -13.68
CA GLY D 545 -26.53 -22.25 -14.67
C GLY D 545 -26.16 -23.65 -14.24
N ILE D 546 -26.25 -23.93 -12.94
CA ILE D 546 -26.01 -25.24 -12.36
C ILE D 546 -27.09 -26.20 -12.85
N PRO D 547 -26.76 -27.24 -13.59
CA PRO D 547 -27.80 -28.06 -14.19
C PRO D 547 -28.49 -28.97 -13.19
N VAL D 548 -29.45 -28.40 -12.48
CA VAL D 548 -30.22 -29.12 -11.48
C VAL D 548 -31.54 -29.61 -12.05
N SER D 549 -31.73 -29.50 -13.36
CA SER D 549 -33.00 -29.81 -14.01
C SER D 549 -33.25 -31.31 -14.05
N ARG D 550 -34.30 -31.67 -14.77
CA ARG D 550 -34.75 -33.05 -14.70
C ARG D 550 -33.96 -33.98 -15.60
N MET D 551 -33.45 -33.49 -16.74
CA MET D 551 -32.51 -34.22 -17.61
C MET D 551 -33.12 -35.54 -18.10
N MET D 552 -34.08 -35.40 -19.02
CA MET D 552 -34.90 -36.55 -19.37
C MET D 552 -34.20 -37.64 -20.18
N GLU D 553 -33.87 -37.38 -21.45
CA GLU D 553 -33.17 -38.43 -22.18
C GLU D 553 -32.13 -37.88 -23.17
N SER D 554 -32.20 -36.60 -23.52
CA SER D 554 -31.29 -36.09 -24.54
C SER D 554 -29.92 -35.79 -23.98
N GLU D 555 -29.84 -35.35 -22.73
CA GLU D 555 -28.59 -35.16 -22.01
C GLU D 555 -28.29 -36.37 -21.15
N ARG D 556 -29.29 -37.21 -20.86
CA ARG D 556 -29.04 -38.45 -20.17
C ARG D 556 -28.28 -39.43 -21.06
N GLU D 557 -28.56 -39.42 -22.36
CA GLU D 557 -27.79 -40.21 -23.31
C GLU D 557 -26.43 -39.61 -23.61
N LYS D 558 -26.25 -38.30 -23.41
CA LYS D 558 -24.96 -37.67 -23.69
C LYS D 558 -23.94 -38.07 -22.64
N LEU D 559 -24.35 -38.22 -21.39
CA LEU D 559 -23.36 -38.51 -20.37
C LEU D 559 -23.48 -39.93 -19.85
N LEU D 560 -24.28 -40.76 -20.52
CA LEU D 560 -24.05 -42.19 -20.41
C LEU D 560 -22.90 -42.59 -21.31
N ARG D 561 -22.71 -41.85 -22.38
CA ARG D 561 -21.56 -41.98 -23.27
C ARG D 561 -20.56 -40.88 -23.01
N MET D 562 -20.34 -40.54 -21.75
CA MET D 562 -19.45 -39.44 -21.45
C MET D 562 -18.01 -39.83 -21.69
N GLU D 563 -17.66 -41.08 -21.40
CA GLU D 563 -16.29 -41.53 -21.56
C GLU D 563 -15.90 -41.59 -23.03
N GLN D 564 -16.77 -42.13 -23.89
CA GLN D 564 -16.39 -42.16 -25.29
C GLN D 564 -16.65 -40.85 -26.00
N GLU D 565 -17.18 -39.85 -25.31
CA GLU D 565 -17.19 -38.52 -25.88
C GLU D 565 -15.96 -37.75 -25.46
N LEU D 566 -15.37 -38.12 -24.32
CA LEU D 566 -14.07 -37.57 -23.95
C LEU D 566 -12.94 -38.33 -24.60
N HIS D 567 -13.14 -39.58 -24.99
CA HIS D 567 -12.14 -40.35 -25.72
C HIS D 567 -12.10 -40.01 -27.18
N HIS D 568 -12.97 -39.12 -27.64
CA HIS D 568 -12.84 -38.56 -28.97
C HIS D 568 -11.68 -37.60 -29.04
N ARG D 569 -11.28 -37.07 -27.90
CA ARG D 569 -10.28 -36.03 -27.84
C ARG D 569 -9.15 -36.35 -26.87
N VAL D 570 -9.37 -37.23 -25.90
CA VAL D 570 -8.31 -37.70 -25.00
C VAL D 570 -8.18 -39.19 -25.23
N ILE D 571 -7.23 -39.57 -26.03
CA ILE D 571 -7.00 -40.95 -26.41
C ILE D 571 -6.09 -41.61 -25.40
N GLY D 572 -6.51 -42.77 -24.91
CA GLY D 572 -5.89 -43.36 -23.77
C GLY D 572 -6.41 -42.66 -22.53
N GLN D 573 -5.66 -42.82 -21.44
CA GLN D 573 -5.98 -42.31 -20.11
C GLN D 573 -7.39 -42.72 -19.69
N ASN D 574 -7.60 -44.03 -19.67
CA ASN D 574 -8.92 -44.56 -19.35
C ASN D 574 -9.28 -44.28 -17.90
N GLU D 575 -8.32 -44.43 -16.99
CA GLU D 575 -8.57 -44.24 -15.57
C GLU D 575 -8.81 -42.78 -15.20
N ALA D 576 -8.57 -41.87 -16.13
CA ALA D 576 -8.71 -40.44 -15.96
C ALA D 576 -9.99 -39.91 -16.57
N VAL D 577 -10.32 -40.41 -17.76
CA VAL D 577 -11.63 -40.18 -18.34
C VAL D 577 -12.72 -40.88 -17.55
N ASP D 578 -12.44 -42.06 -16.99
CA ASP D 578 -13.39 -42.67 -16.06
C ASP D 578 -13.46 -41.94 -14.74
N ALA D 579 -12.46 -41.14 -14.38
CA ALA D 579 -12.54 -40.44 -13.11
C ALA D 579 -13.36 -39.18 -13.20
N VAL D 580 -13.28 -38.47 -14.33
CA VAL D 580 -14.00 -37.21 -14.44
C VAL D 580 -15.41 -37.44 -14.92
N SER D 581 -15.64 -38.53 -15.67
CA SER D 581 -16.98 -38.82 -16.11
C SER D 581 -17.83 -39.32 -14.97
N ASN D 582 -17.19 -39.94 -13.99
CA ASN D 582 -17.89 -40.44 -12.84
C ASN D 582 -18.26 -39.35 -11.86
N ALA D 583 -17.55 -38.23 -11.85
CA ALA D 583 -17.89 -37.15 -10.96
C ALA D 583 -19.02 -36.30 -11.52
N ILE D 584 -19.14 -36.26 -12.83
CA ILE D 584 -20.25 -35.55 -13.47
C ILE D 584 -21.50 -36.38 -13.43
N ARG D 585 -21.38 -37.70 -13.41
CA ARG D 585 -22.54 -38.53 -13.17
C ARG D 585 -22.97 -38.53 -11.72
N ARG D 586 -22.04 -38.36 -10.79
CA ARG D 586 -22.42 -38.29 -9.39
C ARG D 586 -23.14 -37.01 -9.07
N SER D 587 -22.78 -35.91 -9.71
CA SER D 587 -23.47 -34.67 -9.46
C SER D 587 -24.82 -34.65 -10.14
N ARG D 588 -24.87 -35.12 -11.38
CA ARG D 588 -26.11 -35.05 -12.13
C ARG D 588 -27.07 -36.17 -11.82
N ALA D 589 -26.65 -37.18 -11.06
CA ALA D 589 -27.62 -38.05 -10.43
C ALA D 589 -27.97 -37.58 -9.03
N GLY D 590 -27.42 -36.45 -8.60
CA GLY D 590 -27.74 -35.93 -7.30
C GLY D 590 -27.08 -36.63 -6.16
N LEU D 591 -26.03 -37.38 -6.41
CA LEU D 591 -25.36 -38.13 -5.38
C LEU D 591 -24.14 -37.44 -4.81
N ALA D 592 -23.71 -36.34 -5.42
CA ALA D 592 -22.51 -35.66 -4.96
C ALA D 592 -22.75 -35.03 -3.61
N ASP D 593 -21.71 -35.04 -2.79
CA ASP D 593 -21.70 -34.38 -1.50
C ASP D 593 -21.95 -32.90 -1.71
N PRO D 594 -23.02 -32.33 -1.14
CA PRO D 594 -23.34 -30.93 -1.41
C PRO D 594 -22.38 -29.95 -0.77
N ASN D 595 -21.49 -30.38 0.11
CA ASN D 595 -20.55 -29.47 0.73
C ASN D 595 -19.28 -29.29 -0.09
N ARG D 596 -18.75 -30.37 -0.64
CA ARG D 596 -17.54 -30.32 -1.42
C ARG D 596 -17.87 -29.93 -2.86
N PRO D 597 -16.85 -29.58 -3.68
CA PRO D 597 -17.09 -29.44 -5.13
C PRO D 597 -17.56 -30.69 -5.84
N ILE D 598 -17.92 -30.54 -7.12
CA ILE D 598 -18.39 -31.67 -7.92
C ILE D 598 -17.29 -32.68 -8.09
N GLY D 599 -16.07 -32.21 -8.32
CA GLY D 599 -14.92 -33.07 -8.31
C GLY D 599 -13.69 -32.27 -7.96
N SER D 600 -12.75 -32.92 -7.29
CA SER D 600 -11.42 -32.37 -7.05
C SER D 600 -10.46 -33.41 -7.59
N PHE D 601 -9.71 -33.06 -8.63
CA PHE D 601 -8.85 -34.01 -9.32
C PHE D 601 -7.42 -33.52 -9.33
N LEU D 602 -6.51 -34.34 -8.84
CA LEU D 602 -5.09 -34.12 -9.07
C LEU D 602 -4.72 -34.97 -10.26
N PHE D 603 -4.43 -34.31 -11.37
CA PHE D 603 -4.02 -34.98 -12.59
C PHE D 603 -2.50 -35.01 -12.59
N LEU D 604 -1.91 -36.11 -12.20
CA LEU D 604 -0.47 -36.25 -12.29
C LEU D 604 -0.14 -36.98 -13.59
N GLY D 605 1.10 -37.33 -13.82
CA GLY D 605 1.44 -37.98 -15.05
C GLY D 605 2.71 -37.41 -15.61
N PRO D 606 3.19 -37.99 -16.69
CA PRO D 606 4.31 -37.40 -17.41
C PRO D 606 3.91 -36.16 -18.19
N THR D 607 4.84 -35.67 -18.98
CA THR D 607 4.59 -34.52 -19.82
C THR D 607 3.92 -34.93 -21.12
N GLY D 608 3.13 -34.02 -21.66
CA GLY D 608 2.53 -34.13 -22.98
C GLY D 608 1.55 -35.26 -23.13
N VAL D 609 0.87 -35.61 -22.06
CA VAL D 609 0.32 -36.94 -21.95
C VAL D 609 -1.21 -36.92 -21.93
N GLY D 610 -1.80 -35.74 -21.88
CA GLY D 610 -3.23 -35.67 -22.02
C GLY D 610 -3.92 -35.14 -20.79
N LYS D 611 -3.18 -34.46 -19.94
CA LYS D 611 -3.77 -34.12 -18.66
C LYS D 611 -4.28 -32.70 -18.60
N THR D 612 -3.81 -31.80 -19.45
CA THR D 612 -4.51 -30.56 -19.71
C THR D 612 -5.46 -30.70 -20.87
N GLU D 613 -5.24 -31.66 -21.75
CA GLU D 613 -6.19 -32.01 -22.79
C GLU D 613 -7.49 -32.55 -22.24
N LEU D 614 -7.46 -33.24 -21.09
CA LEU D 614 -8.68 -33.76 -20.51
C LEU D 614 -9.50 -32.67 -19.86
N CYS D 615 -8.86 -31.65 -19.33
CA CYS D 615 -9.62 -30.53 -18.80
C CYS D 615 -10.21 -29.69 -19.91
N LYS D 616 -9.52 -29.57 -21.03
CA LYS D 616 -10.05 -28.87 -22.19
C LYS D 616 -11.10 -29.68 -22.91
N ALA D 617 -11.12 -30.99 -22.75
CA ALA D 617 -12.15 -31.84 -23.32
C ALA D 617 -13.32 -32.04 -22.38
N LEU D 618 -13.09 -31.77 -21.10
CA LEU D 618 -14.14 -31.85 -20.10
C LEU D 618 -14.94 -30.56 -20.24
N ALA D 619 -14.24 -29.43 -20.33
CA ALA D 619 -14.88 -28.14 -20.51
C ALA D 619 -15.54 -28.04 -21.87
N ASN D 620 -15.06 -28.80 -22.85
CA ASN D 620 -15.76 -28.92 -24.11
C ASN D 620 -16.95 -29.84 -24.01
N PHE D 621 -16.97 -30.74 -23.02
CA PHE D 621 -18.09 -31.64 -22.91
C PHE D 621 -19.30 -30.94 -22.35
N MET D 622 -19.12 -30.22 -21.25
CA MET D 622 -20.27 -29.64 -20.58
C MET D 622 -20.57 -28.21 -20.98
N PHE D 623 -19.65 -27.55 -21.69
CA PHE D 623 -19.86 -26.16 -22.07
C PHE D 623 -19.66 -25.89 -23.54
N ASP D 624 -19.31 -26.92 -24.33
CA ASP D 624 -19.11 -26.85 -25.78
C ASP D 624 -18.04 -25.84 -26.19
N SER D 625 -17.06 -25.58 -25.34
CA SER D 625 -15.97 -24.68 -25.64
C SER D 625 -14.82 -25.01 -24.70
N ASP D 626 -13.62 -25.17 -25.28
CA ASP D 626 -12.42 -25.45 -24.49
C ASP D 626 -12.07 -24.30 -23.57
N GLU D 627 -12.35 -23.07 -24.01
CA GLU D 627 -12.05 -21.86 -23.26
C GLU D 627 -13.18 -21.48 -22.33
N ALA D 628 -13.99 -22.44 -21.93
CA ALA D 628 -15.11 -22.18 -21.05
C ALA D 628 -14.82 -22.79 -19.70
N MET D 629 -13.58 -22.64 -19.25
CA MET D 629 -13.19 -23.08 -17.94
C MET D 629 -12.51 -21.92 -17.25
N VAL D 630 -12.47 -21.96 -15.92
CA VAL D 630 -11.71 -20.96 -15.19
C VAL D 630 -10.28 -21.48 -15.18
N ARG D 631 -9.55 -21.18 -16.24
CA ARG D 631 -8.21 -21.70 -16.43
C ARG D 631 -7.27 -20.80 -15.63
N ILE D 632 -6.57 -21.40 -14.69
CA ILE D 632 -5.65 -20.69 -13.84
C ILE D 632 -4.31 -21.40 -13.96
N ASP D 633 -3.35 -20.73 -14.56
CA ASP D 633 -2.01 -21.30 -14.71
C ASP D 633 -1.27 -21.02 -13.42
N MET D 634 -0.98 -22.07 -12.66
CA MET D 634 -0.43 -21.88 -11.33
C MET D 634 1.04 -21.54 -11.34
N SER D 635 1.66 -21.41 -12.50
CA SER D 635 3.03 -20.96 -12.61
C SER D 635 3.14 -19.45 -12.63
N GLU D 636 2.02 -18.74 -12.59
CA GLU D 636 1.98 -17.32 -12.29
C GLU D 636 1.82 -17.08 -10.80
N PHE D 637 1.82 -18.15 -10.02
CA PHE D 637 1.55 -18.12 -8.60
C PHE D 637 2.74 -18.69 -7.86
N MET D 638 3.92 -18.48 -8.42
CA MET D 638 5.15 -18.96 -7.81
C MET D 638 5.55 -18.12 -6.62
N GLU D 639 5.02 -16.91 -6.52
CA GLU D 639 5.27 -16.05 -5.39
C GLU D 639 4.17 -16.23 -4.36
N LYS D 640 4.54 -16.02 -3.10
CA LYS D 640 3.60 -16.26 -2.01
C LYS D 640 2.51 -15.19 -1.97
N HIS D 641 2.80 -14.01 -2.48
CA HIS D 641 1.85 -12.92 -2.51
C HIS D 641 0.99 -12.91 -3.75
N SER D 642 0.99 -14.00 -4.51
CA SER D 642 0.18 -14.11 -5.71
C SER D 642 -1.17 -14.70 -5.44
N VAL D 643 -1.48 -15.05 -4.19
CA VAL D 643 -2.83 -15.47 -3.84
C VAL D 643 -3.79 -14.30 -3.88
N SER D 644 -3.29 -13.08 -3.91
CA SER D 644 -4.06 -11.89 -4.18
C SER D 644 -4.62 -11.84 -5.59
N ARG D 645 -4.17 -12.70 -6.49
CA ARG D 645 -4.80 -12.81 -7.79
C ARG D 645 -6.01 -13.72 -7.75
N LEU D 646 -5.99 -14.73 -6.89
CA LEU D 646 -7.10 -15.63 -6.73
C LEU D 646 -8.26 -15.00 -5.97
N VAL D 647 -8.00 -14.40 -4.82
CA VAL D 647 -9.06 -13.91 -3.94
C VAL D 647 -9.21 -12.40 -3.98
N GLY D 648 -8.24 -11.67 -4.50
CA GLY D 648 -8.34 -10.23 -4.60
C GLY D 648 -7.53 -9.52 -3.55
N ALA D 649 -7.54 -8.24 -3.64
CA ALA D 649 -6.83 -7.41 -2.70
C ALA D 649 -7.66 -7.18 -1.45
N PRO D 650 -7.03 -6.94 -0.31
CA PRO D 650 -7.77 -6.62 0.90
C PRO D 650 -8.39 -5.24 0.80
N PRO D 651 -9.29 -4.87 1.72
CA PRO D 651 -9.81 -3.49 1.72
C PRO D 651 -8.71 -2.49 2.08
N GLY D 652 -8.58 -1.47 1.25
CA GLY D 652 -7.53 -0.48 1.41
C GLY D 652 -6.50 -0.46 0.31
N TYR D 653 -6.50 -1.45 -0.58
CA TYR D 653 -5.37 -1.71 -1.45
C TYR D 653 -5.80 -1.60 -2.91
N VAL D 654 -4.83 -1.54 -3.80
CA VAL D 654 -5.11 -1.24 -5.20
C VAL D 654 -5.70 -2.46 -5.87
N GLY D 655 -6.68 -2.23 -6.74
CA GLY D 655 -7.39 -3.33 -7.35
C GLY D 655 -8.23 -4.12 -6.40
N TYR D 656 -8.67 -3.51 -5.30
CA TYR D 656 -9.58 -4.18 -4.38
C TYR D 656 -10.97 -4.27 -4.96
N GLU D 657 -11.38 -3.28 -5.75
CA GLU D 657 -12.69 -3.31 -6.37
C GLU D 657 -12.77 -4.38 -7.45
N GLU D 658 -11.66 -4.65 -8.11
CA GLU D 658 -11.61 -5.63 -9.19
C GLU D 658 -11.85 -7.05 -8.71
N GLY D 659 -11.64 -7.32 -7.43
CA GLY D 659 -11.92 -8.63 -6.90
C GLY D 659 -10.83 -9.60 -7.29
N GLY D 660 -11.11 -10.87 -7.03
CA GLY D 660 -10.20 -11.94 -7.41
C GLY D 660 -10.41 -12.34 -8.84
N TYR D 661 -9.58 -13.28 -9.28
CA TYR D 661 -9.80 -13.90 -10.57
C TYR D 661 -10.54 -15.21 -10.43
N LEU D 662 -10.21 -15.99 -9.41
CA LEU D 662 -10.87 -17.27 -9.22
C LEU D 662 -12.23 -17.09 -8.60
N THR D 663 -12.32 -16.26 -7.56
CA THR D 663 -13.58 -16.06 -6.88
C THR D 663 -14.59 -15.33 -7.75
N GLU D 664 -14.18 -14.29 -8.46
CA GLU D 664 -15.08 -13.53 -9.30
C GLU D 664 -15.49 -14.26 -10.56
N ALA D 665 -14.75 -15.28 -10.98
CA ALA D 665 -15.18 -16.06 -12.14
C ALA D 665 -16.18 -17.11 -11.75
N VAL D 666 -16.06 -17.65 -10.53
CA VAL D 666 -16.97 -18.65 -10.01
C VAL D 666 -18.18 -18.01 -9.33
N ARG D 667 -18.07 -16.76 -8.89
CA ARG D 667 -19.24 -16.07 -8.40
C ARG D 667 -20.20 -15.73 -9.52
N ARG D 668 -19.68 -15.47 -10.72
CA ARG D 668 -20.51 -15.18 -11.88
C ARG D 668 -21.17 -16.44 -12.41
N ARG D 669 -20.37 -17.46 -12.72
CA ARG D 669 -20.89 -18.74 -13.20
C ARG D 669 -20.48 -19.80 -12.20
N PRO D 670 -21.39 -20.25 -11.33
CA PRO D 670 -20.99 -21.18 -10.28
C PRO D 670 -20.79 -22.60 -10.74
N TYR D 671 -21.30 -22.96 -11.92
CA TYR D 671 -21.10 -24.29 -12.48
C TYR D 671 -19.98 -24.15 -13.48
N SER D 672 -18.76 -24.35 -13.01
CA SER D 672 -17.57 -24.11 -13.79
C SER D 672 -16.72 -25.36 -13.78
N VAL D 673 -15.65 -25.31 -14.58
CA VAL D 673 -14.51 -26.20 -14.44
C VAL D 673 -13.34 -25.30 -14.14
N ILE D 674 -12.61 -25.60 -13.09
CA ILE D 674 -11.46 -24.79 -12.71
C ILE D 674 -10.23 -25.61 -13.02
N LEU D 675 -9.40 -25.11 -13.92
CA LEU D 675 -8.13 -25.73 -14.19
C LEU D 675 -7.06 -25.00 -13.42
N LEU D 676 -6.33 -25.74 -12.59
CA LEU D 676 -5.18 -25.22 -11.89
C LEU D 676 -4.00 -25.94 -12.51
N ASP D 677 -3.52 -25.41 -13.63
CA ASP D 677 -2.45 -26.01 -14.39
C ASP D 677 -1.13 -25.87 -13.69
N GLU D 678 -0.36 -26.96 -13.70
CA GLU D 678 1.00 -27.00 -13.19
C GLU D 678 1.03 -26.53 -11.74
N VAL D 679 0.27 -27.26 -10.92
CA VAL D 679 -0.07 -26.74 -9.61
C VAL D 679 1.13 -26.83 -8.68
N GLU D 680 2.07 -27.74 -8.92
CA GLU D 680 3.27 -27.83 -8.12
C GLU D 680 4.24 -26.69 -8.35
N LYS D 681 4.03 -25.90 -9.41
CA LYS D 681 4.84 -24.72 -9.66
C LYS D 681 4.37 -23.54 -8.83
N ALA D 682 3.18 -23.60 -8.26
CA ALA D 682 2.73 -22.56 -7.37
C ALA D 682 3.52 -22.60 -6.07
N HIS D 683 3.48 -21.49 -5.36
CA HIS D 683 4.06 -21.45 -4.03
C HIS D 683 3.25 -22.38 -3.12
N PRO D 684 3.89 -23.07 -2.17
CA PRO D 684 3.13 -23.97 -1.29
C PRO D 684 2.15 -23.28 -0.36
N ASP D 685 2.14 -21.95 -0.29
CA ASP D 685 1.09 -21.23 0.39
C ASP D 685 -0.06 -20.84 -0.53
N VAL D 686 -0.02 -21.22 -1.81
CA VAL D 686 -1.18 -20.99 -2.65
C VAL D 686 -2.14 -22.17 -2.54
N PHE D 687 -1.66 -23.32 -2.07
CA PHE D 687 -2.56 -24.43 -1.83
C PHE D 687 -3.36 -24.23 -0.56
N ASN D 688 -2.94 -23.31 0.29
CA ASN D 688 -3.72 -23.03 1.49
C ASN D 688 -5.00 -22.28 1.14
N ILE D 689 -4.97 -21.50 0.07
CA ILE D 689 -6.19 -20.90 -0.46
C ILE D 689 -7.15 -21.98 -0.95
N LEU D 690 -6.63 -23.03 -1.56
CA LEU D 690 -7.46 -24.10 -2.07
C LEU D 690 -7.80 -25.15 -1.04
N LEU D 691 -7.47 -24.95 0.23
CA LEU D 691 -7.92 -25.90 1.24
C LEU D 691 -9.41 -25.74 1.50
N GLN D 692 -9.86 -24.50 1.60
CA GLN D 692 -11.28 -24.23 1.77
C GLN D 692 -12.04 -24.36 0.48
N VAL D 693 -11.38 -24.30 -0.66
CA VAL D 693 -12.03 -24.56 -1.94
C VAL D 693 -12.33 -26.04 -2.11
N LEU D 694 -11.42 -26.90 -1.70
CA LEU D 694 -11.55 -28.31 -2.05
C LEU D 694 -12.38 -29.10 -1.07
N ASP D 695 -12.45 -28.71 0.19
CA ASP D 695 -13.34 -29.37 1.13
C ASP D 695 -14.20 -28.31 1.75
N ASP D 696 -15.52 -28.50 1.65
CA ASP D 696 -16.53 -27.50 1.96
C ASP D 696 -16.22 -26.21 1.20
N GLY D 697 -16.43 -26.28 -0.13
CA GLY D 697 -15.96 -25.26 -1.04
C GLY D 697 -16.50 -23.86 -0.81
N ARG D 698 -15.70 -23.02 -0.18
CA ARG D 698 -16.14 -21.70 0.25
C ARG D 698 -15.02 -20.65 0.19
N LEU D 699 -14.35 -20.48 -0.94
CA LEU D 699 -13.34 -19.43 -1.01
C LEU D 699 -13.95 -18.04 -0.84
N THR D 700 -13.31 -17.24 0.00
CA THR D 700 -13.77 -15.91 0.34
C THR D 700 -12.95 -14.86 -0.40
N ASP D 701 -13.61 -13.82 -0.91
CA ASP D 701 -12.93 -12.69 -1.55
C ASP D 701 -12.04 -11.92 -0.58
N GLY D 702 -11.35 -10.92 -1.12
CA GLY D 702 -10.81 -9.88 -0.27
C GLY D 702 -11.88 -8.94 0.22
N GLN D 703 -12.97 -8.83 -0.54
CA GLN D 703 -14.14 -8.08 -0.09
C GLN D 703 -14.84 -8.76 1.07
N GLY D 704 -14.66 -10.07 1.22
CA GLY D 704 -15.33 -10.78 2.28
C GLY D 704 -16.60 -11.41 1.76
N ARG D 705 -16.62 -11.69 0.47
CA ARG D 705 -17.74 -12.35 -0.18
C ARG D 705 -17.38 -13.82 -0.35
N THR D 706 -18.08 -14.69 0.36
CA THR D 706 -17.81 -16.10 0.25
C THR D 706 -18.41 -16.65 -1.03
N VAL D 707 -17.61 -17.36 -1.80
CA VAL D 707 -18.00 -17.90 -3.09
C VAL D 707 -18.14 -19.41 -2.97
N ASP D 708 -19.30 -19.94 -3.33
CA ASP D 708 -19.54 -21.38 -3.26
C ASP D 708 -18.91 -22.03 -4.48
N PHE D 709 -17.85 -22.79 -4.22
CA PHE D 709 -17.18 -23.59 -5.22
C PHE D 709 -17.72 -24.99 -5.29
N ARG D 710 -18.83 -25.25 -4.62
CA ARG D 710 -19.32 -26.61 -4.48
C ARG D 710 -20.16 -27.07 -5.66
N ASN D 711 -20.15 -26.34 -6.75
CA ASN D 711 -20.75 -26.78 -8.00
C ASN D 711 -19.73 -26.84 -9.12
N THR D 712 -18.46 -26.63 -8.80
CA THR D 712 -17.39 -26.61 -9.77
C THR D 712 -16.65 -27.94 -9.75
N VAL D 713 -15.99 -28.22 -10.86
CA VAL D 713 -15.04 -29.31 -10.95
C VAL D 713 -13.66 -28.67 -10.93
N VAL D 714 -12.96 -28.79 -9.81
CA VAL D 714 -11.62 -28.25 -9.66
C VAL D 714 -10.63 -29.30 -10.12
N ILE D 715 -9.87 -29.01 -11.15
CA ILE D 715 -8.87 -29.94 -11.64
C ILE D 715 -7.50 -29.30 -11.52
N MET D 716 -6.59 -30.00 -10.85
CA MET D 716 -5.25 -29.52 -10.59
C MET D 716 -4.31 -30.44 -11.35
N THR D 717 -3.86 -30.05 -12.52
CA THR D 717 -2.93 -30.90 -13.24
C THR D 717 -1.51 -30.60 -12.78
N SER D 718 -0.71 -31.64 -12.66
CA SER D 718 0.62 -31.47 -12.13
C SER D 718 1.54 -32.48 -12.80
N ASN D 719 2.82 -32.23 -12.69
CA ASN D 719 3.86 -33.07 -13.28
C ASN D 719 4.75 -33.53 -12.14
N LEU D 720 4.36 -34.60 -11.47
CA LEU D 720 5.14 -34.89 -10.27
C LEU D 720 5.60 -36.33 -10.21
N GLY D 721 4.78 -37.28 -10.63
CA GLY D 721 5.31 -38.63 -10.73
C GLY D 721 5.96 -38.94 -12.05
N SER D 722 6.33 -37.92 -12.82
CA SER D 722 6.69 -38.07 -14.22
C SER D 722 7.93 -38.93 -14.40
N ASP D 723 8.91 -38.80 -13.51
CA ASP D 723 10.10 -39.63 -13.58
C ASP D 723 9.78 -41.04 -13.13
N LEU D 724 8.77 -41.20 -12.28
CA LEU D 724 8.42 -42.47 -11.69
C LEU D 724 7.33 -43.19 -12.47
N ILE D 725 6.49 -42.47 -13.19
CA ILE D 725 5.40 -43.07 -13.93
C ILE D 725 5.90 -43.76 -15.19
N GLN D 726 6.62 -43.06 -16.06
CA GLN D 726 7.07 -43.67 -17.30
C GLN D 726 8.24 -44.62 -17.09
N GLU D 727 8.82 -44.64 -15.90
CA GLU D 727 9.78 -45.66 -15.52
C GLU D 727 9.12 -46.95 -15.04
N ARG D 728 8.00 -46.86 -14.34
CA ARG D 728 7.42 -48.03 -13.69
C ARG D 728 6.04 -48.44 -14.18
N PHE D 729 5.43 -47.75 -15.14
CA PHE D 729 4.06 -48.08 -15.51
C PHE D 729 3.96 -49.40 -16.25
N GLY D 730 5.01 -49.82 -16.93
CA GLY D 730 4.96 -51.07 -17.66
C GLY D 730 5.22 -52.29 -16.81
N GLU D 731 5.32 -52.11 -15.50
CA GLU D 731 5.59 -53.23 -14.61
C GLU D 731 4.68 -53.19 -13.39
N LEU D 732 3.92 -52.12 -13.24
CA LEU D 732 2.97 -51.96 -12.15
C LEU D 732 1.55 -51.86 -12.70
N ASP D 733 0.59 -52.32 -11.91
CA ASP D 733 -0.79 -52.00 -12.21
C ASP D 733 -1.09 -50.61 -11.70
N TYR D 734 -2.30 -50.12 -11.99
CA TYR D 734 -2.64 -48.75 -11.66
C TYR D 734 -2.79 -48.56 -10.15
N ALA D 735 -3.13 -49.63 -9.43
CA ALA D 735 -3.27 -49.53 -7.98
C ALA D 735 -1.93 -49.34 -7.31
N HIS D 736 -0.89 -50.06 -7.77
CA HIS D 736 0.43 -49.91 -7.19
C HIS D 736 1.12 -48.67 -7.70
N MET D 737 0.74 -48.21 -8.89
CA MET D 737 1.36 -47.02 -9.44
C MET D 737 0.83 -45.77 -8.76
N LYS D 738 -0.49 -45.69 -8.56
CA LYS D 738 -1.08 -44.57 -7.83
C LYS D 738 -0.61 -44.56 -6.38
N GLU D 739 -0.40 -45.74 -5.81
CA GLU D 739 0.21 -45.87 -4.48
C GLU D 739 1.62 -45.30 -4.43
N LEU D 740 2.33 -45.36 -5.54
CA LEU D 740 3.74 -44.99 -5.56
C LEU D 740 3.92 -43.52 -5.92
N VAL D 741 3.00 -42.95 -6.69
CA VAL D 741 3.04 -41.53 -7.03
C VAL D 741 2.45 -40.67 -5.93
N LEU D 742 1.47 -41.19 -5.18
CA LEU D 742 0.98 -40.50 -3.99
C LEU D 742 2.06 -40.40 -2.92
N GLY D 743 3.04 -41.30 -2.94
CA GLY D 743 4.23 -41.10 -2.14
C GLY D 743 5.10 -39.96 -2.59
N VAL D 744 5.09 -39.62 -3.88
CA VAL D 744 5.87 -38.48 -4.37
C VAL D 744 5.19 -37.16 -4.11
N VAL D 745 3.87 -37.09 -4.28
CA VAL D 745 3.14 -35.86 -4.04
C VAL D 745 2.85 -35.66 -2.55
N SER D 746 3.18 -36.65 -1.72
CA SER D 746 3.20 -36.46 -0.28
C SER D 746 4.34 -35.57 0.16
N HIS D 747 5.40 -35.49 -0.64
CA HIS D 747 6.53 -34.65 -0.29
C HIS D 747 6.36 -33.25 -0.86
N ASN D 748 5.50 -33.08 -1.85
CA ASN D 748 5.31 -31.76 -2.45
C ASN D 748 4.15 -31.02 -1.79
N PHE D 749 3.03 -31.70 -1.58
CA PHE D 749 1.86 -31.08 -0.98
C PHE D 749 1.76 -31.54 0.47
N ARG D 750 1.17 -30.70 1.30
CA ARG D 750 0.91 -31.02 2.69
C ARG D 750 -0.15 -32.10 2.74
N PRO D 751 -0.17 -32.97 3.77
CA PRO D 751 -1.19 -34.03 3.81
C PRO D 751 -2.58 -33.52 4.02
N GLU D 752 -2.71 -32.28 4.50
CA GLU D 752 -3.99 -31.57 4.55
C GLU D 752 -4.61 -31.50 3.18
N PHE D 753 -3.79 -31.13 2.18
CA PHE D 753 -4.25 -30.82 0.85
C PHE D 753 -4.44 -32.05 0.00
N ILE D 754 -3.60 -33.06 0.20
CA ILE D 754 -3.76 -34.32 -0.52
C ILE D 754 -5.01 -35.03 -0.04
N ASN D 755 -5.41 -34.80 1.21
CA ASN D 755 -6.61 -35.43 1.74
C ASN D 755 -7.89 -34.79 1.24
N ARG D 756 -7.84 -33.53 0.79
CA ARG D 756 -9.04 -32.88 0.26
C ARG D 756 -9.37 -33.36 -1.14
N ILE D 757 -8.38 -33.80 -1.91
CA ILE D 757 -8.60 -34.12 -3.31
C ILE D 757 -9.37 -35.42 -3.41
N ASP D 758 -10.49 -35.39 -4.13
CA ASP D 758 -11.40 -36.53 -4.23
C ASP D 758 -10.87 -37.66 -5.08
N GLU D 759 -9.92 -37.39 -5.97
CA GLU D 759 -9.41 -38.41 -6.88
C GLU D 759 -8.05 -37.94 -7.38
N VAL D 760 -6.98 -38.56 -6.89
CA VAL D 760 -5.66 -38.32 -7.45
C VAL D 760 -5.48 -39.28 -8.62
N VAL D 761 -5.32 -38.74 -9.82
CA VAL D 761 -5.33 -39.53 -11.03
C VAL D 761 -3.94 -39.53 -11.61
N VAL D 762 -3.43 -40.71 -11.91
CA VAL D 762 -2.12 -40.89 -12.51
C VAL D 762 -2.31 -41.17 -13.99
N PHE D 763 -1.71 -40.33 -14.82
CA PHE D 763 -1.83 -40.47 -16.26
C PHE D 763 -0.69 -41.34 -16.76
N HIS D 764 -0.98 -42.21 -17.68
CA HIS D 764 0.07 -43.10 -18.10
C HIS D 764 0.74 -42.57 -19.36
N PRO D 765 2.02 -42.81 -19.58
CA PRO D 765 2.67 -42.35 -20.80
C PRO D 765 2.13 -43.05 -22.02
N LEU D 766 2.04 -42.30 -23.11
CA LEU D 766 1.36 -42.77 -24.29
C LEU D 766 2.23 -43.77 -25.05
N GLY D 767 1.66 -44.91 -25.37
CA GLY D 767 2.36 -45.91 -26.14
C GLY D 767 2.45 -45.54 -27.60
N GLU D 768 2.92 -46.49 -28.40
CA GLU D 768 2.99 -46.23 -29.82
C GLU D 768 1.62 -46.33 -30.46
N GLN D 769 0.72 -47.12 -29.88
CA GLN D 769 -0.62 -47.28 -30.42
C GLN D 769 -1.56 -46.18 -29.97
N HIS D 770 -1.19 -45.39 -28.95
CA HIS D 770 -1.96 -44.20 -28.63
C HIS D 770 -1.54 -43.06 -29.51
N ILE D 771 -0.23 -42.90 -29.71
CA ILE D 771 0.31 -41.82 -30.52
C ILE D 771 -0.04 -42.02 -31.98
N ALA D 772 -0.25 -43.27 -32.40
CA ALA D 772 -0.82 -43.52 -33.71
C ALA D 772 -2.27 -43.06 -33.82
N SER D 773 -2.96 -42.91 -32.70
CA SER D 773 -4.34 -42.45 -32.69
C SER D 773 -4.46 -40.97 -32.37
N ILE D 774 -3.48 -40.40 -31.67
CA ILE D 774 -3.39 -38.95 -31.53
C ILE D 774 -2.94 -38.34 -32.85
N ALA D 775 -2.22 -39.10 -33.68
CA ALA D 775 -1.95 -38.69 -35.05
C ALA D 775 -3.22 -38.47 -35.84
N GLN D 776 -4.26 -39.24 -35.58
CA GLN D 776 -5.52 -39.05 -36.30
C GLN D 776 -6.22 -37.78 -35.84
N ILE D 777 -6.15 -37.48 -34.53
CA ILE D 777 -6.75 -36.25 -34.02
C ILE D 777 -6.03 -35.04 -34.57
N GLN D 778 -4.71 -35.02 -34.44
CA GLN D 778 -3.94 -33.84 -34.80
C GLN D 778 -3.83 -33.64 -36.30
N LEU D 779 -4.10 -34.68 -37.10
CA LEU D 779 -4.21 -34.52 -38.54
C LEU D 779 -5.60 -34.11 -38.98
N LYS D 780 -6.64 -34.55 -38.27
CA LYS D 780 -7.98 -34.08 -38.58
C LYS D 780 -8.14 -32.63 -38.19
N ARG D 781 -7.40 -32.18 -37.17
CA ARG D 781 -7.32 -30.75 -36.86
C ARG D 781 -6.63 -29.99 -37.97
N LEU D 782 -5.76 -30.64 -38.71
CA LEU D 782 -5.06 -30.01 -39.81
C LEU D 782 -5.91 -29.96 -41.07
N TYR D 783 -6.77 -30.95 -41.28
CA TYR D 783 -7.62 -30.94 -42.46
C TYR D 783 -8.72 -29.90 -42.31
N LYS D 784 -9.25 -29.75 -41.10
CA LYS D 784 -10.16 -28.67 -40.80
C LYS D 784 -9.48 -27.32 -40.88
N ARG D 785 -8.16 -27.28 -40.73
CA ARG D 785 -7.38 -26.07 -40.90
C ARG D 785 -7.07 -25.77 -42.35
N LEU D 786 -7.36 -26.71 -43.24
CA LEU D 786 -7.02 -26.58 -44.64
C LEU D 786 -8.26 -26.47 -45.51
N GLU D 787 -9.38 -27.01 -45.03
CA GLU D 787 -10.63 -26.75 -45.73
C GLU D 787 -11.15 -25.35 -45.44
N GLU D 788 -10.65 -24.68 -44.40
CA GLU D 788 -10.83 -23.24 -44.28
C GLU D 788 -10.08 -22.47 -45.35
N ARG D 789 -9.01 -23.02 -45.89
CA ARG D 789 -8.26 -22.37 -46.95
C ARG D 789 -8.59 -22.94 -48.32
N GLY D 790 -9.38 -24.01 -48.38
CA GLY D 790 -9.81 -24.56 -49.65
C GLY D 790 -9.06 -25.78 -50.12
N TYR D 791 -8.13 -26.31 -49.33
CA TYR D 791 -7.29 -27.42 -49.73
C TYR D 791 -7.81 -28.71 -49.12
N GLU D 792 -7.69 -29.81 -49.87
CA GLU D 792 -8.22 -31.10 -49.44
C GLU D 792 -7.06 -32.08 -49.36
N ILE D 793 -6.76 -32.54 -48.15
CA ILE D 793 -5.58 -33.35 -47.90
C ILE D 793 -6.00 -34.80 -47.70
N HIS D 794 -5.16 -35.72 -48.16
CA HIS D 794 -5.32 -37.14 -47.88
C HIS D 794 -3.97 -37.70 -47.48
N ILE D 795 -3.84 -38.10 -46.23
CA ILE D 795 -2.64 -38.78 -45.76
C ILE D 795 -2.65 -40.19 -46.31
N SER D 796 -1.48 -40.74 -46.55
CA SER D 796 -1.35 -42.15 -46.87
C SER D 796 -1.15 -42.92 -45.58
N ASP D 797 -1.51 -44.21 -45.61
CA ASP D 797 -1.19 -45.06 -44.47
C ASP D 797 0.30 -45.35 -44.39
N GLU D 798 1.02 -45.17 -45.49
CA GLU D 798 2.48 -45.16 -45.45
C GLU D 798 3.01 -43.94 -44.73
N ALA D 799 2.33 -42.80 -44.83
CA ALA D 799 2.78 -41.58 -44.18
C ALA D 799 2.18 -41.44 -42.78
N LEU D 800 1.13 -42.18 -42.48
CA LEU D 800 0.66 -42.24 -41.10
C LEU D 800 1.63 -42.98 -40.19
N LYS D 801 2.28 -44.03 -40.68
CA LYS D 801 3.27 -44.72 -39.87
C LYS D 801 4.66 -44.10 -40.04
N LEU D 802 4.77 -43.01 -40.80
CA LEU D 802 5.92 -42.16 -40.58
C LEU D 802 5.73 -41.24 -39.39
N LEU D 803 4.57 -40.60 -39.30
CA LEU D 803 4.31 -39.67 -38.23
C LEU D 803 4.07 -40.38 -36.91
N SER D 804 3.61 -41.61 -36.92
CA SER D 804 3.41 -42.36 -35.70
C SER D 804 4.68 -43.02 -35.22
N GLU D 805 5.75 -42.96 -36.02
CA GLU D 805 7.08 -43.42 -35.64
C GLU D 805 8.06 -42.27 -35.46
N ASN D 806 8.05 -41.27 -36.34
CA ASN D 806 8.89 -40.10 -36.10
C ASN D 806 8.32 -39.22 -35.01
N GLY D 807 7.04 -39.37 -34.69
CA GLY D 807 6.43 -38.58 -33.65
C GLY D 807 6.25 -39.34 -32.36
N TYR D 808 6.87 -40.49 -32.24
CA TYR D 808 6.77 -41.31 -31.05
C TYR D 808 8.04 -41.20 -30.23
N ASP D 809 7.97 -40.42 -29.16
CA ASP D 809 8.99 -40.29 -28.15
C ASP D 809 8.32 -40.60 -26.83
N PRO D 810 8.70 -41.70 -26.15
CA PRO D 810 7.96 -42.09 -24.93
C PRO D 810 8.19 -41.17 -23.75
N VAL D 811 9.23 -40.35 -23.78
CA VAL D 811 9.53 -39.44 -22.69
C VAL D 811 8.67 -38.19 -22.76
N TYR D 812 8.44 -37.69 -23.96
CA TYR D 812 7.85 -36.37 -24.13
C TYR D 812 6.39 -36.41 -24.52
N GLY D 813 5.75 -37.57 -24.52
CA GLY D 813 4.32 -37.64 -24.72
C GLY D 813 3.90 -37.51 -26.16
N ALA D 814 2.80 -36.81 -26.38
CA ALA D 814 2.26 -36.61 -27.72
C ALA D 814 2.57 -35.24 -28.28
N ARG D 815 3.41 -34.46 -27.61
CA ARG D 815 3.92 -33.25 -28.23
C ARG D 815 4.99 -33.45 -29.30
N PRO D 816 5.86 -34.47 -29.27
CA PRO D 816 6.68 -34.75 -30.46
C PRO D 816 5.90 -35.09 -31.70
N LEU D 817 4.71 -35.65 -31.55
CA LEU D 817 3.92 -35.97 -32.73
C LEU D 817 3.33 -34.73 -33.36
N LYS D 818 2.81 -33.82 -32.54
CA LYS D 818 2.36 -32.52 -33.05
C LYS D 818 3.53 -31.75 -33.63
N ARG D 819 4.71 -31.91 -33.04
CA ARG D 819 5.94 -31.35 -33.58
C ARG D 819 6.38 -32.02 -34.86
N ALA D 820 6.10 -33.30 -35.02
CA ALA D 820 6.41 -33.97 -36.29
C ALA D 820 5.44 -33.54 -37.36
N ILE D 821 4.20 -33.23 -36.98
CA ILE D 821 3.24 -32.72 -37.95
C ILE D 821 3.61 -31.30 -38.38
N GLN D 822 4.05 -30.46 -37.44
CA GLN D 822 4.48 -29.11 -37.80
C GLN D 822 5.72 -29.09 -38.65
N GLN D 823 6.51 -30.17 -38.69
CA GLN D 823 7.81 -30.17 -39.33
C GLN D 823 7.86 -30.97 -40.62
N GLN D 824 7.19 -32.11 -40.71
CA GLN D 824 7.22 -32.87 -41.94
C GLN D 824 5.86 -33.04 -42.56
N ILE D 825 4.85 -32.33 -42.09
CA ILE D 825 3.64 -32.17 -42.87
C ILE D 825 3.48 -30.70 -43.21
N GLU D 826 3.32 -29.86 -42.19
CA GLU D 826 2.92 -28.47 -42.45
C GLU D 826 4.08 -27.60 -42.86
N ASN D 827 5.31 -27.93 -42.45
CA ASN D 827 6.43 -27.10 -42.88
C ASN D 827 6.71 -27.22 -44.37
N PRO D 828 6.67 -28.40 -45.02
CA PRO D 828 6.78 -28.39 -46.47
C PRO D 828 5.51 -28.04 -47.19
N LEU D 829 4.35 -28.21 -46.56
CA LEU D 829 3.10 -27.88 -47.21
C LEU D 829 2.84 -26.39 -47.23
N ALA D 830 3.35 -25.66 -46.25
CA ALA D 830 3.25 -24.22 -46.27
C ALA D 830 4.19 -23.61 -47.28
N GLN D 831 5.29 -24.29 -47.58
CA GLN D 831 6.18 -23.85 -48.64
C GLN D 831 5.49 -23.92 -49.99
N GLN D 832 4.64 -24.91 -50.17
CA GLN D 832 3.98 -25.18 -51.44
C GLN D 832 2.64 -24.49 -51.58
N ILE D 833 1.95 -24.21 -50.48
CA ILE D 833 0.82 -23.31 -50.52
C ILE D 833 1.29 -21.90 -50.86
N LEU D 834 2.42 -21.48 -50.28
CA LEU D 834 2.97 -20.16 -50.54
C LEU D 834 3.53 -20.04 -51.96
N SER D 835 4.20 -21.08 -52.44
CA SER D 835 4.79 -20.97 -53.77
C SER D 835 3.75 -21.12 -54.87
N GLY D 836 2.54 -21.56 -54.52
CA GLY D 836 1.46 -21.69 -55.47
C GLY D 836 1.43 -22.99 -56.22
N GLU D 837 2.43 -23.86 -56.02
CA GLU D 837 2.52 -25.09 -56.80
C GLU D 837 1.67 -26.20 -56.21
N LEU D 838 1.07 -25.98 -55.05
CA LEU D 838 0.02 -26.82 -54.50
C LEU D 838 -1.27 -26.02 -54.56
N VAL D 839 -2.03 -26.24 -55.63
CA VAL D 839 -3.24 -25.47 -55.91
C VAL D 839 -4.42 -26.07 -55.15
N PRO D 840 -5.41 -25.26 -54.75
CA PRO D 840 -6.61 -25.82 -54.13
C PRO D 840 -7.51 -26.49 -55.15
N GLY D 841 -8.56 -27.15 -54.70
CA GLY D 841 -9.44 -27.84 -55.62
C GLY D 841 -9.04 -29.28 -55.88
N LYS D 842 -7.80 -29.52 -56.24
CA LYS D 842 -7.31 -30.88 -56.40
C LYS D 842 -7.00 -31.48 -55.02
N VAL D 843 -7.29 -32.76 -54.86
CA VAL D 843 -7.08 -33.43 -53.59
C VAL D 843 -5.58 -33.63 -53.40
N ILE D 844 -5.05 -33.11 -52.32
CA ILE D 844 -3.63 -33.15 -52.03
C ILE D 844 -3.29 -34.47 -51.35
N ARG D 845 -2.46 -35.27 -51.97
CA ARG D 845 -2.06 -36.57 -51.45
C ARG D 845 -0.69 -36.46 -50.81
N LEU D 846 -0.58 -36.88 -49.55
CA LEU D 846 0.69 -36.91 -48.81
C LEU D 846 1.20 -38.34 -48.81
N GLU D 847 2.14 -38.65 -49.67
CA GLU D 847 2.73 -39.98 -49.71
C GLU D 847 4.13 -39.98 -49.10
N VAL D 848 4.81 -41.12 -49.21
CA VAL D 848 6.21 -41.29 -48.87
C VAL D 848 6.89 -41.79 -50.13
N ASN D 849 8.08 -41.28 -50.44
CA ASN D 849 8.82 -41.90 -51.52
C ASN D 849 9.47 -43.21 -51.06
N GLU D 850 10.47 -43.11 -50.18
CA GLU D 850 10.88 -44.15 -49.24
C GLU D 850 11.12 -43.60 -47.84
N ASP D 851 11.54 -42.36 -47.72
CA ASP D 851 11.81 -41.75 -46.42
C ASP D 851 10.91 -40.56 -46.12
N ARG D 852 10.74 -39.64 -47.07
CA ARG D 852 9.69 -38.63 -47.05
C ARG D 852 9.54 -38.04 -48.43
N ILE D 853 8.33 -38.07 -48.98
CA ILE D 853 7.99 -37.23 -50.13
C ILE D 853 6.88 -36.28 -49.68
N VAL D 854 6.73 -35.21 -50.44
CA VAL D 854 5.90 -34.12 -50.07
C VAL D 854 4.57 -34.36 -50.77
N ALA D 855 3.56 -33.57 -50.42
CA ALA D 855 2.31 -33.40 -51.13
C ALA D 855 2.49 -33.34 -52.65
N VAL D 856 1.55 -33.94 -53.38
CA VAL D 856 1.75 -34.21 -54.79
C VAL D 856 0.78 -33.49 -55.72
N GLN D 857 -0.36 -33.00 -55.27
CA GLN D 857 -1.27 -32.32 -56.21
C GLN D 857 -1.55 -30.87 -55.84
N LEU E 161 -23.52 23.43 -27.47
CA LEU E 161 -22.58 22.94 -28.48
C LEU E 161 -21.50 23.96 -28.77
N LYS E 162 -21.92 25.15 -29.18
CA LYS E 162 -21.00 26.24 -29.50
C LYS E 162 -20.30 26.80 -28.27
N LYS E 163 -20.73 26.43 -27.06
CA LYS E 163 -20.13 26.90 -25.83
C LYS E 163 -19.00 25.99 -25.36
N TYR E 164 -19.21 24.67 -25.41
CA TYR E 164 -18.25 23.71 -24.88
C TYR E 164 -17.49 22.98 -25.97
N THR E 165 -17.45 23.51 -27.19
CA THR E 165 -16.67 22.91 -28.26
C THR E 165 -15.88 24.01 -28.95
N ILE E 166 -14.91 23.57 -29.75
CA ILE E 166 -14.13 24.43 -30.63
C ILE E 166 -14.18 23.82 -32.01
N ASP E 167 -14.67 24.57 -32.98
CA ASP E 167 -14.80 24.03 -34.34
C ASP E 167 -13.42 24.00 -34.98
N LEU E 168 -12.89 22.81 -35.19
CA LEU E 168 -11.59 22.68 -35.84
C LEU E 168 -11.67 22.99 -37.31
N THR E 169 -12.81 22.76 -37.95
CA THR E 169 -12.92 23.06 -39.36
C THR E 169 -13.05 24.56 -39.62
N GLU E 170 -13.51 25.34 -38.65
CA GLU E 170 -13.34 26.78 -38.82
C GLU E 170 -11.96 27.22 -38.35
N ARG E 171 -11.33 26.45 -37.47
CA ARG E 171 -9.95 26.72 -37.10
C ARG E 171 -9.00 26.33 -38.23
N ALA E 172 -9.45 25.50 -39.16
CA ALA E 172 -8.62 25.09 -40.27
C ALA E 172 -8.97 25.80 -41.57
N GLU E 173 -10.13 26.42 -41.68
CA GLU E 173 -10.38 27.34 -42.79
C GLU E 173 -9.55 28.60 -42.63
N GLN E 174 -9.38 29.05 -41.39
CA GLN E 174 -8.55 30.20 -41.09
C GLN E 174 -7.06 29.89 -41.16
N GLY E 175 -6.68 28.63 -41.35
CA GLY E 175 -5.29 28.27 -41.40
C GLY E 175 -4.59 28.33 -40.07
N LYS E 176 -5.32 28.14 -38.98
CA LYS E 176 -4.72 28.16 -37.65
C LYS E 176 -4.30 26.78 -37.21
N LEU E 177 -4.35 25.79 -38.08
CA LEU E 177 -3.89 24.45 -37.79
C LEU E 177 -2.59 24.19 -38.53
N ASP E 178 -1.75 23.36 -37.93
CA ASP E 178 -0.49 22.99 -38.57
C ASP E 178 -0.78 22.09 -39.77
N PRO E 179 0.08 22.08 -40.78
CA PRO E 179 -0.10 21.11 -41.87
C PRO E 179 0.20 19.71 -41.37
N VAL E 180 -0.51 18.75 -41.92
CA VAL E 180 -0.35 17.36 -41.52
C VAL E 180 0.13 16.58 -42.74
N ILE E 181 1.40 16.19 -42.69
CA ILE E 181 2.09 15.56 -43.79
C ILE E 181 2.07 14.07 -43.56
N GLY E 182 1.73 13.32 -44.61
CA GLY E 182 1.73 11.88 -44.53
C GLY E 182 0.60 11.41 -43.63
N ARG E 183 0.83 10.22 -43.05
CA ARG E 183 -0.10 9.52 -42.17
C ARG E 183 -1.44 9.30 -42.85
N ASP E 184 -1.38 8.86 -44.11
CA ASP E 184 -2.60 8.73 -44.88
C ASP E 184 -3.36 7.48 -44.51
N GLU E 185 -2.74 6.53 -43.83
CA GLU E 185 -3.46 5.29 -43.53
C GLU E 185 -4.03 5.32 -42.11
N GLU E 186 -3.56 6.22 -41.27
CA GLU E 186 -4.22 6.50 -40.00
C GLU E 186 -5.36 7.49 -40.16
N ILE E 187 -5.39 8.27 -41.23
CA ILE E 187 -6.54 9.12 -41.52
C ILE E 187 -7.56 8.34 -42.34
N ARG E 188 -7.11 7.44 -43.22
CA ARG E 188 -8.05 6.56 -43.91
C ARG E 188 -8.72 5.60 -42.95
N ARG E 189 -7.98 5.11 -41.94
CA ARG E 189 -8.59 4.28 -40.92
C ARG E 189 -9.52 5.09 -40.04
N THR E 190 -9.21 6.37 -39.81
CA THR E 190 -10.11 7.22 -39.04
C THR E 190 -11.41 7.47 -39.79
N ILE E 191 -11.32 7.75 -41.09
CA ILE E 191 -12.51 7.98 -41.90
C ILE E 191 -13.27 6.67 -42.14
N GLN E 192 -12.58 5.54 -42.16
CA GLN E 192 -13.27 4.25 -42.25
C GLN E 192 -14.08 3.96 -41.01
N VAL E 193 -13.57 4.33 -39.84
CA VAL E 193 -14.31 4.20 -38.59
C VAL E 193 -15.28 5.35 -38.40
N LEU E 194 -15.04 6.52 -38.98
CA LEU E 194 -16.03 7.57 -38.83
C LEU E 194 -17.21 7.40 -39.76
N GLN E 195 -17.15 6.44 -40.66
CA GLN E 195 -18.18 6.24 -41.66
C GLN E 195 -18.89 4.92 -41.53
N ARG E 196 -18.85 4.28 -40.38
CA ARG E 196 -19.61 3.06 -40.27
C ARG E 196 -20.94 3.31 -39.58
N ARG E 197 -21.79 2.28 -39.60
CA ARG E 197 -23.18 2.46 -39.20
C ARG E 197 -23.31 2.54 -37.71
N THR E 198 -22.90 1.49 -37.02
CA THR E 198 -22.94 1.38 -35.58
C THR E 198 -21.55 1.70 -35.07
N LYS E 199 -21.47 2.39 -33.93
CA LYS E 199 -20.26 2.46 -33.09
C LYS E 199 -19.11 3.14 -33.82
N ASN E 200 -19.44 4.21 -34.53
CA ASN E 200 -18.50 4.81 -35.46
C ASN E 200 -17.57 5.81 -34.78
N ASN E 201 -16.82 5.34 -33.81
CA ASN E 201 -15.97 6.19 -32.99
C ASN E 201 -14.54 5.68 -33.07
N PRO E 202 -13.68 6.39 -33.81
CA PRO E 202 -12.26 6.06 -33.98
C PRO E 202 -11.42 6.81 -32.97
N VAL E 203 -10.23 6.30 -32.66
CA VAL E 203 -9.35 6.95 -31.70
C VAL E 203 -7.87 6.78 -32.05
N LEU E 204 -7.15 7.89 -32.11
CA LEU E 204 -5.72 7.87 -32.43
C LEU E 204 -4.93 7.52 -31.17
N ILE E 205 -4.91 6.24 -30.83
CA ILE E 205 -4.22 5.77 -29.66
C ILE E 205 -2.76 5.59 -30.04
N GLY E 206 -1.86 5.99 -29.15
CA GLY E 206 -0.47 5.94 -29.50
C GLY E 206 0.36 6.38 -28.32
N GLU E 207 1.46 7.00 -28.60
CA GLU E 207 2.32 7.50 -27.56
C GLU E 207 2.36 9.02 -27.63
N PRO E 208 2.77 9.69 -26.57
CA PRO E 208 2.75 11.15 -26.62
C PRO E 208 3.77 11.79 -27.52
N GLY E 209 3.31 12.35 -28.63
CA GLY E 209 4.17 13.09 -29.52
C GLY E 209 4.00 12.57 -30.91
N VAL E 210 3.40 11.39 -30.99
CA VAL E 210 3.28 10.60 -32.21
C VAL E 210 2.47 11.29 -33.29
N GLY E 211 1.54 12.15 -32.93
CA GLY E 211 0.72 12.72 -33.96
C GLY E 211 -0.72 12.28 -33.90
N LYS E 212 -1.30 12.25 -32.71
CA LYS E 212 -2.70 11.86 -32.58
C LYS E 212 -3.61 13.06 -32.68
N THR E 213 -3.29 14.14 -31.97
CA THR E 213 -4.06 15.37 -32.13
C THR E 213 -3.86 15.96 -33.51
N ALA E 214 -2.72 15.70 -34.13
CA ALA E 214 -2.43 16.18 -35.48
C ALA E 214 -2.82 15.17 -36.54
N ILE E 215 -3.84 14.35 -36.27
CA ILE E 215 -4.58 13.66 -37.30
C ILE E 215 -5.97 14.24 -37.43
N VAL E 216 -6.60 14.54 -36.30
CA VAL E 216 -7.88 15.22 -36.34
C VAL E 216 -7.69 16.67 -36.72
N GLU E 217 -6.51 17.23 -36.46
CA GLU E 217 -6.18 18.49 -37.09
C GLU E 217 -5.85 18.33 -38.57
N GLY E 218 -5.62 17.12 -39.03
CA GLY E 218 -5.34 16.87 -40.42
C GLY E 218 -6.48 16.20 -41.11
N LEU E 219 -7.41 15.66 -40.34
CA LEU E 219 -8.70 15.25 -40.89
C LEU E 219 -9.62 16.44 -41.05
N ALA E 220 -9.48 17.45 -40.19
CA ALA E 220 -10.24 18.68 -40.35
C ALA E 220 -9.71 19.55 -41.47
N GLN E 221 -8.59 19.19 -42.09
CA GLN E 221 -8.11 19.85 -43.29
C GLN E 221 -8.32 19.02 -44.53
N ARG E 222 -8.52 17.72 -44.41
CA ARG E 222 -9.02 16.93 -45.52
C ARG E 222 -10.48 17.23 -45.76
N ILE E 223 -11.19 17.70 -44.75
CA ILE E 223 -12.61 17.96 -44.86
C ILE E 223 -12.85 19.24 -45.65
N ILE E 224 -12.00 20.25 -45.41
CA ILE E 224 -12.15 21.52 -46.11
C ILE E 224 -11.65 21.43 -47.53
N ASN E 225 -10.48 20.83 -47.72
CA ASN E 225 -9.88 20.72 -49.04
C ASN E 225 -10.54 19.69 -49.93
N GLY E 226 -11.61 19.03 -49.47
CA GLY E 226 -12.30 18.06 -50.27
C GLY E 226 -11.57 16.76 -50.44
N GLU E 227 -10.59 16.47 -49.59
CA GLU E 227 -9.82 15.25 -49.67
C GLU E 227 -10.41 14.12 -48.83
N VAL E 228 -11.69 14.21 -48.51
CA VAL E 228 -12.42 13.17 -47.78
C VAL E 228 -13.37 12.49 -48.76
N PRO E 229 -14.00 11.36 -48.41
CA PRO E 229 -15.06 10.83 -49.26
C PRO E 229 -16.31 11.69 -49.31
N GLU E 230 -17.31 11.23 -50.06
CA GLU E 230 -18.55 12.00 -50.21
C GLU E 230 -19.40 12.00 -48.95
N GLY E 231 -19.09 11.14 -47.98
CA GLY E 231 -19.82 11.14 -46.73
C GLY E 231 -19.31 12.12 -45.70
N LEU E 232 -18.04 12.52 -45.81
CA LEU E 232 -17.47 13.52 -44.91
C LEU E 232 -17.31 14.88 -45.59
N LYS E 233 -17.90 15.08 -46.75
CA LYS E 233 -17.87 16.38 -47.39
C LYS E 233 -18.69 17.38 -46.59
N GLY E 234 -18.06 18.46 -46.18
CA GLY E 234 -18.79 19.50 -45.49
C GLY E 234 -19.13 19.21 -44.05
N ARG E 235 -18.54 18.16 -43.46
CA ARG E 235 -18.77 17.89 -42.05
C ARG E 235 -17.98 18.87 -41.20
N ARG E 236 -18.26 18.85 -39.91
CA ARG E 236 -17.66 19.78 -38.99
C ARG E 236 -16.99 19.00 -37.87
N VAL E 237 -15.70 19.22 -37.68
CA VAL E 237 -14.98 18.58 -36.61
C VAL E 237 -15.02 19.54 -35.44
N LEU E 238 -15.83 19.22 -34.44
CA LEU E 238 -15.97 20.04 -33.25
C LEU E 238 -15.15 19.40 -32.15
N ALA E 239 -14.34 20.20 -31.47
CA ALA E 239 -13.43 19.69 -30.46
C ALA E 239 -14.02 19.96 -29.09
N LEU E 240 -14.75 18.98 -28.57
CA LEU E 240 -15.36 19.08 -27.26
C LEU E 240 -14.27 19.01 -26.20
N ASP E 241 -14.16 20.05 -25.38
CA ASP E 241 -13.28 19.97 -24.22
C ASP E 241 -14.09 19.62 -22.99
N MET E 242 -13.63 18.64 -22.24
CA MET E 242 -14.32 18.30 -21.00
C MET E 242 -14.07 19.31 -19.91
N GLY E 243 -13.04 20.15 -20.04
CA GLY E 243 -12.76 21.12 -19.00
C GLY E 243 -13.77 22.24 -18.94
N ALA E 244 -14.46 22.50 -20.05
CA ALA E 244 -15.48 23.53 -20.05
C ALA E 244 -16.85 22.98 -19.70
N LEU E 245 -17.04 21.66 -19.83
CA LEU E 245 -18.31 21.06 -19.43
C LEU E 245 -18.38 20.89 -17.93
N VAL E 246 -17.29 20.46 -17.30
CA VAL E 246 -17.32 20.29 -15.86
C VAL E 246 -17.19 21.62 -15.14
N ALA E 247 -16.68 22.65 -15.81
CA ALA E 247 -16.47 23.95 -15.18
C ALA E 247 -17.78 24.62 -14.82
N GLY E 248 -17.94 24.96 -13.55
CA GLY E 248 -19.13 25.63 -13.11
C GLY E 248 -20.34 24.75 -12.98
N ALA E 249 -20.17 23.43 -13.13
CA ALA E 249 -21.22 22.45 -12.94
C ALA E 249 -21.36 22.07 -11.48
N LYS E 250 -21.61 23.07 -10.66
CA LYS E 250 -21.55 22.93 -9.21
C LYS E 250 -22.76 22.20 -8.69
N TYR E 251 -23.92 22.51 -9.24
CA TYR E 251 -25.18 21.98 -8.73
C TYR E 251 -25.43 20.59 -9.28
N ARG E 252 -26.39 19.91 -8.67
CA ARG E 252 -26.82 18.62 -9.16
C ARG E 252 -27.47 18.81 -10.51
N GLY E 253 -26.99 18.09 -11.49
CA GLY E 253 -27.56 18.14 -12.79
C GLY E 253 -26.85 19.04 -13.77
N GLU E 254 -26.05 19.99 -13.30
CA GLU E 254 -25.54 21.01 -14.20
C GLU E 254 -24.53 20.49 -15.20
N PHE E 255 -23.76 19.46 -14.86
CA PHE E 255 -22.94 18.82 -15.88
C PHE E 255 -23.79 17.96 -16.79
N GLU E 256 -24.72 17.20 -16.21
CA GLU E 256 -25.67 16.42 -16.97
C GLU E 256 -26.50 17.26 -17.90
N GLU E 257 -26.87 18.49 -17.50
CA GLU E 257 -27.74 19.32 -18.32
C GLU E 257 -27.04 19.80 -19.56
N ARG E 258 -25.79 20.19 -19.45
CA ARG E 258 -25.06 20.72 -20.58
C ARG E 258 -24.42 19.64 -21.41
N LEU E 259 -24.12 18.48 -20.84
CA LEU E 259 -23.69 17.38 -21.68
C LEU E 259 -24.86 16.79 -22.46
N LYS E 260 -26.04 16.69 -21.84
CA LYS E 260 -27.23 16.36 -22.61
C LYS E 260 -27.58 17.49 -23.55
N GLY E 261 -27.21 18.72 -23.23
CA GLY E 261 -27.38 19.84 -24.13
C GLY E 261 -26.47 19.80 -25.32
N VAL E 262 -25.26 19.26 -25.17
CA VAL E 262 -24.38 19.04 -26.31
C VAL E 262 -24.92 17.93 -27.19
N LEU E 263 -25.35 16.81 -26.57
CA LEU E 263 -25.93 15.70 -27.32
C LEU E 263 -27.23 16.07 -28.01
N ASN E 264 -28.02 16.96 -27.41
CA ASN E 264 -29.22 17.42 -28.09
C ASN E 264 -28.88 18.37 -29.23
N ASP E 265 -27.77 19.08 -29.13
CA ASP E 265 -27.36 19.97 -30.20
C ASP E 265 -26.51 19.29 -31.26
N LEU E 266 -25.86 18.17 -30.93
CA LEU E 266 -25.23 17.32 -31.92
C LEU E 266 -26.25 16.56 -32.76
N ALA E 267 -27.43 16.33 -32.22
CA ALA E 267 -28.49 15.65 -32.96
C ALA E 267 -29.21 16.59 -33.90
N LYS E 268 -29.21 17.89 -33.63
CA LYS E 268 -29.81 18.85 -34.54
C LYS E 268 -28.98 19.02 -35.80
N GLN E 269 -27.72 18.58 -35.78
CA GLN E 269 -26.84 18.73 -36.93
C GLN E 269 -27.10 17.69 -38.01
N GLU E 270 -28.01 16.75 -37.77
CA GLU E 270 -28.37 15.65 -38.66
C GLU E 270 -27.14 14.79 -38.98
N GLY E 271 -26.32 14.60 -37.96
CA GLY E 271 -25.12 13.81 -38.11
C GLY E 271 -24.03 14.45 -38.92
N ASN E 272 -23.99 15.78 -38.99
CA ASN E 272 -22.98 16.45 -39.79
C ASN E 272 -21.75 16.82 -38.97
N VAL E 273 -21.76 16.57 -37.69
CA VAL E 273 -20.65 16.95 -36.83
C VAL E 273 -19.88 15.71 -36.43
N ILE E 274 -18.59 15.72 -36.68
CA ILE E 274 -17.65 14.78 -36.09
C ILE E 274 -17.24 15.39 -34.76
N LEU E 275 -17.50 14.70 -33.66
CA LEU E 275 -17.02 15.21 -32.38
C LEU E 275 -15.60 14.72 -32.17
N PHE E 276 -14.81 15.50 -31.47
CA PHE E 276 -13.42 15.19 -31.20
C PHE E 276 -13.13 15.47 -29.74
N ILE E 277 -12.78 14.44 -29.00
CA ILE E 277 -12.36 14.63 -27.62
C ILE E 277 -10.86 14.37 -27.50
N ASP E 278 -10.07 15.43 -27.56
CA ASP E 278 -8.70 15.40 -27.04
C ASP E 278 -8.70 14.92 -25.61
N GLU E 279 -7.76 14.03 -25.30
CA GLU E 279 -7.64 13.39 -24.01
C GLU E 279 -8.96 12.72 -23.64
N LEU E 280 -9.26 11.66 -24.40
CA LEU E 280 -10.53 10.96 -24.27
C LEU E 280 -10.66 10.26 -22.93
N HIS E 281 -9.56 10.04 -22.24
CA HIS E 281 -9.60 9.43 -20.92
C HIS E 281 -10.18 10.36 -19.88
N THR E 282 -10.30 11.63 -20.20
CA THR E 282 -10.84 12.62 -19.27
C THR E 282 -12.33 12.43 -19.11
N MET E 283 -13.00 12.03 -20.19
CA MET E 283 -14.43 11.80 -20.17
C MET E 283 -14.81 10.69 -19.21
N VAL E 284 -13.99 9.64 -19.17
CA VAL E 284 -14.25 8.51 -18.28
C VAL E 284 -14.10 8.93 -16.82
N GLY E 285 -15.18 9.42 -16.24
CA GLY E 285 -15.17 9.85 -14.85
C GLY E 285 -15.53 11.31 -14.70
N ALA E 286 -15.50 12.04 -15.82
CA ALA E 286 -15.82 13.46 -15.82
C ALA E 286 -17.24 13.70 -15.30
N GLY E 287 -17.40 14.76 -14.51
CA GLY E 287 -18.70 15.09 -13.96
C GLY E 287 -19.12 14.19 -12.81
N LYS E 288 -18.25 13.25 -12.46
CA LYS E 288 -18.53 12.31 -11.38
C LYS E 288 -18.84 13.05 -10.08
N ALA E 289 -20.13 13.12 -9.75
CA ALA E 289 -20.57 13.79 -8.54
C ALA E 289 -20.46 12.88 -7.33
N ASP E 290 -21.61 12.53 -6.75
CA ASP E 290 -21.63 11.65 -5.59
C ASP E 290 -22.43 10.38 -5.88
N GLY E 291 -21.96 9.60 -6.84
CA GLY E 291 -22.62 8.36 -7.22
C GLY E 291 -23.18 8.41 -8.62
N ALA E 292 -23.50 9.61 -9.09
CA ALA E 292 -24.05 9.79 -10.43
C ALA E 292 -23.04 9.36 -11.49
N MET E 293 -23.56 8.98 -12.66
CA MET E 293 -22.71 8.54 -13.76
C MET E 293 -21.93 9.72 -14.36
N ASP E 294 -20.78 9.42 -14.94
CA ASP E 294 -19.94 10.44 -15.55
C ASP E 294 -20.30 10.64 -17.02
N ALA E 295 -19.47 11.40 -17.72
CA ALA E 295 -19.69 11.69 -19.13
C ALA E 295 -19.59 10.42 -19.97
N GLY E 296 -18.91 9.42 -19.41
CA GLY E 296 -18.74 8.14 -20.09
C GLY E 296 -20.02 7.35 -20.17
N ASN E 297 -20.83 7.41 -19.12
CA ASN E 297 -22.09 6.69 -19.09
C ASN E 297 -23.21 7.42 -19.80
N MET E 298 -23.13 8.74 -19.94
CA MET E 298 -24.18 9.43 -20.66
C MET E 298 -23.97 9.33 -22.16
N LEU E 299 -22.71 9.29 -22.57
CA LEU E 299 -22.36 9.17 -23.99
C LEU E 299 -22.40 7.72 -24.46
N LYS E 300 -22.47 6.77 -23.52
CA LYS E 300 -22.51 5.36 -23.87
C LYS E 300 -23.70 4.92 -24.72
N PRO E 301 -24.94 5.41 -24.53
CA PRO E 301 -25.94 5.11 -25.55
C PRO E 301 -25.68 5.77 -26.88
N ALA E 302 -25.25 7.03 -26.88
CA ALA E 302 -25.08 7.75 -28.13
C ALA E 302 -23.81 7.37 -28.87
N LEU E 303 -22.81 6.84 -28.18
CA LEU E 303 -21.61 6.36 -28.85
C LEU E 303 -21.86 5.04 -29.55
N ALA E 304 -22.59 4.13 -28.91
CA ALA E 304 -22.79 2.80 -29.47
C ALA E 304 -23.82 2.80 -30.57
N ARG E 305 -24.68 3.80 -30.63
CA ARG E 305 -25.66 3.81 -31.70
C ARG E 305 -25.11 4.40 -32.98
N GLY E 306 -24.00 5.12 -32.91
CA GLY E 306 -23.50 5.86 -34.03
C GLY E 306 -24.06 7.25 -34.17
N GLU E 307 -24.64 7.80 -33.11
CA GLU E 307 -25.10 9.18 -33.17
C GLU E 307 -23.94 10.14 -32.98
N LEU E 308 -23.06 9.85 -32.04
CA LEU E 308 -21.79 10.52 -31.89
C LEU E 308 -20.84 9.92 -32.91
N HIS E 309 -20.26 10.78 -33.76
CA HIS E 309 -19.13 10.37 -34.57
C HIS E 309 -17.86 10.83 -33.87
N CYS E 310 -17.66 10.31 -32.67
CA CYS E 310 -16.65 10.81 -31.76
C CYS E 310 -15.26 10.40 -32.26
N VAL E 311 -14.25 11.19 -31.95
CA VAL E 311 -12.85 10.82 -32.15
C VAL E 311 -12.13 11.02 -30.83
N GLY E 312 -11.39 10.02 -30.39
CA GLY E 312 -10.58 10.11 -29.21
C GLY E 312 -9.12 10.27 -29.55
N ALA E 313 -8.37 10.80 -28.59
CA ALA E 313 -6.94 10.99 -28.76
C ALA E 313 -6.19 10.64 -27.48
N THR E 314 -6.50 9.51 -26.87
CA THR E 314 -5.70 9.06 -25.74
C THR E 314 -4.36 8.50 -26.16
N THR E 315 -3.45 8.44 -25.21
CA THR E 315 -2.22 7.69 -25.41
C THR E 315 -2.48 6.23 -25.06
N LEU E 316 -1.45 5.40 -25.15
CA LEU E 316 -1.66 3.97 -24.94
C LEU E 316 -1.80 3.63 -23.47
N ASP E 317 -1.22 4.43 -22.60
CA ASP E 317 -1.27 4.11 -21.18
C ASP E 317 -2.24 4.97 -20.42
N GLU E 318 -2.79 6.01 -21.03
CA GLU E 318 -3.97 6.68 -20.51
C GLU E 318 -5.25 6.03 -21.00
N TYR E 319 -5.19 5.24 -22.05
CA TYR E 319 -6.30 4.40 -22.44
C TYR E 319 -6.36 3.15 -21.58
N ARG E 320 -5.20 2.66 -21.16
CA ARG E 320 -5.15 1.40 -20.42
C ARG E 320 -5.67 1.59 -19.00
N GLN E 321 -5.41 2.74 -18.39
CA GLN E 321 -5.74 2.92 -16.99
C GLN E 321 -7.05 3.65 -16.78
N TYR E 322 -7.61 4.23 -17.82
CA TYR E 322 -8.87 4.94 -17.70
C TYR E 322 -9.98 4.30 -18.49
N ILE E 323 -9.81 4.13 -19.79
CA ILE E 323 -10.89 3.69 -20.67
C ILE E 323 -10.99 2.18 -20.70
N GLU E 324 -9.87 1.49 -20.59
CA GLU E 324 -9.91 0.05 -20.64
C GLU E 324 -10.46 -0.55 -19.34
N LYS E 325 -10.55 0.25 -18.29
CA LYS E 325 -11.25 -0.19 -17.09
C LYS E 325 -12.77 -0.09 -17.27
N ASP E 326 -13.25 0.97 -17.92
CA ASP E 326 -14.65 1.06 -18.34
C ASP E 326 -14.82 0.21 -19.59
N ALA E 327 -15.03 -1.08 -19.38
CA ALA E 327 -14.98 -2.05 -20.47
C ALA E 327 -16.14 -1.94 -21.43
N ALA E 328 -17.21 -1.27 -21.04
CA ALA E 328 -18.33 -1.00 -21.93
C ALA E 328 -18.19 0.29 -22.69
N LEU E 329 -17.33 1.19 -22.23
CA LEU E 329 -16.97 2.37 -22.99
C LEU E 329 -15.79 2.12 -23.90
N GLU E 330 -14.84 1.30 -23.47
CA GLU E 330 -13.76 0.80 -24.31
C GLU E 330 -14.26 0.07 -25.54
N ARG E 331 -15.42 -0.59 -25.45
CA ARG E 331 -16.07 -1.24 -26.56
C ARG E 331 -16.55 -0.27 -27.62
N ARG E 332 -16.98 0.92 -27.23
CA ARG E 332 -17.62 1.89 -28.13
C ARG E 332 -16.66 2.68 -28.93
N PHE E 333 -15.40 2.26 -28.99
CA PHE E 333 -14.30 3.09 -29.46
C PHE E 333 -13.31 2.19 -30.17
N GLN E 334 -13.17 2.39 -31.46
CA GLN E 334 -12.28 1.57 -32.27
C GLN E 334 -10.89 2.17 -32.20
N LYS E 335 -9.95 1.38 -31.70
CA LYS E 335 -8.58 1.82 -31.52
C LYS E 335 -7.92 1.95 -32.88
N VAL E 336 -7.68 3.18 -33.29
CA VAL E 336 -6.84 3.45 -34.44
C VAL E 336 -5.45 3.66 -33.87
N PHE E 337 -4.59 2.67 -34.03
CA PHE E 337 -3.24 2.75 -33.46
C PHE E 337 -2.40 3.68 -34.30
N VAL E 338 -2.02 4.81 -33.71
CA VAL E 338 -1.14 5.77 -34.37
C VAL E 338 0.28 5.36 -33.99
N ALA E 339 1.00 4.80 -34.95
CA ALA E 339 2.36 4.35 -34.70
C ALA E 339 3.31 5.53 -34.79
N GLU E 340 4.39 5.46 -34.03
CA GLU E 340 5.43 6.46 -34.14
C GLU E 340 6.14 6.29 -35.48
N PRO E 341 6.32 7.35 -36.25
CA PRO E 341 6.81 7.20 -37.61
C PRO E 341 8.29 6.88 -37.66
N SER E 342 8.75 6.57 -38.86
CA SER E 342 10.17 6.33 -39.08
C SER E 342 10.92 7.66 -39.04
N VAL E 343 12.24 7.58 -39.16
CA VAL E 343 13.01 8.77 -39.44
C VAL E 343 12.67 9.29 -40.82
N GLU E 344 12.49 8.38 -41.79
CA GLU E 344 12.18 8.77 -43.15
C GLU E 344 10.78 9.38 -43.30
N ASP E 345 9.87 9.11 -42.36
CA ASP E 345 8.57 9.74 -42.36
C ASP E 345 8.56 11.03 -41.57
N THR E 346 9.53 11.22 -40.67
CA THR E 346 9.66 12.42 -39.87
C THR E 346 10.43 13.52 -40.59
N ILE E 347 11.34 13.17 -41.49
CA ILE E 347 11.91 14.17 -42.36
C ILE E 347 10.84 14.72 -43.30
N ALA E 348 9.94 13.85 -43.74
CA ALA E 348 8.81 14.28 -44.56
C ALA E 348 7.82 15.11 -43.78
N ILE E 349 7.60 14.77 -42.50
CA ILE E 349 6.82 15.63 -41.60
C ILE E 349 7.48 16.98 -41.41
N LEU E 350 8.77 17.00 -41.08
CA LEU E 350 9.48 18.23 -40.76
C LEU E 350 9.68 19.12 -41.97
N ARG E 351 9.73 18.54 -43.16
CA ARG E 351 9.81 19.35 -44.37
C ARG E 351 8.52 20.10 -44.61
N GLY E 352 7.39 19.53 -44.23
CA GLY E 352 6.12 20.20 -44.38
C GLY E 352 5.88 21.24 -43.31
N LEU E 353 6.58 21.13 -42.20
CA LEU E 353 6.42 22.08 -41.12
C LEU E 353 7.53 23.09 -41.00
N LYS E 354 8.58 23.00 -41.83
CA LYS E 354 9.66 23.95 -41.71
C LYS E 354 9.22 25.33 -42.16
N GLU E 355 8.25 25.42 -43.06
CA GLU E 355 7.70 26.70 -43.47
C GLU E 355 6.88 27.34 -42.38
N ARG E 356 6.37 26.56 -41.44
CA ARG E 356 5.60 27.05 -40.33
C ARG E 356 6.46 27.43 -39.14
N TYR E 357 7.68 26.90 -39.07
CA TYR E 357 8.65 27.26 -38.05
C TYR E 357 9.66 28.27 -38.55
N GLU E 358 9.88 28.37 -39.87
CA GLU E 358 10.64 29.49 -40.41
C GLU E 358 9.88 30.79 -40.24
N LEU E 359 8.56 30.74 -40.21
CA LEU E 359 7.74 31.92 -40.12
C LEU E 359 7.54 32.41 -38.70
N HIS E 360 7.57 31.53 -37.72
CA HIS E 360 7.44 31.96 -36.33
C HIS E 360 8.71 32.63 -35.82
N HIS E 361 9.87 32.16 -36.26
CA HIS E 361 11.14 32.65 -35.73
C HIS E 361 11.89 33.56 -36.68
N HIS E 362 11.41 33.70 -37.92
CA HIS E 362 12.04 34.51 -38.97
C HIS E 362 13.47 34.04 -39.23
N VAL E 363 13.66 32.73 -39.18
CA VAL E 363 14.93 32.08 -39.45
C VAL E 363 14.72 31.24 -40.70
N GLN E 364 15.80 30.68 -41.22
CA GLN E 364 15.69 29.78 -42.35
C GLN E 364 16.23 28.42 -41.94
N ILE E 365 15.37 27.42 -41.93
CA ILE E 365 15.77 26.07 -41.59
C ILE E 365 16.19 25.38 -42.88
N THR E 366 17.36 24.74 -42.84
CA THR E 366 17.86 24.04 -44.01
C THR E 366 17.45 22.58 -43.96
N ASP E 367 17.44 21.93 -45.11
CA ASP E 367 17.10 20.51 -45.15
C ASP E 367 18.16 19.60 -44.51
N PRO E 368 19.47 19.90 -44.50
CA PRO E 368 20.35 19.21 -43.56
C PRO E 368 19.96 19.36 -42.10
N ALA E 369 19.44 20.52 -41.69
CA ALA E 369 18.94 20.67 -40.33
C ALA E 369 17.65 19.92 -40.10
N ILE E 370 16.93 19.61 -41.17
CA ILE E 370 15.70 18.83 -41.06
C ILE E 370 16.04 17.35 -40.96
N VAL E 371 17.00 16.89 -41.76
CA VAL E 371 17.44 15.50 -41.70
C VAL E 371 18.16 15.22 -40.39
N ALA E 372 18.99 16.16 -39.92
CA ALA E 372 19.71 15.96 -38.66
C ALA E 372 18.78 15.95 -37.47
N ALA E 373 17.71 16.74 -37.48
CA ALA E 373 16.81 16.73 -36.35
C ALA E 373 15.99 15.46 -36.26
N ALA E 374 15.72 14.80 -37.38
CA ALA E 374 14.98 13.56 -37.31
C ALA E 374 15.88 12.35 -37.13
N THR E 375 17.10 12.40 -37.63
CA THR E 375 18.05 11.30 -37.48
C THR E 375 18.69 11.30 -36.11
N LEU E 376 19.12 12.45 -35.62
CA LEU E 376 19.86 12.49 -34.36
C LEU E 376 18.93 12.35 -33.15
N SER E 377 17.75 12.95 -33.21
CA SER E 377 16.83 12.83 -32.09
C SER E 377 16.30 11.43 -31.95
N HIS E 378 16.12 10.72 -33.06
CA HIS E 378 15.74 9.32 -33.02
C HIS E 378 16.80 8.47 -32.34
N ARG E 379 18.06 8.86 -32.45
CA ARG E 379 19.15 8.12 -31.86
C ARG E 379 19.46 8.55 -30.43
N TYR E 380 19.43 9.84 -30.14
CA TYR E 380 19.96 10.36 -28.88
C TYR E 380 18.90 10.71 -27.86
N ILE E 381 17.72 11.15 -28.30
CA ILE E 381 16.63 11.44 -27.37
C ILE E 381 15.85 10.14 -27.19
N ALA E 382 15.61 9.77 -25.94
CA ALA E 382 14.95 8.51 -25.66
C ALA E 382 13.60 8.67 -24.97
N ASP E 383 13.39 9.77 -24.24
CA ASP E 383 12.14 9.91 -23.50
C ASP E 383 10.98 10.29 -24.42
N ARG E 384 11.22 11.01 -25.50
CA ARG E 384 10.15 11.40 -26.39
C ARG E 384 10.01 10.44 -27.56
N GLN E 385 8.89 10.58 -28.28
CA GLN E 385 8.60 9.85 -29.50
C GLN E 385 8.89 10.75 -30.68
N LEU E 386 9.01 10.15 -31.86
CA LEU E 386 9.83 10.77 -32.91
C LEU E 386 9.31 12.07 -33.50
N PRO E 387 8.04 12.22 -33.96
CA PRO E 387 7.75 13.43 -34.73
C PRO E 387 7.60 14.68 -33.90
N ASP E 388 7.78 14.65 -32.57
CA ASP E 388 7.91 15.92 -31.89
C ASP E 388 9.29 16.12 -31.31
N LYS E 389 10.03 15.04 -31.02
CA LYS E 389 11.39 15.24 -30.55
C LYS E 389 12.30 15.70 -31.66
N ALA E 390 11.90 15.49 -32.91
CA ALA E 390 12.58 16.11 -34.03
C ALA E 390 12.14 17.56 -34.19
N ILE E 391 10.85 17.81 -34.04
CA ILE E 391 10.29 19.15 -34.17
C ILE E 391 10.77 20.05 -33.05
N ASP E 392 10.95 19.51 -31.85
CA ASP E 392 11.55 20.24 -30.75
C ASP E 392 12.99 20.66 -31.00
N LEU E 393 13.72 19.92 -31.82
CA LEU E 393 15.08 20.31 -32.16
C LEU E 393 15.11 21.48 -33.11
N ILE E 394 14.29 21.46 -34.18
CA ILE E 394 14.25 22.59 -35.11
C ILE E 394 13.53 23.80 -34.55
N ASP E 395 12.84 23.66 -33.43
CA ASP E 395 12.15 24.76 -32.79
C ASP E 395 12.99 25.47 -31.75
N GLU E 396 13.85 24.75 -31.02
CA GLU E 396 14.77 25.40 -30.11
C GLU E 396 16.07 25.82 -30.77
N ALA E 397 16.45 25.19 -31.88
CA ALA E 397 17.54 25.73 -32.67
C ALA E 397 17.14 27.02 -33.34
N ALA E 398 15.86 27.12 -33.73
CA ALA E 398 15.38 28.33 -34.37
C ALA E 398 15.20 29.46 -33.39
N SER E 399 14.87 29.17 -32.14
CA SER E 399 14.74 30.22 -31.16
C SER E 399 16.09 30.66 -30.62
N SER E 400 17.08 29.76 -30.62
CA SER E 400 18.42 30.13 -30.19
C SER E 400 19.15 30.90 -31.28
N ILE E 401 18.82 30.63 -32.55
CA ILE E 401 19.32 31.45 -33.65
C ILE E 401 18.70 32.85 -33.58
N ARG E 402 17.40 32.91 -33.28
CA ARG E 402 16.67 34.18 -33.22
C ARG E 402 17.17 35.06 -32.08
N MET E 403 17.51 34.48 -30.93
CA MET E 403 18.07 35.27 -29.85
C MET E 403 19.50 35.75 -30.12
N GLN E 404 20.24 35.08 -30.99
CA GLN E 404 21.56 35.57 -31.36
C GLN E 404 21.51 36.80 -32.25
N ILE E 405 20.39 37.02 -32.94
CA ILE E 405 20.19 38.20 -33.76
C ILE E 405 19.49 39.31 -32.99
N ASP E 406 18.62 38.94 -32.04
CA ASP E 406 17.87 39.94 -31.29
C ASP E 406 18.77 40.73 -30.34
N SER E 407 19.41 40.06 -29.40
CA SER E 407 20.22 40.72 -28.40
C SER E 407 21.64 40.93 -28.95
N LYS E 408 22.49 41.56 -28.15
CA LYS E 408 23.85 41.88 -28.55
C LYS E 408 24.75 40.66 -28.51
N ARG E 525 27.88 37.47 -41.39
CA ARG E 525 29.00 36.54 -41.45
C ARG E 525 28.67 35.28 -40.66
N LEU E 526 29.07 35.26 -39.39
CA LEU E 526 28.69 34.17 -38.50
C LEU E 526 27.43 34.47 -37.70
N LEU E 527 26.90 35.69 -37.79
CA LEU E 527 25.54 35.99 -37.37
C LEU E 527 24.66 35.80 -38.60
N ARG E 528 23.64 34.96 -38.46
CA ARG E 528 22.75 34.63 -39.56
C ARG E 528 21.46 34.05 -39.00
N ASN E 529 20.40 34.19 -39.78
CA ASN E 529 19.14 33.52 -39.48
C ASN E 529 19.04 32.23 -40.28
N LYS E 530 19.93 31.29 -39.94
CA LYS E 530 19.98 30.02 -40.65
C LYS E 530 20.16 28.91 -39.62
N VAL E 531 19.14 28.09 -39.47
CA VAL E 531 19.24 26.88 -38.66
C VAL E 531 19.91 25.82 -39.53
N THR E 532 21.16 25.49 -39.21
CA THR E 532 21.91 24.49 -39.93
C THR E 532 21.98 23.23 -39.09
N ASP E 533 22.57 22.18 -39.67
CA ASP E 533 22.58 20.88 -38.99
C ASP E 533 23.54 20.84 -37.83
N ALA E 534 24.44 21.82 -37.72
CA ALA E 534 25.29 21.99 -36.56
C ALA E 534 24.55 22.70 -35.43
N GLU E 535 23.61 23.58 -35.75
CA GLU E 535 22.75 24.23 -34.79
C GLU E 535 21.76 23.28 -34.15
N ILE E 536 21.29 22.29 -34.91
CA ILE E 536 20.48 21.21 -34.35
C ILE E 536 21.28 20.42 -33.33
N ALA E 537 22.50 20.06 -33.69
CA ALA E 537 23.36 19.27 -32.84
C ALA E 537 23.90 20.04 -31.65
N GLU E 538 23.85 21.38 -31.68
CA GLU E 538 24.22 22.16 -30.50
C GLU E 538 23.09 22.19 -29.49
N VAL E 539 21.85 22.14 -29.97
CA VAL E 539 20.69 22.08 -29.09
C VAL E 539 20.55 20.69 -28.50
N LEU E 540 20.83 19.67 -29.30
CA LEU E 540 20.81 18.30 -28.82
C LEU E 540 21.93 18.02 -27.84
N ALA E 541 23.04 18.73 -27.93
CA ALA E 541 24.08 18.59 -26.94
C ALA E 541 23.73 19.28 -25.63
N ARG E 542 22.92 20.33 -25.68
CA ARG E 542 22.49 20.97 -24.43
C ARG E 542 21.50 20.12 -23.67
N TRP E 543 20.73 19.29 -24.37
CA TRP E 543 19.70 18.50 -23.72
C TRP E 543 20.28 17.23 -23.13
N THR E 544 20.78 16.36 -23.99
CA THR E 544 21.25 15.04 -23.61
C THR E 544 22.65 15.08 -23.00
N GLY E 545 23.45 16.07 -23.34
CA GLY E 545 24.84 16.05 -22.96
C GLY E 545 25.73 15.29 -23.90
N ILE E 546 25.16 14.53 -24.83
CA ILE E 546 25.89 13.74 -25.79
C ILE E 546 26.51 14.70 -26.79
N PRO E 547 27.82 14.72 -26.93
CA PRO E 547 28.47 15.74 -27.76
C PRO E 547 28.41 15.43 -29.24
N VAL E 548 27.31 15.81 -29.89
CA VAL E 548 27.15 15.52 -31.31
C VAL E 548 27.47 16.80 -32.07
N SER E 549 28.06 17.77 -31.38
CA SER E 549 28.23 19.12 -31.91
C SER E 549 29.31 19.17 -32.99
N ARG E 550 29.64 20.39 -33.42
CA ARG E 550 30.46 20.58 -34.62
C ARG E 550 31.92 20.20 -34.42
N MET E 551 32.51 20.53 -33.27
CA MET E 551 33.90 20.20 -32.91
C MET E 551 34.88 20.79 -33.93
N MET E 552 35.02 22.12 -33.89
CA MET E 552 35.78 22.76 -34.95
C MET E 552 37.29 22.59 -34.76
N GLU E 553 37.89 23.27 -33.77
CA GLU E 553 39.30 23.00 -33.51
C GLU E 553 39.67 22.89 -32.04
N SER E 554 39.01 23.65 -31.17
CA SER E 554 39.46 23.79 -29.78
C SER E 554 39.19 22.54 -28.95
N GLU E 555 38.32 21.66 -29.43
CA GLU E 555 38.08 20.37 -28.81
C GLU E 555 38.37 19.24 -29.79
N ARG E 556 38.65 19.55 -31.05
CA ARG E 556 39.13 18.57 -32.02
C ARG E 556 40.62 18.32 -31.82
N GLU E 557 41.35 19.36 -31.40
CA GLU E 557 42.76 19.21 -31.06
C GLU E 557 42.98 18.70 -29.66
N LYS E 558 42.05 18.96 -28.73
CA LYS E 558 42.10 18.33 -27.42
C LYS E 558 41.94 16.83 -27.53
N LEU E 559 41.18 16.39 -28.50
CA LEU E 559 40.85 14.98 -28.70
C LEU E 559 41.99 14.21 -29.34
N LEU E 560 42.88 14.88 -30.07
CA LEU E 560 44.06 14.23 -30.61
C LEU E 560 45.20 14.25 -29.61
N ARG E 561 45.13 15.15 -28.63
CA ARG E 561 45.99 15.13 -27.48
C ARG E 561 45.38 14.37 -26.31
N MET E 562 44.55 13.37 -26.58
CA MET E 562 43.90 12.67 -25.48
C MET E 562 44.87 11.78 -24.73
N GLU E 563 45.87 11.22 -25.41
CA GLU E 563 46.92 10.53 -24.67
C GLU E 563 47.81 11.54 -23.95
N GLN E 564 48.05 12.68 -24.57
CA GLN E 564 48.90 13.71 -23.99
C GLN E 564 48.22 14.44 -22.85
N GLU E 565 46.91 14.30 -22.68
CA GLU E 565 46.20 14.93 -21.57
C GLU E 565 45.70 13.94 -20.55
N LEU E 566 45.66 12.66 -20.87
CA LEU E 566 45.42 11.65 -19.86
C LEU E 566 46.72 11.19 -19.22
N HIS E 567 47.85 11.50 -19.85
CA HIS E 567 49.14 11.28 -19.21
C HIS E 567 49.53 12.41 -18.29
N HIS E 568 48.68 13.43 -18.13
CA HIS E 568 48.85 14.40 -17.07
C HIS E 568 48.34 13.88 -15.74
N ARG E 569 47.60 12.78 -15.75
CA ARG E 569 47.08 12.15 -14.53
C ARG E 569 47.42 10.68 -14.42
N VAL E 570 47.70 10.00 -15.53
CA VAL E 570 48.00 8.58 -15.55
C VAL E 570 49.37 8.41 -16.19
N ILE E 571 50.38 8.29 -15.36
CA ILE E 571 51.74 8.05 -15.83
C ILE E 571 51.85 6.61 -16.32
N GLY E 572 52.38 6.44 -17.52
CA GLY E 572 52.51 5.12 -18.07
C GLY E 572 51.14 4.62 -18.48
N GLN E 573 50.99 3.29 -18.47
CA GLN E 573 49.82 2.58 -18.95
C GLN E 573 49.43 3.05 -20.34
N ASN E 574 50.42 2.97 -21.25
CA ASN E 574 50.24 3.47 -22.61
C ASN E 574 49.19 2.70 -23.37
N GLU E 575 49.16 1.38 -23.23
CA GLU E 575 48.15 0.57 -23.90
C GLU E 575 46.76 0.78 -23.33
N ALA E 576 46.68 1.34 -22.12
CA ALA E 576 45.44 1.63 -21.42
C ALA E 576 44.88 2.98 -21.75
N VAL E 577 45.74 3.99 -21.82
CA VAL E 577 45.32 5.31 -22.24
C VAL E 577 44.97 5.31 -23.72
N ASP E 578 45.71 4.55 -24.53
CA ASP E 578 45.35 4.41 -25.94
C ASP E 578 44.00 3.74 -26.14
N ALA E 579 43.62 2.83 -25.25
CA ALA E 579 42.36 2.11 -25.44
C ALA E 579 41.17 3.02 -25.21
N VAL E 580 41.23 3.86 -24.19
CA VAL E 580 40.12 4.74 -23.90
C VAL E 580 40.20 5.99 -24.77
N SER E 581 41.36 6.26 -25.36
CA SER E 581 41.45 7.39 -26.27
C SER E 581 40.91 7.08 -27.65
N ASN E 582 41.22 5.91 -28.17
CA ASN E 582 40.71 5.50 -29.46
C ASN E 582 39.22 5.21 -29.44
N ALA E 583 38.63 5.01 -28.27
CA ALA E 583 37.19 4.80 -28.22
C ALA E 583 36.44 6.12 -28.12
N ILE E 584 37.04 7.12 -27.51
CA ILE E 584 36.41 8.44 -27.51
C ILE E 584 36.59 9.10 -28.86
N ARG E 585 37.71 8.87 -29.54
CA ARG E 585 37.87 9.38 -30.90
C ARG E 585 36.92 8.69 -31.86
N ARG E 586 36.69 7.40 -31.67
CA ARG E 586 35.74 6.67 -32.49
C ARG E 586 34.33 7.18 -32.33
N SER E 587 33.93 7.52 -31.12
CA SER E 587 32.57 8.00 -30.91
C SER E 587 32.43 9.43 -31.41
N ARG E 588 33.46 10.24 -31.24
CA ARG E 588 33.39 11.63 -31.65
C ARG E 588 33.60 11.84 -33.14
N ALA E 589 34.28 10.93 -33.82
CA ALA E 589 34.34 10.99 -35.27
C ALA E 589 33.15 10.31 -35.92
N GLY E 590 32.11 9.99 -35.15
CA GLY E 590 30.93 9.35 -35.68
C GLY E 590 31.18 7.97 -36.20
N LEU E 591 32.11 7.25 -35.61
CA LEU E 591 32.63 6.03 -36.21
C LEU E 591 32.32 4.81 -35.37
N ALA E 592 31.90 5.00 -34.13
CA ALA E 592 31.57 3.88 -33.27
C ALA E 592 30.23 3.28 -33.68
N ASP E 593 30.06 2.01 -33.30
CA ASP E 593 28.85 1.22 -33.42
C ASP E 593 27.70 1.99 -32.80
N PRO E 594 26.63 2.27 -33.55
CA PRO E 594 25.53 3.06 -32.99
C PRO E 594 24.72 2.30 -31.97
N ASN E 595 24.78 0.97 -31.99
CA ASN E 595 23.95 0.12 -31.15
C ASN E 595 24.83 -0.70 -30.22
N ARG E 596 25.74 -0.02 -29.53
CA ARG E 596 26.69 -0.57 -28.59
C ARG E 596 27.23 0.62 -27.82
N PRO E 597 27.76 0.40 -26.61
CA PRO E 597 28.41 1.50 -25.89
C PRO E 597 29.63 2.04 -26.61
N ILE E 598 30.07 3.21 -26.14
CA ILE E 598 31.23 3.88 -26.73
C ILE E 598 32.47 3.04 -26.56
N GLY E 599 32.65 2.47 -25.37
CA GLY E 599 33.69 1.51 -25.14
C GLY E 599 33.30 0.58 -24.02
N SER E 600 33.69 -0.68 -24.13
CA SER E 600 33.51 -1.64 -23.04
C SER E 600 34.90 -2.13 -22.71
N PHE E 601 35.49 -1.57 -21.67
CA PHE E 601 36.84 -1.93 -21.30
C PHE E 601 36.84 -2.83 -20.10
N LEU E 602 37.87 -3.65 -20.00
CA LEU E 602 38.13 -4.43 -18.81
C LEU E 602 39.56 -4.08 -18.44
N PHE E 603 39.72 -3.38 -17.34
CA PHE E 603 41.01 -2.90 -16.90
C PHE E 603 41.58 -3.92 -15.93
N LEU E 604 42.42 -4.81 -16.42
CA LEU E 604 43.13 -5.71 -15.51
C LEU E 604 44.39 -5.00 -15.07
N GLY E 605 45.25 -5.67 -14.35
CA GLY E 605 46.42 -5.02 -13.85
C GLY E 605 46.40 -4.98 -12.34
N PRO E 606 47.56 -4.87 -11.73
CA PRO E 606 47.67 -5.03 -10.28
C PRO E 606 47.11 -3.88 -9.47
N THR E 607 47.33 -3.91 -8.17
CA THR E 607 46.85 -2.84 -7.32
C THR E 607 47.74 -1.60 -7.42
N GLY E 608 47.12 -0.44 -7.29
CA GLY E 608 47.82 0.82 -7.23
C GLY E 608 48.45 1.30 -8.51
N VAL E 609 48.10 0.70 -9.66
CA VAL E 609 48.83 0.98 -10.90
C VAL E 609 48.14 2.01 -11.79
N GLY E 610 46.90 2.39 -11.49
CA GLY E 610 46.30 3.47 -12.24
C GLY E 610 45.01 3.11 -12.95
N LYS E 611 44.38 2.01 -12.55
CA LYS E 611 43.14 1.58 -13.19
C LYS E 611 41.99 2.50 -12.83
N THR E 612 41.69 2.63 -11.55
CA THR E 612 40.62 3.52 -11.12
C THR E 612 41.03 4.98 -11.28
N GLU E 613 42.32 5.25 -11.39
CA GLU E 613 42.73 6.61 -11.70
C GLU E 613 42.44 6.99 -13.15
N LEU E 614 42.61 6.05 -14.08
CA LEU E 614 42.33 6.34 -15.48
C LEU E 614 40.85 6.53 -15.74
N CYS E 615 40.00 5.84 -15.00
CA CYS E 615 38.57 6.11 -15.09
C CYS E 615 38.22 7.47 -14.52
N LYS E 616 38.94 7.89 -13.47
CA LYS E 616 38.75 9.23 -12.96
C LYS E 616 39.45 10.26 -13.84
N ALA E 617 40.45 9.84 -14.62
CA ALA E 617 41.11 10.77 -15.53
C ALA E 617 40.37 10.88 -16.84
N LEU E 618 39.72 9.81 -17.28
CA LEU E 618 38.87 9.89 -18.46
C LEU E 618 37.61 10.69 -18.17
N ALA E 619 37.02 10.52 -16.98
CA ALA E 619 35.86 11.30 -16.62
C ALA E 619 36.21 12.75 -16.34
N ASN E 620 37.47 13.03 -16.02
CA ASN E 620 37.92 14.40 -15.92
C ASN E 620 38.23 15.00 -17.28
N PHE E 621 38.52 14.16 -18.27
CA PHE E 621 38.80 14.65 -19.61
C PHE E 621 37.56 15.25 -20.23
N MET E 622 36.47 14.51 -20.21
CA MET E 622 35.27 14.90 -20.93
C MET E 622 34.28 15.70 -20.09
N PHE E 623 34.22 15.48 -18.78
CA PHE E 623 33.23 16.14 -17.94
C PHE E 623 33.84 17.14 -16.98
N ASP E 624 35.17 17.24 -16.95
CA ASP E 624 35.94 18.21 -16.17
C ASP E 624 35.69 18.07 -14.67
N SER E 625 35.46 16.83 -14.25
CA SER E 625 35.34 16.47 -12.84
C SER E 625 35.57 14.98 -12.72
N ASP E 626 36.32 14.55 -11.70
CA ASP E 626 36.48 13.14 -11.41
C ASP E 626 35.22 12.47 -10.90
N GLU E 627 34.33 13.23 -10.26
CA GLU E 627 33.14 12.70 -9.63
C GLU E 627 31.93 12.81 -10.55
N ALA E 628 32.20 12.95 -11.85
CA ALA E 628 31.17 13.05 -12.87
C ALA E 628 31.05 11.74 -13.63
N MET E 629 31.16 10.65 -12.90
CA MET E 629 31.24 9.31 -13.45
C MET E 629 30.28 8.42 -12.69
N VAL E 630 29.50 7.62 -13.41
CA VAL E 630 28.54 6.75 -12.74
C VAL E 630 29.32 5.57 -12.21
N ARG E 631 29.80 5.68 -10.99
CA ARG E 631 30.69 4.69 -10.42
C ARG E 631 29.87 3.74 -9.57
N ILE E 632 29.76 2.51 -10.00
CA ILE E 632 29.22 1.45 -9.16
C ILE E 632 30.39 0.64 -8.65
N ASP E 633 30.39 0.38 -7.37
CA ASP E 633 31.48 -0.32 -6.72
C ASP E 633 31.08 -1.78 -6.64
N MET E 634 31.73 -2.63 -7.42
CA MET E 634 31.28 -4.01 -7.59
C MET E 634 31.78 -4.92 -6.49
N SER E 635 32.11 -4.36 -5.34
CA SER E 635 32.33 -5.16 -4.15
C SER E 635 31.15 -5.09 -3.20
N GLU E 636 30.16 -4.26 -3.49
CA GLU E 636 28.88 -4.31 -2.81
C GLU E 636 27.92 -5.26 -3.49
N PHE E 637 28.41 -6.08 -4.41
CA PHE E 637 27.61 -6.98 -5.23
C PHE E 637 28.10 -8.41 -5.11
N MET E 638 28.56 -8.82 -3.93
CA MET E 638 29.12 -10.15 -3.79
C MET E 638 28.04 -11.20 -3.58
N GLU E 639 26.82 -10.78 -3.34
CA GLU E 639 25.66 -11.65 -3.31
C GLU E 639 24.92 -11.51 -4.64
N LYS E 640 24.36 -12.61 -5.12
CA LYS E 640 23.73 -12.61 -6.45
C LYS E 640 22.48 -11.75 -6.46
N HIS E 641 21.85 -11.57 -5.31
CA HIS E 641 20.65 -10.77 -5.24
C HIS E 641 20.91 -9.29 -5.20
N SER E 642 22.17 -8.86 -5.19
CA SER E 642 22.52 -7.45 -5.14
C SER E 642 22.40 -6.77 -6.48
N VAL E 643 22.07 -7.52 -7.52
CA VAL E 643 21.70 -7.08 -8.86
C VAL E 643 20.61 -6.02 -8.86
N SER E 644 19.69 -6.11 -7.91
CA SER E 644 18.57 -5.19 -7.76
C SER E 644 18.98 -3.75 -7.50
N ARG E 645 20.23 -3.45 -7.20
CA ARG E 645 20.64 -2.06 -7.15
C ARG E 645 20.79 -1.47 -8.53
N LEU E 646 21.13 -2.31 -9.50
CA LEU E 646 21.36 -1.82 -10.86
C LEU E 646 20.05 -1.65 -11.61
N VAL E 647 19.12 -2.58 -11.45
CA VAL E 647 17.90 -2.60 -12.22
C VAL E 647 16.67 -2.28 -11.38
N GLY E 648 16.79 -2.19 -10.07
CA GLY E 648 15.63 -1.94 -9.25
C GLY E 648 14.86 -3.20 -8.94
N ALA E 649 13.79 -3.03 -8.19
CA ALA E 649 12.96 -4.14 -7.78
C ALA E 649 11.90 -4.42 -8.83
N PRO E 650 11.36 -5.63 -8.89
CA PRO E 650 10.26 -5.91 -9.79
C PRO E 650 8.97 -5.28 -9.30
N PRO E 651 7.89 -5.37 -10.06
CA PRO E 651 6.59 -4.93 -9.54
C PRO E 651 6.15 -5.74 -8.33
N GLY E 652 5.72 -5.02 -7.31
CA GLY E 652 5.23 -5.63 -6.09
C GLY E 652 6.25 -5.73 -5.00
N TYR E 653 7.45 -5.19 -5.19
CA TYR E 653 8.53 -5.39 -4.24
C TYR E 653 9.01 -4.05 -3.72
N VAL E 654 9.71 -4.09 -2.58
CA VAL E 654 10.09 -2.87 -1.87
C VAL E 654 11.17 -2.17 -2.65
N GLY E 655 10.94 -0.91 -2.99
CA GLY E 655 11.90 -0.24 -3.84
C GLY E 655 11.60 -0.36 -5.29
N TYR E 656 10.33 -0.37 -5.65
CA TYR E 656 9.96 -0.51 -7.05
C TYR E 656 10.04 0.83 -7.76
N GLU E 657 9.50 1.90 -7.16
CA GLU E 657 9.53 3.18 -7.84
C GLU E 657 10.88 3.87 -7.71
N GLU E 658 11.72 3.45 -6.78
CA GLU E 658 13.05 4.00 -6.67
C GLU E 658 13.94 3.63 -7.84
N GLY E 659 13.63 2.59 -8.56
CA GLY E 659 14.39 2.22 -9.73
C GLY E 659 15.72 1.61 -9.37
N GLY E 660 16.59 1.53 -10.37
CA GLY E 660 17.92 1.06 -10.17
C GLY E 660 18.90 2.20 -10.11
N TYR E 661 20.05 1.96 -9.48
CA TYR E 661 21.06 3.00 -9.45
C TYR E 661 21.72 3.14 -10.81
N LEU E 662 21.93 2.03 -11.52
CA LEU E 662 22.58 2.11 -12.81
C LEU E 662 21.62 2.58 -13.89
N THR E 663 20.37 2.19 -13.80
CA THR E 663 19.42 2.57 -14.85
C THR E 663 18.99 4.02 -14.73
N GLU E 664 18.77 4.50 -13.51
CA GLU E 664 18.31 5.87 -13.35
C GLU E 664 19.42 6.89 -13.39
N ALA E 665 20.67 6.46 -13.44
CA ALA E 665 21.78 7.41 -13.60
C ALA E 665 22.18 7.58 -15.05
N VAL E 666 21.98 6.56 -15.86
CA VAL E 666 22.18 6.65 -17.30
C VAL E 666 20.91 7.13 -17.99
N ARG E 667 19.75 7.03 -17.36
CA ARG E 667 18.60 7.71 -17.89
C ARG E 667 18.72 9.21 -17.74
N ARG E 668 19.36 9.68 -16.66
CA ARG E 668 19.54 11.11 -16.47
C ARG E 668 20.64 11.64 -17.36
N ARG E 669 21.84 11.11 -17.21
CA ARG E 669 22.96 11.49 -18.07
C ARG E 669 23.28 10.31 -18.96
N PRO E 670 22.81 10.32 -20.22
CA PRO E 670 23.08 9.18 -21.10
C PRO E 670 24.51 9.11 -21.57
N TYR E 671 25.22 10.21 -21.64
CA TYR E 671 26.62 10.24 -22.00
C TYR E 671 27.42 10.34 -20.71
N SER E 672 27.86 9.20 -20.20
CA SER E 672 28.57 9.18 -18.94
C SER E 672 29.50 7.99 -18.92
N VAL E 673 30.67 8.19 -18.33
CA VAL E 673 31.58 7.08 -18.07
C VAL E 673 31.04 6.27 -16.89
N ILE E 674 30.89 4.97 -17.07
CA ILE E 674 30.43 4.09 -16.02
C ILE E 674 31.60 3.25 -15.57
N LEU E 675 31.92 3.33 -14.29
CA LEU E 675 33.02 2.60 -13.72
C LEU E 675 32.47 1.49 -12.86
N LEU E 676 32.79 0.25 -13.21
CA LEU E 676 32.42 -0.92 -12.44
C LEU E 676 33.67 -1.32 -11.68
N ASP E 677 33.93 -0.63 -10.59
CA ASP E 677 35.18 -0.76 -9.88
C ASP E 677 35.21 -2.06 -9.08
N GLU E 678 36.39 -2.68 -9.04
CA GLU E 678 36.68 -3.89 -8.28
C GLU E 678 35.77 -5.03 -8.74
N VAL E 679 35.84 -5.38 -10.02
CA VAL E 679 34.75 -6.14 -10.59
C VAL E 679 34.88 -7.63 -10.36
N GLU E 680 36.05 -8.12 -9.95
CA GLU E 680 36.15 -9.55 -9.64
C GLU E 680 35.58 -9.85 -8.26
N LYS E 681 35.39 -8.82 -7.44
CA LYS E 681 34.75 -8.95 -6.14
C LYS E 681 33.31 -9.41 -6.24
N ALA E 682 32.61 -9.03 -7.29
CA ALA E 682 31.18 -9.26 -7.40
C ALA E 682 30.90 -10.74 -7.58
N HIS E 683 29.64 -11.09 -7.33
CA HIS E 683 29.18 -12.42 -7.64
C HIS E 683 29.28 -12.63 -9.14
N PRO E 684 29.70 -13.83 -9.58
CA PRO E 684 29.93 -14.06 -11.02
C PRO E 684 28.69 -13.89 -11.87
N ASP E 685 27.51 -13.89 -11.29
CA ASP E 685 26.27 -13.78 -12.01
C ASP E 685 25.75 -12.35 -12.10
N VAL E 686 26.41 -11.38 -11.51
CA VAL E 686 25.93 -10.01 -11.69
C VAL E 686 26.46 -9.37 -12.95
N PHE E 687 27.40 -10.01 -13.63
CA PHE E 687 27.82 -9.53 -14.94
C PHE E 687 26.94 -10.07 -16.03
N ASN E 688 25.96 -10.89 -15.70
CA ASN E 688 24.91 -11.20 -16.65
C ASN E 688 24.04 -9.99 -16.90
N ILE E 689 23.89 -9.11 -15.90
CA ILE E 689 23.24 -7.83 -16.09
C ILE E 689 23.98 -6.99 -17.11
N LEU E 690 25.30 -7.08 -17.12
CA LEU E 690 26.09 -6.31 -18.05
C LEU E 690 26.15 -6.92 -19.43
N LEU E 691 25.54 -8.09 -19.65
CA LEU E 691 25.60 -8.72 -20.95
C LEU E 691 24.83 -7.92 -21.99
N GLN E 692 23.63 -7.48 -21.64
CA GLN E 692 22.89 -6.64 -22.56
C GLN E 692 23.33 -5.19 -22.52
N VAL E 693 24.12 -4.79 -21.53
CA VAL E 693 24.70 -3.46 -21.58
C VAL E 693 25.86 -3.44 -22.56
N LEU E 694 26.76 -4.42 -22.47
CA LEU E 694 28.02 -4.35 -23.20
C LEU E 694 27.86 -4.54 -24.69
N ASP E 695 26.78 -5.16 -25.14
CA ASP E 695 26.41 -5.06 -26.54
C ASP E 695 24.92 -4.85 -26.68
N ASP E 696 24.56 -4.01 -27.64
CA ASP E 696 23.20 -3.48 -27.80
C ASP E 696 22.70 -2.93 -26.48
N GLY E 697 23.32 -1.83 -26.03
CA GLY E 697 23.18 -1.42 -24.64
C GLY E 697 21.80 -1.05 -24.16
N ARG E 698 21.14 -1.96 -23.46
CA ARG E 698 19.72 -1.83 -23.13
C ARG E 698 19.39 -2.40 -21.75
N LEU E 699 20.03 -1.93 -20.70
CA LEU E 699 19.61 -2.36 -19.36
C LEU E 699 18.22 -1.85 -19.05
N THR E 700 17.25 -2.77 -19.08
CA THR E 700 15.87 -2.47 -18.69
C THR E 700 15.76 -2.56 -17.18
N ASP E 701 15.14 -1.57 -16.55
CA ASP E 701 15.03 -1.61 -15.10
C ASP E 701 13.84 -2.46 -14.70
N GLY E 702 13.57 -2.54 -13.39
CA GLY E 702 12.51 -3.38 -12.90
C GLY E 702 11.13 -2.89 -13.21
N GLN E 703 10.98 -1.63 -13.55
CA GLN E 703 9.69 -1.06 -13.92
C GLN E 703 9.55 -0.86 -15.41
N GLY E 704 10.32 -1.59 -16.21
CA GLY E 704 10.09 -1.73 -17.62
C GLY E 704 10.69 -0.65 -18.49
N ARG E 705 11.29 0.39 -17.92
CA ARG E 705 11.95 1.42 -18.71
C ARG E 705 13.24 0.85 -19.24
N THR E 706 13.43 0.88 -20.55
CA THR E 706 14.71 0.51 -21.12
C THR E 706 15.60 1.73 -21.17
N VAL E 707 16.82 1.60 -20.66
CA VAL E 707 17.80 2.68 -20.64
C VAL E 707 18.85 2.37 -21.69
N ASP E 708 19.04 3.28 -22.63
CA ASP E 708 20.01 3.09 -23.69
C ASP E 708 21.39 3.42 -23.15
N PHE E 709 22.29 2.45 -23.21
CA PHE E 709 23.65 2.60 -22.75
C PHE E 709 24.61 2.86 -23.89
N ARG E 710 24.10 3.20 -25.06
CA ARG E 710 24.91 3.29 -26.27
C ARG E 710 25.85 4.47 -26.29
N ASN E 711 25.73 5.41 -25.37
CA ASN E 711 26.62 6.56 -25.35
C ASN E 711 27.48 6.56 -24.11
N THR E 712 27.58 5.44 -23.42
CA THR E 712 28.36 5.32 -22.21
C THR E 712 29.68 4.63 -22.50
N VAL E 713 30.68 4.95 -21.69
CA VAL E 713 31.92 4.20 -21.62
C VAL E 713 31.78 3.31 -20.39
N VAL E 714 31.65 2.01 -20.58
CA VAL E 714 31.56 1.08 -19.48
C VAL E 714 32.97 0.57 -19.21
N ILE E 715 33.66 1.18 -18.29
CA ILE E 715 34.96 0.70 -17.88
C ILE E 715 34.74 -0.25 -16.71
N MET E 716 35.66 -1.18 -16.52
CA MET E 716 35.44 -2.27 -15.59
C MET E 716 36.80 -2.67 -15.04
N THR E 717 37.17 -2.16 -13.89
CA THR E 717 38.49 -2.38 -13.33
C THR E 717 38.49 -3.58 -12.42
N SER E 718 39.45 -4.46 -12.63
CA SER E 718 39.65 -5.63 -11.79
C SER E 718 41.14 -5.76 -11.55
N ASN E 719 41.52 -6.73 -10.73
CA ASN E 719 42.88 -7.21 -10.75
C ASN E 719 42.84 -8.73 -10.83
N LEU E 720 42.93 -9.23 -12.06
CA LEU E 720 43.24 -10.63 -12.27
C LEU E 720 44.70 -10.79 -12.65
N GLY E 721 45.52 -9.83 -12.25
CA GLY E 721 46.96 -9.93 -12.30
C GLY E 721 47.60 -9.81 -10.93
N SER E 722 47.02 -10.47 -9.94
CA SER E 722 47.60 -10.47 -8.60
C SER E 722 48.95 -11.19 -8.58
N ASP E 723 49.15 -12.14 -9.50
CA ASP E 723 50.41 -12.85 -9.59
C ASP E 723 50.90 -13.09 -11.01
N LEU E 724 50.16 -12.62 -12.01
CA LEU E 724 50.55 -12.80 -13.40
C LEU E 724 51.00 -11.49 -14.06
N ILE E 725 50.45 -10.38 -13.60
CA ILE E 725 50.78 -9.07 -14.15
C ILE E 725 51.81 -8.38 -13.25
N GLN E 726 52.21 -9.10 -12.20
CA GLN E 726 53.17 -8.60 -11.23
C GLN E 726 54.58 -9.15 -11.46
N GLU E 727 54.72 -10.30 -12.11
CA GLU E 727 56.04 -10.89 -12.27
C GLU E 727 56.36 -11.43 -13.66
N ARG E 728 55.37 -11.64 -14.53
CA ARG E 728 55.67 -12.04 -15.91
C ARG E 728 55.49 -10.91 -16.89
N PHE E 729 55.36 -9.67 -16.43
CA PHE E 729 55.27 -8.55 -17.35
C PHE E 729 56.62 -8.26 -17.99
N GLY E 730 57.69 -8.31 -17.18
CA GLY E 730 59.00 -7.98 -17.69
C GLY E 730 59.57 -8.97 -18.68
N GLU E 731 59.22 -10.24 -18.57
CA GLU E 731 59.75 -11.24 -19.49
C GLU E 731 59.10 -11.15 -20.86
N LEU E 732 57.77 -11.19 -20.94
CA LEU E 732 57.08 -11.28 -22.21
C LEU E 732 56.21 -10.05 -22.45
N ASP E 733 56.01 -9.73 -23.73
CA ASP E 733 55.48 -8.46 -24.20
C ASP E 733 53.97 -8.41 -24.00
N TYR E 734 53.36 -7.28 -24.36
CA TYR E 734 51.97 -7.01 -24.02
C TYR E 734 51.02 -7.92 -24.78
N ALA E 735 51.38 -8.30 -26.01
CA ALA E 735 50.52 -9.18 -26.79
C ALA E 735 50.53 -10.60 -26.24
N HIS E 736 51.64 -10.98 -25.61
CA HIS E 736 51.69 -12.26 -24.91
C HIS E 736 51.28 -12.10 -23.45
N MET E 737 51.36 -10.89 -22.91
CA MET E 737 50.88 -10.67 -21.56
C MET E 737 49.37 -10.80 -21.50
N LYS E 738 48.66 -10.09 -22.38
CA LYS E 738 47.21 -10.11 -22.31
C LYS E 738 46.66 -11.43 -22.84
N GLU E 739 47.45 -12.20 -23.58
CA GLU E 739 47.06 -13.57 -23.89
C GLU E 739 47.09 -14.43 -22.63
N LEU E 740 48.03 -14.13 -21.73
CA LEU E 740 48.14 -14.89 -20.49
C LEU E 740 47.13 -14.44 -19.45
N VAL E 741 46.82 -13.15 -19.42
CA VAL E 741 45.80 -12.65 -18.50
C VAL E 741 44.40 -13.09 -18.93
N LEU E 742 44.13 -13.15 -20.23
CA LEU E 742 42.83 -13.59 -20.69
C LEU E 742 42.56 -15.06 -20.40
N GLY E 743 43.61 -15.84 -20.16
CA GLY E 743 43.42 -17.20 -19.70
C GLY E 743 42.88 -17.27 -18.29
N VAL E 744 43.31 -16.34 -17.42
CA VAL E 744 42.81 -16.32 -16.05
C VAL E 744 41.61 -15.40 -15.89
N VAL E 745 41.36 -14.54 -16.87
CA VAL E 745 40.11 -13.82 -16.95
C VAL E 745 38.97 -14.77 -17.33
N SER E 746 39.22 -15.72 -18.22
CA SER E 746 38.22 -16.67 -18.67
C SER E 746 37.84 -17.71 -17.62
N HIS E 747 38.48 -17.72 -16.46
CA HIS E 747 37.97 -18.48 -15.33
C HIS E 747 37.04 -17.65 -14.46
N ASN E 748 37.18 -16.33 -14.47
CA ASN E 748 36.34 -15.49 -13.64
C ASN E 748 35.09 -15.05 -14.37
N PHE E 749 35.20 -14.71 -15.65
CA PHE E 749 34.07 -14.26 -16.44
C PHE E 749 33.76 -15.29 -17.52
N ARG E 750 32.48 -15.38 -17.86
CA ARG E 750 32.04 -16.35 -18.84
C ARG E 750 32.49 -15.93 -20.24
N PRO E 751 32.55 -16.86 -21.20
CA PRO E 751 32.94 -16.49 -22.56
C PRO E 751 31.97 -15.55 -23.24
N GLU E 752 30.72 -15.54 -22.81
CA GLU E 752 29.73 -14.62 -23.37
C GLU E 752 29.98 -13.21 -22.90
N PHE E 753 30.57 -13.06 -21.73
CA PHE E 753 30.84 -11.74 -21.18
C PHE E 753 32.13 -11.17 -21.71
N ILE E 754 33.16 -11.99 -21.80
CA ILE E 754 34.45 -11.50 -22.25
C ILE E 754 34.49 -11.37 -23.77
N ASN E 755 33.48 -11.87 -24.47
CA ASN E 755 33.34 -11.60 -25.89
C ASN E 755 32.66 -10.27 -26.14
N ARG E 756 31.84 -9.81 -25.22
CA ARG E 756 31.14 -8.54 -25.36
C ARG E 756 31.99 -7.36 -24.97
N ILE E 757 33.24 -7.60 -24.60
CA ILE E 757 34.15 -6.57 -24.16
C ILE E 757 34.67 -5.92 -25.43
N ASP E 758 35.11 -4.67 -25.36
CA ASP E 758 35.70 -4.05 -26.54
C ASP E 758 37.21 -4.00 -26.49
N GLU E 759 37.78 -3.92 -25.30
CA GLU E 759 39.22 -3.94 -25.15
C GLU E 759 39.52 -4.43 -23.74
N VAL E 760 39.99 -5.68 -23.63
CA VAL E 760 40.64 -6.11 -22.42
C VAL E 760 41.98 -5.40 -22.32
N VAL E 761 42.21 -4.73 -21.19
CA VAL E 761 43.40 -3.91 -21.02
C VAL E 761 44.19 -4.45 -19.86
N VAL E 762 45.47 -4.72 -20.10
CA VAL E 762 46.40 -5.15 -19.05
C VAL E 762 47.20 -3.93 -18.62
N PHE E 763 47.06 -3.55 -17.36
CA PHE E 763 47.86 -2.47 -16.79
C PHE E 763 49.17 -3.05 -16.28
N HIS E 764 50.28 -2.42 -16.63
CA HIS E 764 51.55 -2.91 -16.16
C HIS E 764 51.80 -2.40 -14.74
N PRO E 765 52.59 -3.13 -13.94
CA PRO E 765 53.02 -2.58 -12.66
C PRO E 765 54.01 -1.44 -12.84
N LEU E 766 54.08 -0.52 -11.90
CA LEU E 766 54.87 0.68 -12.03
C LEU E 766 56.31 0.42 -11.62
N GLY E 767 57.25 0.86 -12.45
CA GLY E 767 58.66 0.78 -12.12
C GLY E 767 59.10 1.96 -11.27
N GLU E 768 60.42 2.11 -11.14
CA GLU E 768 60.95 3.28 -10.44
C GLU E 768 60.73 4.55 -11.25
N GLN E 769 60.84 4.45 -12.58
CA GLN E 769 60.75 5.64 -13.42
C GLN E 769 59.33 6.18 -13.50
N HIS E 770 58.33 5.36 -13.19
CA HIS E 770 56.96 5.86 -13.14
C HIS E 770 56.64 6.47 -11.78
N ILE E 771 57.18 5.86 -10.71
CA ILE E 771 56.98 6.39 -9.36
C ILE E 771 57.64 7.75 -9.22
N ALA E 772 58.77 7.96 -9.89
CA ALA E 772 59.36 9.29 -9.94
C ALA E 772 58.54 10.27 -10.74
N SER E 773 57.69 9.79 -11.66
CA SER E 773 56.80 10.65 -12.42
C SER E 773 55.45 10.82 -11.75
N ILE E 774 54.97 9.80 -11.02
CA ILE E 774 53.74 9.93 -10.25
C ILE E 774 53.96 10.88 -9.08
N ALA E 775 55.16 10.86 -8.50
CA ALA E 775 55.48 11.80 -7.43
C ALA E 775 55.50 13.24 -7.91
N GLN E 776 55.81 13.48 -9.18
CA GLN E 776 55.65 14.83 -9.72
C GLN E 776 54.18 15.22 -9.79
N ILE E 777 53.29 14.26 -9.96
CA ILE E 777 51.87 14.59 -10.09
C ILE E 777 51.27 14.96 -8.73
N GLN E 778 51.44 14.12 -7.70
CA GLN E 778 50.84 14.44 -6.41
C GLN E 778 51.57 15.56 -5.70
N LEU E 779 52.77 15.90 -6.15
CA LEU E 779 53.39 17.12 -5.65
C LEU E 779 52.88 18.37 -6.36
N LYS E 780 52.61 18.29 -7.66
CA LYS E 780 52.02 19.45 -8.32
C LYS E 780 50.52 19.52 -8.05
N ARG E 781 49.91 18.40 -7.66
CA ARG E 781 48.56 18.43 -7.14
C ARG E 781 48.55 19.00 -5.73
N LEU E 782 49.66 18.84 -5.00
CA LEU E 782 49.77 19.46 -3.69
C LEU E 782 49.87 20.97 -3.78
N TYR E 783 50.48 21.50 -4.84
CA TYR E 783 50.66 22.95 -4.96
C TYR E 783 49.33 23.65 -5.25
N LYS E 784 48.36 22.92 -5.82
CA LYS E 784 47.02 23.46 -5.92
C LYS E 784 46.30 23.45 -4.59
N ARG E 785 46.68 22.54 -3.70
CA ARG E 785 46.19 22.55 -2.32
C ARG E 785 47.06 23.41 -1.41
N LEU E 786 47.87 24.30 -1.99
CA LEU E 786 48.73 25.18 -1.20
C LEU E 786 48.39 26.65 -1.40
N GLU E 787 47.50 26.97 -2.35
CA GLU E 787 46.97 28.32 -2.46
C GLU E 787 45.77 28.53 -1.56
N GLU E 788 45.33 27.50 -0.83
CA GLU E 788 44.22 27.62 0.12
C GLU E 788 44.57 28.51 1.30
N ARG E 789 45.85 28.59 1.69
CA ARG E 789 46.33 29.59 2.61
C ARG E 789 47.17 30.64 1.88
N GLY E 790 47.43 30.44 0.59
CA GLY E 790 48.30 31.32 -0.15
C GLY E 790 49.76 31.01 0.12
N TYR E 791 50.18 29.79 -0.21
CA TYR E 791 51.56 29.38 0.00
C TYR E 791 52.15 28.91 -1.33
N GLU E 792 53.32 29.44 -1.66
CA GLU E 792 54.10 29.05 -2.82
C GLU E 792 55.17 28.07 -2.36
N ILE E 793 55.25 26.90 -3.00
CA ILE E 793 56.17 25.85 -2.59
C ILE E 793 56.86 25.25 -3.81
N HIS E 794 58.19 25.28 -3.80
CA HIS E 794 59.00 24.41 -4.64
C HIS E 794 59.70 23.39 -3.76
N ILE E 795 59.50 22.11 -4.05
CA ILE E 795 60.25 21.09 -3.33
C ILE E 795 61.61 20.98 -4.00
N SER E 796 62.61 20.51 -3.26
CA SER E 796 63.98 20.42 -3.77
C SER E 796 64.24 18.99 -4.21
N ASP E 797 65.10 18.84 -5.22
CA ASP E 797 65.55 17.51 -5.64
C ASP E 797 66.52 16.88 -4.67
N GLU E 798 67.02 17.66 -3.69
CA GLU E 798 67.61 17.08 -2.50
C GLU E 798 66.64 16.15 -1.80
N ALA E 799 65.36 16.53 -1.73
CA ALA E 799 64.32 15.74 -1.09
C ALA E 799 63.20 15.35 -2.06
N LEU E 800 63.53 14.96 -3.29
CA LEU E 800 62.53 14.46 -4.21
C LEU E 800 62.82 13.04 -4.69
N LYS E 801 64.10 12.66 -4.82
CA LYS E 801 64.42 11.27 -5.17
C LYS E 801 64.21 10.37 -3.96
N LEU E 802 64.08 10.96 -2.76
CA LEU E 802 63.68 10.23 -1.57
C LEU E 802 62.27 9.65 -1.66
N LEU E 803 61.43 10.21 -2.53
CA LEU E 803 60.10 9.67 -2.72
C LEU E 803 60.11 8.45 -3.63
N SER E 804 61.16 8.30 -4.45
CA SER E 804 61.42 7.04 -5.12
C SER E 804 62.15 6.06 -4.22
N GLU E 805 62.81 6.53 -3.18
CA GLU E 805 63.38 5.70 -2.13
C GLU E 805 62.30 5.13 -1.22
N ASN E 806 61.44 6.00 -0.68
CA ASN E 806 60.50 5.58 0.35
C ASN E 806 59.15 5.17 -0.21
N GLY E 807 58.81 5.63 -1.41
CA GLY E 807 57.49 5.36 -1.92
C GLY E 807 57.41 4.32 -3.02
N TYR E 808 58.33 3.35 -3.02
CA TYR E 808 58.37 2.35 -4.08
C TYR E 808 58.31 0.94 -3.49
N ASP E 809 57.16 0.31 -3.65
CA ASP E 809 56.97 -1.12 -3.45
C ASP E 809 56.29 -1.65 -4.69
N PRO E 810 56.93 -2.56 -5.45
CA PRO E 810 56.33 -3.03 -6.70
C PRO E 810 55.06 -3.84 -6.52
N VAL E 811 54.81 -4.36 -5.32
CA VAL E 811 53.60 -5.13 -5.09
C VAL E 811 52.41 -4.19 -4.90
N TYR E 812 52.64 -3.03 -4.31
CA TYR E 812 51.53 -2.17 -3.88
C TYR E 812 51.33 -0.94 -4.76
N GLY E 813 52.07 -0.81 -5.85
CA GLY E 813 51.75 0.23 -6.80
C GLY E 813 52.25 1.61 -6.39
N ALA E 814 51.40 2.60 -6.61
CA ALA E 814 51.71 3.99 -6.30
C ALA E 814 50.96 4.50 -5.09
N ARG E 815 50.32 3.63 -4.34
CA ARG E 815 49.70 4.02 -3.07
C ARG E 815 50.70 4.19 -1.94
N PRO E 816 51.79 3.41 -1.81
CA PRO E 816 52.84 3.81 -0.87
C PRO E 816 53.49 5.14 -1.16
N LEU E 817 53.46 5.62 -2.40
CA LEU E 817 54.03 6.92 -2.70
C LEU E 817 53.15 8.04 -2.15
N LYS E 818 51.84 7.92 -2.29
CA LYS E 818 50.94 8.90 -1.70
C LYS E 818 50.94 8.83 -0.18
N ARG E 819 51.23 7.66 0.37
CA ARG E 819 51.45 7.48 1.79
C ARG E 819 52.76 8.13 2.24
N ALA E 820 53.81 8.03 1.42
CA ALA E 820 55.07 8.66 1.77
C ALA E 820 55.08 10.14 1.44
N ILE E 821 53.99 10.66 0.88
CA ILE E 821 53.84 12.09 0.76
C ILE E 821 53.10 12.64 1.97
N GLN E 822 52.07 11.94 2.41
CA GLN E 822 51.32 12.38 3.59
C GLN E 822 52.03 12.07 4.89
N GLN E 823 53.15 11.36 4.85
CA GLN E 823 53.88 11.02 6.07
C GLN E 823 55.20 11.75 6.21
N GLN E 824 55.79 12.22 5.13
CA GLN E 824 57.04 12.95 5.27
C GLN E 824 57.11 14.19 4.39
N ILE E 825 56.04 14.54 3.68
CA ILE E 825 55.97 15.85 3.07
C ILE E 825 54.80 16.61 3.68
N GLU E 826 53.60 16.08 3.52
CA GLU E 826 52.41 16.77 4.01
C GLU E 826 52.31 16.70 5.53
N ASN E 827 53.01 15.77 6.15
CA ASN E 827 52.97 15.65 7.61
C ASN E 827 53.82 16.72 8.30
N PRO E 828 55.05 17.06 7.86
CA PRO E 828 55.67 18.26 8.42
C PRO E 828 55.14 19.55 7.82
N LEU E 829 54.50 19.50 6.67
CA LEU E 829 53.97 20.72 6.07
C LEU E 829 52.69 21.17 6.76
N ALA E 830 51.97 20.24 7.37
CA ALA E 830 50.76 20.60 8.11
C ALA E 830 51.11 21.41 9.35
N GLN E 831 51.97 20.87 10.19
CA GLN E 831 52.41 21.51 11.42
C GLN E 831 53.25 22.77 11.20
N GLN E 832 53.60 23.18 9.99
CA GLN E 832 54.21 24.49 9.76
C GLN E 832 53.19 25.47 9.18
N ILE E 833 52.28 24.97 8.35
CA ILE E 833 51.15 25.75 7.89
C ILE E 833 50.14 26.03 9.01
N LEU E 834 49.77 25.02 9.78
CA LEU E 834 48.68 25.19 10.74
C LEU E 834 49.16 25.92 11.98
N SER E 835 50.46 25.87 12.27
CA SER E 835 51.04 26.54 13.42
C SER E 835 51.31 28.01 13.17
N GLY E 836 51.09 28.48 11.95
CA GLY E 836 51.40 29.87 11.61
C GLY E 836 52.86 30.21 11.70
N GLU E 837 53.74 29.35 11.19
CA GLU E 837 55.18 29.54 11.38
C GLU E 837 55.71 30.70 10.55
N LEU E 838 55.27 30.81 9.29
CA LEU E 838 56.04 31.49 8.26
C LEU E 838 55.20 32.60 7.65
N VAL E 839 55.88 33.52 6.96
CA VAL E 839 55.28 34.76 6.48
C VAL E 839 54.52 34.43 5.19
N PRO E 840 53.36 35.05 4.98
CA PRO E 840 52.66 34.84 3.71
C PRO E 840 53.43 35.42 2.53
N GLY E 841 53.25 34.79 1.38
CA GLY E 841 53.93 35.21 0.17
C GLY E 841 55.37 34.77 0.10
N LYS E 842 55.70 33.65 0.72
CA LYS E 842 57.07 33.17 0.83
C LYS E 842 57.17 31.81 0.16
N VAL E 843 58.18 31.64 -0.68
CA VAL E 843 58.43 30.36 -1.34
C VAL E 843 59.09 29.40 -0.36
N ILE E 844 58.45 28.26 -0.13
CA ILE E 844 58.89 27.28 0.86
C ILE E 844 59.64 26.19 0.12
N ARG E 845 60.90 25.99 0.51
CA ARG E 845 61.69 24.91 -0.04
C ARG E 845 61.80 23.79 1.00
N LEU E 846 61.90 22.55 0.51
CA LEU E 846 61.86 21.38 1.38
C LEU E 846 63.14 20.57 1.18
N GLU E 847 63.94 20.46 2.25
CA GLU E 847 65.17 19.70 2.23
C GLU E 847 65.19 18.72 3.39
N VAL E 848 66.34 18.10 3.59
CA VAL E 848 66.60 17.21 4.71
C VAL E 848 67.88 17.64 5.39
N ASN E 849 68.17 17.07 6.56
CA ASN E 849 69.49 17.27 7.14
C ASN E 849 70.51 16.31 6.51
N GLU E 850 70.32 15.01 6.71
CA GLU E 850 71.00 13.97 5.94
C GLU E 850 70.06 12.88 5.44
N ASP E 851 69.11 12.43 6.26
CA ASP E 851 68.24 11.36 5.81
C ASP E 851 66.80 11.80 5.58
N ARG E 852 66.12 12.30 6.62
CA ARG E 852 64.78 12.86 6.50
C ARG E 852 64.49 13.65 7.76
N ILE E 853 64.12 14.92 7.59
CA ILE E 853 63.80 15.80 8.71
C ILE E 853 62.61 16.66 8.31
N VAL E 854 61.97 17.24 9.32
CA VAL E 854 60.97 18.28 9.14
C VAL E 854 61.65 19.49 8.51
N ALA E 855 61.28 19.81 7.28
CA ALA E 855 61.88 20.90 6.52
C ALA E 855 61.29 22.22 7.00
N VAL E 856 62.10 22.97 7.75
CA VAL E 856 61.60 24.18 8.40
C VAL E 856 61.81 25.43 7.54
N GLN E 857 62.63 25.37 6.50
CA GLN E 857 62.89 26.55 5.71
C GLN E 857 62.75 26.25 4.22
N LEU F 161 -8.16 35.68 -12.74
CA LEU F 161 -6.75 35.81 -13.04
C LEU F 161 -6.02 36.66 -12.01
N LYS F 162 -6.55 37.85 -11.73
CA LYS F 162 -5.99 38.67 -10.66
C LYS F 162 -6.42 38.19 -9.28
N LYS F 163 -7.23 37.14 -9.21
CA LYS F 163 -7.61 36.55 -7.93
C LYS F 163 -6.60 35.51 -7.48
N TYR F 164 -5.92 34.88 -8.42
CA TYR F 164 -5.00 33.79 -8.11
C TYR F 164 -3.55 34.14 -8.44
N THR F 165 -3.28 34.56 -9.67
CA THR F 165 -1.91 34.70 -10.14
C THR F 165 -1.28 35.95 -9.55
N ILE F 166 -0.23 35.75 -8.76
CA ILE F 166 0.62 36.84 -8.32
C ILE F 166 1.39 37.37 -9.52
N ASP F 167 1.40 38.67 -9.69
CA ASP F 167 2.06 39.29 -10.83
C ASP F 167 3.49 39.59 -10.40
N LEU F 168 4.44 38.84 -10.97
CA LEU F 168 5.84 39.06 -10.67
C LEU F 168 6.41 40.24 -11.43
N THR F 169 5.78 40.64 -12.51
CA THR F 169 6.34 41.72 -13.33
C THR F 169 6.08 43.07 -12.70
N GLU F 170 4.89 43.27 -12.13
CA GLU F 170 4.61 44.50 -11.39
C GLU F 170 5.10 44.42 -9.96
N ARG F 171 5.53 43.23 -9.51
CA ARG F 171 6.26 43.14 -8.27
C ARG F 171 7.74 43.45 -8.48
N ALA F 172 8.19 43.53 -9.74
CA ALA F 172 9.53 43.98 -10.07
C ALA F 172 9.62 45.48 -10.29
N GLU F 173 8.52 46.14 -10.65
CA GLU F 173 8.56 47.59 -10.86
C GLU F 173 8.62 48.33 -9.54
N GLN F 174 8.03 47.76 -8.49
CA GLN F 174 8.12 48.34 -7.17
C GLN F 174 9.44 48.06 -6.47
N GLY F 175 10.31 47.26 -7.09
CA GLY F 175 11.55 46.88 -6.44
C GLY F 175 11.36 45.88 -5.33
N LYS F 176 10.27 45.13 -5.35
CA LYS F 176 9.99 44.14 -4.32
C LYS F 176 10.68 42.82 -4.58
N LEU F 177 11.25 42.63 -5.76
CA LEU F 177 11.91 41.39 -6.10
C LEU F 177 13.36 41.44 -5.65
N ASP F 178 13.87 40.28 -5.25
CA ASP F 178 15.29 40.13 -4.95
C ASP F 178 16.11 40.40 -6.21
N PRO F 179 17.21 41.14 -6.10
CA PRO F 179 18.12 41.27 -7.24
C PRO F 179 18.77 39.93 -7.55
N VAL F 180 18.67 39.52 -8.80
CA VAL F 180 19.14 38.21 -9.23
C VAL F 180 20.50 38.40 -9.89
N ILE F 181 21.50 37.70 -9.38
CA ILE F 181 22.87 37.82 -9.83
C ILE F 181 23.28 36.52 -10.51
N GLY F 182 23.76 36.63 -11.74
CA GLY F 182 24.15 35.46 -12.48
C GLY F 182 22.96 34.86 -13.19
N ARG F 183 22.92 33.52 -13.24
CA ARG F 183 21.84 32.72 -13.81
C ARG F 183 21.60 33.01 -15.29
N ASP F 184 22.56 33.64 -15.97
CA ASP F 184 22.32 34.15 -17.31
C ASP F 184 22.42 33.09 -18.38
N GLU F 185 22.87 31.88 -18.05
CA GLU F 185 22.76 30.76 -18.96
C GLU F 185 21.46 30.01 -18.77
N GLU F 186 20.89 30.06 -17.57
CA GLU F 186 19.60 29.46 -17.29
C GLU F 186 18.44 30.42 -17.51
N ILE F 187 18.70 31.73 -17.55
CA ILE F 187 17.67 32.66 -17.98
C ILE F 187 17.60 32.71 -19.49
N ARG F 188 18.76 32.69 -20.16
CA ARG F 188 18.78 32.68 -21.62
C ARG F 188 18.21 31.39 -22.19
N ARG F 189 18.49 30.24 -21.56
CA ARG F 189 17.89 28.99 -21.99
C ARG F 189 16.39 28.98 -21.70
N THR F 190 15.96 29.69 -20.66
CA THR F 190 14.54 29.84 -20.39
C THR F 190 13.85 30.66 -21.46
N ILE F 191 14.43 31.80 -21.85
CA ILE F 191 13.90 32.59 -22.95
C ILE F 191 13.99 31.85 -24.28
N GLN F 192 15.00 30.99 -24.46
CA GLN F 192 15.07 30.16 -25.65
C GLN F 192 13.92 29.16 -25.70
N VAL F 193 13.47 28.68 -24.54
CA VAL F 193 12.31 27.81 -24.52
C VAL F 193 11.04 28.64 -24.58
N LEU F 194 11.03 29.79 -23.91
CA LEU F 194 9.84 30.64 -23.92
C LEU F 194 9.57 31.30 -25.26
N GLN F 195 10.48 31.20 -26.22
CA GLN F 195 10.27 31.73 -27.56
C GLN F 195 10.04 30.62 -28.58
N ARG F 196 9.86 29.40 -28.13
CA ARG F 196 9.56 28.31 -29.04
C ARG F 196 8.16 28.48 -29.60
N ARG F 197 7.93 27.90 -30.77
CA ARG F 197 6.63 28.05 -31.40
C ARG F 197 5.59 27.22 -30.67
N THR F 198 5.79 25.92 -30.61
CA THR F 198 4.95 25.00 -29.87
C THR F 198 5.71 24.52 -28.65
N LYS F 199 4.97 24.31 -27.56
CA LYS F 199 5.48 23.85 -26.27
C LYS F 199 6.56 24.77 -25.72
N ASN F 200 6.26 26.06 -25.73
CA ASN F 200 7.17 27.05 -25.14
C ASN F 200 7.00 27.11 -23.63
N ASN F 201 7.33 26.00 -22.98
CA ASN F 201 7.12 25.84 -21.56
C ASN F 201 8.40 25.33 -20.94
N PRO F 202 9.21 26.20 -20.34
CA PRO F 202 10.36 25.74 -19.59
C PRO F 202 9.96 25.21 -18.23
N VAL F 203 10.69 24.22 -17.75
CA VAL F 203 10.56 23.77 -16.38
C VAL F 203 11.94 23.83 -15.73
N LEU F 204 12.08 24.72 -14.75
CA LEU F 204 13.36 24.96 -14.12
C LEU F 204 13.61 23.85 -13.11
N ILE F 205 14.12 22.72 -13.61
CA ILE F 205 14.38 21.57 -12.77
C ILE F 205 15.64 21.81 -11.97
N GLY F 206 15.55 21.67 -10.65
CA GLY F 206 16.72 21.76 -9.80
C GLY F 206 16.63 20.90 -8.56
N GLU F 207 16.91 21.51 -7.41
CA GLU F 207 16.81 20.89 -6.10
C GLU F 207 16.38 21.99 -5.14
N PRO F 208 15.76 21.64 -3.98
CA PRO F 208 15.26 22.71 -3.10
C PRO F 208 16.30 23.70 -2.60
N GLY F 209 16.18 24.93 -3.07
CA GLY F 209 17.04 26.01 -2.68
C GLY F 209 18.22 26.20 -3.61
N VAL F 210 17.96 26.23 -4.90
CA VAL F 210 19.00 26.35 -5.91
C VAL F 210 18.84 27.71 -6.58
N GLY F 211 17.61 28.18 -6.69
CA GLY F 211 17.37 29.52 -7.21
C GLY F 211 16.44 29.53 -8.39
N LYS F 212 15.63 28.48 -8.52
CA LYS F 212 14.76 28.35 -9.69
C LYS F 212 13.53 29.25 -9.58
N THR F 213 13.20 29.69 -8.37
CA THR F 213 12.14 30.68 -8.22
C THR F 213 12.70 32.08 -8.42
N ALA F 214 13.98 32.28 -8.12
CA ALA F 214 14.67 33.52 -8.42
C ALA F 214 15.40 33.45 -9.75
N ILE F 215 14.90 32.66 -10.70
CA ILE F 215 15.29 32.79 -12.09
C ILE F 215 14.18 33.53 -12.80
N VAL F 216 12.93 33.16 -12.51
CA VAL F 216 11.81 33.92 -13.05
C VAL F 216 11.67 35.29 -12.39
N GLU F 217 12.19 35.47 -11.19
CA GLU F 217 12.35 36.79 -10.62
C GLU F 217 13.57 37.50 -11.16
N GLY F 218 14.36 36.83 -12.00
CA GLY F 218 15.41 37.47 -12.75
C GLY F 218 15.05 37.45 -14.21
N LEU F 219 13.93 36.82 -14.52
CA LEU F 219 13.30 37.02 -15.82
C LEU F 219 12.30 38.16 -15.76
N ALA F 220 11.56 38.27 -14.66
CA ALA F 220 10.60 39.36 -14.52
C ALA F 220 11.28 40.69 -14.24
N GLN F 221 12.42 40.67 -13.55
CA GLN F 221 13.25 41.87 -13.49
C GLN F 221 13.88 42.19 -14.82
N ARG F 222 14.09 41.19 -15.66
CA ARG F 222 14.72 41.40 -16.95
C ARG F 222 13.78 41.99 -17.97
N ILE F 223 12.51 41.59 -17.94
CA ILE F 223 11.50 42.15 -18.86
C ILE F 223 11.29 43.63 -18.58
N ILE F 224 11.21 44.01 -17.31
CA ILE F 224 11.09 45.42 -16.95
C ILE F 224 12.34 46.20 -17.29
N ASN F 225 13.51 45.68 -16.98
CA ASN F 225 14.77 46.35 -17.28
C ASN F 225 15.17 46.21 -18.74
N GLY F 226 14.54 45.31 -19.48
CA GLY F 226 14.66 45.29 -20.92
C GLY F 226 15.87 44.58 -21.48
N GLU F 227 16.44 43.61 -20.78
CA GLU F 227 17.50 42.79 -21.37
C GLU F 227 16.96 41.52 -22.02
N VAL F 228 15.65 41.47 -22.27
CA VAL F 228 15.04 40.33 -22.95
C VAL F 228 15.03 40.63 -24.45
N PRO F 229 14.90 39.62 -25.31
CA PRO F 229 14.72 39.91 -26.74
C PRO F 229 13.37 40.55 -27.01
N GLU F 230 13.27 41.23 -28.14
CA GLU F 230 11.97 41.66 -28.62
C GLU F 230 11.19 40.43 -29.07
N GLY F 231 10.00 40.27 -28.49
CA GLY F 231 9.30 39.01 -28.46
C GLY F 231 8.96 38.59 -27.05
N LEU F 232 9.88 38.78 -26.11
CA LEU F 232 9.57 38.76 -24.69
C LEU F 232 9.52 40.15 -24.09
N LYS F 233 9.65 41.19 -24.90
CA LYS F 233 9.65 42.55 -24.36
C LYS F 233 8.24 42.98 -24.02
N GLY F 234 8.06 43.50 -22.81
CA GLY F 234 6.76 43.97 -22.39
C GLY F 234 5.79 42.90 -21.98
N ARG F 235 6.26 41.68 -21.73
CA ARG F 235 5.40 40.63 -21.24
C ARG F 235 5.12 40.82 -19.76
N ARG F 236 4.26 39.96 -19.22
CA ARG F 236 3.97 39.91 -17.81
C ARG F 236 4.24 38.50 -17.32
N VAL F 237 4.90 38.38 -16.17
CA VAL F 237 5.14 37.07 -15.56
C VAL F 237 4.15 36.94 -14.43
N LEU F 238 3.09 36.18 -14.66
CA LEU F 238 2.11 35.89 -13.63
C LEU F 238 2.49 34.59 -12.93
N ALA F 239 2.42 34.60 -11.61
CA ALA F 239 2.79 33.45 -10.81
C ALA F 239 1.52 32.75 -10.36
N LEU F 240 1.05 31.82 -11.17
CA LEU F 240 -0.10 31.02 -10.80
C LEU F 240 0.26 30.11 -9.63
N ASP F 241 -0.65 30.04 -8.67
CA ASP F 241 -0.48 29.18 -7.52
C ASP F 241 -1.54 28.09 -7.57
N MET F 242 -1.11 26.85 -7.68
CA MET F 242 -2.03 25.72 -7.66
C MET F 242 -2.51 25.37 -6.27
N GLY F 243 -2.04 26.07 -5.23
CA GLY F 243 -2.64 25.98 -3.92
C GLY F 243 -3.81 26.91 -3.73
N ALA F 244 -3.93 27.94 -4.56
CA ALA F 244 -5.06 28.86 -4.46
C ALA F 244 -6.14 28.51 -5.48
N LEU F 245 -5.93 27.43 -6.24
CA LEU F 245 -6.95 26.92 -7.14
C LEU F 245 -7.66 25.70 -6.57
N VAL F 246 -7.02 24.98 -5.65
CA VAL F 246 -7.66 23.86 -4.98
C VAL F 246 -7.95 24.35 -3.56
N ALA F 247 -8.12 25.65 -3.42
CA ALA F 247 -8.28 26.26 -2.09
C ALA F 247 -9.64 25.95 -1.50
N GLY F 248 -10.70 26.41 -2.17
CA GLY F 248 -12.04 26.17 -1.66
C GLY F 248 -12.89 25.35 -2.60
N ALA F 249 -12.26 24.48 -3.39
CA ALA F 249 -12.94 23.73 -4.43
C ALA F 249 -13.60 22.51 -3.81
N LYS F 250 -14.76 22.74 -3.20
CA LYS F 250 -15.53 21.66 -2.61
C LYS F 250 -16.36 20.90 -3.62
N TYR F 251 -17.05 21.61 -4.50
CA TYR F 251 -18.10 21.04 -5.30
C TYR F 251 -17.58 20.57 -6.64
N ARG F 252 -18.49 20.11 -7.47
CA ARG F 252 -18.13 19.53 -8.76
C ARG F 252 -17.78 20.66 -9.71
N GLY F 253 -16.54 20.68 -10.14
CA GLY F 253 -16.12 21.65 -11.14
C GLY F 253 -15.99 23.06 -10.63
N GLU F 254 -15.77 23.22 -9.32
CA GLU F 254 -15.31 24.52 -8.86
C GLU F 254 -13.85 24.73 -9.16
N PHE F 255 -13.07 23.65 -9.24
CA PHE F 255 -11.69 23.79 -9.66
C PHE F 255 -11.59 24.06 -11.15
N GLU F 256 -12.41 23.39 -11.95
CA GLU F 256 -12.31 23.51 -13.39
C GLU F 256 -12.79 24.86 -13.89
N GLU F 257 -13.63 25.55 -13.12
CA GLU F 257 -14.00 26.92 -13.48
C GLU F 257 -12.92 27.90 -13.09
N ARG F 258 -12.00 27.49 -12.22
CA ARG F 258 -10.88 28.34 -11.85
C ARG F 258 -9.79 28.30 -12.89
N LEU F 259 -9.43 27.11 -13.38
CA LEU F 259 -8.51 27.04 -14.51
C LEU F 259 -9.12 27.64 -15.76
N LYS F 260 -10.31 27.20 -16.14
CA LYS F 260 -10.93 27.72 -17.36
C LYS F 260 -11.40 29.17 -17.18
N GLY F 261 -11.36 29.69 -15.96
CA GLY F 261 -11.40 31.14 -15.79
C GLY F 261 -10.04 31.77 -15.96
N VAL F 262 -8.98 31.12 -15.47
CA VAL F 262 -7.63 31.64 -15.63
C VAL F 262 -7.16 31.45 -17.07
N LEU F 263 -7.35 30.25 -17.63
CA LEU F 263 -6.96 29.95 -19.00
C LEU F 263 -7.69 30.78 -20.03
N ASN F 264 -8.91 31.22 -19.74
CA ASN F 264 -9.61 32.11 -20.67
C ASN F 264 -9.26 33.56 -20.44
N ASP F 265 -8.69 33.91 -19.30
CA ASP F 265 -8.14 35.24 -19.14
C ASP F 265 -6.76 35.34 -19.78
N LEU F 266 -6.01 34.23 -19.80
CA LEU F 266 -4.73 34.17 -20.50
C LEU F 266 -4.88 34.18 -22.00
N ALA F 267 -6.04 33.80 -22.54
CA ALA F 267 -6.26 33.89 -23.97
C ALA F 267 -6.73 35.27 -24.39
N LYS F 268 -7.31 36.04 -23.48
CA LYS F 268 -7.59 37.45 -23.72
C LYS F 268 -6.32 38.29 -23.72
N GLN F 269 -5.25 37.79 -23.11
CA GLN F 269 -3.95 38.45 -23.08
C GLN F 269 -3.18 38.29 -24.38
N GLU F 270 -3.72 37.48 -25.32
CA GLU F 270 -3.21 37.22 -26.68
C GLU F 270 -1.71 36.91 -26.73
N GLY F 271 -1.20 36.25 -25.69
CA GLY F 271 0.19 35.85 -25.66
C GLY F 271 1.14 36.86 -25.07
N ASN F 272 0.64 37.86 -24.34
CA ASN F 272 1.47 38.87 -23.70
C ASN F 272 1.76 38.54 -22.25
N VAL F 273 1.49 37.32 -21.82
CA VAL F 273 1.61 36.94 -20.42
C VAL F 273 2.37 35.63 -20.34
N ILE F 274 3.43 35.61 -19.55
CA ILE F 274 4.14 34.39 -19.20
C ILE F 274 3.56 33.89 -17.89
N LEU F 275 3.30 32.59 -17.80
CA LEU F 275 2.67 32.00 -16.62
C LEU F 275 3.72 31.22 -15.86
N PHE F 276 4.00 31.65 -14.64
CA PHE F 276 4.96 30.96 -13.79
C PHE F 276 4.18 30.03 -12.87
N ILE F 277 4.10 28.76 -13.24
CA ILE F 277 3.54 27.76 -12.34
C ILE F 277 4.71 27.23 -11.51
N ASP F 278 4.89 27.81 -10.33
CA ASP F 278 5.85 27.28 -9.39
C ASP F 278 5.32 25.99 -8.83
N GLU F 279 6.20 24.99 -8.71
CA GLU F 279 5.88 23.64 -8.25
C GLU F 279 4.81 23.01 -9.13
N LEU F 280 5.22 22.70 -10.36
CA LEU F 280 4.35 21.99 -11.32
C LEU F 280 3.85 20.65 -10.82
N HIS F 281 4.54 20.01 -9.88
CA HIS F 281 4.08 18.71 -9.41
C HIS F 281 2.80 18.84 -8.59
N THR F 282 2.52 20.02 -8.05
CA THR F 282 1.25 20.34 -7.41
C THR F 282 0.13 20.54 -8.42
N MET F 283 0.47 20.65 -9.70
CA MET F 283 -0.50 20.69 -10.78
C MET F 283 -0.84 19.28 -11.28
N VAL F 284 0.11 18.35 -11.21
CA VAL F 284 -0.18 16.96 -11.57
C VAL F 284 -1.04 16.36 -10.46
N GLY F 285 -2.33 16.20 -10.75
CA GLY F 285 -3.25 15.64 -9.78
C GLY F 285 -3.80 16.68 -8.83
N ALA F 286 -4.23 17.81 -9.37
CA ALA F 286 -4.79 18.89 -8.54
C ALA F 286 -6.20 18.54 -8.08
N GLY F 287 -7.20 19.12 -8.76
CA GLY F 287 -8.58 18.87 -8.42
C GLY F 287 -9.04 17.49 -8.86
N LYS F 288 -8.10 16.55 -8.87
CA LYS F 288 -8.40 15.18 -9.28
C LYS F 288 -9.19 14.41 -8.22
N ALA F 289 -10.45 14.12 -8.52
CA ALA F 289 -11.31 13.39 -7.60
C ALA F 289 -12.13 12.32 -8.31
N ASP F 290 -12.93 12.75 -9.29
CA ASP F 290 -13.76 11.83 -10.06
C ASP F 290 -12.94 10.71 -10.69
N GLY F 291 -12.05 11.08 -11.60
CA GLY F 291 -11.21 10.12 -12.28
C GLY F 291 -10.03 10.78 -12.98
N ALA F 292 -10.20 11.07 -14.27
CA ALA F 292 -9.15 11.71 -15.04
C ALA F 292 -8.71 13.02 -14.39
N MET F 293 -7.40 13.24 -14.33
CA MET F 293 -6.86 14.46 -13.72
C MET F 293 -7.48 15.74 -14.29
N ASP F 294 -7.35 16.86 -13.58
CA ASP F 294 -8.10 18.04 -13.97
C ASP F 294 -7.24 19.29 -14.07
N ALA F 295 -5.97 19.23 -13.75
CA ALA F 295 -5.17 20.42 -13.89
C ALA F 295 -4.11 20.31 -14.97
N GLY F 296 -3.38 19.22 -15.01
CA GLY F 296 -2.46 18.99 -16.11
C GLY F 296 -3.12 18.12 -17.14
N ASN F 297 -4.42 18.32 -17.32
CA ASN F 297 -5.22 17.70 -18.36
C ASN F 297 -6.13 18.76 -18.97
N MET F 298 -6.26 19.87 -18.26
CA MET F 298 -6.90 21.05 -18.80
C MET F 298 -5.92 22.01 -19.42
N LEU F 299 -4.70 22.06 -18.91
CA LEU F 299 -3.64 22.81 -19.54
C LEU F 299 -3.07 22.09 -20.75
N LYS F 300 -3.24 20.77 -20.83
CA LYS F 300 -2.61 19.93 -21.84
C LYS F 300 -2.84 20.36 -23.29
N PRO F 301 -4.02 20.85 -23.71
CA PRO F 301 -4.06 21.43 -25.07
C PRO F 301 -3.32 22.75 -25.20
N ALA F 302 -3.50 23.67 -24.26
CA ALA F 302 -2.85 24.97 -24.36
C ALA F 302 -1.39 24.94 -23.94
N LEU F 303 -0.87 23.79 -23.52
CA LEU F 303 0.56 23.65 -23.31
C LEU F 303 1.25 23.15 -24.57
N ALA F 304 0.55 22.34 -25.37
CA ALA F 304 1.14 21.78 -26.58
C ALA F 304 1.00 22.69 -27.77
N ARG F 305 0.05 23.62 -27.72
CA ARG F 305 -0.15 24.52 -28.83
C ARG F 305 0.72 25.76 -28.73
N GLY F 306 1.53 25.87 -27.67
CA GLY F 306 2.39 27.00 -27.49
C GLY F 306 1.60 28.24 -27.17
N GLU F 307 0.61 28.09 -26.29
CA GLU F 307 -0.38 29.12 -26.10
C GLU F 307 -0.31 29.84 -24.77
N LEU F 308 0.21 29.23 -23.71
CA LEU F 308 0.11 29.87 -22.41
C LEU F 308 1.46 30.19 -21.77
N HIS F 309 2.59 29.73 -22.34
CA HIS F 309 3.94 30.12 -21.94
C HIS F 309 4.24 29.80 -20.48
N CYS F 310 4.30 28.51 -20.17
CA CYS F 310 4.25 28.08 -18.78
C CYS F 310 5.65 27.82 -18.25
N VAL F 311 6.19 28.75 -17.47
CA VAL F 311 7.48 28.50 -16.82
C VAL F 311 7.23 27.64 -15.60
N GLY F 312 7.53 26.37 -15.69
CA GLY F 312 7.47 25.55 -14.50
C GLY F 312 8.72 25.66 -13.68
N ALA F 313 8.61 25.32 -12.39
CA ALA F 313 9.80 25.25 -11.54
C ALA F 313 9.55 24.17 -10.50
N THR F 314 9.99 22.96 -10.81
CA THR F 314 9.89 21.85 -9.89
C THR F 314 11.30 21.36 -9.59
N THR F 315 11.41 20.36 -8.74
CA THR F 315 12.70 19.73 -8.48
C THR F 315 12.80 18.46 -9.30
N LEU F 316 13.97 17.83 -9.27
CA LEU F 316 14.22 16.77 -10.23
C LEU F 316 13.52 15.48 -9.83
N ASP F 317 13.38 15.21 -8.54
CA ASP F 317 12.70 13.97 -8.15
C ASP F 317 11.20 14.18 -8.03
N GLU F 318 10.76 15.42 -7.89
CA GLU F 318 9.36 15.76 -8.02
C GLU F 318 8.92 15.83 -9.48
N TYR F 319 9.83 16.09 -10.40
CA TYR F 319 9.56 15.87 -11.81
C TYR F 319 9.53 14.39 -12.14
N ARG F 320 10.29 13.57 -11.40
CA ARG F 320 10.51 12.20 -11.80
C ARG F 320 9.31 11.31 -11.49
N GLN F 321 8.60 11.57 -10.39
CA GLN F 321 7.50 10.70 -10.03
C GLN F 321 6.14 11.38 -10.06
N TYR F 322 6.07 12.65 -10.47
CA TYR F 322 4.81 13.30 -10.73
C TYR F 322 4.63 13.60 -12.21
N ILE F 323 5.56 14.31 -12.81
CA ILE F 323 5.38 14.80 -14.17
C ILE F 323 5.87 13.76 -15.18
N GLU F 324 6.88 12.96 -14.83
CA GLU F 324 7.33 11.93 -15.74
C GLU F 324 6.39 10.74 -15.80
N LYS F 325 5.52 10.56 -14.81
CA LYS F 325 4.54 9.48 -14.86
C LYS F 325 3.42 9.78 -15.84
N ASP F 326 3.05 11.05 -15.99
CA ASP F 326 2.18 11.50 -17.08
C ASP F 326 3.08 11.83 -18.25
N ALA F 327 3.31 10.83 -19.10
CA ALA F 327 4.19 10.98 -20.25
C ALA F 327 3.64 11.91 -21.30
N ALA F 328 2.34 12.17 -21.29
CA ALA F 328 1.73 13.12 -22.21
C ALA F 328 1.84 14.56 -21.73
N LEU F 329 2.15 14.77 -20.47
CA LEU F 329 2.40 16.09 -19.92
C LEU F 329 3.89 16.35 -19.76
N GLU F 330 4.70 15.29 -19.75
CA GLU F 330 6.14 15.43 -19.62
C GLU F 330 6.75 16.03 -20.87
N ARG F 331 6.13 15.80 -22.02
CA ARG F 331 6.65 16.33 -23.28
C ARG F 331 6.27 17.78 -23.53
N ARG F 332 5.32 18.33 -22.78
CA ARG F 332 4.91 19.72 -22.98
C ARG F 332 5.78 20.68 -22.21
N PHE F 333 6.80 20.17 -21.53
CA PHE F 333 7.72 20.99 -20.76
C PHE F 333 9.14 20.63 -21.19
N GLN F 334 10.01 21.62 -21.17
CA GLN F 334 11.40 21.44 -21.53
C GLN F 334 12.25 21.68 -20.29
N LYS F 335 13.05 20.69 -19.93
CA LYS F 335 13.84 20.77 -18.70
C LYS F 335 14.97 21.77 -18.88
N VAL F 336 14.84 22.92 -18.22
CA VAL F 336 15.92 23.87 -18.08
C VAL F 336 16.57 23.56 -16.74
N PHE F 337 17.65 22.79 -16.77
CA PHE F 337 18.27 22.29 -15.54
C PHE F 337 18.95 23.43 -14.82
N VAL F 338 18.53 23.65 -13.57
CA VAL F 338 19.16 24.67 -12.73
C VAL F 338 20.08 23.92 -11.78
N ALA F 339 21.34 23.81 -12.16
CA ALA F 339 22.35 23.28 -11.27
C ALA F 339 22.68 24.30 -10.19
N GLU F 340 22.95 23.81 -8.97
CA GLU F 340 23.26 24.73 -7.89
C GLU F 340 24.65 25.33 -8.11
N PRO F 341 24.85 26.59 -7.75
CA PRO F 341 26.13 27.24 -8.03
C PRO F 341 27.20 26.72 -7.08
N SER F 342 28.45 26.91 -7.49
CA SER F 342 29.54 26.48 -6.63
C SER F 342 29.78 27.51 -5.55
N VAL F 343 30.76 27.21 -4.70
CA VAL F 343 31.03 28.02 -3.51
C VAL F 343 31.53 29.40 -3.87
N GLU F 344 32.22 29.52 -5.00
CA GLU F 344 32.66 30.82 -5.50
C GLU F 344 31.60 31.51 -6.32
N ASP F 345 30.63 30.78 -6.86
CA ASP F 345 29.59 31.34 -7.70
C ASP F 345 28.46 31.94 -6.88
N THR F 346 28.39 31.60 -5.60
CA THR F 346 27.39 32.12 -4.68
C THR F 346 27.92 33.24 -3.80
N ILE F 347 29.19 33.63 -3.96
CA ILE F 347 29.64 34.84 -3.30
C ILE F 347 29.13 36.07 -4.03
N ALA F 348 29.19 36.03 -5.37
CA ALA F 348 28.71 37.14 -6.18
C ALA F 348 27.20 37.26 -6.09
N ILE F 349 26.51 36.11 -5.92
CA ILE F 349 25.11 36.09 -5.55
C ILE F 349 24.89 36.89 -4.28
N LEU F 350 25.77 36.70 -3.31
CA LEU F 350 25.56 37.21 -1.97
C LEU F 350 26.25 38.54 -1.74
N ARG F 351 27.19 38.93 -2.60
CA ARG F 351 27.81 40.24 -2.51
C ARG F 351 26.84 41.35 -2.91
N GLY F 352 26.00 41.09 -3.91
CA GLY F 352 25.03 42.09 -4.33
C GLY F 352 23.75 42.03 -3.54
N LEU F 353 23.38 40.85 -3.05
CA LEU F 353 22.23 40.66 -2.19
C LEU F 353 22.48 41.12 -0.76
N LYS F 354 23.72 41.46 -0.40
CA LYS F 354 24.02 41.81 0.98
C LYS F 354 23.40 43.16 1.36
N GLU F 355 23.25 44.06 0.39
CA GLU F 355 22.73 45.38 0.72
C GLU F 355 21.22 45.35 0.91
N ARG F 356 20.54 44.39 0.29
CA ARG F 356 19.11 44.17 0.52
C ARG F 356 18.84 43.61 1.91
N TYR F 357 19.87 43.04 2.54
CA TYR F 357 19.77 42.60 3.92
C TYR F 357 20.32 43.63 4.89
N GLU F 358 21.22 44.49 4.42
CA GLU F 358 21.70 45.59 5.25
C GLU F 358 20.61 46.63 5.45
N LEU F 359 19.75 46.85 4.47
CA LEU F 359 18.68 47.84 4.59
C LEU F 359 17.50 47.32 5.40
N HIS F 360 17.39 46.00 5.57
CA HIS F 360 16.29 45.42 6.32
C HIS F 360 16.64 45.24 7.79
N HIS F 361 17.87 44.80 8.06
CA HIS F 361 18.32 44.53 9.42
C HIS F 361 18.97 45.73 10.08
N HIS F 362 19.33 46.76 9.30
CA HIS F 362 20.19 47.87 9.74
C HIS F 362 21.50 47.35 10.32
N VAL F 363 22.06 46.34 9.65
CA VAL F 363 23.20 45.56 10.10
C VAL F 363 24.23 45.48 8.99
N GLN F 364 25.48 45.83 9.29
CA GLN F 364 26.55 45.79 8.31
C GLN F 364 27.08 44.36 8.17
N ILE F 365 27.16 43.88 6.95
CA ILE F 365 27.58 42.53 6.66
C ILE F 365 28.86 42.63 5.84
N THR F 366 29.97 42.17 6.41
CA THR F 366 31.22 42.19 5.67
C THR F 366 31.29 41.02 4.71
N ASP F 367 32.05 41.20 3.65
CA ASP F 367 32.41 40.14 2.71
C ASP F 367 33.29 39.05 3.31
N PRO F 368 34.08 39.30 4.36
CA PRO F 368 34.54 38.16 5.17
C PRO F 368 33.43 37.29 5.73
N ALA F 369 32.30 37.88 6.14
CA ALA F 369 31.15 37.10 6.58
C ALA F 369 30.34 36.54 5.41
N ILE F 370 30.77 36.77 4.18
CA ILE F 370 30.10 36.26 3.00
C ILE F 370 30.95 35.22 2.28
N VAL F 371 32.28 35.44 2.26
CA VAL F 371 33.17 34.40 1.77
C VAL F 371 33.19 33.20 2.72
N ALA F 372 32.81 33.40 3.98
CA ALA F 372 32.69 32.31 4.93
C ALA F 372 31.26 31.89 5.19
N ALA F 373 30.28 32.62 4.64
CA ALA F 373 28.91 32.13 4.69
C ALA F 373 28.66 31.02 3.69
N ALA F 374 29.56 30.84 2.72
CA ALA F 374 29.41 29.84 1.69
C ALA F 374 30.40 28.70 1.78
N THR F 375 31.64 28.94 2.21
CA THR F 375 32.57 27.85 2.45
C THR F 375 32.20 27.03 3.68
N LEU F 376 31.53 27.61 4.67
CA LEU F 376 31.11 26.85 5.83
C LEU F 376 29.74 26.21 5.60
N SER F 377 28.91 26.83 4.76
CA SER F 377 27.63 26.22 4.40
C SER F 377 27.83 24.98 3.55
N HIS F 378 28.68 25.07 2.53
CA HIS F 378 28.87 23.95 1.62
C HIS F 378 29.58 22.78 2.28
N ARG F 379 30.58 23.08 3.10
CA ARG F 379 31.35 22.03 3.77
C ARG F 379 30.54 21.32 4.85
N TYR F 380 29.80 22.07 5.66
CA TYR F 380 29.20 21.52 6.86
C TYR F 380 27.71 21.21 6.75
N ILE F 381 26.97 21.94 5.91
CA ILE F 381 25.55 21.68 5.71
C ILE F 381 25.41 20.94 4.38
N ALA F 382 25.06 19.66 4.44
CA ALA F 382 25.05 18.81 3.26
C ALA F 382 23.64 18.41 2.81
N ASP F 383 22.62 18.67 3.61
CA ASP F 383 21.26 18.35 3.19
C ASP F 383 20.64 19.46 2.35
N ARG F 384 21.00 20.71 2.63
CA ARG F 384 20.46 21.84 1.88
C ARG F 384 21.29 22.14 0.65
N GLN F 385 20.87 23.11 -0.16
CA GLN F 385 21.58 23.48 -1.39
C GLN F 385 22.06 24.92 -1.20
N LEU F 386 22.99 25.35 -2.04
CA LEU F 386 23.93 26.39 -1.61
C LEU F 386 23.41 27.82 -1.50
N PRO F 387 22.67 28.41 -2.48
CA PRO F 387 22.14 29.75 -2.18
C PRO F 387 20.82 29.70 -1.44
N ASP F 388 20.69 28.85 -0.44
CA ASP F 388 19.52 28.84 0.42
C ASP F 388 19.99 28.82 1.86
N LYS F 389 21.12 28.16 2.09
CA LYS F 389 21.74 28.11 3.41
C LYS F 389 22.73 29.22 3.64
N ALA F 390 23.42 29.67 2.59
CA ALA F 390 24.34 30.80 2.72
C ALA F 390 23.59 32.10 2.97
N ILE F 391 22.33 32.17 2.54
CA ILE F 391 21.53 33.37 2.80
C ILE F 391 20.68 33.17 4.04
N ASP F 392 20.47 31.91 4.44
CA ASP F 392 19.90 31.61 5.74
C ASP F 392 20.84 32.03 6.85
N LEU F 393 22.14 31.78 6.66
CA LEU F 393 23.14 32.02 7.69
C LEU F 393 23.32 33.51 7.96
N ILE F 394 23.32 34.31 6.90
CA ILE F 394 23.50 35.75 7.07
C ILE F 394 22.24 36.37 7.64
N ASP F 395 21.07 35.83 7.28
CA ASP F 395 19.84 36.32 7.85
C ASP F 395 19.67 35.92 9.31
N GLU F 396 20.12 34.72 9.67
CA GLU F 396 20.16 34.32 11.08
C GLU F 396 21.19 35.09 11.88
N ALA F 397 22.35 35.38 11.28
CA ALA F 397 23.37 36.13 12.00
C ALA F 397 22.96 37.58 12.17
N ALA F 398 22.30 38.16 11.16
CA ALA F 398 21.85 39.54 11.29
C ALA F 398 20.69 39.67 12.25
N SER F 399 19.96 38.58 12.51
CA SER F 399 18.92 38.58 13.53
C SER F 399 19.49 38.26 14.91
N SER F 400 20.62 37.55 14.96
CA SER F 400 21.31 37.33 16.23
C SER F 400 21.96 38.60 16.76
N ILE F 401 22.48 39.44 15.86
CA ILE F 401 23.11 40.69 16.28
C ILE F 401 22.06 41.77 16.52
N ARG F 402 20.90 41.65 15.87
CA ARG F 402 19.81 42.61 16.05
C ARG F 402 19.19 42.54 17.45
N MET F 403 19.48 41.47 18.21
CA MET F 403 19.19 41.47 19.64
C MET F 403 20.20 42.28 20.43
N GLN F 404 21.46 42.28 20.01
CA GLN F 404 22.53 42.84 20.82
C GLN F 404 22.56 44.35 20.78
N ILE F 405 21.86 44.96 19.82
CA ILE F 405 21.78 46.41 19.74
C ILE F 405 20.47 46.91 20.33
N ASP F 406 19.45 46.05 20.44
CA ASP F 406 18.18 46.44 21.04
C ASP F 406 18.22 46.39 22.56
N SER F 407 18.35 45.19 23.12
CA SER F 407 18.26 44.96 24.56
C SER F 407 19.61 44.49 25.10
N LYS F 408 19.67 44.36 26.42
CA LYS F 408 20.88 43.89 27.09
C LYS F 408 20.61 42.60 27.84
N ARG F 525 32.48 50.80 19.94
CA ARG F 525 32.66 49.85 18.85
C ARG F 525 32.43 48.45 19.41
N LEU F 526 32.40 48.36 20.74
CA LEU F 526 32.33 47.09 21.43
C LEU F 526 30.90 46.60 21.62
N LEU F 527 29.92 47.41 21.23
CA LEU F 527 28.54 46.96 21.04
C LEU F 527 28.31 47.01 19.53
N ARG F 528 28.70 45.93 18.85
CA ARG F 528 28.92 45.96 17.40
C ARG F 528 27.60 45.67 16.70
N ASN F 529 27.58 45.97 15.40
CA ASN F 529 26.52 45.57 14.49
C ASN F 529 27.06 44.74 13.34
N LYS F 530 28.38 44.75 13.16
CA LYS F 530 29.02 44.05 12.04
C LYS F 530 28.91 42.53 12.19
N VAL F 531 28.52 41.86 11.10
CA VAL F 531 28.63 40.41 11.01
C VAL F 531 30.01 40.07 10.46
N THR F 532 30.70 39.15 11.13
CA THR F 532 31.98 38.65 10.62
C THR F 532 31.83 37.13 10.63
N ASP F 533 32.87 36.37 10.28
CA ASP F 533 32.74 34.92 10.26
C ASP F 533 32.71 34.32 11.67
N ALA F 534 33.00 35.13 12.69
CA ALA F 534 32.79 34.71 14.06
C ALA F 534 31.32 34.47 14.34
N GLU F 535 30.46 35.35 13.82
CA GLU F 535 29.02 35.18 14.02
C GLU F 535 28.42 34.18 13.06
N ILE F 536 29.00 33.99 11.87
CA ILE F 536 28.49 33.03 10.90
C ILE F 536 28.72 31.60 11.33
N ALA F 537 29.94 31.25 11.76
CA ALA F 537 30.20 29.93 12.29
C ALA F 537 29.55 29.69 13.65
N GLU F 538 29.19 30.74 14.38
CA GLU F 538 28.47 30.55 15.63
C GLU F 538 27.03 30.12 15.39
N VAL F 539 26.40 30.64 14.34
CA VAL F 539 25.07 30.20 13.97
C VAL F 539 25.12 28.78 13.42
N LEU F 540 26.15 28.49 12.62
CA LEU F 540 26.31 27.16 12.05
C LEU F 540 26.71 26.12 13.09
N ALA F 541 27.47 26.50 14.11
CA ALA F 541 27.68 25.59 15.23
C ALA F 541 26.41 25.36 16.02
N ARG F 542 25.53 26.37 16.08
CA ARG F 542 24.23 26.22 16.69
C ARG F 542 23.26 25.43 15.83
N TRP F 543 23.59 25.21 14.56
CA TRP F 543 22.78 24.39 13.67
C TRP F 543 23.22 22.94 13.61
N THR F 544 24.50 22.71 13.33
CA THR F 544 25.01 21.36 13.11
C THR F 544 25.79 20.83 14.32
N GLY F 545 26.68 21.62 14.88
CA GLY F 545 27.38 21.19 16.07
C GLY F 545 28.89 21.12 15.90
N ILE F 546 29.40 21.64 14.80
CA ILE F 546 30.83 21.59 14.53
C ILE F 546 31.49 22.88 15.03
N PRO F 547 32.34 22.80 16.06
CA PRO F 547 32.97 23.98 16.70
C PRO F 547 34.33 24.41 16.14
N VAL F 548 34.33 24.87 14.89
CA VAL F 548 35.52 25.43 14.27
C VAL F 548 35.48 26.96 14.29
N SER F 549 34.76 27.53 15.27
CA SER F 549 34.25 28.90 15.26
C SER F 549 35.32 29.98 15.15
N ARG F 550 36.16 30.13 16.17
CA ARG F 550 37.23 31.12 16.14
C ARG F 550 38.45 30.57 16.85
N MET F 551 39.63 30.94 16.35
CA MET F 551 40.90 30.52 16.92
C MET F 551 41.35 31.39 18.09
N MET F 552 40.49 32.30 18.57
CA MET F 552 40.78 33.10 19.75
C MET F 552 40.37 32.38 21.03
N GLU F 553 39.88 31.14 20.89
CA GLU F 553 39.72 30.21 22.00
C GLU F 553 41.06 29.61 22.38
N SER F 554 41.05 28.52 23.14
CA SER F 554 42.29 27.79 23.40
C SER F 554 42.67 26.87 22.25
N GLU F 555 42.22 27.15 21.03
CA GLU F 555 42.57 26.33 19.87
C GLU F 555 44.03 26.50 19.47
N ARG F 556 44.59 27.69 19.71
CA ARG F 556 46.04 27.89 19.53
C ARG F 556 46.83 27.08 20.55
N GLU F 557 46.29 26.98 21.76
CA GLU F 557 46.76 26.06 22.81
C GLU F 557 46.52 24.60 22.44
N LYS F 558 45.61 24.33 21.51
CA LYS F 558 45.13 22.99 21.18
C LYS F 558 45.72 22.41 19.91
N LEU F 559 46.13 23.24 18.94
CA LEU F 559 46.50 22.71 17.63
C LEU F 559 47.89 22.08 17.61
N LEU F 560 48.83 22.52 18.43
CA LEU F 560 50.13 21.85 18.48
C LEU F 560 50.18 20.86 19.63
N ARG F 561 49.39 21.10 20.67
CA ARG F 561 49.22 20.16 21.77
C ARG F 561 48.10 19.16 21.48
N MET F 562 47.91 18.88 20.19
CA MET F 562 46.94 17.91 19.70
C MET F 562 47.40 16.48 19.96
N GLU F 563 48.71 16.28 20.15
CA GLU F 563 49.23 14.94 20.39
C GLU F 563 49.25 14.62 21.89
N GLN F 564 49.31 15.64 22.73
CA GLN F 564 49.41 15.44 24.17
C GLN F 564 48.05 15.56 24.86
N GLU F 565 47.08 16.21 24.22
CA GLU F 565 45.72 16.17 24.71
C GLU F 565 45.13 14.78 24.60
N LEU F 566 45.52 14.02 23.58
CA LEU F 566 45.15 12.60 23.55
C LEU F 566 45.85 11.83 24.65
N HIS F 567 47.08 12.21 24.99
CA HIS F 567 47.85 11.59 26.08
C HIS F 567 47.23 11.83 27.46
N HIS F 568 46.32 12.80 27.60
CA HIS F 568 45.58 12.96 28.84
C HIS F 568 44.72 11.74 29.17
N ARG F 569 44.19 11.07 28.15
CA ARG F 569 43.39 9.87 28.36
C ARG F 569 43.83 8.68 27.53
N VAL F 570 44.94 8.78 26.79
CA VAL F 570 45.59 7.63 26.17
C VAL F 570 46.99 7.54 26.74
N ILE F 571 47.19 6.65 27.70
CA ILE F 571 48.46 6.61 28.42
C ILE F 571 49.47 5.83 27.60
N GLY F 572 50.62 6.45 27.34
CA GLY F 572 51.59 5.85 26.47
C GLY F 572 51.10 5.91 25.04
N GLN F 573 51.48 4.87 24.28
CA GLN F 573 51.11 4.68 22.88
C GLN F 573 51.51 5.90 22.02
N ASN F 574 52.81 6.18 22.04
CA ASN F 574 53.35 7.32 21.32
C ASN F 574 53.33 7.10 19.81
N GLU F 575 53.38 5.84 19.37
CA GLU F 575 53.23 5.57 17.94
C GLU F 575 51.77 5.67 17.53
N ALA F 576 50.84 5.49 18.48
CA ALA F 576 49.43 5.56 18.17
C ALA F 576 48.97 7.00 17.98
N VAL F 577 49.33 7.89 18.91
CA VAL F 577 48.86 9.26 18.77
C VAL F 577 49.64 10.00 17.70
N ASP F 578 50.88 9.61 17.41
CA ASP F 578 51.60 10.30 16.35
C ASP F 578 51.18 9.85 14.97
N ALA F 579 50.31 8.85 14.89
CA ALA F 579 49.65 8.47 13.65
C ALA F 579 48.28 9.10 13.51
N VAL F 580 47.55 9.28 14.61
CA VAL F 580 46.19 9.81 14.49
C VAL F 580 46.16 11.33 14.63
N SER F 581 47.02 11.90 15.48
CA SER F 581 47.07 13.34 15.63
C SER F 581 47.80 14.01 14.49
N ASN F 582 48.63 13.26 13.76
CA ASN F 582 49.32 13.85 12.63
C ASN F 582 48.48 13.73 11.37
N ALA F 583 47.51 12.82 11.37
CA ALA F 583 46.58 12.70 10.26
C ALA F 583 45.40 13.66 10.36
N ILE F 584 44.98 14.02 11.57
CA ILE F 584 43.90 14.98 11.74
C ILE F 584 44.42 16.39 11.88
N ARG F 585 45.73 16.58 11.93
CA ARG F 585 46.34 17.88 11.68
C ARG F 585 46.59 18.08 10.20
N ARG F 586 46.74 16.98 9.47
CA ARG F 586 46.97 17.01 8.02
C ARG F 586 45.75 17.49 7.24
N SER F 587 44.56 17.41 7.84
CA SER F 587 43.35 17.85 7.17
C SER F 587 42.84 19.18 7.67
N ARG F 588 43.12 19.52 8.94
CA ARG F 588 42.81 20.86 9.44
C ARG F 588 43.71 21.92 8.81
N ALA F 589 44.85 21.53 8.27
CA ALA F 589 45.66 22.42 7.44
C ALA F 589 45.24 22.39 5.99
N GLY F 590 44.13 21.72 5.66
CA GLY F 590 43.62 21.70 4.31
C GLY F 590 44.48 20.98 3.31
N LEU F 591 45.31 20.06 3.77
CA LEU F 591 46.34 19.44 2.96
C LEU F 591 46.00 17.98 2.63
N ALA F 592 44.98 17.41 3.24
CA ALA F 592 44.60 16.03 3.02
C ALA F 592 43.70 15.93 1.79
N ASP F 593 43.52 14.71 1.28
CA ASP F 593 42.77 14.36 0.09
C ASP F 593 41.28 14.52 0.33
N PRO F 594 40.57 15.32 -0.46
CA PRO F 594 39.13 15.49 -0.24
C PRO F 594 38.28 14.42 -0.91
N ASN F 595 38.91 13.34 -1.39
CA ASN F 595 38.20 12.19 -1.91
C ASN F 595 38.71 10.94 -1.20
N ARG F 596 38.76 11.03 0.12
CA ARG F 596 39.37 10.09 1.05
C ARG F 596 38.99 10.55 2.45
N PRO F 597 38.81 9.66 3.41
CA PRO F 597 38.53 10.09 4.79
C PRO F 597 39.71 10.81 5.43
N ILE F 598 39.46 11.34 6.62
CA ILE F 598 40.48 12.10 7.34
C ILE F 598 41.58 11.17 7.83
N GLY F 599 41.23 9.95 8.18
CA GLY F 599 42.22 8.99 8.62
C GLY F 599 41.74 7.58 8.47
N SER F 600 42.61 6.69 8.03
CA SER F 600 42.30 5.29 7.82
C SER F 600 43.31 4.46 8.59
N PHE F 601 42.92 3.96 9.75
CA PHE F 601 43.90 3.36 10.63
C PHE F 601 43.64 1.88 10.82
N LEU F 602 44.72 1.12 10.94
CA LEU F 602 44.62 -0.28 11.30
C LEU F 602 45.32 -0.40 12.66
N PHE F 603 44.53 -0.57 13.70
CA PHE F 603 45.05 -0.61 15.07
C PHE F 603 45.34 -2.04 15.52
N LEU F 604 46.13 -2.78 14.77
CA LEU F 604 46.42 -4.15 15.14
C LEU F 604 47.42 -4.16 16.30
N GLY F 605 47.26 -5.12 17.19
CA GLY F 605 47.96 -5.12 18.45
C GLY F 605 47.10 -5.68 19.57
N PRO F 606 47.57 -5.60 20.81
CA PRO F 606 46.92 -6.33 21.89
C PRO F 606 45.66 -5.65 22.39
N THR F 607 44.89 -6.40 23.17
CA THR F 607 43.58 -5.99 23.61
C THR F 607 43.65 -5.28 24.97
N GLY F 608 43.02 -4.12 25.05
CA GLY F 608 43.04 -3.36 26.29
C GLY F 608 44.26 -2.49 26.44
N VAL F 609 44.76 -1.94 25.34
CA VAL F 609 45.99 -1.18 25.33
C VAL F 609 45.76 0.30 25.05
N GLY F 610 44.62 0.65 24.45
CA GLY F 610 44.39 2.03 24.04
C GLY F 610 43.79 2.07 22.65
N LYS F 611 43.34 0.92 22.17
CA LYS F 611 42.74 0.85 20.85
C LYS F 611 41.37 1.51 20.85
N THR F 612 40.44 0.99 21.64
CA THR F 612 39.08 1.55 21.70
C THR F 612 39.06 2.88 22.44
N GLU F 613 40.08 3.13 23.26
CA GLU F 613 40.12 4.32 24.10
C GLU F 613 40.60 5.54 23.35
N LEU F 614 41.47 5.35 22.36
CA LEU F 614 41.95 6.49 21.59
C LEU F 614 40.87 7.03 20.66
N CYS F 615 40.01 6.16 20.14
CA CYS F 615 38.95 6.60 19.27
C CYS F 615 37.89 7.38 20.03
N LYS F 616 37.68 7.05 21.30
CA LYS F 616 36.89 7.92 22.16
C LYS F 616 37.60 9.24 22.38
N ALA F 617 38.93 9.21 22.54
CA ALA F 617 39.69 10.45 22.66
C ALA F 617 39.68 11.24 21.35
N LEU F 618 39.74 10.54 20.22
CA LEU F 618 39.77 11.21 18.92
C LEU F 618 38.42 11.83 18.59
N ALA F 619 37.34 11.19 19.04
CA ALA F 619 36.02 11.80 18.91
C ALA F 619 35.86 12.95 19.90
N ASN F 620 36.43 12.82 21.11
CA ASN F 620 36.36 13.88 22.10
C ASN F 620 37.34 15.01 21.80
N PHE F 621 38.18 14.84 20.79
CA PHE F 621 38.99 15.97 20.34
C PHE F 621 38.35 16.68 19.17
N MET F 622 38.13 15.96 18.08
CA MET F 622 37.73 16.55 16.80
C MET F 622 36.32 17.09 16.84
N PHE F 623 35.37 16.23 17.19
CA PHE F 623 33.97 16.60 17.29
C PHE F 623 33.55 16.74 18.75
N ASP F 624 34.54 16.82 19.66
CA ASP F 624 34.47 17.00 21.13
C ASP F 624 33.28 16.34 21.80
N SER F 625 32.99 15.11 21.39
CA SER F 625 31.99 14.28 22.03
C SER F 625 32.35 12.84 21.74
N ASP F 626 32.73 12.08 22.76
CA ASP F 626 33.06 10.66 22.59
C ASP F 626 31.84 9.79 22.34
N GLU F 627 30.64 10.37 22.33
CA GLU F 627 29.43 9.73 21.83
C GLU F 627 29.33 9.79 20.31
N ALA F 628 30.26 10.47 19.64
CA ALA F 628 30.33 10.52 18.19
C ALA F 628 31.35 9.54 17.65
N MET F 629 31.43 8.37 18.24
CA MET F 629 32.28 7.28 17.78
C MET F 629 31.38 6.13 17.38
N VAL F 630 31.29 5.86 16.09
CA VAL F 630 30.39 4.81 15.61
C VAL F 630 31.11 3.48 15.68
N ARG F 631 30.93 2.77 16.78
CA ARG F 631 31.59 1.49 16.99
C ARG F 631 30.80 0.42 16.25
N ILE F 632 31.50 -0.37 15.45
CA ILE F 632 30.92 -1.49 14.72
C ILE F 632 31.76 -2.71 15.02
N ASP F 633 31.15 -3.74 15.55
CA ASP F 633 31.89 -4.95 15.90
C ASP F 633 31.81 -5.91 14.73
N MET F 634 32.95 -6.25 14.16
CA MET F 634 32.99 -7.11 12.98
C MET F 634 33.01 -8.58 13.33
N SER F 635 32.61 -8.98 14.54
CA SER F 635 32.33 -10.38 14.76
C SER F 635 30.88 -10.70 14.42
N GLU F 636 30.03 -9.68 14.31
CA GLU F 636 28.67 -9.83 13.83
C GLU F 636 28.59 -10.09 12.34
N PHE F 637 29.71 -9.93 11.63
CA PHE F 637 29.77 -10.06 10.19
C PHE F 637 30.71 -11.19 9.85
N MET F 638 30.52 -12.32 10.53
CA MET F 638 31.35 -13.51 10.37
C MET F 638 31.13 -14.21 9.03
N GLU F 639 29.91 -14.28 8.54
CA GLU F 639 29.62 -15.02 7.31
C GLU F 639 29.10 -14.08 6.24
N LYS F 640 29.13 -14.58 5.00
CA LYS F 640 29.05 -13.72 3.82
C LYS F 640 27.65 -13.14 3.61
N HIS F 641 26.61 -13.82 4.09
CA HIS F 641 25.27 -13.24 3.98
C HIS F 641 25.10 -11.98 4.80
N SER F 642 25.87 -11.82 5.87
CA SER F 642 25.76 -10.65 6.74
C SER F 642 26.70 -9.54 6.31
N VAL F 643 26.67 -9.20 5.03
CA VAL F 643 27.37 -8.02 4.54
C VAL F 643 26.41 -6.95 4.06
N SER F 644 25.17 -7.31 3.77
CA SER F 644 24.11 -6.36 3.45
C SER F 644 23.46 -5.80 4.70
N ARG F 645 24.00 -6.12 5.87
CA ARG F 645 23.55 -5.44 7.08
C ARG F 645 24.36 -4.18 7.30
N LEU F 646 25.62 -4.17 6.86
CA LEU F 646 26.42 -2.95 6.90
C LEU F 646 26.01 -1.99 5.79
N VAL F 647 25.85 -2.51 4.58
CA VAL F 647 25.74 -1.67 3.40
C VAL F 647 24.29 -1.48 3.01
N GLY F 648 23.38 -2.32 3.50
CA GLY F 648 21.98 -2.19 3.18
C GLY F 648 21.50 -3.31 2.28
N ALA F 649 20.22 -3.62 2.33
CA ALA F 649 19.68 -4.64 1.47
C ALA F 649 19.31 -4.06 0.12
N PRO F 650 19.32 -4.86 -0.94
CA PRO F 650 18.96 -4.35 -2.28
C PRO F 650 17.48 -4.06 -2.38
N PRO F 651 17.02 -3.43 -3.47
CA PRO F 651 15.58 -3.24 -3.65
C PRO F 651 14.82 -4.53 -3.81
N GLY F 652 13.79 -4.70 -2.98
CA GLY F 652 12.97 -5.89 -3.01
C GLY F 652 13.27 -6.90 -1.95
N TYR F 653 14.21 -6.62 -1.05
CA TYR F 653 14.65 -7.60 -0.07
C TYR F 653 14.40 -7.06 1.33
N VAL F 654 14.48 -7.96 2.30
CA VAL F 654 14.16 -7.62 3.68
C VAL F 654 15.22 -6.70 4.26
N GLY F 655 14.79 -5.60 4.85
CA GLY F 655 15.72 -4.61 5.34
C GLY F 655 16.18 -3.63 4.31
N TYR F 656 15.42 -3.45 3.23
CA TYR F 656 15.80 -2.49 2.21
C TYR F 656 15.61 -1.07 2.72
N GLU F 657 14.38 -0.74 3.11
CA GLU F 657 14.06 0.63 3.51
C GLU F 657 14.59 0.96 4.89
N GLU F 658 14.99 -0.05 5.65
CA GLU F 658 15.70 0.19 6.91
C GLU F 658 17.04 0.87 6.65
N GLY F 659 17.88 0.24 5.86
CA GLY F 659 19.17 0.78 5.52
C GLY F 659 20.26 -0.17 5.91
N GLY F 660 21.50 0.32 6.00
CA GLY F 660 22.59 -0.48 6.50
C GLY F 660 23.03 -0.03 7.88
N TYR F 661 23.88 -0.85 8.50
CA TYR F 661 24.41 -0.52 9.81
C TYR F 661 25.50 0.54 9.74
N LEU F 662 26.27 0.57 8.65
CA LEU F 662 27.34 1.56 8.53
C LEU F 662 26.90 2.78 7.75
N THR F 663 26.15 2.58 6.67
CA THR F 663 25.76 3.69 5.81
C THR F 663 24.74 4.59 6.45
N GLU F 664 23.75 4.02 7.15
CA GLU F 664 22.75 4.86 7.78
C GLU F 664 23.32 5.54 9.01
N ALA F 665 24.26 4.90 9.70
CA ALA F 665 24.91 5.52 10.85
C ALA F 665 25.78 6.70 10.45
N VAL F 666 26.39 6.64 9.26
CA VAL F 666 27.19 7.76 8.78
C VAL F 666 26.28 8.84 8.22
N ARG F 667 25.07 8.49 7.79
CA ARG F 667 24.11 9.53 7.46
C ARG F 667 23.59 10.22 8.71
N ARG F 668 23.53 9.51 9.84
CA ARG F 668 23.24 10.17 11.11
C ARG F 668 24.37 11.13 11.48
N ARG F 669 25.56 10.60 11.68
CA ARG F 669 26.74 11.39 12.00
C ARG F 669 27.74 11.28 10.86
N PRO F 670 27.81 12.25 9.97
CA PRO F 670 28.89 12.25 8.97
C PRO F 670 30.23 12.66 9.54
N TYR F 671 30.26 13.10 10.78
CA TYR F 671 31.47 13.60 11.44
C TYR F 671 31.66 12.71 12.66
N SER F 672 32.30 11.56 12.46
CA SER F 672 32.37 10.56 13.51
C SER F 672 33.59 9.69 13.29
N VAL F 673 34.06 9.08 14.37
CA VAL F 673 35.17 8.13 14.29
C VAL F 673 34.54 6.75 14.18
N ILE F 674 34.69 6.11 13.03
CA ILE F 674 34.15 4.76 12.86
C ILE F 674 35.15 3.77 13.43
N LEU F 675 34.73 3.05 14.46
CA LEU F 675 35.51 1.93 14.98
C LEU F 675 34.99 0.63 14.42
N LEU F 676 35.87 -0.09 13.74
CA LEU F 676 35.58 -1.40 13.17
C LEU F 676 36.37 -2.38 14.01
N ASP F 677 35.70 -3.02 14.97
CA ASP F 677 36.37 -3.76 16.02
C ASP F 677 36.61 -5.20 15.62
N GLU F 678 37.86 -5.64 15.73
CA GLU F 678 38.33 -7.00 15.42
C GLU F 678 37.93 -7.41 14.00
N VAL F 679 38.49 -6.67 13.04
CA VAL F 679 38.19 -6.90 11.64
C VAL F 679 38.75 -8.21 11.11
N GLU F 680 39.73 -8.82 11.80
CA GLU F 680 40.19 -10.15 11.41
C GLU F 680 39.14 -11.22 11.66
N LYS F 681 38.12 -10.93 12.46
CA LYS F 681 37.00 -11.83 12.69
C LYS F 681 35.85 -11.58 11.74
N ALA F 682 36.01 -10.68 10.78
CA ALA F 682 34.95 -10.44 9.80
C ALA F 682 35.05 -11.49 8.71
N HIS F 683 34.13 -11.45 7.81
CA HIS F 683 34.34 -12.26 6.63
C HIS F 683 35.39 -11.59 5.75
N PRO F 684 36.13 -12.37 4.93
CA PRO F 684 37.04 -11.75 3.96
C PRO F 684 36.35 -10.84 2.95
N ASP F 685 35.07 -11.11 2.70
CA ASP F 685 34.26 -10.32 1.80
C ASP F 685 33.57 -9.14 2.48
N VAL F 686 34.07 -8.70 3.63
CA VAL F 686 33.67 -7.43 4.19
C VAL F 686 34.78 -6.40 4.10
N PHE F 687 36.04 -6.83 3.98
CA PHE F 687 37.09 -5.93 3.54
C PHE F 687 36.85 -5.41 2.12
N ASN F 688 36.16 -6.19 1.28
CA ASN F 688 35.75 -5.70 -0.03
C ASN F 688 34.76 -4.55 0.07
N ILE F 689 33.79 -4.63 0.99
CA ILE F 689 32.92 -3.49 1.28
C ILE F 689 33.74 -2.33 1.82
N LEU F 690 34.84 -2.62 2.50
CA LEU F 690 35.69 -1.62 3.11
C LEU F 690 36.89 -1.27 2.25
N LEU F 691 36.79 -1.38 0.93
CA LEU F 691 37.81 -0.86 0.04
C LEU F 691 37.44 0.52 -0.50
N GLN F 692 36.15 0.82 -0.59
CA GLN F 692 35.70 2.08 -1.12
C GLN F 692 35.62 3.17 -0.08
N VAL F 693 35.36 2.82 1.17
CA VAL F 693 35.41 3.80 2.24
C VAL F 693 36.84 4.30 2.43
N LEU F 694 37.82 3.43 2.25
CA LEU F 694 39.20 3.84 2.46
C LEU F 694 39.75 4.60 1.27
N ASP F 695 39.50 4.10 0.06
CA ASP F 695 40.05 4.70 -1.14
C ASP F 695 39.36 5.99 -1.53
N ASP F 696 38.04 6.02 -1.51
CA ASP F 696 37.31 7.18 -2.00
C ASP F 696 36.44 7.85 -0.96
N GLY F 697 36.24 7.25 0.20
CA GLY F 697 35.39 7.87 1.18
C GLY F 697 33.93 7.80 0.81
N ARG F 698 33.53 6.73 0.12
CA ARG F 698 32.15 6.59 -0.29
C ARG F 698 31.71 5.17 0.03
N LEU F 699 30.41 5.02 0.28
CA LEU F 699 29.80 3.70 0.39
C LEU F 699 28.36 3.90 -0.06
N THR F 700 27.94 3.14 -1.06
CA THR F 700 26.58 3.28 -1.56
C THR F 700 25.66 2.39 -0.74
N ASP F 701 24.54 2.95 -0.29
CA ASP F 701 23.54 2.17 0.42
C ASP F 701 22.84 1.20 -0.53
N GLY F 702 22.02 0.33 0.04
CA GLY F 702 21.24 -0.56 -0.78
C GLY F 702 20.16 0.15 -1.57
N GLN F 703 19.77 1.35 -1.13
CA GLN F 703 18.81 2.15 -1.87
C GLN F 703 19.47 3.09 -2.86
N GLY F 704 20.73 2.84 -3.21
CA GLY F 704 21.38 3.62 -4.23
C GLY F 704 21.83 4.99 -3.82
N ARG F 705 21.73 5.33 -2.54
CA ARG F 705 22.27 6.58 -2.05
C ARG F 705 23.66 6.35 -1.50
N THR F 706 24.56 7.28 -1.80
CA THR F 706 25.96 7.17 -1.43
C THR F 706 26.17 7.95 -0.15
N VAL F 707 26.84 7.33 0.82
CA VAL F 707 27.17 8.07 2.03
C VAL F 707 28.63 8.48 1.92
N ASP F 708 29.00 9.56 2.59
CA ASP F 708 30.25 10.25 2.35
C ASP F 708 31.11 10.15 3.59
N PHE F 709 32.20 9.38 3.49
CA PHE F 709 33.11 9.16 4.60
C PHE F 709 34.25 10.15 4.65
N ARG F 710 34.19 11.24 3.89
CA ARG F 710 35.32 12.14 3.77
C ARG F 710 35.57 12.98 5.02
N ASN F 711 34.62 13.00 5.95
CA ASN F 711 34.79 13.66 7.23
C ASN F 711 34.97 12.69 8.38
N THR F 712 34.83 11.39 8.13
CA THR F 712 34.96 10.40 9.19
C THR F 712 36.41 9.96 9.33
N VAL F 713 36.71 9.33 10.46
CA VAL F 713 38.00 8.69 10.70
C VAL F 713 37.73 7.21 10.87
N VAL F 714 38.20 6.41 9.93
CA VAL F 714 37.90 4.98 9.96
C VAL F 714 39.04 4.25 10.64
N ILE F 715 38.84 3.88 11.89
CA ILE F 715 39.84 3.18 12.68
C ILE F 715 39.42 1.73 12.82
N MET F 716 40.36 0.82 12.56
CA MET F 716 40.05 -0.60 12.48
C MET F 716 40.98 -1.36 13.42
N THR F 717 40.49 -1.70 14.60
CA THR F 717 41.32 -2.50 15.50
C THR F 717 41.30 -3.96 15.06
N SER F 718 42.39 -4.65 15.31
CA SER F 718 42.52 -6.05 14.91
C SER F 718 43.43 -6.74 15.92
N ASN F 719 43.39 -8.07 15.91
CA ASN F 719 44.27 -8.89 16.73
C ASN F 719 45.00 -9.91 15.89
N LEU F 720 45.42 -9.53 14.69
CA LEU F 720 45.93 -10.48 13.71
C LEU F 720 47.42 -10.75 13.87
N GLY F 721 48.16 -9.82 14.49
CA GLY F 721 49.57 -10.05 14.68
C GLY F 721 49.97 -9.95 16.14
N SER F 722 48.95 -9.92 17.02
CA SER F 722 49.10 -9.61 18.44
C SER F 722 49.99 -10.59 19.20
N ASP F 723 50.12 -11.84 18.73
CA ASP F 723 51.02 -12.77 19.40
C ASP F 723 52.48 -12.38 19.18
N LEU F 724 52.77 -11.79 18.03
CA LEU F 724 54.12 -11.35 17.70
C LEU F 724 54.33 -9.87 18.00
N ILE F 725 53.26 -9.11 18.21
CA ILE F 725 53.41 -7.74 18.69
C ILE F 725 53.83 -7.73 20.16
N GLN F 726 53.27 -8.62 20.97
CA GLN F 726 53.46 -8.55 22.42
C GLN F 726 54.84 -9.06 22.83
N GLU F 727 55.37 -10.05 22.13
CA GLU F 727 56.64 -10.63 22.58
C GLU F 727 57.85 -9.78 22.21
N ARG F 728 57.74 -8.95 21.16
CA ARG F 728 58.89 -8.20 20.65
C ARG F 728 58.87 -6.70 20.94
N PHE F 729 58.14 -6.20 21.94
CA PHE F 729 58.01 -4.75 22.09
C PHE F 729 59.18 -4.13 22.86
N GLY F 730 59.80 -4.91 23.73
CA GLY F 730 60.94 -4.40 24.49
C GLY F 730 62.24 -4.91 23.89
N GLU F 731 62.12 -5.40 22.66
CA GLU F 731 63.26 -5.89 21.89
C GLU F 731 63.47 -5.00 20.68
N LEU F 732 62.44 -4.82 19.86
CA LEU F 732 62.48 -4.02 18.64
C LEU F 732 61.83 -2.67 18.92
N ASP F 733 62.65 -1.62 19.05
CA ASP F 733 62.33 -0.35 19.70
C ASP F 733 61.03 0.34 19.29
N TYR F 734 60.94 0.83 18.05
CA TYR F 734 59.73 1.55 17.68
C TYR F 734 59.31 1.37 16.23
N ALA F 735 60.02 0.59 15.43
CA ALA F 735 59.74 0.54 14.00
C ALA F 735 59.80 -0.85 13.41
N HIS F 736 60.36 -1.83 14.12
CA HIS F 736 60.54 -3.14 13.50
C HIS F 736 59.34 -4.06 13.75
N MET F 737 58.37 -3.63 14.57
CA MET F 737 57.10 -4.32 14.59
C MET F 737 56.29 -4.03 13.33
N LYS F 738 56.53 -2.88 12.71
CA LYS F 738 55.90 -2.59 11.42
C LYS F 738 56.46 -3.49 10.33
N GLU F 739 57.79 -3.56 10.19
CA GLU F 739 58.37 -4.40 9.14
C GLU F 739 58.31 -5.87 9.55
N LEU F 740 58.41 -6.75 8.56
CA LEU F 740 58.74 -8.17 8.71
C LEU F 740 57.77 -9.02 9.52
N VAL F 741 56.70 -8.42 10.06
CA VAL F 741 55.58 -9.24 10.54
C VAL F 741 54.65 -9.51 9.37
N LEU F 742 54.75 -8.67 8.34
CA LEU F 742 53.89 -8.71 7.17
C LEU F 742 54.52 -9.59 6.09
N GLY F 743 53.96 -10.78 5.88
CA GLY F 743 54.45 -11.63 4.81
C GLY F 743 54.58 -13.10 5.11
N VAL F 744 54.90 -13.46 6.35
CA VAL F 744 54.90 -14.87 6.74
C VAL F 744 53.49 -15.26 7.11
N VAL F 745 52.91 -14.57 8.09
CA VAL F 745 51.60 -14.92 8.62
C VAL F 745 50.59 -13.80 8.40
N SER F 746 51.04 -12.54 8.45
CA SER F 746 50.10 -11.42 8.49
C SER F 746 49.55 -11.05 7.12
N HIS F 747 48.89 -9.90 7.04
CA HIS F 747 48.11 -9.48 5.88
C HIS F 747 49.07 -8.89 4.85
N ASN F 748 49.45 -9.71 3.86
CA ASN F 748 49.95 -9.14 2.61
C ASN F 748 49.35 -9.89 1.42
N PHE F 749 48.85 -11.10 1.66
CA PHE F 749 48.34 -11.99 0.61
C PHE F 749 47.12 -11.40 -0.07
N ARG F 750 46.38 -10.55 0.65
CA ARG F 750 45.24 -9.81 0.11
C ARG F 750 45.64 -8.34 0.06
N PRO F 751 46.37 -7.93 -0.98
CA PRO F 751 47.22 -6.73 -0.90
C PRO F 751 46.52 -5.41 -1.13
N GLU F 752 45.29 -5.44 -1.66
CA GLU F 752 44.57 -4.22 -2.02
C GLU F 752 44.07 -3.44 -0.83
N PHE F 753 44.04 -4.06 0.35
CA PHE F 753 43.53 -3.45 1.56
C PHE F 753 44.60 -2.78 2.40
N ILE F 754 45.83 -3.30 2.38
CA ILE F 754 46.93 -2.73 3.15
C ILE F 754 47.30 -1.33 2.68
N ASN F 755 47.39 -1.11 1.38
CA ASN F 755 47.83 0.18 0.88
C ASN F 755 46.73 1.23 0.91
N ARG F 756 45.48 0.83 1.15
CA ARG F 756 44.43 1.82 1.34
C ARG F 756 44.40 2.33 2.77
N ILE F 757 45.06 1.63 3.70
CA ILE F 757 45.19 2.11 5.07
C ILE F 757 46.14 3.30 5.10
N ASP F 758 45.74 4.37 5.80
CA ASP F 758 46.59 5.54 5.92
C ASP F 758 47.84 5.22 6.72
N GLU F 759 47.70 4.85 7.99
CA GLU F 759 48.83 4.43 8.80
C GLU F 759 48.46 3.14 9.51
N VAL F 760 49.21 2.07 9.23
CA VAL F 760 49.13 0.85 10.01
C VAL F 760 49.82 1.09 11.35
N VAL F 761 49.08 0.92 12.44
CA VAL F 761 49.56 1.32 13.76
C VAL F 761 49.67 0.07 14.62
N VAL F 762 50.85 -0.18 15.17
CA VAL F 762 51.06 -1.29 16.08
C VAL F 762 51.13 -0.75 17.51
N PHE F 763 50.68 -1.54 18.47
CA PHE F 763 50.50 -1.07 19.83
C PHE F 763 51.47 -1.79 20.77
N HIS F 764 52.30 -1.01 21.46
CA HIS F 764 53.18 -1.67 22.42
C HIS F 764 52.41 -2.00 23.69
N PRO F 765 52.59 -3.20 24.24
CA PRO F 765 51.87 -3.57 25.46
C PRO F 765 52.28 -2.74 26.66
N LEU F 766 51.37 -2.65 27.62
CA LEU F 766 51.54 -1.74 28.74
C LEU F 766 52.33 -2.40 29.87
N GLY F 767 53.35 -1.71 30.34
CA GLY F 767 54.07 -2.14 31.51
C GLY F 767 53.42 -1.64 32.78
N GLU F 768 54.21 -1.62 33.86
CA GLU F 768 53.71 -1.09 35.12
C GLU F 768 53.76 0.44 35.13
N GLN F 769 54.61 1.03 34.27
CA GLN F 769 54.71 2.47 34.12
C GLN F 769 53.41 3.11 33.65
N HIS F 770 52.61 2.38 32.88
CA HIS F 770 51.43 2.98 32.28
C HIS F 770 50.17 2.68 33.07
N ILE F 771 50.07 1.46 33.64
CA ILE F 771 48.82 1.10 34.32
C ILE F 771 48.71 1.82 35.66
N ALA F 772 49.83 2.27 36.22
CA ALA F 772 49.78 3.17 37.37
C ALA F 772 49.24 4.54 36.97
N SER F 773 49.44 4.91 35.70
CA SER F 773 48.97 6.19 35.20
C SER F 773 47.61 6.04 34.53
N ILE F 774 47.27 4.80 34.17
CA ILE F 774 46.00 4.52 33.52
C ILE F 774 44.90 4.29 34.56
N ALA F 775 45.31 3.87 35.76
CA ALA F 775 44.36 3.60 36.83
C ALA F 775 44.26 4.80 37.77
N GLN F 776 44.04 5.98 37.20
CA GLN F 776 43.92 7.21 37.98
C GLN F 776 42.72 8.03 37.54
N ILE F 777 42.18 7.69 36.38
CA ILE F 777 41.01 8.39 35.85
C ILE F 777 39.77 7.51 35.89
N GLN F 778 39.66 6.68 36.93
CA GLN F 778 38.52 5.79 37.10
C GLN F 778 37.28 6.57 37.50
N LEU F 779 37.45 7.52 38.40
CA LEU F 779 36.33 8.34 38.88
C LEU F 779 36.69 9.82 38.80
N LYS F 780 37.61 10.16 37.91
CA LYS F 780 38.03 11.55 37.73
C LYS F 780 36.95 12.46 37.14
N ARG F 781 36.05 11.93 36.30
CA ARG F 781 35.01 12.80 35.76
C ARG F 781 33.82 12.90 36.71
N LEU F 782 33.57 11.86 37.51
CA LEU F 782 32.54 11.93 38.54
C LEU F 782 33.05 12.68 39.76
N TYR F 783 34.37 12.88 39.86
CA TYR F 783 35.04 13.63 40.93
C TYR F 783 34.55 15.07 41.07
N LYS F 784 33.98 15.66 40.04
CA LYS F 784 33.72 17.10 40.02
C LYS F 784 32.28 17.41 40.46
N ARG F 785 31.60 16.42 41.04
CA ARG F 785 30.24 16.64 41.51
C ARG F 785 30.03 16.18 42.95
N LEU F 786 30.68 15.10 43.38
CA LEU F 786 30.24 14.32 44.54
C LEU F 786 31.06 14.64 45.79
N GLU F 787 31.43 15.91 45.99
CA GLU F 787 32.26 16.23 47.16
C GLU F 787 31.43 16.38 48.42
N GLU F 788 30.30 17.07 48.34
CA GLU F 788 29.57 17.47 49.56
C GLU F 788 28.79 16.30 50.17
N ARG F 789 28.64 15.19 49.43
CA ARG F 789 28.06 13.96 49.96
C ARG F 789 28.83 13.39 51.14
N GLY F 790 30.14 13.59 51.18
CA GLY F 790 30.98 13.04 52.22
C GLY F 790 32.16 12.28 51.66
N TYR F 791 32.43 12.48 50.37
CA TYR F 791 33.53 11.83 49.69
C TYR F 791 34.48 12.86 49.10
N GLU F 792 35.72 12.84 49.58
CA GLU F 792 36.87 13.35 48.84
C GLU F 792 38.08 12.52 49.26
N ILE F 793 38.68 11.83 48.29
CA ILE F 793 39.76 10.89 48.57
C ILE F 793 40.99 11.32 47.78
N HIS F 794 42.14 11.31 48.46
CA HIS F 794 43.44 11.57 47.86
C HIS F 794 44.09 10.23 47.58
N ILE F 795 45.22 10.26 46.88
CA ILE F 795 45.86 9.04 46.39
C ILE F 795 46.45 8.25 47.56
N SER F 796 46.01 7.00 47.67
CA SER F 796 46.63 6.02 48.56
C SER F 796 47.65 5.20 47.77
N ASP F 797 48.80 4.96 48.40
CA ASP F 797 49.96 4.45 47.70
C ASP F 797 50.34 3.02 48.10
N GLU F 798 49.52 2.36 48.91
CA GLU F 798 49.84 1.01 49.38
C GLU F 798 49.09 -0.07 48.61
N ALA F 799 47.86 0.22 48.17
CA ALA F 799 47.06 -0.71 47.39
C ALA F 799 47.24 -0.52 45.89
N LEU F 800 48.37 0.06 45.46
CA LEU F 800 48.67 0.22 44.05
C LEU F 800 48.87 -1.11 43.33
N LYS F 801 49.53 -2.07 43.98
CA LYS F 801 49.86 -3.32 43.32
C LYS F 801 48.83 -4.42 43.56
N LEU F 802 47.81 -4.15 44.36
CA LEU F 802 46.67 -5.06 44.42
C LEU F 802 45.89 -5.04 43.11
N LEU F 803 45.79 -3.87 42.48
CA LEU F 803 45.13 -3.78 41.17
C LEU F 803 46.12 -4.11 40.06
N SER F 804 47.42 -3.96 40.33
CA SER F 804 48.47 -4.27 39.35
C SER F 804 48.89 -5.73 39.37
N GLU F 805 48.11 -6.61 39.98
CA GLU F 805 48.35 -8.04 39.90
C GLU F 805 47.32 -8.76 39.03
N ASN F 806 46.07 -8.30 39.04
CA ASN F 806 45.04 -8.77 38.13
C ASN F 806 44.90 -7.88 36.91
N GLY F 807 45.13 -6.57 37.06
CA GLY F 807 44.95 -5.64 35.95
C GLY F 807 46.13 -5.56 35.01
N TYR F 808 47.35 -5.44 35.54
CA TYR F 808 48.57 -5.39 34.73
C TYR F 808 48.84 -6.80 34.22
N ASP F 809 48.46 -7.05 32.97
CA ASP F 809 48.55 -8.38 32.37
C ASP F 809 49.43 -8.29 31.14
N PRO F 810 50.42 -9.17 30.99
CA PRO F 810 51.15 -9.23 29.72
C PRO F 810 50.35 -9.93 28.63
N VAL F 811 49.40 -10.79 29.00
CA VAL F 811 48.68 -11.59 28.02
C VAL F 811 47.36 -10.95 27.64
N TYR F 812 46.50 -10.71 28.62
CA TYR F 812 45.12 -10.30 28.36
C TYR F 812 44.93 -8.80 28.34
N GLY F 813 45.89 -8.03 28.83
CA GLY F 813 45.85 -6.58 28.72
C GLY F 813 45.32 -5.90 29.97
N ALA F 814 44.98 -4.63 29.81
CA ALA F 814 44.55 -3.79 30.92
C ALA F 814 43.02 -3.67 31.01
N ARG F 815 42.29 -4.39 30.18
CA ARG F 815 40.84 -4.42 30.34
C ARG F 815 40.31 -5.13 31.62
N PRO F 816 41.04 -6.09 32.32
CA PRO F 816 40.49 -6.53 33.62
C PRO F 816 40.64 -5.52 34.76
N LEU F 817 41.21 -4.35 34.49
CA LEU F 817 41.20 -3.25 35.44
C LEU F 817 39.80 -2.64 35.62
N LYS F 818 38.98 -2.65 34.58
CA LYS F 818 37.61 -2.16 34.74
C LYS F 818 36.76 -3.13 35.57
N ARG F 819 37.06 -4.42 35.54
CA ARG F 819 36.44 -5.30 36.51
C ARG F 819 37.11 -5.19 37.88
N ALA F 820 38.36 -4.70 37.94
CA ALA F 820 39.03 -4.51 39.21
C ALA F 820 38.55 -3.27 39.98
N ILE F 821 37.45 -2.65 39.58
CA ILE F 821 36.70 -1.78 40.47
C ILE F 821 35.36 -2.40 40.84
N GLN F 822 34.80 -3.21 39.94
CA GLN F 822 33.56 -3.94 40.12
C GLN F 822 33.75 -5.21 40.96
N GLN F 823 34.99 -5.67 41.13
CA GLN F 823 35.28 -6.86 41.91
C GLN F 823 36.13 -6.54 43.14
N GLN F 824 36.86 -5.43 43.15
CA GLN F 824 37.86 -5.18 44.17
C GLN F 824 37.49 -4.09 45.17
N ILE F 825 36.80 -3.03 44.75
CA ILE F 825 36.58 -1.86 45.58
C ILE F 825 35.11 -1.69 45.96
N GLU F 826 34.19 -2.13 45.10
CA GLU F 826 32.77 -1.79 45.24
C GLU F 826 31.95 -2.88 45.93
N ASN F 827 32.55 -4.02 46.27
CA ASN F 827 31.77 -5.12 46.82
C ASN F 827 31.30 -4.97 48.27
N PRO F 828 32.18 -4.73 49.31
CA PRO F 828 31.70 -4.89 50.68
C PRO F 828 30.87 -3.74 51.22
N LEU F 829 30.35 -2.87 50.34
CA LEU F 829 29.39 -1.86 50.76
C LEU F 829 27.97 -2.25 50.40
N ALA F 830 27.72 -2.60 49.13
CA ALA F 830 26.36 -2.69 48.59
C ALA F 830 25.68 -4.02 48.90
N GLN F 831 26.35 -4.95 49.55
CA GLN F 831 25.72 -6.20 49.98
C GLN F 831 25.86 -6.43 51.47
N GLN F 832 26.92 -5.89 52.10
CA GLN F 832 27.09 -5.89 53.54
C GLN F 832 26.24 -4.84 54.23
N ILE F 833 24.92 -4.86 54.04
CA ILE F 833 24.02 -3.84 54.58
C ILE F 833 23.47 -4.28 55.93
N LEU F 834 23.01 -5.53 56.00
CA LEU F 834 22.10 -5.98 57.04
C LEU F 834 22.77 -6.27 58.38
N SER F 835 24.10 -6.37 58.42
CA SER F 835 24.76 -6.78 59.66
C SER F 835 24.73 -5.72 60.75
N GLY F 836 24.81 -4.45 60.39
CA GLY F 836 24.48 -3.39 61.34
C GLY F 836 25.62 -2.60 61.96
N GLU F 837 26.81 -2.63 61.36
CA GLU F 837 27.92 -1.83 61.86
C GLU F 837 28.53 -0.95 60.78
N LEU F 838 28.54 -1.40 59.53
CA LEU F 838 29.07 -0.59 58.44
C LEU F 838 27.93 0.17 57.77
N VAL F 839 27.98 1.49 57.86
CA VAL F 839 27.01 2.40 57.26
C VAL F 839 27.79 3.46 56.49
N PRO F 840 27.30 3.97 55.36
CA PRO F 840 28.12 4.83 54.50
C PRO F 840 28.28 6.24 55.07
N GLY F 841 29.39 6.86 54.70
CA GLY F 841 29.77 8.18 55.21
C GLY F 841 31.25 8.23 55.53
N LYS F 842 31.89 7.05 55.52
CA LYS F 842 33.31 6.90 55.76
C LYS F 842 34.00 6.34 54.52
N VAL F 843 35.14 6.94 54.16
CA VAL F 843 35.87 6.55 52.95
C VAL F 843 36.70 5.32 53.25
N ILE F 844 36.64 4.33 52.35
CA ILE F 844 37.29 3.04 52.49
C ILE F 844 38.77 3.19 52.16
N ARG F 845 39.60 2.34 52.79
CA ARG F 845 40.98 2.15 52.39
C ARG F 845 41.20 0.69 52.02
N LEU F 846 42.40 0.41 51.49
CA LEU F 846 42.86 -0.95 51.22
C LEU F 846 44.35 -0.98 51.56
N GLU F 847 44.77 -1.99 52.32
CA GLU F 847 46.17 -2.19 52.66
C GLU F 847 46.58 -3.63 52.38
N VAL F 848 47.89 -3.85 52.31
CA VAL F 848 48.47 -5.13 51.92
C VAL F 848 48.59 -5.98 53.17
N ASN F 849 47.58 -6.84 53.39
CA ASN F 849 47.53 -7.77 54.51
C ASN F 849 46.51 -8.84 54.13
N GLU F 850 46.38 -9.87 54.97
CA GLU F 850 45.26 -10.81 54.90
C GLU F 850 44.19 -10.35 55.90
N ASP F 851 43.35 -9.43 55.45
CA ASP F 851 42.51 -8.65 56.34
C ASP F 851 41.04 -9.06 56.37
N ARG F 852 40.42 -9.33 55.21
CA ARG F 852 38.98 -9.30 55.02
C ARG F 852 38.46 -7.97 55.58
N ILE F 853 38.76 -6.88 54.86
CA ILE F 853 38.92 -5.50 55.34
C ILE F 853 37.84 -4.97 56.27
N VAL F 854 38.26 -4.14 57.23
CA VAL F 854 37.38 -3.55 58.24
C VAL F 854 37.11 -2.11 57.81
N ALA F 855 36.09 -1.48 58.39
CA ALA F 855 35.90 -0.05 58.23
C ALA F 855 35.47 0.51 59.58
N VAL F 856 36.25 1.44 60.12
CA VAL F 856 35.96 2.10 61.38
C VAL F 856 35.19 3.38 61.06
N GLN F 857 34.25 3.73 61.91
CA GLN F 857 33.47 4.94 61.71
C GLN F 857 34.27 6.20 62.06
N UNK G 1 -40.64 31.40 -3.00
CA UNK G 1 -39.81 32.12 -3.95
C UNK G 1 -38.44 32.40 -3.35
N UNK G 2 -37.58 31.39 -3.38
CA UNK G 2 -36.27 31.45 -2.75
C UNK G 2 -35.33 30.44 -3.40
N UNK G 3 -35.78 29.19 -3.47
CA UNK G 3 -35.11 28.05 -4.13
C UNK G 3 -33.75 27.70 -3.55
N UNK G 4 -33.72 26.63 -2.75
CA UNK G 4 -32.49 26.10 -2.20
C UNK G 4 -31.89 25.06 -3.13
N UNK G 5 -30.87 25.46 -3.90
CA UNK G 5 -30.23 24.58 -4.88
C UNK G 5 -29.46 23.46 -4.21
N UNK G 6 -29.26 22.36 -4.90
CA UNK G 6 -28.59 21.20 -4.33
C UNK G 6 -27.25 21.00 -5.00
N UNK G 7 -26.19 21.49 -4.37
CA UNK G 7 -24.86 21.39 -4.92
C UNK G 7 -24.32 19.96 -4.81
N UNK G 8 -23.77 19.46 -5.92
CA UNK G 8 -23.16 18.14 -5.96
C UNK G 8 -21.68 18.27 -5.63
N UNK G 9 -21.15 17.33 -4.86
CA UNK G 9 -19.77 17.42 -4.41
C UNK G 9 -18.86 16.44 -5.15
N UNK G 10 -17.77 16.06 -4.51
CA UNK G 10 -16.82 15.12 -5.10
C UNK G 10 -16.14 14.30 -4.00
N UNK G 11 -15.84 13.03 -4.27
CA UNK G 11 -15.23 12.16 -3.27
C UNK G 11 -14.08 11.31 -3.81
N UNK G 12 -13.12 10.98 -2.95
CA UNK G 12 -11.96 10.16 -3.37
C UNK G 12 -11.44 9.30 -2.23
N UNK G 13 -11.30 8.00 -2.49
CA UNK G 13 -10.85 7.05 -1.47
C UNK G 13 -9.46 6.52 -1.82
N UNK G 14 -8.53 6.64 -0.88
CA UNK G 14 -7.14 6.30 -1.11
C UNK G 14 -6.93 4.80 -1.18
N UNK G 15 -6.03 4.36 -2.04
CA UNK G 15 -5.78 2.94 -2.20
C UNK G 15 -4.32 2.69 -1.92
N UNK G 16 -4.03 1.98 -0.83
CA UNK G 16 -2.66 1.69 -0.46
C UNK G 16 -2.08 0.66 -1.41
N UNK G 17 -0.80 0.40 -1.29
CA UNK G 17 -0.14 -0.52 -2.20
C UNK G 17 0.95 -1.20 -1.43
N UNK G 18 0.81 -2.49 -1.17
CA UNK G 18 1.81 -3.21 -0.43
C UNK G 18 3.04 -3.46 -1.29
N UNK G 19 4.04 -4.06 -0.66
CA UNK G 19 5.34 -4.19 -1.27
C UNK G 19 6.02 -5.36 -0.61
N UNK G 20 6.04 -6.52 -1.25
CA UNK G 20 6.66 -7.70 -0.67
C UNK G 20 8.17 -7.54 -0.59
N UNK G 21 8.81 -8.27 0.30
CA UNK G 21 10.25 -8.20 0.40
C UNK G 21 10.77 -9.61 0.22
N UNK G 22 11.60 -9.83 -0.80
CA UNK G 22 11.87 -11.18 -1.30
C UNK G 22 12.65 -12.08 -0.36
N UNK G 23 13.29 -11.52 0.67
CA UNK G 23 14.00 -12.27 1.71
C UNK G 23 15.03 -13.29 1.23
N UNK G 24 16.27 -12.86 1.01
CA UNK G 24 17.33 -13.79 0.62
C UNK G 24 17.69 -14.69 1.79
N UNK G 25 17.42 -15.98 1.63
CA UNK G 25 17.64 -16.95 2.70
C UNK G 25 19.12 -17.20 2.94
N UNK G 26 19.45 -17.59 4.17
CA UNK G 26 20.82 -17.92 4.52
C UNK G 26 20.91 -19.33 5.10
#